data_7XHL
#
_entry.id   7XHL
#
_cell.length_a   80.316
_cell.length_b   342.335
_cell.length_c   103.355
_cell.angle_alpha   90.00
_cell.angle_beta   92.66
_cell.angle_gamma   90.00
#
_symmetry.space_group_name_H-M   'P 1 21 1'
#
loop_
_entity.id
_entity.type
_entity.pdbx_description
1 polymer 'Glucose 6-Phosphate Dehydrogenase'
2 non-polymer 'BETA-NICOTINAMIDE RIBOSE MONOPHOSPHATE'
#
_entity_poly.entity_id   1
_entity_poly.type   'polypeptide(L)'
_entity_poly.pdbx_seq_one_letter_code
;MTNTVSTMILFGSTGDLSQRMLLPALYGLDADGLLADDLRIVCTSRSEYDTDGFRDFAEKALDRFVASDRLNDDAKAKFL
NKLFYATVDITDPTQFGKIADLCGPVEKGIAIYLATSSSLFEGAIAGLKQAGLAGPTSRLALEKPLGQDLASSDHINDAV
LKVFSEKQVYRIDHYLGKETVQNLLTLRFGNALFEPLWNSKGIDHVQISVAETVGLEGRIGYFDSSGSLRDMVQSHILQL
VALVAMEPPAHMEANAVRDEKVKVFRALRPINNDTVITHTVTGQYGAGVSGGKEVAGYIDELGQPSDTETFVAIKAHVDN
WRWHGVPFYIRTGKRLPARRSEIVVQFKPVPHSIFSSSGGILQPNKLRIVLQPDETIQISIMVKEPGLDRNGAHMREVWL
DLSLTDVFKDRKRRIAHERLLLDLIEGDATLFVRRDEVEAQWIWIDGIREGWKANSMKPKTYVSGTWGPITAIALVERDG
VTWYDLE
;
_entity_poly.pdbx_strand_id   A,B,C,D,E,F,G,H
#
# COMPACT_ATOMS: atom_id res chain seq x y z
N SER A 6 -21.01 23.91 39.09
CA SER A 6 -21.18 24.76 40.26
C SER A 6 -20.84 26.21 39.88
N THR A 7 -19.82 26.80 40.52
CA THR A 7 -19.48 28.18 40.21
C THR A 7 -17.97 28.36 40.22
N MET A 8 -17.44 28.93 39.15
CA MET A 8 -15.99 29.13 39.03
C MET A 8 -15.66 30.59 39.14
N ILE A 9 -14.48 30.86 39.68
CA ILE A 9 -13.96 32.21 39.77
C ILE A 9 -12.55 32.22 39.19
N LEU A 10 -12.26 33.21 38.37
CA LEU A 10 -10.92 33.38 37.84
C LEU A 10 -10.36 34.70 38.38
N PHE A 11 -9.77 34.64 39.59
CA PHE A 11 -8.89 35.71 40.05
C PHE A 11 -7.69 35.84 39.10
N GLY A 12 -7.39 37.06 38.72
CA GLY A 12 -6.36 37.29 37.75
C GLY A 12 -6.92 37.28 36.36
N SER A 13 -8.24 37.39 36.19
CA SER A 13 -8.87 37.22 34.85
C SER A 13 -8.13 37.96 33.72
N THR A 14 -7.53 39.12 33.98
CA THR A 14 -6.88 39.92 32.90
C THR A 14 -5.56 39.32 32.45
N GLY A 15 -5.14 38.20 33.05
CA GLY A 15 -3.80 37.67 32.75
C GLY A 15 -3.65 37.24 31.31
N ASP A 16 -2.46 37.44 30.74
CA ASP A 16 -2.22 36.93 29.36
C ASP A 16 -2.35 35.40 29.43
N LEU A 17 -1.82 34.79 30.49
CA LEU A 17 -1.88 33.32 30.60
C LEU A 17 -3.35 32.91 30.66
N SER A 18 -4.15 33.66 31.40
CA SER A 18 -5.60 33.34 31.44
C SER A 18 -6.15 33.53 30.03
N GLN A 19 -5.71 34.58 29.35
CA GLN A 19 -6.24 34.87 28.01
C GLN A 19 -5.89 33.71 27.06
N ARG A 20 -4.66 33.19 27.14
CA ARG A 20 -4.36 32.13 26.15
C ARG A 20 -4.48 30.72 26.75
N MET A 21 -3.83 30.48 27.89
CA MET A 21 -3.89 29.14 28.52
C MET A 21 -5.26 28.75 29.06
N LEU A 22 -5.96 29.66 29.75
CA LEU A 22 -7.20 29.23 30.45
C LEU A 22 -8.50 29.49 29.68
N LEU A 23 -8.66 30.68 29.11
CA LEU A 23 -9.98 30.99 28.48
C LEU A 23 -10.22 30.02 27.31
N PRO A 24 -9.21 29.71 26.49
CA PRO A 24 -9.39 28.73 25.42
C PRO A 24 -9.71 27.36 26.02
N ALA A 25 -9.04 27.00 27.12
CA ALA A 25 -9.27 25.66 27.69
C ALA A 25 -10.74 25.54 28.12
N LEU A 26 -11.26 26.58 28.75
CA LEU A 26 -12.66 26.54 29.24
C LEU A 26 -13.60 26.39 28.03
N TYR A 27 -13.27 27.08 26.93
CA TYR A 27 -14.17 27.03 25.76
C TYR A 27 -14.26 25.58 25.29
N GLY A 28 -13.13 24.88 25.30
CA GLY A 28 -13.12 23.48 24.86
C GLY A 28 -14.00 22.63 25.74
N LEU A 29 -13.96 22.85 27.06
CA LEU A 29 -14.85 22.10 27.97
C LEU A 29 -16.32 22.43 27.67
N ASP A 30 -16.64 23.70 27.42
CA ASP A 30 -18.03 24.05 27.06
C ASP A 30 -18.41 23.44 25.72
N ALA A 31 -17.51 23.45 24.75
CA ALA A 31 -17.80 22.92 23.40
C ALA A 31 -18.08 21.43 23.48
N ASP A 32 -17.32 20.73 24.32
CA ASP A 32 -17.45 19.25 24.46
C ASP A 32 -18.60 19.00 25.45
N GLY A 33 -19.18 20.06 26.00
CA GLY A 33 -20.26 19.92 26.98
C GLY A 33 -19.81 19.19 28.23
N LEU A 34 -18.56 19.42 28.63
CA LEU A 34 -18.05 18.85 29.90
C LEU A 34 -18.34 19.84 31.02
N LEU A 35 -18.92 21.00 30.69
CA LEU A 35 -19.16 22.07 31.69
C LEU A 35 -20.66 22.23 31.94
N ALA A 36 -21.07 22.29 33.21
CA ALA A 36 -22.50 22.38 33.55
C ALA A 36 -23.10 23.70 33.04
N ASP A 37 -24.31 23.65 32.47
CA ASP A 37 -25.01 24.88 32.02
C ASP A 37 -25.27 25.75 33.24
N ASP A 38 -25.64 25.13 34.36
CA ASP A 38 -25.94 25.87 35.60
C ASP A 38 -24.67 26.59 36.04
N LEU A 39 -23.50 25.98 35.86
CA LEU A 39 -22.28 26.60 36.40
C LEU A 39 -22.07 27.96 35.77
N ARG A 40 -21.65 28.92 36.59
CA ARG A 40 -21.44 30.30 36.10
C ARG A 40 -20.03 30.72 36.50
N ILE A 41 -19.33 31.44 35.63
CA ILE A 41 -17.92 31.79 35.95
C ILE A 41 -17.84 33.29 36.19
N VAL A 42 -17.26 33.69 37.33
CA VAL A 42 -17.14 35.12 37.68
C VAL A 42 -15.66 35.49 37.55
N CYS A 43 -15.34 36.51 36.77
CA CYS A 43 -13.91 36.84 36.52
C CYS A 43 -13.59 38.25 37.02
N THR A 44 -12.54 38.39 37.82
CA THR A 44 -12.10 39.73 38.29
C THR A 44 -10.77 40.04 37.64
N SER A 45 -10.66 41.18 36.95
CA SER A 45 -9.42 41.49 36.20
C SER A 45 -8.83 42.79 36.74
N ARG A 46 -7.53 42.82 36.98
CA ARG A 46 -6.94 44.01 37.65
C ARG A 46 -7.07 45.30 36.85
N SER A 47 -6.82 45.28 35.54
CA SER A 47 -6.78 46.60 34.84
C SER A 47 -7.75 46.84 33.67
N GLU A 48 -8.61 45.89 33.28
CA GLU A 48 -9.35 46.15 32.01
C GLU A 48 -10.66 45.39 31.81
N TYR A 49 -11.42 45.81 30.78
CA TYR A 49 -12.66 45.07 30.40
C TYR A 49 -13.62 44.94 31.59
N ASP A 50 -13.84 46.06 32.28
CA ASP A 50 -14.71 46.06 33.47
C ASP A 50 -16.12 45.64 33.09
N THR A 51 -16.61 46.05 31.94
CA THR A 51 -18.02 45.77 31.58
C THR A 51 -18.23 44.25 31.49
N ASP A 52 -19.41 43.79 31.91
CA ASP A 52 -19.75 42.33 31.84
C ASP A 52 -19.72 41.96 30.36
N GLY A 53 -20.18 42.85 29.49
CA GLY A 53 -20.04 42.51 28.07
C GLY A 53 -18.62 42.85 27.65
N PHE A 54 -17.65 42.15 28.23
CA PHE A 54 -16.23 42.26 27.82
C PHE A 54 -15.98 40.89 27.22
N ARG A 55 -16.99 40.04 27.30
CA ARG A 55 -16.99 38.71 26.66
C ARG A 55 -16.31 38.92 25.32
N ASP A 56 -16.56 40.06 24.69
CA ASP A 56 -15.94 40.33 23.37
C ASP A 56 -14.43 40.33 23.57
N PHE A 57 -13.95 40.90 24.67
CA PHE A 57 -12.49 40.84 24.94
C PHE A 57 -12.06 39.38 25.10
N ALA A 58 -12.84 38.57 25.80
CA ALA A 58 -12.53 37.12 25.92
C ALA A 58 -12.60 36.47 24.54
N GLU A 59 -13.59 36.85 23.74
CA GLU A 59 -13.77 36.24 22.41
C GLU A 59 -12.52 36.58 21.62
N LYS A 60 -12.04 37.81 21.76
CA LYS A 60 -10.76 38.16 21.10
C LYS A 60 -9.73 37.12 21.50
N ALA A 61 -9.69 36.78 22.80
CA ALA A 61 -8.72 35.78 23.25
C ALA A 61 -8.96 34.43 22.59
N LEU A 62 -10.22 34.06 22.38
CA LEU A 62 -10.52 32.78 21.76
C LEU A 62 -9.89 32.69 20.37
N ASP A 63 -10.09 33.73 19.56
CA ASP A 63 -9.60 33.78 18.18
C ASP A 63 -8.09 33.56 18.09
N ARG A 64 -7.33 34.40 18.81
CA ARG A 64 -5.88 34.42 18.64
C ARG A 64 -5.20 33.20 19.22
N PHE A 65 -5.92 32.39 19.99
CA PHE A 65 -5.32 31.27 20.67
C PHE A 65 -6.00 29.96 20.31
N VAL A 66 -7.33 29.89 20.46
CA VAL A 66 -8.10 28.61 20.27
C VAL A 66 -7.94 28.05 18.86
N ALA A 67 -7.94 26.70 18.74
CA ALA A 67 -7.84 26.03 17.42
C ALA A 67 -9.12 26.24 16.61
N SER A 68 -8.98 26.35 15.28
CA SER A 68 -10.15 26.62 14.43
C SER A 68 -11.17 25.49 14.53
N ASP A 69 -10.71 24.24 14.53
CA ASP A 69 -11.67 23.10 14.51
C ASP A 69 -12.53 23.13 15.77
N ARG A 70 -11.91 23.37 16.92
CA ARG A 70 -12.66 23.50 18.19
C ARG A 70 -13.56 24.74 18.10
N LEU A 71 -13.05 25.82 17.50
CA LEU A 71 -13.82 27.09 17.49
C LEU A 71 -15.11 26.87 16.72
N ASN A 72 -16.21 27.41 17.23
CA ASN A 72 -17.54 27.27 16.58
C ASN A 72 -18.32 28.53 16.95
N ASP A 73 -18.58 29.37 15.95
CA ASP A 73 -19.21 30.65 16.24
C ASP A 73 -20.40 30.49 17.17
N ASP A 74 -21.31 29.57 16.84
CA ASP A 74 -22.48 29.29 17.67
C ASP A 74 -22.11 28.85 19.09
N ALA A 75 -20.97 28.18 19.25
CA ALA A 75 -20.69 27.58 20.56
C ALA A 75 -20.16 28.60 21.53
N LYS A 76 -19.58 29.68 21.00
CA LYS A 76 -19.03 30.76 21.79
C LYS A 76 -20.09 31.37 22.69
N ALA A 77 -21.18 31.83 22.07
CA ALA A 77 -22.21 32.54 22.82
C ALA A 77 -22.72 31.72 23.99
N LYS A 78 -22.88 30.41 23.81
CA LYS A 78 -23.32 29.56 24.93
C LYS A 78 -22.33 29.67 26.08
N PHE A 79 -21.06 29.89 25.77
CA PHE A 79 -20.03 29.95 26.80
C PHE A 79 -19.90 31.35 27.38
N LEU A 80 -19.86 32.39 26.51
CA LEU A 80 -19.65 33.75 26.99
C LEU A 80 -20.79 34.22 27.89
N ASN A 81 -22.01 33.72 27.67
CA ASN A 81 -23.10 34.07 28.55
C ASN A 81 -23.08 33.23 29.82
N LYS A 82 -21.92 32.67 30.16
CA LYS A 82 -21.60 32.14 31.48
C LYS A 82 -20.47 32.93 32.13
N LEU A 83 -20.12 34.08 31.54
CA LEU A 83 -19.01 34.91 31.98
C LEU A 83 -19.55 36.18 32.65
N PHE A 84 -19.13 36.41 33.88
CA PHE A 84 -19.64 37.58 34.65
C PHE A 84 -18.42 38.31 35.23
N TYR A 85 -18.24 39.58 34.87
CA TYR A 85 -17.00 40.28 35.30
C TYR A 85 -17.30 41.45 36.22
N ALA A 86 -16.61 41.49 37.36
CA ALA A 86 -16.73 42.67 38.25
C ALA A 86 -15.31 43.22 38.47
N THR A 87 -15.07 44.51 38.28
CA THR A 87 -13.68 44.97 38.52
C THR A 87 -13.43 44.87 40.03
N VAL A 88 -12.30 44.29 40.44
CA VAL A 88 -12.01 44.12 41.90
C VAL A 88 -10.50 44.34 42.14
N ASP A 89 -10.13 44.75 43.35
CA ASP A 89 -8.70 44.92 43.69
C ASP A 89 -8.34 44.03 44.87
N ILE A 90 -7.51 43.01 44.64
CA ILE A 90 -7.12 42.07 45.71
C ILE A 90 -6.68 42.90 46.92
N THR A 91 -5.99 44.02 46.68
CA THR A 91 -5.45 44.84 47.78
C THR A 91 -6.59 45.35 48.66
N ASP A 92 -7.72 45.74 48.06
CA ASP A 92 -8.84 46.16 48.93
C ASP A 92 -9.84 45.00 49.06
N PRO A 93 -10.05 44.46 50.26
CA PRO A 93 -11.05 43.41 50.50
C PRO A 93 -12.46 43.93 50.23
N THR A 94 -12.72 45.17 50.61
CA THR A 94 -14.09 45.74 50.51
C THR A 94 -14.80 45.52 49.17
N GLN A 95 -14.06 45.30 48.08
CA GLN A 95 -14.67 45.15 46.73
C GLN A 95 -14.75 43.67 46.35
N PHE A 96 -14.35 42.76 47.23
CA PHE A 96 -14.46 41.30 46.99
C PHE A 96 -15.94 40.92 46.90
N GLY A 97 -16.80 41.72 47.53
CA GLY A 97 -18.23 41.39 47.62
C GLY A 97 -18.84 41.29 46.24
N LYS A 98 -18.40 42.12 45.30
CA LYS A 98 -19.04 42.14 43.96
C LYS A 98 -18.90 40.74 43.35
N ILE A 99 -17.77 40.07 43.58
CA ILE A 99 -17.62 38.68 43.08
C ILE A 99 -18.71 37.82 43.72
N ALA A 100 -19.00 38.07 45.00
CA ALA A 100 -20.15 37.40 45.64
C ALA A 100 -21.39 38.13 45.16
N ASP A 101 -22.59 37.58 45.38
CA ASP A 101 -23.81 38.22 44.85
C ASP A 101 -23.79 37.99 43.34
N LEU A 102 -22.94 37.09 42.87
CA LEU A 102 -22.81 36.78 41.43
C LEU A 102 -22.91 35.27 41.27
N CYS A 103 -24.14 34.74 41.16
CA CYS A 103 -24.35 33.28 41.11
C CYS A 103 -23.70 32.69 42.37
N GLY A 104 -22.77 31.77 42.22
CA GLY A 104 -22.03 31.29 43.40
C GLY A 104 -22.91 30.75 44.52
N PRO A 105 -23.97 29.96 44.28
CA PRO A 105 -24.72 29.44 45.40
C PRO A 105 -23.71 28.55 46.13
N VAL A 106 -23.68 28.63 47.46
CA VAL A 106 -22.66 27.88 48.25
C VAL A 106 -22.90 26.38 48.05
N GLU A 107 -24.15 25.96 48.00
CA GLU A 107 -24.44 24.51 47.91
C GLU A 107 -23.86 24.00 46.60
N LYS A 108 -23.99 24.76 45.52
CA LYS A 108 -23.31 24.35 44.27
C LYS A 108 -21.82 24.37 44.57
N GLY A 109 -21.37 25.36 45.34
CA GLY A 109 -19.95 25.47 45.71
C GLY A 109 -19.18 26.37 44.78
N ILE A 110 -18.00 26.84 45.21
CA ILE A 110 -17.20 27.80 44.40
C ILE A 110 -15.81 27.23 44.13
N ALA A 111 -15.35 27.26 42.87
CA ALA A 111 -13.97 26.85 42.55
C ALA A 111 -13.18 28.13 42.29
N ILE A 112 -12.16 28.41 43.10
CA ILE A 112 -11.46 29.73 42.97
C ILE A 112 -10.12 29.53 42.28
N TYR A 113 -9.84 30.34 41.26
CA TYR A 113 -8.52 30.26 40.60
C TYR A 113 -7.80 31.60 40.76
N LEU A 114 -6.57 31.56 41.26
CA LEU A 114 -5.75 32.73 41.45
C LEU A 114 -4.70 32.74 40.34
N ALA A 115 -5.07 33.29 39.19
CA ALA A 115 -4.08 33.46 38.10
C ALA A 115 -3.17 34.58 38.54
N THR A 116 -3.42 35.12 39.73
CA THR A 116 -2.60 36.19 40.32
C THR A 116 -1.26 35.63 40.79
N SER A 117 -0.27 36.49 40.98
CA SER A 117 1.06 36.08 41.47
C SER A 117 0.97 35.72 42.95
N SER A 118 1.99 35.05 43.48
CA SER A 118 1.97 34.57 44.88
C SER A 118 1.83 35.78 45.81
N SER A 119 2.47 36.90 45.45
CA SER A 119 2.38 38.11 46.28
C SER A 119 0.92 38.54 46.36
N LEU A 120 0.21 38.44 45.24
CA LEU A 120 -1.24 38.78 45.24
C LEU A 120 -2.05 37.62 45.83
N PHE A 121 -1.46 36.43 45.96
CA PHE A 121 -2.24 35.30 46.47
C PHE A 121 -2.87 35.62 47.81
N GLU A 122 -2.04 35.91 48.83
CA GLU A 122 -2.58 36.10 50.20
C GLU A 122 -3.72 37.12 50.22
N GLY A 123 -3.56 38.25 49.53
CA GLY A 123 -4.56 39.32 49.60
C GLY A 123 -5.90 38.86 49.08
N ALA A 124 -5.89 38.08 48.00
CA ALA A 124 -7.16 37.62 47.39
C ALA A 124 -7.88 36.77 48.43
N ILE A 125 -7.14 35.94 49.15
CA ILE A 125 -7.78 35.02 50.15
C ILE A 125 -8.47 35.87 51.22
N ALA A 126 -7.83 36.96 51.65
CA ALA A 126 -8.41 37.77 52.74
C ALA A 126 -9.76 38.34 52.29
N GLY A 127 -9.84 38.77 51.04
CA GLY A 127 -11.14 39.28 50.55
C GLY A 127 -12.19 38.18 50.57
N LEU A 128 -11.81 36.97 50.16
CA LEU A 128 -12.79 35.87 50.08
C LEU A 128 -13.38 35.54 51.46
N LYS A 129 -12.55 35.51 52.50
CA LYS A 129 -13.11 35.11 53.82
C LYS A 129 -14.17 36.13 54.25
N GLN A 130 -13.90 37.42 54.03
CA GLN A 130 -14.90 38.48 54.34
C GLN A 130 -16.11 38.23 53.44
N ALA A 131 -15.86 37.78 52.21
CA ALA A 131 -16.96 37.59 51.24
C ALA A 131 -17.75 36.33 51.58
N GLY A 132 -17.23 35.49 52.48
CA GLY A 132 -17.89 34.21 52.81
C GLY A 132 -17.51 33.17 51.77
N LEU A 133 -16.64 33.53 50.84
CA LEU A 133 -16.13 32.60 49.81
C LEU A 133 -15.34 31.49 50.52
N ALA A 134 -14.61 31.83 51.59
CA ALA A 134 -13.67 30.90 52.25
C ALA A 134 -14.31 29.77 53.06
N GLY A 135 -13.52 28.76 53.44
CA GLY A 135 -13.98 27.54 54.14
C GLY A 135 -14.88 26.59 53.37
N PRO A 136 -16.02 26.13 53.93
CA PRO A 136 -16.79 25.04 53.30
C PRO A 136 -17.38 25.33 51.91
N THR A 137 -17.35 24.32 51.03
CA THR A 137 -17.96 24.42 49.67
C THR A 137 -17.04 25.24 48.76
N SER A 138 -15.84 25.56 49.25
CA SER A 138 -14.94 26.42 48.45
C SER A 138 -13.61 25.71 48.20
N ARG A 139 -13.14 25.71 46.95
CA ARG A 139 -11.81 25.13 46.66
C ARG A 139 -10.81 26.28 46.58
N LEU A 140 -9.68 26.07 45.91
CA LEU A 140 -8.68 27.12 45.74
C LEU A 140 -7.62 26.63 44.79
N ALA A 141 -7.34 27.35 43.72
CA ALA A 141 -6.19 26.99 42.91
C ALA A 141 -5.13 28.08 42.93
N LEU A 142 -3.91 27.62 42.73
CA LEU A 142 -2.75 28.54 42.79
C LEU A 142 -1.97 28.46 41.49
N GLU A 143 -0.67 28.81 41.51
CA GLU A 143 0.05 28.81 40.22
C GLU A 143 1.48 28.28 40.38
N LYS A 144 2.24 28.21 39.29
CA LYS A 144 3.59 27.57 39.31
C LYS A 144 4.58 28.20 40.30
N PRO A 145 4.74 29.54 40.43
CA PRO A 145 5.80 30.09 41.29
C PRO A 145 5.68 29.75 42.78
N LEU A 146 4.49 29.89 43.36
CA LEU A 146 4.25 29.59 44.81
C LEU A 146 5.36 30.18 45.67
N GLY A 147 5.56 31.49 45.61
CA GLY A 147 6.50 32.20 46.49
C GLY A 147 7.88 32.33 45.91
N GLN A 148 8.59 33.40 46.26
CA GLN A 148 10.00 33.60 45.82
C GLN A 148 10.90 32.53 46.43
N ASP A 149 10.69 32.21 47.71
CA ASP A 149 11.62 31.29 48.40
C ASP A 149 10.81 30.32 49.24
N LEU A 150 11.49 29.39 49.92
CA LEU A 150 10.71 28.36 50.66
C LEU A 150 10.04 29.02 51.86
N ALA A 151 10.75 29.90 52.58
CA ALA A 151 10.07 30.62 53.67
C ALA A 151 8.96 31.49 53.09
N SER A 152 9.22 32.14 51.95
CA SER A 152 8.23 33.01 51.31
C SER A 152 7.01 32.19 50.90
N SER A 153 7.26 30.99 50.37
CA SER A 153 6.16 30.11 49.94
C SER A 153 5.47 29.61 51.20
N ASP A 154 6.26 29.32 52.22
CA ASP A 154 5.67 28.76 53.46
C ASP A 154 4.73 29.78 54.10
N HIS A 155 5.14 31.06 54.13
CA HIS A 155 4.30 32.07 54.81
C HIS A 155 2.96 32.17 54.07
N ILE A 156 3.00 32.14 52.74
CA ILE A 156 1.73 32.14 51.98
C ILE A 156 1.10 30.77 52.20
N ASN A 157 1.92 29.72 52.23
CA ASN A 157 1.37 28.39 52.40
C ASN A 157 0.62 28.19 53.70
N ASP A 158 1.27 28.56 54.80
CA ASP A 158 0.82 28.34 56.15
C ASP A 158 -0.59 28.91 56.34
N ALA A 159 -0.82 30.08 55.74
CA ALA A 159 -2.12 30.72 55.87
C ALA A 159 -3.18 30.04 55.01
N VAL A 160 -2.78 29.35 53.94
CA VAL A 160 -3.78 28.69 53.11
C VAL A 160 -4.39 27.52 53.87
N LEU A 161 -3.53 26.65 54.42
CA LEU A 161 -4.04 25.51 55.18
C LEU A 161 -4.75 25.97 56.46
N LYS A 162 -4.38 27.15 56.97
CA LYS A 162 -5.11 27.78 58.06
C LYS A 162 -6.50 28.23 57.64
N VAL A 163 -6.73 28.46 56.36
CA VAL A 163 -7.99 28.99 55.86
C VAL A 163 -8.80 27.91 55.18
N PHE A 164 -8.19 27.11 54.28
CA PHE A 164 -8.87 25.96 53.72
C PHE A 164 -8.12 24.71 54.11
N SER A 165 -8.86 23.62 54.33
CA SER A 165 -8.24 22.33 54.60
C SER A 165 -7.53 21.85 53.35
N GLU A 166 -6.37 21.21 53.56
CA GLU A 166 -5.52 20.77 52.46
C GLU A 166 -6.31 20.00 51.41
N LYS A 167 -7.40 19.36 51.81
CA LYS A 167 -8.23 18.72 50.81
C LYS A 167 -8.70 19.74 49.78
N GLN A 168 -8.84 21.02 50.16
CA GLN A 168 -9.41 22.04 49.27
C GLN A 168 -8.37 22.92 48.53
N VAL A 169 -7.07 22.71 48.69
CA VAL A 169 -6.06 23.49 47.98
C VAL A 169 -5.57 22.64 46.83
N TYR A 170 -5.51 23.21 45.64
CA TYR A 170 -5.23 22.38 44.47
C TYR A 170 -4.15 23.14 43.69
N ARG A 171 -2.91 23.00 44.12
CA ARG A 171 -1.82 23.74 43.51
C ARG A 171 -1.49 23.19 42.13
N ILE A 172 -1.25 24.12 41.23
CA ILE A 172 -1.13 23.81 39.81
C ILE A 172 0.33 23.85 39.37
N ASP A 173 0.82 22.74 38.84
CA ASP A 173 2.10 22.65 38.13
C ASP A 173 1.70 22.31 36.71
N HIS A 174 1.83 23.30 35.83
CA HIS A 174 1.28 23.23 34.49
C HIS A 174 1.74 21.98 33.75
N TYR A 175 2.96 21.53 33.99
CA TYR A 175 3.48 20.38 33.27
C TYR A 175 2.74 19.12 33.67
N LEU A 176 2.55 18.90 34.96
CA LEU A 176 1.86 17.68 35.38
C LEU A 176 0.41 17.77 34.95
N GLY A 177 0.07 17.08 33.88
CA GLY A 177 -1.28 17.15 33.37
C GLY A 177 -1.24 17.17 31.87
N LYS A 178 -0.06 17.47 31.32
CA LYS A 178 0.10 17.34 29.85
C LYS A 178 0.14 15.84 29.57
N GLU A 179 -0.41 15.38 28.46
CA GLU A 179 -0.51 13.91 28.24
C GLU A 179 0.89 13.30 28.18
N THR A 180 1.83 13.96 27.52
CA THR A 180 3.18 13.39 27.36
C THR A 180 3.81 13.24 28.75
N VAL A 181 3.62 14.22 29.63
CA VAL A 181 4.13 14.11 31.02
C VAL A 181 3.42 12.94 31.71
N GLN A 182 2.11 12.79 31.49
CA GLN A 182 1.33 11.75 32.20
C GLN A 182 1.83 10.34 31.84
N ASN A 183 2.16 10.09 30.57
CA ASN A 183 2.55 8.72 30.12
C ASN A 183 3.82 8.26 30.84
N LEU A 184 4.79 9.15 31.06
CA LEU A 184 6.08 8.74 31.69
C LEU A 184 5.89 7.51 32.59
N LEU A 185 5.09 7.60 33.66
CA LEU A 185 4.94 6.47 34.56
C LEU A 185 4.42 5.23 33.83
N THR A 186 3.53 5.43 32.85
CA THR A 186 3.08 4.30 32.01
C THR A 186 4.25 3.71 31.23
N LEU A 187 5.15 4.58 30.76
CA LEU A 187 6.37 4.13 30.10
C LEU A 187 7.22 3.28 31.03
N ARG A 188 7.40 3.77 32.25
CA ARG A 188 8.37 3.19 33.16
C ARG A 188 7.92 1.83 33.67
N PHE A 189 6.68 1.75 34.15
CA PHE A 189 6.15 0.62 34.87
C PHE A 189 5.08 -0.15 34.11
N GLY A 190 4.57 0.38 32.99
CA GLY A 190 3.68 -0.43 32.18
C GLY A 190 4.41 -1.29 31.17
N ASN A 191 5.74 -1.32 31.22
CA ASN A 191 6.55 -2.16 30.36
C ASN A 191 7.69 -2.73 31.19
N ALA A 192 8.27 -3.82 30.70
CA ALA A 192 9.33 -4.52 31.43
C ALA A 192 10.73 -4.25 30.86
N LEU A 193 10.82 -3.62 29.68
CA LEU A 193 12.09 -3.45 28.98
C LEU A 193 13.05 -2.45 29.64
N PHE A 194 12.53 -1.39 30.25
CA PHE A 194 13.39 -0.28 30.65
C PHE A 194 14.14 -0.54 31.95
N GLU A 195 13.39 -0.76 33.04
CA GLU A 195 13.79 -0.83 34.44
C GLU A 195 14.97 -1.77 34.74
N PRO A 196 15.19 -2.88 34.00
CA PRO A 196 16.45 -3.62 34.19
C PRO A 196 17.67 -2.70 34.16
N LEU A 197 17.61 -1.66 33.33
CA LEU A 197 18.72 -0.77 33.09
C LEU A 197 18.56 0.60 33.76
N TRP A 198 17.38 0.90 34.31
CA TRP A 198 17.16 2.17 35.01
C TRP A 198 17.90 2.25 36.32
N ASN A 199 19.23 2.19 36.33
CA ASN A 199 19.98 2.16 37.59
C ASN A 199 21.32 2.86 37.41
N SER A 200 22.10 2.92 38.50
CA SER A 200 23.48 3.38 38.40
C SER A 200 24.37 2.42 37.63
N LYS A 201 23.85 1.26 37.23
CA LYS A 201 24.53 0.35 36.30
C LYS A 201 23.60 0.21 35.12
N GLY A 202 24.04 0.62 33.95
CA GLY A 202 23.25 0.60 32.75
C GLY A 202 22.96 1.98 32.19
N ILE A 203 23.23 3.06 32.97
CA ILE A 203 22.96 4.46 32.59
C ILE A 203 24.21 5.30 32.71
N ASP A 204 24.42 6.13 31.69
CA ASP A 204 25.51 7.10 31.62
C ASP A 204 25.08 8.44 32.21
N HIS A 205 23.90 8.93 31.82
CA HIS A 205 23.37 10.20 32.32
C HIS A 205 21.94 10.41 31.81
N VAL A 206 21.23 11.33 32.47
CA VAL A 206 19.90 11.75 32.08
C VAL A 206 19.99 13.22 31.62
N GLN A 207 19.01 13.63 30.82
CA GLN A 207 18.96 14.98 30.23
C GLN A 207 17.51 15.39 30.11
N ILE A 208 17.13 16.45 30.83
CA ILE A 208 15.80 17.06 30.73
C ILE A 208 16.02 18.45 30.17
N SER A 209 15.26 18.80 29.13
CA SER A 209 15.49 20.08 28.44
C SER A 209 14.18 20.69 27.95
N VAL A 210 13.80 21.83 28.51
CA VAL A 210 12.73 22.68 27.99
C VAL A 210 13.34 23.84 27.20
N ALA A 211 13.10 23.86 25.88
CA ALA A 211 13.61 24.89 24.98
C ALA A 211 12.49 25.80 24.50
N GLU A 212 12.80 27.09 24.31
CA GLU A 212 11.85 28.10 23.84
C GLU A 212 12.52 29.04 22.85
N THR A 213 11.83 29.31 21.76
CA THR A 213 12.30 30.25 20.75
C THR A 213 12.06 31.70 21.15
N VAL A 214 11.17 31.92 22.11
CA VAL A 214 10.75 33.31 22.46
C VAL A 214 11.50 33.87 23.66
N GLY A 215 11.33 35.16 23.92
CA GLY A 215 11.92 35.77 25.13
C GLY A 215 10.79 36.01 26.12
N LEU A 216 10.90 37.02 26.97
CA LEU A 216 9.72 37.30 27.85
C LEU A 216 9.07 38.58 27.32
N GLU A 217 7.80 38.50 26.90
CA GLU A 217 7.13 39.76 26.52
C GLU A 217 5.84 39.85 27.34
N GLY A 218 5.72 40.90 28.14
CA GLY A 218 4.50 41.12 28.95
C GLY A 218 4.59 40.24 30.17
N ARG A 219 5.66 39.45 30.26
CA ARG A 219 5.88 38.60 31.44
C ARG A 219 7.13 39.11 32.14
N ILE A 220 7.81 40.06 31.48
CA ILE A 220 9.13 40.55 31.98
C ILE A 220 9.00 41.07 33.41
N GLY A 221 8.00 41.90 33.70
CA GLY A 221 7.99 42.47 35.05
C GLY A 221 7.85 41.40 36.10
N TYR A 222 6.96 40.43 35.90
CA TYR A 222 6.92 39.28 36.85
C TYR A 222 8.22 38.47 36.74
N PHE A 223 8.71 38.27 35.52
CA PHE A 223 9.87 37.36 35.32
C PHE A 223 11.15 37.84 35.99
N ASP A 224 11.45 39.14 35.90
CA ASP A 224 12.77 39.59 36.42
C ASP A 224 12.79 39.41 37.94
N SER A 225 11.65 39.21 38.57
CA SER A 225 11.73 38.95 40.03
C SER A 225 12.31 37.55 40.26
N SER A 226 11.95 36.55 39.44
CA SER A 226 12.36 35.15 39.72
C SER A 226 13.59 34.64 38.96
N GLY A 227 13.44 34.40 37.66
CA GLY A 227 14.53 33.79 36.87
C GLY A 227 14.03 32.49 36.27
N SER A 228 14.74 31.94 35.29
CA SER A 228 14.20 30.75 34.61
C SER A 228 14.08 29.59 35.60
N LEU A 229 15.07 29.40 36.48
CA LEU A 229 15.02 28.22 37.37
C LEU A 229 13.80 28.32 38.29
N ARG A 230 13.54 29.50 38.85
CA ARG A 230 12.32 29.68 39.66
C ARG A 230 11.11 29.49 38.75
N ASP A 231 11.18 30.00 37.52
CA ASP A 231 10.00 29.94 36.63
C ASP A 231 9.76 28.52 36.16
N MET A 232 10.60 27.99 35.26
CA MET A 232 10.27 26.66 34.77
C MET A 232 11.16 25.53 35.26
N VAL A 233 11.52 25.53 36.56
CA VAL A 233 12.33 24.45 37.12
C VAL A 233 11.85 24.03 38.50
N GLN A 234 11.55 25.03 39.36
CA GLN A 234 11.14 24.71 40.73
C GLN A 234 9.91 23.84 40.67
N SER A 235 9.03 24.13 39.73
CA SER A 235 7.81 23.36 39.60
C SER A 235 7.95 22.36 38.47
N HIS A 236 8.01 22.88 37.25
CA HIS A 236 7.88 22.05 36.07
C HIS A 236 8.96 21.00 35.89
N ILE A 237 10.17 21.43 35.51
CA ILE A 237 11.22 20.45 35.20
C ILE A 237 11.53 19.61 36.42
N LEU A 238 11.30 20.15 37.62
CA LEU A 238 11.56 19.31 38.79
C LEU A 238 10.51 18.21 38.93
N GLN A 239 9.27 18.44 38.48
CA GLN A 239 8.31 17.34 38.52
C GLN A 239 8.80 16.22 37.61
N LEU A 240 9.22 16.62 36.41
CA LEU A 240 9.68 15.64 35.41
C LEU A 240 10.82 14.81 36.02
N VAL A 241 11.71 15.44 36.76
CA VAL A 241 12.87 14.70 37.30
C VAL A 241 12.32 13.64 38.25
N ALA A 242 11.32 13.99 39.06
CA ALA A 242 10.81 13.00 40.04
C ALA A 242 10.22 11.83 39.28
N LEU A 243 9.45 12.13 38.24
CA LEU A 243 8.79 11.05 37.48
C LEU A 243 9.85 10.15 36.84
N VAL A 244 10.91 10.74 36.28
CA VAL A 244 11.99 9.94 35.65
C VAL A 244 12.72 9.07 36.68
N ALA A 245 13.01 9.62 37.85
CA ALA A 245 13.83 8.85 38.82
C ALA A 245 13.02 8.16 39.92
N MET A 246 11.70 8.30 39.93
CA MET A 246 10.91 7.77 41.08
C MET A 246 10.93 6.24 41.17
N GLU A 247 11.00 5.69 42.39
CA GLU A 247 10.87 4.22 42.56
C GLU A 247 9.37 3.99 42.43
N PRO A 248 8.87 2.89 41.85
CA PRO A 248 7.45 2.81 41.54
C PRO A 248 6.60 2.78 42.77
N PRO A 249 5.34 3.25 42.70
CA PRO A 249 4.38 3.03 43.76
C PRO A 249 3.87 1.59 43.78
N ALA A 250 3.33 1.20 44.94
CA ALA A 250 2.65 -0.10 45.03
C ALA A 250 1.47 -0.16 44.07
N HIS A 251 0.59 0.85 44.13
CA HIS A 251 -0.54 0.94 43.22
C HIS A 251 -0.81 2.43 43.03
N MET A 252 -1.49 2.76 41.93
CA MET A 252 -1.48 4.11 41.39
C MET A 252 -2.46 5.06 42.08
N GLU A 253 -2.16 5.39 43.33
CA GLU A 253 -2.85 6.38 44.15
C GLU A 253 -2.08 7.69 44.14
N ALA A 254 -2.84 8.79 44.27
CA ALA A 254 -2.27 10.14 44.35
C ALA A 254 -1.08 10.21 45.30
N ASN A 255 -1.32 9.94 46.59
CA ASN A 255 -0.26 10.08 47.58
C ASN A 255 0.82 9.03 47.38
N ALA A 256 0.46 7.86 46.85
CA ALA A 256 1.45 6.83 46.57
C ALA A 256 2.45 7.31 45.53
N VAL A 257 1.98 8.00 44.48
CA VAL A 257 2.90 8.57 43.51
C VAL A 257 3.77 9.64 44.18
N ARG A 258 3.11 10.65 44.77
CA ARG A 258 3.80 11.78 45.40
C ARG A 258 4.87 11.35 46.38
N ASP A 259 4.51 10.45 47.31
CA ASP A 259 5.37 10.12 48.45
C ASP A 259 6.74 9.66 47.95
N GLU A 260 6.80 9.06 46.75
CA GLU A 260 8.08 8.76 46.14
C GLU A 260 8.69 9.96 45.41
N LYS A 261 7.86 10.81 44.79
CA LYS A 261 8.39 11.97 44.09
C LYS A 261 9.07 12.91 45.06
N VAL A 262 8.35 13.23 46.13
CA VAL A 262 8.92 14.12 47.19
C VAL A 262 10.29 13.55 47.55
N LYS A 263 10.39 12.23 47.65
CA LYS A 263 11.67 11.58 48.01
C LYS A 263 12.70 11.88 46.93
N VAL A 264 12.31 11.87 45.66
CA VAL A 264 13.30 12.08 44.58
C VAL A 264 13.86 13.48 44.82
N PHE A 265 12.97 14.42 45.14
CA PHE A 265 13.40 15.79 45.46
C PHE A 265 14.26 15.76 46.73
N ARG A 266 13.84 15.01 47.75
CA ARG A 266 14.61 14.98 49.03
C ARG A 266 15.95 14.29 48.77
N ALA A 267 15.97 13.35 47.83
CA ALA A 267 17.20 12.63 47.43
C ALA A 267 18.24 13.55 46.79
N LEU A 268 17.81 14.56 46.02
CA LEU A 268 18.77 15.34 45.18
C LEU A 268 19.89 15.98 46.00
N ARG A 269 21.11 15.94 45.46
CA ARG A 269 22.31 16.45 46.17
C ARG A 269 22.37 17.97 46.09
N PRO A 270 22.74 18.67 47.18
CA PRO A 270 22.76 20.14 47.21
C PRO A 270 23.82 20.75 46.30
N ILE A 271 23.41 21.71 45.46
CA ILE A 271 24.45 22.38 44.64
C ILE A 271 25.39 23.10 45.60
N ASN A 272 24.87 23.81 46.60
CA ASN A 272 25.72 24.41 47.66
C ASN A 272 26.37 25.68 47.09
N ASN A 273 27.10 26.44 47.91
CA ASN A 273 27.88 27.58 47.36
C ASN A 273 29.02 27.09 46.45
N ASP A 274 29.75 26.05 46.86
CA ASP A 274 30.95 25.58 46.12
C ASP A 274 30.73 25.02 44.71
N THR A 275 29.69 24.21 44.49
CA THR A 275 29.53 23.48 43.19
C THR A 275 29.11 24.39 42.04
N VAL A 276 28.66 25.61 42.30
CA VAL A 276 28.07 26.42 41.21
C VAL A 276 29.08 26.66 40.09
N ILE A 277 30.34 26.95 40.41
CA ILE A 277 31.38 27.15 39.35
C ILE A 277 31.42 25.90 38.47
N THR A 278 31.26 24.72 39.05
CA THR A 278 31.31 23.41 38.35
C THR A 278 29.93 22.97 37.80
N HIS A 279 28.86 23.13 38.58
CA HIS A 279 27.53 22.59 38.18
C HIS A 279 26.50 23.60 37.70
N THR A 280 26.80 24.91 37.68
CA THR A 280 25.72 25.87 37.31
C THR A 280 26.18 26.75 36.14
N VAL A 281 25.34 26.90 35.14
CA VAL A 281 25.66 27.83 34.01
C VAL A 281 24.43 28.71 33.80
N THR A 282 24.66 30.02 33.71
CA THR A 282 23.54 30.97 33.59
C THR A 282 23.74 31.81 32.33
N GLY A 283 22.65 32.28 31.74
CA GLY A 283 22.71 33.05 30.50
C GLY A 283 21.78 34.23 30.58
N GLN A 284 22.01 35.27 29.78
CA GLN A 284 21.02 36.37 29.71
C GLN A 284 20.58 36.45 28.25
N TYR A 285 19.27 36.49 28.00
CA TYR A 285 18.84 36.43 26.58
C TYR A 285 19.42 37.67 25.92
N GLY A 286 19.90 37.52 24.69
CA GLY A 286 20.61 38.64 24.03
C GLY A 286 20.06 38.91 22.65
N ALA A 287 20.25 40.12 22.14
CA ALA A 287 19.63 40.48 20.86
C ALA A 287 20.16 39.60 19.74
N GLY A 288 19.28 39.22 18.82
CA GLY A 288 19.71 38.41 17.67
C GLY A 288 18.56 38.05 16.76
N VAL A 289 18.36 36.76 16.48
CA VAL A 289 17.34 36.30 15.56
C VAL A 289 16.48 35.31 16.35
N SER A 290 15.21 35.21 15.95
CA SER A 290 14.34 34.18 16.53
C SER A 290 13.12 34.00 15.63
N GLY A 291 12.86 32.77 15.19
CA GLY A 291 11.77 32.63 14.25
C GLY A 291 12.09 33.14 12.87
N GLY A 292 13.38 33.41 12.60
CA GLY A 292 13.79 34.01 11.36
C GLY A 292 13.72 35.51 11.39
N LYS A 293 13.41 36.08 12.53
CA LYS A 293 13.20 37.50 12.75
C LYS A 293 14.29 38.04 13.65
N GLU A 294 14.67 39.31 13.44
CA GLU A 294 15.61 39.90 14.38
C GLU A 294 14.81 40.34 15.59
N VAL A 295 15.20 39.79 16.76
CA VAL A 295 14.51 40.12 18.04
C VAL A 295 15.48 40.87 18.98
N ALA A 296 14.95 41.72 19.86
CA ALA A 296 15.75 42.56 20.79
C ALA A 296 16.39 41.82 21.96
N GLY A 297 17.48 42.36 22.50
CA GLY A 297 18.16 41.78 23.70
C GLY A 297 17.34 41.95 24.96
N TYR A 298 17.49 41.04 25.93
CA TYR A 298 16.63 41.06 27.13
C TYR A 298 16.80 42.32 27.96
N ILE A 299 18.04 42.76 28.17
CA ILE A 299 18.25 43.95 29.05
C ILE A 299 17.58 45.14 28.38
N ASP A 300 17.73 45.23 27.06
CA ASP A 300 17.20 46.41 26.35
C ASP A 300 15.68 46.39 26.52
N GLU A 301 15.08 45.21 26.43
CA GLU A 301 13.62 45.07 26.64
C GLU A 301 13.29 45.45 28.10
N LEU A 302 14.12 45.05 29.05
CA LEU A 302 13.80 45.28 30.48
C LEU A 302 13.72 46.77 30.77
N GLY A 303 14.63 47.56 30.19
CA GLY A 303 14.66 49.00 30.48
C GLY A 303 15.39 49.24 31.78
N GLN A 304 15.99 48.19 32.34
CA GLN A 304 16.76 48.33 33.59
C GLN A 304 17.77 47.19 33.62
N PRO A 305 18.93 47.33 34.29
CA PRO A 305 19.89 46.25 34.43
C PRO A 305 19.16 45.00 34.87
N SER A 306 19.70 43.83 34.51
CA SER A 306 18.99 42.56 34.81
C SER A 306 19.92 41.46 35.31
N ASP A 307 19.60 40.88 36.47
CA ASP A 307 20.41 39.76 37.02
C ASP A 307 19.70 38.40 36.85
N THR A 308 18.61 38.31 36.08
CA THR A 308 17.82 37.03 36.02
C THR A 308 18.12 36.24 34.75
N GLU A 309 18.38 34.94 34.87
CA GLU A 309 18.90 34.07 33.76
C GLU A 309 18.10 33.82 32.47
N THR A 310 16.81 33.57 32.50
CA THR A 310 16.18 33.17 31.20
C THR A 310 16.80 31.84 30.70
N PHE A 311 17.94 31.38 31.24
CA PHE A 311 18.60 30.12 30.91
C PHE A 311 19.33 29.61 32.14
N VAL A 312 19.32 28.28 32.32
CA VAL A 312 20.12 27.64 33.33
C VAL A 312 20.47 26.24 32.82
N ALA A 313 21.51 25.65 33.38
CA ALA A 313 21.93 24.31 33.02
C ALA A 313 22.65 23.73 34.23
N ILE A 314 22.21 22.56 34.66
CA ILE A 314 22.64 22.01 35.95
C ILE A 314 23.07 20.55 35.72
N LYS A 315 23.93 20.09 36.62
CA LYS A 315 24.31 18.68 36.69
C LYS A 315 23.73 18.16 38.00
N ALA A 316 22.49 17.70 37.93
CA ALA A 316 21.78 17.29 39.13
C ALA A 316 22.18 15.87 39.50
N HIS A 317 22.07 15.59 40.80
CA HIS A 317 22.44 14.30 41.39
C HIS A 317 21.37 13.85 42.37
N VAL A 318 20.81 12.67 42.10
CA VAL A 318 19.94 11.98 43.05
C VAL A 318 20.80 10.92 43.73
N ASP A 319 20.86 10.99 45.05
CA ASP A 319 21.75 10.14 45.82
C ASP A 319 20.89 9.12 46.55
N ASN A 320 20.43 8.13 45.78
CA ASN A 320 19.74 6.97 46.26
C ASN A 320 20.43 5.73 45.73
N TRP A 321 19.91 4.58 46.14
CA TRP A 321 20.42 3.31 45.64
C TRP A 321 20.38 3.25 44.12
N ARG A 322 19.24 3.61 43.52
CA ARG A 322 19.05 3.43 42.08
C ARG A 322 19.94 4.35 41.26
N TRP A 323 20.07 5.61 41.65
CA TRP A 323 20.62 6.65 40.79
C TRP A 323 21.93 7.23 41.28
N HIS A 324 22.47 6.78 42.41
CA HIS A 324 23.64 7.43 43.00
C HIS A 324 24.75 7.63 41.99
N GLY A 325 25.04 8.89 41.66
CA GLY A 325 26.14 9.17 40.79
C GLY A 325 25.80 9.25 39.32
N VAL A 326 24.52 9.33 38.99
CA VAL A 326 24.08 9.47 37.60
C VAL A 326 23.75 10.94 37.36
N PRO A 327 24.53 11.65 36.55
CA PRO A 327 24.23 13.08 36.35
C PRO A 327 22.95 13.26 35.57
N PHE A 328 22.15 14.23 36.02
CA PHE A 328 20.89 14.61 35.38
C PHE A 328 21.11 16.03 34.86
N TYR A 329 21.12 16.19 33.53
CA TYR A 329 21.49 17.44 32.91
C TYR A 329 20.23 18.20 32.54
N ILE A 330 19.91 19.20 33.31
CA ILE A 330 18.71 19.99 33.09
C ILE A 330 19.15 21.19 32.26
N ARG A 331 18.24 21.71 31.44
CA ARG A 331 18.59 22.83 30.56
C ARG A 331 17.29 23.41 30.05
N THR A 332 16.87 24.53 30.67
CA THR A 332 15.63 25.25 30.28
C THR A 332 16.04 26.63 29.81
N GLY A 333 15.54 27.06 28.65
CA GLY A 333 16.03 28.32 28.07
C GLY A 333 14.97 29.13 27.35
N LYS A 334 15.23 30.43 27.19
CA LYS A 334 14.31 31.31 26.42
C LYS A 334 15.09 31.84 25.23
N ARG A 335 14.45 32.01 24.08
CA ARG A 335 15.16 32.42 22.84
C ARG A 335 16.19 31.36 22.47
N LEU A 336 15.87 30.08 22.73
CA LEU A 336 16.76 28.98 22.29
C LEU A 336 16.43 28.68 20.82
N PRO A 337 17.30 27.99 20.06
CA PRO A 337 17.10 27.81 18.60
C PRO A 337 15.79 27.18 18.24
N ALA A 338 15.17 26.43 19.15
CA ALA A 338 13.94 25.74 18.82
C ALA A 338 13.13 25.52 20.08
N ARG A 339 11.83 25.32 19.90
CA ARG A 339 10.91 24.93 20.98
C ARG A 339 10.75 23.41 20.99
N ARG A 340 11.16 22.78 22.09
CA ARG A 340 11.14 21.32 22.18
C ARG A 340 11.51 20.81 23.58
N SER A 341 10.54 20.31 24.33
CA SER A 341 10.82 19.64 25.58
C SER A 341 11.05 18.14 25.37
N GLU A 342 12.11 17.60 25.99
CA GLU A 342 12.49 16.22 25.71
C GLU A 342 13.39 15.67 26.82
N ILE A 343 13.38 14.34 26.96
CA ILE A 343 14.26 13.64 27.89
C ILE A 343 15.08 12.63 27.10
N VAL A 344 16.39 12.58 27.39
CA VAL A 344 17.30 11.61 26.76
C VAL A 344 18.02 10.83 27.85
N VAL A 345 17.66 9.56 28.02
CA VAL A 345 18.43 8.63 28.85
C VAL A 345 19.53 8.02 27.99
N GLN A 346 20.78 8.25 28.33
CA GLN A 346 21.85 7.53 27.67
C GLN A 346 22.12 6.35 28.54
N PHE A 347 22.05 5.18 27.96
CA PHE A 347 22.26 4.03 28.77
C PHE A 347 23.75 3.81 28.74
N LYS A 348 24.27 3.27 29.83
CA LYS A 348 25.70 3.06 29.90
C LYS A 348 26.10 2.18 28.72
N PRO A 349 27.22 2.45 28.07
CA PRO A 349 27.52 1.80 26.80
C PRO A 349 27.65 0.29 26.94
N VAL A 350 27.59 -0.40 25.80
CA VAL A 350 27.71 -1.90 25.83
C VAL A 350 28.93 -2.26 26.68
N PRO A 351 28.87 -3.32 27.52
CA PRO A 351 29.98 -3.62 28.43
C PRO A 351 31.29 -3.95 27.71
N HIS A 352 31.24 -4.71 26.63
CA HIS A 352 32.46 -4.96 25.82
C HIS A 352 32.06 -5.02 24.35
N SER A 353 32.97 -4.75 23.41
CA SER A 353 32.52 -4.86 22.00
C SER A 353 33.05 -6.14 21.37
N ILE A 354 32.15 -7.00 20.92
CA ILE A 354 32.54 -8.25 20.22
C ILE A 354 33.25 -7.86 18.92
N PHE A 355 32.82 -6.77 18.30
CA PHE A 355 33.41 -6.29 17.02
C PHE A 355 34.25 -5.03 17.28
N SER A 356 35.13 -5.08 18.27
CA SER A 356 35.96 -3.90 18.65
C SER A 356 36.87 -3.49 17.49
N SER A 357 37.43 -4.45 16.77
CA SER A 357 38.36 -4.17 15.65
C SER A 357 37.62 -3.36 14.59
N SER A 358 36.35 -3.66 14.35
CA SER A 358 35.59 -3.00 13.25
C SER A 358 35.44 -1.50 13.52
N GLY A 359 35.34 -0.70 12.46
CA GLY A 359 35.32 0.77 12.54
C GLY A 359 34.17 1.41 13.32
N GLY A 360 32.95 0.87 13.28
CA GLY A 360 31.78 1.58 13.84
C GLY A 360 31.86 1.96 15.31
N ILE A 361 31.36 3.15 15.66
CA ILE A 361 31.40 3.73 17.03
C ILE A 361 30.63 2.90 18.06
N LEU A 362 29.51 2.30 17.70
CA LEU A 362 28.66 1.60 18.70
C LEU A 362 28.13 2.58 19.76
N GLN A 363 27.74 3.78 19.34
CA GLN A 363 27.12 4.77 20.26
C GLN A 363 26.20 4.15 21.32
N PRO A 364 26.16 4.70 22.55
CA PRO A 364 25.35 4.21 23.65
C PRO A 364 23.85 4.38 23.35
N ASN A 365 23.04 3.43 23.82
CA ASN A 365 21.58 3.47 23.54
C ASN A 365 20.97 4.70 24.19
N LYS A 366 19.79 5.13 23.74
CA LYS A 366 19.20 6.38 24.20
C LYS A 366 17.69 6.26 24.11
N LEU A 367 17.00 6.57 25.19
CA LEU A 367 15.54 6.66 25.17
C LEU A 367 15.17 8.14 25.05
N ARG A 368 14.53 8.50 23.93
CA ARG A 368 14.17 9.87 23.65
C ARG A 368 12.66 10.04 23.70
N ILE A 369 12.21 10.92 24.59
CA ILE A 369 10.77 11.24 24.69
C ILE A 369 10.65 12.75 24.46
N VAL A 370 10.03 13.18 23.36
CA VAL A 370 9.82 14.64 23.17
C VAL A 370 8.42 14.98 23.65
N LEU A 371 8.29 15.59 24.82
CA LEU A 371 6.97 16.01 25.35
C LEU A 371 6.38 17.12 24.48
N GLN A 372 7.21 18.07 24.02
CA GLN A 372 6.73 19.21 23.20
C GLN A 372 7.79 19.52 22.14
N PRO A 373 7.45 20.13 21.00
CA PRO A 373 6.09 20.58 20.73
C PRO A 373 5.29 19.37 20.25
N ASP A 374 5.98 18.41 19.64
CA ASP A 374 5.33 17.16 19.19
C ASP A 374 5.37 16.17 20.35
N GLU A 375 4.65 15.06 20.25
CA GLU A 375 4.75 14.04 21.27
C GLU A 375 5.29 12.75 20.66
N THR A 376 6.42 12.31 21.18
CA THR A 376 7.18 11.31 20.45
C THR A 376 8.11 10.55 21.40
N ILE A 377 8.18 9.24 21.19
CA ILE A 377 9.10 8.36 21.88
C ILE A 377 9.85 7.60 20.81
N GLN A 378 11.13 7.36 21.04
CA GLN A 378 11.95 6.62 20.09
C GLN A 378 13.09 5.99 20.84
N ILE A 379 13.79 5.08 20.18
CA ILE A 379 14.84 4.33 20.83
C ILE A 379 16.02 4.17 19.90
N SER A 380 17.19 4.43 20.45
CA SER A 380 18.45 4.27 19.76
C SER A 380 18.84 2.81 19.85
N ILE A 381 19.08 2.19 18.70
CA ILE A 381 19.63 0.85 18.65
C ILE A 381 20.73 0.82 17.60
N MET A 382 21.73 -0.03 17.82
CA MET A 382 22.77 -0.21 16.82
C MET A 382 22.32 -1.41 16.02
N VAL A 383 22.46 -1.26 14.69
CA VAL A 383 22.11 -2.32 13.72
C VAL A 383 23.18 -2.27 12.64
N LYS A 384 23.61 -3.41 12.10
CA LYS A 384 24.72 -3.42 11.12
C LYS A 384 24.30 -2.69 9.86
N GLU A 385 25.21 -1.88 9.29
CA GLU A 385 24.88 -1.23 8.00
C GLU A 385 24.89 -2.28 6.90
N PRO A 386 23.94 -2.28 5.94
CA PRO A 386 24.02 -3.23 4.84
C PRO A 386 25.22 -2.90 3.96
N GLY A 387 26.04 -3.91 3.67
CA GLY A 387 27.18 -3.70 2.76
C GLY A 387 27.74 -5.02 2.28
N LEU A 388 28.56 -5.00 1.23
CA LEU A 388 29.31 -6.23 0.87
C LEU A 388 30.68 -5.82 1.42
N ASP A 389 31.28 -6.62 2.28
CA ASP A 389 32.50 -6.09 2.96
C ASP A 389 33.77 -6.84 2.51
N ARG A 390 34.79 -6.08 2.09
CA ARG A 390 36.09 -6.72 1.78
C ARG A 390 36.64 -7.21 3.11
N ASN A 391 37.20 -6.32 3.91
CA ASN A 391 37.59 -6.72 5.29
C ASN A 391 37.30 -5.53 6.18
N GLY A 392 36.75 -5.79 7.38
CA GLY A 392 36.27 -4.68 8.24
C GLY A 392 34.77 -4.52 8.06
N ALA A 393 34.08 -3.90 9.01
CA ALA A 393 32.59 -3.85 8.93
C ALA A 393 32.06 -2.46 9.27
N HIS A 394 30.85 -2.15 8.80
CA HIS A 394 30.23 -0.83 9.06
C HIS A 394 28.95 -1.00 9.90
N MET A 395 28.81 -0.23 10.98
CA MET A 395 27.57 -0.27 11.79
C MET A 395 26.97 1.14 11.86
N ARG A 396 25.65 1.27 11.65
CA ARG A 396 24.98 2.60 11.71
C ARG A 396 23.92 2.58 12.81
N GLU A 397 23.90 3.59 13.67
CA GLU A 397 22.89 3.68 14.75
C GLU A 397 21.53 3.98 14.12
N VAL A 398 20.42 3.55 14.76
CA VAL A 398 19.15 3.77 14.11
C VAL A 398 18.07 3.97 15.18
N TRP A 399 16.89 4.38 14.74
CA TRP A 399 15.86 4.85 15.66
C TRP A 399 14.58 4.06 15.47
N LEU A 400 13.98 3.62 16.57
CA LEU A 400 12.67 2.97 16.58
C LEU A 400 11.64 4.01 16.94
N ASP A 401 10.72 4.26 16.03
CA ASP A 401 9.91 5.47 16.07
C ASP A 401 8.53 5.23 16.65
N LEU A 402 8.02 6.19 17.44
CA LEU A 402 6.62 6.17 17.84
C LEU A 402 6.19 7.63 17.94
N SER A 403 5.25 8.00 17.07
CA SER A 403 4.67 9.35 17.13
C SER A 403 3.32 9.17 17.82
N LEU A 404 3.21 9.58 19.07
CA LEU A 404 1.98 9.29 19.82
C LEU A 404 0.84 9.98 19.08
N THR A 405 1.08 11.20 18.59
CA THR A 405 -0.04 11.94 17.96
C THR A 405 -0.52 11.15 16.75
N ASP A 406 0.41 10.61 15.96
CA ASP A 406 0.03 9.83 14.75
C ASP A 406 -0.74 8.60 15.22
N VAL A 407 -0.27 7.97 16.29
CA VAL A 407 -0.92 6.72 16.76
C VAL A 407 -2.36 7.02 17.16
N PHE A 408 -2.60 8.14 17.83
CA PHE A 408 -3.96 8.43 18.32
C PHE A 408 -4.48 9.74 17.75
N LYS A 409 -4.25 10.03 16.47
CA LYS A 409 -4.66 11.36 15.99
C LYS A 409 -6.16 11.52 16.29
N ASP A 410 -6.92 10.46 16.07
CA ASP A 410 -8.40 10.52 16.24
C ASP A 410 -8.76 11.23 17.53
N ARG A 411 -8.22 10.77 18.67
CA ARG A 411 -8.66 11.34 19.96
C ARG A 411 -8.37 12.83 19.92
N LYS A 412 -9.26 13.65 20.47
CA LYS A 412 -9.08 15.12 20.37
C LYS A 412 -7.80 15.52 21.12
N ARG A 413 -7.04 16.47 20.56
CA ARG A 413 -5.86 16.99 21.30
C ARG A 413 -6.37 18.16 22.14
N ARG A 414 -6.17 18.11 23.46
CA ARG A 414 -6.77 19.15 24.33
C ARG A 414 -5.70 19.75 25.24
N ILE A 415 -5.94 20.97 25.71
CA ILE A 415 -4.97 21.68 26.58
C ILE A 415 -4.83 20.90 27.89
N ALA A 416 -3.63 20.92 28.47
CA ALA A 416 -3.37 20.26 29.76
C ALA A 416 -4.28 20.92 30.78
N HIS A 417 -4.47 22.22 30.62
CA HIS A 417 -5.27 23.00 31.61
C HIS A 417 -6.66 22.40 31.65
N GLU A 418 -7.21 21.96 30.52
CA GLU A 418 -8.61 21.45 30.61
C GLU A 418 -8.62 20.26 31.57
N ARG A 419 -7.62 19.38 31.50
CA ARG A 419 -7.54 18.28 32.50
C ARG A 419 -7.32 18.88 33.89
N LEU A 420 -6.44 19.87 33.98
CA LEU A 420 -6.10 20.48 35.29
C LEU A 420 -7.34 21.19 35.85
N LEU A 421 -8.09 21.87 34.99
CA LEU A 421 -9.25 22.68 35.46
C LEU A 421 -10.42 21.78 35.86
N LEU A 422 -10.68 20.72 35.09
CA LEU A 422 -11.89 19.90 35.34
C LEU A 422 -11.77 19.29 36.73
N ASP A 423 -10.56 18.88 37.09
CA ASP A 423 -10.35 18.24 38.41
C ASP A 423 -10.75 19.25 39.48
N LEU A 424 -10.51 20.54 39.24
CA LEU A 424 -10.86 21.60 40.24
C LEU A 424 -12.36 21.55 40.52
N ILE A 425 -13.19 21.70 39.47
CA ILE A 425 -14.66 21.59 39.66
C ILE A 425 -14.93 20.19 40.21
N GLU A 426 -14.21 19.18 39.72
CA GLU A 426 -14.32 17.79 40.23
C GLU A 426 -13.87 17.73 41.69
N GLY A 427 -12.95 18.61 42.09
CA GLY A 427 -12.36 18.49 43.44
C GLY A 427 -11.37 17.33 43.46
N ASP A 428 -10.48 17.27 42.46
CA ASP A 428 -9.49 16.17 42.35
C ASP A 428 -8.08 16.73 42.47
N ALA A 429 -7.24 16.14 43.32
CA ALA A 429 -5.87 16.64 43.58
C ALA A 429 -4.82 15.83 42.81
N THR A 430 -5.23 15.00 41.85
CA THR A 430 -4.27 14.06 41.22
C THR A 430 -3.11 14.77 40.50
N LEU A 431 -3.34 15.87 39.78
CA LEU A 431 -2.17 16.56 39.18
C LEU A 431 -1.92 17.86 39.93
N PHE A 432 -1.82 17.79 41.26
CA PHE A 432 -1.71 19.00 42.08
C PHE A 432 -0.70 18.78 43.17
N VAL A 433 0.14 19.76 43.34
CA VAL A 433 1.37 19.53 44.08
C VAL A 433 1.08 19.62 45.58
N ARG A 434 1.89 18.91 46.35
CA ARG A 434 1.70 18.93 47.82
C ARG A 434 2.73 19.88 48.42
N ARG A 435 2.48 20.34 49.64
CA ARG A 435 3.41 21.30 50.28
C ARG A 435 4.76 20.61 50.47
N ASP A 436 4.74 19.34 50.87
CA ASP A 436 5.99 18.56 51.04
C ASP A 436 6.68 18.48 49.67
N GLU A 437 5.90 18.30 48.63
CA GLU A 437 6.48 18.30 47.27
C GLU A 437 7.12 19.67 47.07
N VAL A 438 6.37 20.74 47.33
CA VAL A 438 6.88 22.12 47.07
C VAL A 438 8.12 22.43 47.91
N GLU A 439 8.13 22.08 49.20
CA GLU A 439 9.27 22.50 50.04
C GLU A 439 10.55 21.86 49.51
N ALA A 440 10.47 20.58 49.14
CA ALA A 440 11.70 19.87 48.72
C ALA A 440 12.24 20.55 47.46
N GLN A 441 11.35 20.90 46.55
CA GLN A 441 11.82 21.62 45.33
C GLN A 441 12.40 22.97 45.77
N TRP A 442 11.71 23.66 46.68
CA TRP A 442 12.16 25.02 47.08
C TRP A 442 13.52 24.98 47.78
N ILE A 443 13.76 24.02 48.67
CA ILE A 443 15.03 24.08 49.43
C ILE A 443 16.18 23.97 48.44
N TRP A 444 16.06 23.05 47.50
CA TRP A 444 17.15 22.86 46.52
C TRP A 444 17.36 24.19 45.80
N ILE A 445 16.27 24.77 45.31
CA ILE A 445 16.39 26.03 44.50
C ILE A 445 16.97 27.12 45.39
N ASP A 446 16.52 27.21 46.64
CA ASP A 446 16.98 28.31 47.51
C ASP A 446 18.49 28.18 47.71
N GLY A 447 18.97 26.95 47.92
CA GLY A 447 20.41 26.71 48.09
C GLY A 447 21.26 27.06 46.87
N ILE A 448 20.83 26.72 45.66
CA ILE A 448 21.60 27.12 44.45
C ILE A 448 21.61 28.65 44.40
N ARG A 449 20.47 29.27 44.73
CA ARG A 449 20.38 30.75 44.62
C ARG A 449 21.39 31.36 45.58
N GLU A 450 21.51 30.80 46.78
CA GLU A 450 22.47 31.33 47.77
C GLU A 450 23.88 31.14 47.21
N GLY A 451 24.16 29.95 46.67
CA GLY A 451 25.50 29.68 46.12
C GLY A 451 25.81 30.68 45.04
N TRP A 452 24.81 31.00 44.21
CA TRP A 452 25.01 32.04 43.17
C TRP A 452 25.31 33.38 43.84
N LYS A 453 24.60 33.70 44.92
CA LYS A 453 24.77 35.00 45.62
C LYS A 453 26.19 35.17 46.20
N ALA A 454 26.75 34.13 46.81
CA ALA A 454 28.05 34.29 47.49
C ALA A 454 29.18 34.31 46.47
N ASN A 455 29.02 33.59 45.36
CA ASN A 455 30.02 33.54 44.32
C ASN A 455 29.78 34.61 43.25
N SER A 456 28.69 35.37 43.33
CA SER A 456 28.42 36.44 42.38
C SER A 456 28.61 35.95 40.94
N MET A 457 27.81 34.95 40.61
CA MET A 457 27.85 34.41 39.24
C MET A 457 27.06 35.40 38.38
N LYS A 458 27.46 35.57 37.13
CA LYS A 458 26.81 36.59 36.28
C LYS A 458 26.11 35.85 35.15
N PRO A 459 24.84 36.14 34.82
CA PRO A 459 24.24 35.43 33.75
C PRO A 459 25.17 35.79 32.59
N LYS A 460 25.52 34.81 31.76
CA LYS A 460 26.48 35.08 30.67
C LYS A 460 25.63 35.24 29.42
N THR A 461 25.79 36.35 28.71
CA THR A 461 24.88 36.67 27.60
C THR A 461 25.03 35.76 26.38
N TYR A 462 23.93 35.20 25.89
CA TYR A 462 23.91 34.49 24.64
C TYR A 462 23.04 35.24 23.63
N VAL A 463 23.30 34.97 22.35
CA VAL A 463 22.55 35.56 21.25
C VAL A 463 21.15 34.94 21.24
N SER A 464 20.20 35.58 20.59
CA SER A 464 18.86 35.03 20.48
C SER A 464 18.83 33.98 19.36
N GLY A 465 18.26 32.82 19.65
CA GLY A 465 18.30 31.77 18.65
C GLY A 465 19.57 30.96 18.66
N THR A 466 20.34 31.06 19.74
CA THR A 466 21.58 30.32 19.94
C THR A 466 21.43 29.32 21.09
N TRP A 467 22.27 28.29 21.06
CA TRP A 467 22.16 27.19 22.00
C TRP A 467 22.67 27.58 23.37
N GLY A 468 22.17 28.69 23.88
CA GLY A 468 22.58 29.19 25.17
C GLY A 468 24.05 29.61 25.16
N PRO A 469 24.54 29.90 26.35
CA PRO A 469 25.94 30.33 26.52
C PRO A 469 26.95 29.24 26.19
N ILE A 470 28.15 29.67 25.80
CA ILE A 470 29.27 28.75 25.65
C ILE A 470 29.60 28.06 26.98
N THR A 471 29.16 28.66 28.08
CA THR A 471 29.48 28.08 29.41
C THR A 471 28.80 26.70 29.53
N ALA A 472 27.53 26.59 29.12
CA ALA A 472 26.76 25.33 29.27
C ALA A 472 27.38 24.20 28.45
N ILE A 473 27.81 24.49 27.23
CA ILE A 473 28.31 23.42 26.34
C ILE A 473 29.55 22.79 27.00
N ALA A 474 30.38 23.61 27.63
CA ALA A 474 31.62 23.07 28.23
C ALA A 474 31.25 22.17 29.40
N LEU A 475 30.23 22.54 30.18
CA LEU A 475 29.92 21.71 31.37
C LEU A 475 29.52 20.32 30.91
N VAL A 476 28.70 20.23 29.87
CA VAL A 476 28.36 18.90 29.27
C VAL A 476 29.62 18.26 28.67
N GLU A 477 30.44 19.04 27.99
CA GLU A 477 31.62 18.49 27.25
C GLU A 477 32.62 17.85 28.21
N ARG A 478 32.84 18.43 29.39
CA ARG A 478 33.91 17.92 30.27
C ARG A 478 33.62 16.46 30.63
N ASP A 479 32.36 16.13 30.91
CA ASP A 479 31.99 14.70 31.13
C ASP A 479 32.25 13.91 29.85
N GLY A 480 31.95 14.48 28.69
CA GLY A 480 32.06 13.76 27.39
C GLY A 480 30.67 13.79 26.80
N VAL A 481 29.68 13.95 27.67
CA VAL A 481 28.28 14.06 27.32
C VAL A 481 28.12 15.30 26.44
N THR A 482 27.12 15.25 25.59
CA THR A 482 26.76 16.36 24.73
C THR A 482 25.27 16.61 24.93
N TRP A 483 24.73 17.52 24.10
CA TRP A 483 23.32 17.84 24.10
C TRP A 483 22.74 17.25 22.82
N TYR A 484 21.59 16.59 22.94
CA TYR A 484 20.95 16.07 21.74
C TYR A 484 20.54 17.24 20.86
N ASP A 485 21.06 17.26 19.64
CA ASP A 485 20.57 18.19 18.61
C ASP A 485 20.37 17.38 17.34
N LEU A 486 19.10 17.23 16.97
CA LEU A 486 18.69 16.56 15.75
C LEU A 486 19.61 16.93 14.61
N GLU A 487 20.30 15.93 14.05
CA GLU A 487 21.26 16.06 12.94
C GLU A 487 22.62 16.58 13.42
N THR B 2 42.66 -13.97 -1.23
CA THR B 2 43.86 -14.84 -1.40
C THR B 2 43.58 -15.90 -2.46
N ASN B 3 42.44 -15.80 -3.13
CA ASN B 3 42.04 -16.87 -4.08
C ASN B 3 42.98 -17.04 -5.26
N THR B 4 43.43 -15.95 -5.89
CA THR B 4 44.22 -16.12 -7.13
C THR B 4 43.33 -16.97 -8.03
N VAL B 5 42.03 -16.72 -8.02
CA VAL B 5 41.08 -17.62 -8.76
C VAL B 5 40.48 -16.90 -9.96
N SER B 6 40.68 -17.44 -11.17
CA SER B 6 40.00 -16.88 -12.36
C SER B 6 39.00 -17.90 -12.90
N THR B 7 38.80 -19.02 -12.21
CA THR B 7 37.95 -20.10 -12.79
C THR B 7 36.75 -20.43 -11.89
N MET B 8 35.56 -20.51 -12.48
CA MET B 8 34.33 -20.85 -11.73
C MET B 8 33.74 -22.16 -12.25
N ILE B 9 33.26 -23.02 -11.35
CA ILE B 9 32.64 -24.31 -11.76
C ILE B 9 31.17 -24.32 -11.33
N LEU B 10 30.26 -24.63 -12.26
CA LEU B 10 28.80 -24.65 -11.95
C LEU B 10 28.22 -26.04 -12.21
N PHE B 11 27.43 -26.55 -11.26
CA PHE B 11 26.79 -27.87 -11.42
C PHE B 11 25.28 -27.71 -11.21
N GLY B 12 24.45 -28.43 -11.97
CA GLY B 12 22.99 -28.38 -11.74
C GLY B 12 22.30 -27.20 -12.39
N SER B 13 23.01 -26.45 -13.22
CA SER B 13 22.44 -25.27 -13.90
C SER B 13 20.97 -25.51 -14.31
N THR B 14 20.63 -26.72 -14.75
CA THR B 14 19.28 -26.92 -15.24
C THR B 14 18.23 -26.67 -14.18
N GLY B 15 18.65 -26.49 -12.94
CA GLY B 15 17.68 -26.44 -11.88
C GLY B 15 17.08 -25.08 -11.77
N ASP B 16 15.98 -25.01 -11.03
CA ASP B 16 15.30 -23.74 -10.82
C ASP B 16 16.07 -22.90 -9.80
N LEU B 17 17.32 -23.25 -9.59
CA LEU B 17 18.16 -22.48 -8.69
C LEU B 17 19.31 -21.80 -9.41
N SER B 18 19.94 -22.46 -10.39
CA SER B 18 20.95 -21.77 -11.16
C SER B 18 20.37 -20.59 -11.91
N GLN B 19 19.05 -20.61 -12.07
CA GLN B 19 18.40 -19.54 -12.86
C GLN B 19 17.81 -18.48 -11.94
N ARG B 20 16.94 -18.87 -11.02
CA ARG B 20 16.24 -17.85 -10.19
C ARG B 20 17.21 -17.06 -9.33
N MET B 21 18.19 -17.71 -8.70
CA MET B 21 19.05 -16.92 -7.77
C MET B 21 20.50 -16.79 -8.21
N LEU B 22 21.17 -17.90 -8.53
CA LEU B 22 22.62 -17.78 -8.80
C LEU B 22 22.90 -16.94 -10.05
N LEU B 23 22.16 -17.15 -11.13
CA LEU B 23 22.53 -16.41 -12.37
C LEU B 23 22.33 -14.89 -12.19
N PRO B 24 21.23 -14.40 -11.58
CA PRO B 24 21.08 -12.97 -11.32
C PRO B 24 22.16 -12.50 -10.35
N ALA B 25 22.43 -13.32 -9.34
CA ALA B 25 23.44 -12.93 -8.33
C ALA B 25 24.74 -12.62 -9.07
N LEU B 26 25.16 -13.54 -9.93
CA LEU B 26 26.40 -13.30 -10.64
C LEU B 26 26.32 -12.07 -11.52
N TYR B 27 25.12 -11.78 -12.02
CA TYR B 27 24.92 -10.60 -12.85
C TYR B 27 25.40 -9.34 -12.12
N GLY B 28 25.08 -9.21 -10.83
CA GLY B 28 25.59 -8.10 -10.04
C GLY B 28 27.09 -8.11 -9.83
N LEU B 29 27.68 -9.30 -9.71
CA LEU B 29 29.10 -9.39 -9.37
C LEU B 29 30.02 -8.86 -10.47
N ASP B 30 29.56 -8.89 -11.71
CA ASP B 30 30.31 -8.39 -12.86
C ASP B 30 29.83 -7.03 -13.37
N ALA B 31 28.63 -6.61 -13.04
CA ALA B 31 28.12 -5.32 -13.52
C ALA B 31 28.54 -4.16 -12.62
N ASP B 32 29.31 -4.41 -11.56
CA ASP B 32 29.83 -3.32 -10.73
C ASP B 32 31.30 -3.50 -10.38
N GLY B 33 32.09 -4.08 -11.29
CA GLY B 33 33.51 -4.27 -11.09
C GLY B 33 33.93 -5.28 -10.05
N LEU B 34 33.03 -6.11 -9.55
CA LEU B 34 33.40 -7.05 -8.51
C LEU B 34 33.89 -8.37 -9.07
N LEU B 35 33.73 -8.55 -10.39
CA LEU B 35 34.15 -9.81 -11.04
C LEU B 35 35.26 -9.52 -12.04
N ALA B 36 36.32 -10.33 -12.03
CA ALA B 36 37.47 -10.10 -12.92
C ALA B 36 37.01 -10.28 -14.37
N ASP B 37 37.51 -9.43 -15.26
CA ASP B 37 37.15 -9.52 -16.70
C ASP B 37 37.66 -10.86 -17.25
N ASP B 38 38.86 -11.28 -16.83
CA ASP B 38 39.46 -12.53 -17.37
C ASP B 38 38.57 -13.74 -17.04
N LEU B 39 38.02 -13.78 -15.83
CA LEU B 39 37.10 -14.89 -15.47
C LEU B 39 36.21 -15.21 -16.67
N VAL B 42 31.90 -22.01 -15.77
CA VAL B 42 31.59 -23.22 -16.53
C VAL B 42 30.17 -23.60 -16.12
N CYS B 43 29.45 -24.30 -17.00
CA CYS B 43 28.06 -24.73 -16.70
C CYS B 43 27.93 -26.22 -16.99
N THR B 44 27.75 -27.02 -15.94
CA THR B 44 27.59 -28.48 -16.08
C THR B 44 26.18 -28.80 -15.58
N SER B 45 25.44 -29.63 -16.29
CA SER B 45 24.01 -29.82 -15.94
C SER B 45 23.71 -31.17 -15.27
N ARG B 46 23.02 -31.13 -14.13
CA ARG B 46 22.58 -32.39 -13.48
C ARG B 46 21.66 -33.06 -14.47
N SER B 47 20.82 -32.28 -15.15
CA SER B 47 20.00 -32.87 -16.23
C SER B 47 20.69 -32.44 -17.52
N GLU B 48 21.05 -33.39 -18.38
CA GLU B 48 21.86 -33.00 -19.56
C GLU B 48 21.04 -32.05 -20.43
N TYR B 49 21.67 -31.02 -20.97
CA TYR B 49 20.94 -30.01 -21.78
C TYR B 49 21.71 -29.71 -23.07
N ASP B 50 21.00 -29.30 -24.13
CA ASP B 50 21.70 -28.90 -25.36
C ASP B 50 22.56 -27.68 -25.03
N THR B 51 23.76 -27.58 -25.60
CA THR B 51 24.69 -26.49 -25.20
C THR B 51 24.41 -25.16 -25.91
N ASP B 52 25.18 -24.13 -25.55
CA ASP B 52 25.07 -22.78 -26.17
C ASP B 52 23.68 -22.23 -25.89
N GLY B 53 22.84 -23.01 -25.19
CA GLY B 53 21.51 -22.55 -24.77
C GLY B 53 21.66 -21.42 -23.77
N PHE B 54 22.66 -21.50 -22.91
CA PHE B 54 22.77 -20.55 -21.76
C PHE B 54 22.89 -19.10 -22.22
N ARG B 55 23.65 -18.82 -23.27
CA ARG B 55 23.75 -17.38 -23.59
C ARG B 55 22.33 -16.93 -23.89
N ASP B 56 21.57 -17.72 -24.67
CA ASP B 56 20.14 -17.41 -24.86
C ASP B 56 19.39 -17.58 -23.53
N PHE B 57 19.72 -18.64 -22.78
CA PHE B 57 18.96 -18.95 -21.53
C PHE B 57 19.08 -17.83 -20.50
N ALA B 58 20.29 -17.27 -20.34
CA ALA B 58 20.46 -16.25 -19.29
C ALA B 58 19.54 -15.09 -19.67
N GLU B 59 19.49 -14.72 -20.95
CA GLU B 59 18.67 -13.55 -21.28
C GLU B 59 17.23 -13.91 -20.91
N LYS B 60 16.82 -15.15 -21.20
CA LYS B 60 15.45 -15.59 -20.85
C LYS B 60 15.33 -15.61 -19.34
N ALA B 61 16.16 -16.42 -18.69
CA ALA B 61 16.13 -16.54 -17.25
C ALA B 61 16.46 -15.25 -16.50
N LEU B 62 17.56 -14.57 -16.84
CA LEU B 62 17.92 -13.36 -16.11
C LEU B 62 16.89 -12.26 -16.27
N ASP B 63 16.54 -11.90 -17.51
CA ASP B 63 15.67 -10.75 -17.72
C ASP B 63 14.46 -10.85 -16.80
N ARG B 64 13.88 -12.04 -16.73
CA ARG B 64 12.69 -12.33 -15.95
C ARG B 64 12.96 -12.62 -14.46
N PHE B 65 14.23 -12.54 -14.00
CA PHE B 65 14.60 -12.82 -12.60
C PHE B 65 15.28 -11.62 -11.97
N VAL B 66 16.35 -11.14 -12.61
CA VAL B 66 17.10 -9.96 -12.09
C VAL B 66 16.19 -8.73 -11.97
N ALA B 67 16.55 -7.77 -11.11
CA ALA B 67 15.77 -6.52 -10.94
C ALA B 67 15.81 -5.71 -12.24
N SER B 68 14.69 -5.09 -12.61
CA SER B 68 14.62 -4.34 -13.89
C SER B 68 15.59 -3.16 -13.88
N ASP B 69 15.66 -2.42 -12.77
CA ASP B 69 16.54 -1.21 -12.71
C ASP B 69 17.98 -1.68 -12.90
N ARG B 70 18.33 -2.79 -12.26
CA ARG B 70 19.68 -3.37 -12.38
C ARG B 70 19.92 -3.77 -13.84
N LEU B 71 18.90 -4.31 -14.51
CA LEU B 71 19.13 -4.89 -15.86
C LEU B 71 19.64 -3.84 -16.86
N ASN B 72 20.67 -4.19 -17.63
CA ASN B 72 21.21 -3.31 -18.71
C ASN B 72 21.69 -4.18 -19.87
N ASP B 73 21.63 -3.67 -21.11
CA ASP B 73 22.11 -4.44 -22.30
C ASP B 73 23.61 -4.72 -22.22
N ASP B 74 24.42 -3.75 -21.78
CA ASP B 74 25.90 -3.93 -21.79
C ASP B 74 26.32 -4.99 -20.78
N ALA B 75 26.12 -4.71 -19.49
CA ALA B 75 26.55 -5.65 -18.42
C ALA B 75 26.33 -7.08 -18.88
N LYS B 76 25.19 -7.34 -19.54
CA LYS B 76 24.86 -8.74 -19.90
C LYS B 76 25.90 -9.33 -20.86
N ALA B 77 26.37 -8.56 -21.83
CA ALA B 77 27.25 -9.19 -22.83
C ALA B 77 28.53 -9.72 -22.17
N LYS B 78 29.14 -8.94 -21.26
CA LYS B 78 30.42 -9.42 -20.68
C LYS B 78 30.11 -10.70 -19.90
N PHE B 79 29.01 -10.70 -19.17
CA PHE B 79 28.62 -11.90 -18.38
C PHE B 79 28.38 -13.06 -19.33
N LEU B 80 27.71 -12.79 -20.45
CA LEU B 80 27.37 -13.88 -21.39
C LEU B 80 28.67 -14.48 -21.92
N ASN B 81 29.65 -13.61 -22.21
CA ASN B 81 30.92 -14.10 -22.78
C ASN B 81 31.59 -15.02 -21.77
N LYS B 82 31.84 -14.49 -20.57
CA LYS B 82 32.56 -15.27 -19.53
C LYS B 82 31.90 -16.66 -19.40
N LEU B 83 30.57 -16.72 -19.48
CA LEU B 83 29.86 -17.99 -19.21
C LEU B 83 30.22 -19.10 -20.22
N PHE B 84 30.33 -20.34 -19.75
CA PHE B 84 30.59 -21.51 -20.63
C PHE B 84 29.45 -22.52 -20.43
N TYR B 85 29.45 -23.64 -21.16
CA TYR B 85 28.36 -24.59 -21.07
C TYR B 85 28.83 -25.90 -21.71
N ALA B 86 29.11 -26.89 -20.89
CA ALA B 86 29.44 -28.23 -21.35
C ALA B 86 28.33 -29.16 -20.87
N THR B 87 27.82 -29.99 -21.77
CA THR B 87 26.74 -30.91 -21.44
C THR B 87 27.32 -32.23 -20.99
N VAL B 88 27.24 -32.48 -19.67
CA VAL B 88 27.91 -33.68 -19.08
C VAL B 88 26.98 -34.32 -18.05
N ASP B 89 27.26 -35.56 -17.65
CA ASP B 89 26.41 -36.26 -16.65
C ASP B 89 27.23 -36.53 -15.39
N ILE B 90 26.65 -36.23 -14.22
CA ILE B 90 27.32 -36.46 -12.92
C ILE B 90 27.54 -37.97 -12.79
N THR B 91 26.60 -38.77 -13.28
CA THR B 91 26.68 -40.24 -13.11
C THR B 91 27.96 -40.75 -13.76
N ASP B 92 28.37 -40.15 -14.89
CA ASP B 92 29.58 -40.62 -15.61
C ASP B 92 30.80 -39.78 -15.24
N PRO B 93 31.86 -40.37 -14.66
CA PRO B 93 33.11 -39.65 -14.33
C PRO B 93 33.84 -39.13 -15.57
N THR B 94 33.86 -39.89 -16.66
CA THR B 94 34.60 -39.51 -17.89
C THR B 94 34.00 -38.21 -18.42
N GLN B 95 32.69 -38.08 -18.33
CA GLN B 95 31.99 -36.87 -18.81
C GLN B 95 32.54 -35.68 -18.00
N PHE B 96 32.82 -35.88 -16.73
CA PHE B 96 33.23 -34.74 -15.87
C PHE B 96 34.49 -34.12 -16.43
N GLY B 97 35.42 -34.93 -16.94
CA GLY B 97 36.70 -34.35 -17.37
C GLY B 97 36.55 -33.33 -18.48
N LYS B 98 35.67 -33.58 -19.45
CA LYS B 98 35.43 -32.57 -20.52
C LYS B 98 34.58 -31.42 -19.97
N GLY B 104 40.33 -23.19 -18.35
CA GLY B 104 40.60 -23.74 -17.02
C GLY B 104 42.07 -23.62 -16.64
N PRO B 105 42.62 -22.39 -16.49
CA PRO B 105 44.05 -22.24 -16.22
C PRO B 105 44.44 -22.83 -14.86
N VAL B 106 45.57 -23.53 -14.83
CA VAL B 106 46.07 -24.10 -13.55
C VAL B 106 46.40 -22.97 -12.59
N GLU B 107 47.02 -21.90 -13.09
CA GLU B 107 47.47 -20.80 -12.19
C GLU B 107 46.24 -20.19 -11.53
N LYS B 108 45.17 -20.01 -12.30
CA LYS B 108 43.92 -19.49 -11.69
C LYS B 108 43.44 -20.51 -10.69
N GLY B 109 42.96 -20.06 -9.54
CA GLY B 109 42.38 -21.02 -8.59
C GLY B 109 41.07 -21.55 -9.17
N ILE B 110 40.78 -22.83 -8.95
CA ILE B 110 39.50 -23.33 -9.42
C ILE B 110 38.57 -23.45 -8.22
N ALA B 111 37.43 -22.78 -8.29
CA ALA B 111 36.47 -22.80 -7.20
C ALA B 111 35.24 -23.52 -7.73
N ILE B 112 34.81 -24.53 -6.99
CA ILE B 112 33.91 -25.51 -7.55
C ILE B 112 32.60 -25.24 -6.80
N TYR B 113 31.54 -24.84 -7.51
CA TYR B 113 30.23 -24.72 -6.91
C TYR B 113 29.28 -25.81 -7.42
N LEU B 114 28.66 -26.47 -6.45
CA LEU B 114 27.86 -27.67 -6.63
C LEU B 114 26.38 -27.37 -6.42
N ALA B 115 25.68 -26.93 -7.47
CA ALA B 115 24.23 -26.66 -7.37
C ALA B 115 23.40 -27.82 -7.91
N THR B 116 23.66 -29.02 -7.40
CA THR B 116 22.90 -30.22 -7.74
C THR B 116 22.21 -30.75 -6.50
N SER B 117 22.21 -32.08 -6.34
CA SER B 117 21.66 -32.68 -5.09
C SER B 117 22.81 -33.29 -4.30
N SER B 118 22.56 -33.70 -3.06
CA SER B 118 23.63 -34.23 -2.20
C SER B 118 24.18 -35.51 -2.83
N SER B 119 23.30 -36.35 -3.37
CA SER B 119 23.74 -37.62 -4.02
C SER B 119 24.62 -37.29 -5.21
N LEU B 120 24.23 -36.27 -5.99
CA LEU B 120 25.02 -35.98 -7.21
C LEU B 120 26.38 -35.40 -6.80
N PHE B 121 26.50 -34.89 -5.57
CA PHE B 121 27.75 -34.21 -5.14
C PHE B 121 28.94 -35.17 -5.17
N GLU B 122 28.73 -36.40 -4.72
CA GLU B 122 29.88 -37.35 -4.62
C GLU B 122 30.47 -37.58 -6.01
N GLY B 123 29.60 -37.69 -7.02
CA GLY B 123 30.09 -37.95 -8.38
C GLY B 123 30.97 -36.81 -8.83
N ALA B 124 30.59 -35.58 -8.51
CA ALA B 124 31.36 -34.41 -8.99
C ALA B 124 32.76 -34.49 -8.41
N ILE B 125 32.86 -34.89 -7.14
CA ILE B 125 34.21 -35.07 -6.53
C ILE B 125 34.90 -36.18 -7.30
N ALA B 126 34.16 -37.23 -7.66
CA ALA B 126 34.78 -38.40 -8.32
C ALA B 126 35.42 -38.01 -9.66
N GLY B 127 34.74 -37.16 -10.44
CA GLY B 127 35.28 -36.78 -11.77
C GLY B 127 36.35 -35.73 -11.64
N LEU B 128 36.18 -34.78 -10.71
CA LEU B 128 37.14 -33.70 -10.52
C LEU B 128 38.54 -34.22 -10.23
N LYS B 129 38.67 -35.06 -9.19
CA LYS B 129 39.95 -35.64 -8.85
C LYS B 129 40.63 -36.29 -10.05
N GLN B 130 39.84 -36.95 -10.91
CA GLN B 130 40.40 -37.65 -12.04
C GLN B 130 40.51 -36.80 -13.30
N ALA B 131 39.74 -35.71 -13.41
CA ALA B 131 39.75 -34.94 -14.65
C ALA B 131 40.91 -33.98 -14.67
N GLY B 132 41.42 -33.65 -13.48
CA GLY B 132 42.53 -32.73 -13.31
C GLY B 132 42.13 -31.42 -12.68
N LEU B 133 40.84 -31.32 -12.35
CA LEU B 133 40.30 -30.04 -11.81
C LEU B 133 40.47 -30.03 -10.30
N ALA B 134 40.16 -31.12 -9.61
CA ALA B 134 40.35 -31.00 -8.15
C ALA B 134 41.84 -30.77 -7.92
N GLY B 135 42.17 -29.80 -7.10
CA GLY B 135 43.58 -29.47 -6.82
C GLY B 135 43.69 -28.73 -5.53
N PRO B 136 44.87 -28.63 -4.89
CA PRO B 136 45.00 -27.77 -3.73
C PRO B 136 44.53 -26.44 -4.33
N THR B 137 44.64 -26.30 -5.66
CA THR B 137 44.23 -25.06 -6.35
C THR B 137 42.71 -25.01 -6.46
N SER B 138 41.99 -25.95 -5.86
CA SER B 138 40.52 -25.99 -6.04
C SER B 138 39.76 -25.83 -4.72
N ARG B 139 38.76 -24.96 -4.69
CA ARG B 139 37.94 -24.76 -3.48
C ARG B 139 36.51 -25.18 -3.82
N LEU B 140 35.88 -25.99 -2.97
CA LEU B 140 34.54 -26.52 -3.33
C LEU B 140 33.47 -26.03 -2.35
N ALA B 141 32.34 -25.53 -2.87
CA ALA B 141 31.23 -25.12 -2.00
C ALA B 141 30.11 -26.15 -2.11
N LEU B 142 29.29 -26.30 -1.06
CA LEU B 142 28.25 -27.37 -1.06
C LEU B 142 26.89 -26.79 -0.67
N GLU B 143 25.82 -27.34 -1.24
CA GLU B 143 24.44 -26.84 -1.00
C GLU B 143 23.96 -27.13 0.42
N LYS B 144 23.01 -26.36 0.92
CA LYS B 144 22.47 -26.50 2.32
C LYS B 144 21.79 -27.84 2.61
N PRO B 145 21.04 -28.48 1.69
CA PRO B 145 20.23 -29.67 2.00
C PRO B 145 21.02 -30.97 2.02
N LEU B 146 22.37 -30.87 2.00
CA LEU B 146 23.26 -32.06 1.91
C LEU B 146 22.93 -33.16 2.94
N GLY B 147 22.49 -34.32 2.45
CA GLY B 147 22.23 -35.47 3.34
C GLY B 147 20.80 -35.50 3.82
N GLN B 148 20.28 -36.67 4.16
CA GLN B 148 18.92 -36.74 4.77
C GLN B 148 19.09 -37.20 6.22
N ASP B 149 20.26 -37.76 6.53
CA ASP B 149 20.49 -38.33 7.88
C ASP B 149 21.92 -37.99 8.29
N LEU B 150 22.20 -38.00 9.58
CA LEU B 150 23.56 -37.56 9.99
C LEU B 150 24.56 -38.52 9.36
N ALA B 151 24.26 -39.81 9.38
CA ALA B 151 25.20 -40.81 8.85
C ALA B 151 25.40 -40.60 7.35
N SER B 152 24.32 -40.32 6.62
CA SER B 152 24.47 -40.02 5.18
C SER B 152 25.28 -38.74 4.99
N SER B 153 24.99 -37.71 5.80
CA SER B 153 25.75 -36.45 5.70
C SER B 153 27.20 -36.71 6.08
N ASP B 154 27.40 -37.49 7.14
CA ASP B 154 28.78 -37.81 7.58
C ASP B 154 29.45 -38.62 6.46
N HIS B 155 28.70 -39.53 5.84
CA HIS B 155 29.28 -40.28 4.71
C HIS B 155 29.84 -39.29 3.69
N ILE B 156 29.00 -38.42 3.15
CA ILE B 156 29.47 -37.52 2.06
C ILE B 156 30.58 -36.62 2.59
N ASN B 157 30.44 -36.10 3.81
CA ASN B 157 31.45 -35.14 4.31
C ASN B 157 32.80 -35.85 4.40
N ASP B 158 32.79 -37.09 4.88
CA ASP B 158 34.07 -37.80 5.09
C ASP B 158 34.77 -37.97 3.74
N ALA B 159 34.00 -38.32 2.71
CA ALA B 159 34.59 -38.54 1.38
C ALA B 159 35.20 -37.23 0.86
N VAL B 160 34.44 -36.14 0.96
CA VAL B 160 34.94 -34.82 0.45
C VAL B 160 36.20 -34.47 1.23
N LEU B 161 36.19 -34.75 2.53
CA LEU B 161 37.33 -34.31 3.36
C LEU B 161 38.60 -34.98 2.87
N LYS B 162 38.56 -36.26 2.53
CA LYS B 162 39.81 -36.86 2.01
C LYS B 162 40.20 -36.17 0.71
N VAL B 163 39.23 -35.95 -0.18
CA VAL B 163 39.51 -35.22 -1.45
C VAL B 163 39.90 -33.77 -1.17
N PHE B 164 39.22 -33.10 -0.24
CA PHE B 164 39.46 -31.65 -0.05
C PHE B 164 39.69 -31.26 1.41
N SER B 165 40.57 -30.28 1.63
CA SER B 165 40.82 -29.76 2.99
C SER B 165 39.59 -28.95 3.42
N GLU B 166 39.36 -28.80 4.73
CA GLU B 166 38.13 -28.13 5.19
C GLU B 166 38.14 -26.71 4.64
N LYS B 167 39.31 -26.07 4.61
CA LYS B 167 39.36 -24.66 4.16
C LYS B 167 38.90 -24.59 2.71
N GLN B 168 39.31 -25.56 1.88
CA GLN B 168 38.88 -25.58 0.46
C GLN B 168 37.36 -25.74 0.43
N VAL B 169 36.82 -26.57 1.31
CA VAL B 169 35.33 -26.71 1.38
C VAL B 169 34.74 -25.38 1.87
N TYR B 170 33.60 -24.99 1.31
CA TYR B 170 32.90 -23.76 1.76
C TYR B 170 31.44 -24.16 1.93
N ARG B 171 31.08 -24.64 3.11
CA ARG B 171 29.73 -25.16 3.24
C ARG B 171 28.73 -24.02 3.23
N ILE B 172 27.82 -24.06 2.27
CA ILE B 172 26.85 -23.03 1.93
C ILE B 172 25.53 -23.17 2.68
N ASP B 173 25.10 -22.06 3.28
CA ASP B 173 23.71 -21.81 3.75
C ASP B 173 23.33 -20.41 3.28
N HIS B 174 22.27 -20.31 2.48
CA HIS B 174 21.90 -19.00 1.94
C HIS B 174 21.41 -18.07 3.04
N TYR B 175 20.78 -18.60 4.10
CA TYR B 175 20.25 -17.73 5.15
C TYR B 175 21.35 -16.90 5.77
N LEU B 176 22.54 -17.47 5.97
CA LEU B 176 23.61 -16.73 6.63
C LEU B 176 24.07 -15.51 5.85
N GLY B 177 23.50 -15.24 4.67
CA GLY B 177 23.97 -14.15 3.83
C GLY B 177 22.93 -13.07 3.78
N LYS B 178 21.71 -13.45 4.12
CA LYS B 178 20.63 -12.48 4.20
C LYS B 178 21.00 -11.40 5.20
N GLU B 179 20.86 -10.14 4.75
CA GLU B 179 21.27 -8.98 5.53
C GLU B 179 20.60 -8.92 6.90
N THR B 180 19.28 -9.10 6.94
CA THR B 180 18.58 -9.09 8.22
C THR B 180 19.07 -10.22 9.11
N VAL B 181 19.47 -11.35 8.50
CA VAL B 181 20.06 -12.45 9.24
C VAL B 181 21.44 -12.04 9.77
N GLN B 182 22.17 -11.24 9.01
CA GLN B 182 23.54 -10.88 9.40
C GLN B 182 23.56 -9.90 10.55
N ASN B 183 22.67 -8.91 10.56
CA ASN B 183 22.84 -7.90 11.58
C ASN B 183 22.27 -8.34 12.90
N LEU B 184 21.71 -9.55 12.94
CA LEU B 184 21.07 -10.06 14.13
C LEU B 184 22.04 -9.94 15.29
N LEU B 185 23.27 -10.43 15.09
CA LEU B 185 24.30 -10.30 16.12
C LEU B 185 24.63 -8.84 16.43
N THR B 186 24.67 -7.96 15.42
CA THR B 186 24.90 -6.55 15.72
C THR B 186 23.80 -5.98 16.59
N LEU B 187 22.56 -6.30 16.25
CA LEU B 187 21.39 -5.96 17.05
C LEU B 187 21.57 -6.40 18.50
N ARG B 188 21.97 -7.65 18.66
CA ARG B 188 22.01 -8.23 19.99
C ARG B 188 23.19 -7.70 20.80
N PHE B 189 24.39 -7.67 20.22
CA PHE B 189 25.57 -7.37 21.01
C PHE B 189 26.17 -5.99 20.78
N GLY B 190 25.70 -5.25 19.78
CA GLY B 190 26.07 -3.86 19.68
C GLY B 190 25.13 -2.97 20.47
N ASN B 191 24.14 -3.56 21.13
CA ASN B 191 23.15 -2.78 21.91
C ASN B 191 23.01 -3.38 23.30
N ALA B 192 23.22 -2.60 24.35
CA ALA B 192 23.19 -3.21 25.70
C ALA B 192 21.76 -3.38 26.19
N LEU B 193 20.78 -2.69 25.59
CA LEU B 193 19.41 -2.79 26.15
C LEU B 193 18.89 -4.23 26.03
N PHE B 194 19.14 -4.88 24.89
CA PHE B 194 18.62 -6.24 24.61
C PHE B 194 19.18 -7.35 25.52
N GLU B 195 20.49 -7.36 25.78
CA GLU B 195 21.12 -8.49 26.52
C GLU B 195 20.57 -8.74 27.93
N PRO B 196 20.26 -7.73 28.78
CA PRO B 196 19.84 -8.01 30.15
C PRO B 196 18.55 -8.81 30.09
N LEU B 197 17.66 -8.41 29.20
CA LEU B 197 16.37 -9.11 28.97
C LEU B 197 16.60 -10.51 28.40
N TRP B 198 17.68 -10.75 27.65
CA TRP B 198 17.84 -12.04 26.90
C TRP B 198 18.31 -13.10 27.88
N ASN B 199 17.37 -13.64 28.64
CA ASN B 199 17.68 -14.63 29.69
C ASN B 199 16.39 -15.39 29.98
N SER B 200 16.46 -16.44 30.79
CA SER B 200 15.22 -17.13 31.19
C SER B 200 14.38 -16.09 31.91
N LYS B 201 15.02 -15.23 32.72
CA LYS B 201 14.31 -14.11 33.36
C LYS B 201 14.30 -12.92 32.40
N GLY B 202 13.13 -12.43 31.99
CA GLY B 202 13.03 -11.36 30.98
C GLY B 202 12.70 -11.82 29.58
N ILE B 203 12.49 -13.12 29.32
CA ILE B 203 12.01 -13.58 27.98
C ILE B 203 11.05 -14.74 28.19
N ASP B 204 9.84 -14.64 27.65
CA ASP B 204 8.85 -15.69 27.88
C ASP B 204 9.00 -16.81 26.88
N HIS B 205 9.36 -16.45 25.66
CA HIS B 205 9.54 -17.35 24.53
C HIS B 205 10.05 -16.61 23.30
N VAL B 206 10.70 -17.34 22.41
CA VAL B 206 11.11 -16.77 21.14
C VAL B 206 10.17 -17.38 20.12
N GLN B 207 9.98 -16.68 19.00
CA GLN B 207 8.98 -17.09 18.03
C GLN B 207 9.56 -16.75 16.67
N ILE B 208 9.85 -17.82 15.90
CA ILE B 208 10.35 -17.66 14.54
C ILE B 208 9.36 -18.20 13.55
N SER B 209 9.20 -17.42 12.47
CA SER B 209 8.37 -17.82 11.35
C SER B 209 8.87 -17.52 9.93
N VAL B 210 9.38 -18.51 9.18
CA VAL B 210 9.58 -18.32 7.75
C VAL B 210 8.31 -18.77 7.06
N ALA B 211 7.60 -17.81 6.49
CA ALA B 211 6.34 -18.07 5.85
C ALA B 211 6.46 -17.96 4.34
N GLU B 212 5.70 -18.81 3.65
CA GLU B 212 5.66 -18.83 2.20
C GLU B 212 4.23 -19.01 1.71
N THR B 213 3.87 -18.25 0.69
CA THR B 213 2.60 -18.45 0.00
C THR B 213 2.69 -19.54 -1.06
N VAL B 214 3.89 -19.78 -1.59
CA VAL B 214 4.01 -20.69 -2.79
C VAL B 214 4.42 -22.11 -2.42
N GLY B 215 3.59 -23.10 -2.79
CA GLY B 215 3.94 -24.53 -2.62
C GLY B 215 4.96 -24.95 -3.67
N LEU B 216 5.69 -26.04 -3.44
CA LEU B 216 6.61 -26.43 -4.53
C LEU B 216 5.71 -26.72 -5.72
N GLU B 217 6.12 -26.31 -6.91
CA GLU B 217 5.37 -26.72 -8.12
C GLU B 217 6.31 -27.68 -8.86
N GLY B 218 7.38 -27.17 -9.47
CA GLY B 218 8.41 -28.00 -10.10
C GLY B 218 9.15 -28.88 -9.12
N ARG B 219 9.43 -28.38 -7.91
CA ARG B 219 10.34 -29.09 -6.96
C ARG B 219 9.62 -30.12 -6.08
N ILE B 220 8.33 -30.34 -6.26
CA ILE B 220 7.62 -31.25 -5.31
C ILE B 220 8.29 -32.62 -5.39
N GLY B 221 8.68 -33.04 -6.59
CA GLY B 221 9.25 -34.39 -6.73
C GLY B 221 10.52 -34.56 -5.91
N TYR B 222 11.38 -33.54 -5.91
CA TYR B 222 12.66 -33.63 -5.15
C TYR B 222 12.36 -33.32 -3.68
N PHE B 223 11.44 -32.38 -3.44
CA PHE B 223 11.04 -32.05 -2.08
C PHE B 223 10.57 -33.25 -1.32
N ASP B 224 9.70 -34.06 -1.93
CA ASP B 224 9.07 -35.18 -1.20
C ASP B 224 10.08 -35.98 -0.40
N SER B 225 11.36 -35.89 -0.78
CA SER B 225 12.47 -36.54 -0.12
C SER B 225 12.71 -35.89 1.23
N SER B 226 13.02 -34.59 1.14
CA SER B 226 13.32 -33.78 2.34
C SER B 226 12.06 -33.06 2.78
N GLY B 227 11.70 -33.24 4.04
CA GLY B 227 10.48 -32.62 4.57
C GLY B 227 10.71 -31.14 4.74
N SER B 228 9.65 -30.39 4.95
CA SER B 228 9.81 -28.92 5.05
C SER B 228 10.77 -28.73 6.21
N LEU B 229 10.65 -29.55 7.25
CA LEU B 229 11.64 -29.44 8.35
C LEU B 229 13.04 -29.75 7.82
N ARG B 230 13.24 -30.80 7.03
CA ARG B 230 14.62 -31.03 6.53
C ARG B 230 15.09 -29.90 5.62
N ASP B 231 14.23 -29.45 4.70
CA ASP B 231 14.68 -28.45 3.70
C ASP B 231 15.06 -27.14 4.39
N MET B 232 14.24 -26.70 5.35
CA MET B 232 14.53 -25.38 5.95
C MET B 232 15.10 -25.44 7.37
N VAL B 233 14.48 -26.20 8.27
CA VAL B 233 14.91 -26.12 9.69
C VAL B 233 16.36 -26.60 9.86
N GLN B 234 16.76 -27.65 9.17
CA GLN B 234 18.14 -28.16 9.40
C GLN B 234 19.12 -27.01 9.26
N SER B 235 19.11 -26.32 8.13
CA SER B 235 20.09 -25.29 7.90
C SER B 235 19.55 -23.91 8.28
N HIS B 236 18.59 -23.40 7.51
CA HIS B 236 18.17 -22.01 7.62
C HIS B 236 17.67 -21.63 9.00
N ILE B 237 16.52 -22.16 9.40
CA ILE B 237 15.91 -21.71 10.66
C ILE B 237 16.77 -22.10 11.87
N LEU B 238 17.52 -23.20 11.79
CA LEU B 238 18.34 -23.60 12.94
C LEU B 238 19.50 -22.66 13.18
N GLN B 239 20.00 -22.02 12.12
CA GLN B 239 20.97 -20.95 12.27
C GLN B 239 20.36 -19.75 12.99
N LEU B 240 19.14 -19.40 12.63
CA LEU B 240 18.47 -18.28 13.29
C LEU B 240 18.47 -18.46 14.81
N VAL B 241 18.18 -19.68 15.25
CA VAL B 241 18.18 -20.04 16.66
C VAL B 241 19.54 -19.73 17.27
N ALA B 242 20.60 -20.08 16.57
CA ALA B 242 21.94 -19.79 17.06
C ALA B 242 22.11 -18.29 17.27
N LEU B 243 21.80 -17.48 16.24
CA LEU B 243 21.98 -16.04 16.33
C LEU B 243 21.13 -15.40 17.42
N VAL B 244 19.94 -15.96 17.69
CA VAL B 244 19.02 -15.38 18.66
C VAL B 244 19.33 -15.86 20.07
N ALA B 245 20.12 -16.92 20.21
CA ALA B 245 20.47 -17.48 21.50
C ALA B 245 21.97 -17.54 21.79
N MET B 246 22.85 -17.40 20.79
CA MET B 246 24.27 -17.66 21.02
C MET B 246 24.84 -16.72 22.06
N GLU B 247 25.63 -17.31 22.96
CA GLU B 247 26.30 -16.48 23.97
C GLU B 247 27.31 -15.64 23.20
N PRO B 248 27.69 -14.45 23.67
CA PRO B 248 28.56 -13.59 22.87
C PRO B 248 29.96 -14.12 22.59
N PRO B 249 30.47 -13.98 21.35
CA PRO B 249 31.85 -14.33 21.05
C PRO B 249 32.66 -13.27 21.77
N ALA B 250 33.85 -13.59 22.29
CA ALA B 250 34.61 -12.49 22.92
C ALA B 250 34.92 -11.47 21.83
N HIS B 251 35.27 -11.95 20.65
CA HIS B 251 35.49 -11.05 19.49
C HIS B 251 34.84 -11.73 18.30
N MET B 252 34.48 -10.99 17.26
CA MET B 252 33.79 -11.73 16.20
C MET B 252 34.85 -12.39 15.34
N GLU B 253 34.93 -13.72 15.40
CA GLU B 253 35.87 -14.51 14.58
C GLU B 253 35.06 -15.58 13.87
N ALA B 254 35.28 -15.76 12.57
CA ALA B 254 34.44 -16.72 11.82
C ALA B 254 34.30 -18.02 12.60
N ASN B 255 35.39 -18.53 13.15
CA ASN B 255 35.34 -19.88 13.78
C ASN B 255 34.71 -19.76 15.15
N ALA B 256 35.09 -18.74 15.91
CA ALA B 256 34.54 -18.57 17.27
C ALA B 256 33.04 -18.32 17.21
N VAL B 257 32.60 -17.50 16.24
CA VAL B 257 31.13 -17.30 16.09
C VAL B 257 30.50 -18.63 15.71
N ARG B 258 31.11 -19.38 14.79
CA ARG B 258 30.59 -20.71 14.43
C ARG B 258 30.69 -21.59 15.67
N ASP B 259 31.79 -21.47 16.39
CA ASP B 259 32.00 -22.28 17.61
C ASP B 259 30.83 -22.00 18.55
N GLU B 260 30.51 -20.73 18.75
CA GLU B 260 29.44 -20.47 19.72
C GLU B 260 28.07 -20.87 19.22
N LYS B 261 27.85 -20.91 17.92
CA LYS B 261 26.61 -21.46 17.41
C LYS B 261 26.53 -22.95 17.74
N VAL B 262 27.58 -23.70 17.40
CA VAL B 262 27.71 -25.12 17.72
C VAL B 262 27.32 -25.38 19.17
N LYS B 263 27.80 -24.53 20.09
CA LYS B 263 27.42 -24.66 21.49
C LYS B 263 25.91 -24.54 21.67
N VAL B 264 25.30 -23.58 20.99
CA VAL B 264 23.84 -23.45 20.99
C VAL B 264 23.19 -24.66 20.35
N PHE B 265 23.69 -25.09 19.18
CA PHE B 265 23.15 -26.28 18.53
C PHE B 265 23.12 -27.46 19.49
N ARG B 266 24.17 -27.63 20.27
CA ARG B 266 24.32 -28.77 21.18
C ARG B 266 23.54 -28.63 22.48
N ALA B 267 22.98 -27.47 22.77
CA ALA B 267 22.26 -27.29 24.02
C ALA B 267 20.76 -27.37 23.83
N LEU B 268 20.31 -27.80 22.65
CA LEU B 268 18.89 -27.97 22.44
C LEU B 268 18.38 -29.22 23.14
N ARG B 269 17.21 -29.09 23.75
CA ARG B 269 16.61 -30.20 24.46
C ARG B 269 16.27 -31.30 23.47
N PRO B 270 16.70 -32.54 23.71
CA PRO B 270 16.45 -33.58 22.73
C PRO B 270 14.95 -33.80 22.53
N ILE B 271 14.54 -33.67 21.28
CA ILE B 271 13.20 -34.09 20.85
C ILE B 271 13.33 -35.57 20.52
N ASN B 272 12.96 -36.42 21.46
CA ASN B 272 13.06 -37.86 21.25
C ASN B 272 11.85 -38.41 20.53
N ASN B 273 11.47 -39.64 20.87
CA ASN B 273 10.24 -40.23 20.39
C ASN B 273 9.05 -39.97 21.33
N ASP B 274 9.31 -39.51 22.56
CA ASP B 274 8.28 -39.18 23.54
C ASP B 274 7.95 -37.67 23.54
N THR B 275 8.95 -36.80 23.28
CA THR B 275 8.71 -35.37 23.15
C THR B 275 8.32 -34.97 21.69
N VAL B 276 7.85 -35.88 20.85
CA VAL B 276 7.51 -35.47 19.49
C VAL B 276 6.01 -35.28 19.34
N ILE B 277 5.24 -36.16 19.98
CA ILE B 277 3.81 -36.03 20.08
C ILE B 277 3.42 -34.71 20.73
N THR B 278 4.18 -34.25 21.75
CA THR B 278 3.79 -33.02 22.45
C THR B 278 4.43 -31.73 21.90
N HIS B 279 5.69 -31.78 21.40
CA HIS B 279 6.43 -30.58 21.01
C HIS B 279 6.66 -30.39 19.50
N THR B 280 6.06 -31.21 18.62
CA THR B 280 6.17 -30.97 17.18
C THR B 280 4.81 -31.12 16.51
N VAL B 281 4.70 -30.57 15.30
CA VAL B 281 3.50 -30.66 14.47
C VAL B 281 3.93 -30.72 13.01
N THR B 282 3.28 -31.60 12.24
CA THR B 282 3.51 -31.74 10.82
C THR B 282 2.26 -31.30 10.06
N GLY B 283 2.45 -30.92 8.81
CA GLY B 283 1.35 -30.48 7.97
C GLY B 283 1.63 -30.79 6.52
N GLN B 284 0.57 -30.88 5.73
CA GLN B 284 0.70 -31.04 4.28
C GLN B 284 -0.31 -30.14 3.60
N TYR B 285 0.11 -29.38 2.59
CA TYR B 285 -0.83 -28.41 2.06
C TYR B 285 -1.86 -29.12 1.20
N GLY B 286 -3.12 -28.97 1.62
CA GLY B 286 -4.27 -29.47 0.92
C GLY B 286 -4.56 -28.53 -0.24
N ALA B 287 -5.81 -28.50 -0.67
CA ALA B 287 -6.26 -27.63 -1.75
C ALA B 287 -7.03 -26.41 -1.25
N GLY B 288 -6.81 -25.26 -1.87
CA GLY B 288 -7.51 -24.05 -1.48
C GLY B 288 -7.38 -22.91 -2.47
N VAL B 289 -7.10 -21.71 -1.96
CA VAL B 289 -6.99 -20.52 -2.77
C VAL B 289 -5.61 -19.91 -2.56
N SER B 290 -4.95 -19.57 -3.66
CA SER B 290 -3.70 -18.83 -3.63
C SER B 290 -3.85 -17.68 -4.61
N GLY B 291 -4.00 -16.46 -4.09
CA GLY B 291 -4.18 -15.29 -4.94
C GLY B 291 -5.51 -15.19 -5.66
N GLY B 292 -6.60 -15.29 -4.90
CA GLY B 292 -7.92 -15.33 -5.50
C GLY B 292 -8.09 -16.48 -6.49
N LYS B 293 -7.06 -17.32 -6.62
CA LYS B 293 -6.99 -18.39 -7.60
C LYS B 293 -6.99 -19.74 -6.91
N GLU B 294 -7.60 -20.72 -7.56
CA GLU B 294 -7.59 -22.06 -6.99
C GLU B 294 -6.30 -22.79 -7.35
N VAL B 295 -5.65 -23.37 -6.34
CA VAL B 295 -4.40 -24.09 -6.57
C VAL B 295 -4.54 -25.47 -5.96
N ALA B 296 -3.75 -26.41 -6.45
CA ALA B 296 -4.02 -27.78 -6.07
C ALA B 296 -3.21 -28.22 -4.87
N GLY B 297 -3.62 -29.38 -4.33
CA GLY B 297 -2.96 -30.00 -3.21
C GLY B 297 -1.65 -30.70 -3.55
N TYR B 298 -0.96 -31.09 -2.48
CA TYR B 298 0.31 -31.81 -2.60
C TYR B 298 0.15 -33.10 -3.40
N ILE B 299 -0.68 -34.00 -2.89
CA ILE B 299 -0.94 -35.27 -3.57
C ILE B 299 -1.56 -35.08 -4.95
N ASP B 300 -2.35 -34.03 -5.19
CA ASP B 300 -2.76 -33.81 -6.57
C ASP B 300 -1.58 -33.39 -7.41
N GLU B 301 -0.85 -32.39 -6.92
CA GLU B 301 0.34 -31.90 -7.64
C GLU B 301 1.32 -33.05 -7.81
N LEU B 302 1.58 -33.80 -6.74
CA LEU B 302 2.44 -35.00 -6.86
C LEU B 302 1.51 -36.21 -6.73
N GLY B 303 1.46 -37.07 -7.74
CA GLY B 303 0.48 -38.17 -7.73
C GLY B 303 0.67 -39.14 -6.59
N GLN B 304 1.92 -39.52 -6.32
CA GLN B 304 2.21 -40.53 -5.28
C GLN B 304 1.62 -40.07 -3.95
N PRO B 305 0.86 -40.92 -3.22
CA PRO B 305 0.40 -40.52 -1.91
C PRO B 305 1.66 -40.34 -1.07
N SER B 306 1.72 -39.29 -0.26
CA SER B 306 2.94 -39.03 0.53
C SER B 306 2.59 -38.53 1.94
N ASP B 307 3.47 -38.80 2.91
CA ASP B 307 3.29 -38.30 4.29
C ASP B 307 4.18 -37.07 4.49
N THR B 308 4.77 -36.57 3.40
CA THR B 308 5.72 -35.43 3.50
C THR B 308 5.07 -34.17 4.05
N GLU B 309 5.81 -33.40 4.87
CA GLU B 309 5.37 -32.15 5.44
C GLU B 309 5.70 -30.98 4.51
N THR B 310 4.67 -30.25 4.10
CA THR B 310 4.85 -28.97 3.43
C THR B 310 4.83 -27.86 4.43
N PHE B 311 4.74 -28.24 5.69
CA PHE B 311 4.60 -27.37 6.84
C PHE B 311 5.15 -28.15 8.02
N VAL B 312 5.74 -27.41 8.94
CA VAL B 312 6.28 -28.00 10.15
C VAL B 312 6.04 -26.98 11.22
N ALA B 313 6.34 -27.36 12.45
CA ALA B 313 6.20 -26.47 13.59
C ALA B 313 6.84 -27.18 14.76
N ILE B 314 7.69 -26.49 15.52
CA ILE B 314 8.47 -27.11 16.57
C ILE B 314 8.30 -26.25 17.82
N LYS B 315 8.47 -26.87 18.98
CA LYS B 315 8.64 -26.11 20.21
C LYS B 315 10.02 -26.49 20.78
N ALA B 316 11.06 -25.82 20.29
CA ALA B 316 12.40 -26.22 20.72
C ALA B 316 12.77 -25.54 22.03
N HIS B 317 13.73 -26.14 22.72
CA HIS B 317 14.16 -25.65 24.01
C HIS B 317 15.68 -25.61 24.06
N VAL B 318 16.22 -24.46 24.44
CA VAL B 318 17.64 -24.35 24.74
C VAL B 318 17.79 -24.44 26.25
N ASP B 319 18.52 -25.45 26.71
CA ASP B 319 18.57 -25.70 28.13
C ASP B 319 19.93 -25.32 28.70
N ASN B 320 20.31 -24.05 28.63
CA ASN B 320 21.51 -23.60 29.29
C ASN B 320 21.11 -22.60 30.37
N TRP B 321 22.11 -22.08 31.09
CA TRP B 321 21.83 -20.99 32.02
C TRP B 321 20.93 -19.90 31.49
N ARG B 322 21.28 -19.35 30.33
CA ARG B 322 20.54 -18.22 29.80
C ARG B 322 19.12 -18.62 29.43
N TRP B 323 18.95 -19.78 28.80
CA TRP B 323 17.72 -20.10 28.08
C TRP B 323 16.91 -21.23 28.67
N HIS B 324 17.39 -21.90 29.72
CA HIS B 324 16.62 -23.02 30.27
C HIS B 324 15.20 -22.58 30.60
N GLY B 325 14.24 -23.15 29.89
CA GLY B 325 12.85 -22.88 30.14
C GLY B 325 12.21 -21.81 29.29
N VAL B 326 12.87 -21.37 28.23
CA VAL B 326 12.32 -20.40 27.28
C VAL B 326 11.86 -21.17 26.05
N PRO B 327 10.57 -21.26 25.77
CA PRO B 327 10.10 -22.01 24.60
C PRO B 327 10.46 -21.32 23.28
N PHE B 328 10.84 -22.13 22.30
CA PHE B 328 11.21 -21.63 20.97
C PHE B 328 10.24 -22.20 19.94
N TYR B 329 9.41 -21.34 19.34
CA TYR B 329 8.38 -21.85 18.39
C TYR B 329 8.85 -21.62 16.96
N ILE B 330 9.04 -22.70 16.17
CA ILE B 330 9.56 -22.57 14.78
C ILE B 330 8.45 -23.02 13.81
N ARG B 331 8.13 -22.19 12.82
CA ARG B 331 7.01 -22.52 11.90
C ARG B 331 7.36 -22.31 10.41
N THR B 332 8.23 -23.12 9.81
CA THR B 332 8.42 -23.01 8.34
C THR B 332 7.16 -23.53 7.66
N GLY B 333 6.73 -22.90 6.57
CA GLY B 333 5.46 -23.32 5.94
C GLY B 333 5.44 -23.15 4.43
N LYS B 334 4.61 -23.93 3.73
CA LYS B 334 4.44 -23.73 2.28
C LYS B 334 2.95 -23.45 2.07
N ARG B 335 2.59 -22.77 0.98
CA ARG B 335 1.18 -22.33 0.81
C ARG B 335 0.59 -21.80 2.12
N LEU B 336 1.26 -20.80 2.67
CA LEU B 336 0.76 -20.15 3.87
C LEU B 336 0.16 -18.78 3.50
N PRO B 337 -0.53 -18.11 4.43
CA PRO B 337 -1.16 -16.83 4.06
C PRO B 337 -0.19 -15.76 3.58
N ALA B 338 1.10 -15.83 3.91
CA ALA B 338 1.98 -14.72 3.56
C ALA B 338 3.43 -15.19 3.46
N ARG B 339 4.25 -14.38 2.76
CA ARG B 339 5.70 -14.55 2.77
C ARG B 339 6.28 -13.57 3.79
N ARG B 340 6.34 -14.00 5.05
CA ARG B 340 6.85 -13.11 6.10
C ARG B 340 7.73 -13.94 7.02
N SER B 341 9.05 -13.79 6.88
CA SER B 341 9.94 -14.38 7.86
C SER B 341 10.11 -13.39 8.99
N GLU B 342 9.94 -13.87 10.23
CA GLU B 342 9.84 -12.93 11.34
C GLU B 342 10.15 -13.60 12.67
N ILE B 343 11.14 -13.06 13.37
CA ILE B 343 11.46 -13.46 14.74
C ILE B 343 10.70 -12.53 15.67
N VAL B 344 10.11 -13.08 16.74
CA VAL B 344 9.39 -12.25 17.71
C VAL B 344 9.77 -12.65 19.14
N VAL B 345 10.89 -12.13 19.63
CA VAL B 345 11.22 -12.25 21.04
C VAL B 345 10.10 -11.59 21.87
N GLN B 346 9.38 -12.40 22.63
CA GLN B 346 8.40 -11.87 23.58
C GLN B 346 9.00 -11.94 24.98
N PHE B 347 8.97 -10.81 25.69
CA PHE B 347 9.62 -10.64 26.97
C PHE B 347 8.66 -10.94 28.12
N LYS B 348 9.24 -11.21 29.29
CA LYS B 348 8.42 -11.46 30.45
C LYS B 348 7.60 -10.22 30.84
N PRO B 349 6.34 -10.41 31.24
CA PRO B 349 5.46 -9.28 31.57
C PRO B 349 5.97 -8.57 32.82
N VAL B 350 5.40 -7.40 33.07
CA VAL B 350 5.82 -6.62 34.25
C VAL B 350 5.74 -7.47 35.49
N PRO B 351 6.73 -7.41 36.40
CA PRO B 351 6.62 -8.22 37.62
C PRO B 351 5.40 -7.89 38.45
N HIS B 352 4.81 -6.71 38.24
CA HIS B 352 3.68 -6.24 39.01
C HIS B 352 3.01 -5.17 38.16
N SER B 353 1.69 -5.20 38.15
CA SER B 353 0.92 -4.15 37.52
C SER B 353 0.58 -3.19 38.64
N ILE B 354 1.36 -2.10 38.70
CA ILE B 354 1.06 -1.01 39.68
C ILE B 354 -0.11 -0.23 39.09
N PHE B 355 -0.80 -0.81 38.12
CA PHE B 355 -1.90 -0.09 37.43
C PHE B 355 -3.17 -0.95 37.48
N SER B 356 -4.33 -0.30 37.51
CA SER B 356 -5.60 -1.05 37.62
C SER B 356 -5.79 -1.94 36.40
N SER B 357 -6.31 -3.15 36.61
CA SER B 357 -6.55 -4.10 35.50
C SER B 357 -7.56 -3.53 34.52
N SER B 358 -8.57 -2.82 35.02
CA SER B 358 -9.67 -2.38 34.13
C SER B 358 -9.14 -1.48 33.02
N GLY B 359 -8.23 -0.58 33.32
CA GLY B 359 -7.67 0.24 32.25
C GLY B 359 -6.44 -0.34 31.59
N GLY B 360 -5.94 -1.47 32.10
CA GLY B 360 -4.64 -1.94 31.56
C GLY B 360 -4.66 -3.26 30.84
N ILE B 361 -4.14 -3.27 29.60
CA ILE B 361 -3.97 -4.57 28.89
C ILE B 361 -2.63 -5.07 29.40
N LEU B 362 -1.67 -4.16 29.55
CA LEU B 362 -0.35 -4.53 30.11
C LEU B 362 0.23 -5.67 29.29
N GLN B 363 0.07 -5.60 27.97
CA GLN B 363 0.57 -6.66 27.08
C GLN B 363 2.10 -6.67 27.14
N PRO B 364 2.75 -7.84 27.07
CA PRO B 364 4.20 -7.94 27.16
C PRO B 364 4.94 -7.29 25.98
N ASN B 365 6.11 -6.70 26.24
CA ASN B 365 6.94 -6.09 25.17
C ASN B 365 7.44 -7.18 24.23
N LYS B 366 7.52 -6.88 22.93
CA LYS B 366 7.93 -7.91 21.94
C LYS B 366 8.87 -7.32 20.89
N LEU B 367 10.04 -7.95 20.68
CA LEU B 367 10.98 -7.50 19.67
C LEU B 367 10.70 -8.31 18.41
N ARG B 368 10.27 -7.63 17.38
CA ARG B 368 9.87 -8.26 16.14
C ARG B 368 10.88 -7.85 15.06
N ILE B 369 11.66 -8.81 14.63
CA ILE B 369 12.57 -8.58 13.52
C ILE B 369 11.88 -9.19 12.31
N VAL B 370 11.56 -8.35 11.34
CA VAL B 370 10.96 -8.81 10.10
C VAL B 370 12.10 -8.96 9.10
N LEU B 371 12.38 -10.20 8.70
CA LEU B 371 13.56 -10.41 7.88
C LEU B 371 13.28 -10.33 6.39
N GLN B 372 12.03 -10.50 6.01
CA GLN B 372 11.59 -10.52 4.62
C GLN B 372 10.07 -10.43 4.58
N PRO B 373 9.49 -9.93 3.48
CA PRO B 373 10.20 -9.40 2.30
C PRO B 373 10.74 -8.04 2.69
N ASP B 374 10.09 -7.48 3.72
CA ASP B 374 10.47 -6.19 4.26
C ASP B 374 11.41 -6.34 5.43
N GLU B 375 12.35 -5.42 5.49
CA GLU B 375 13.23 -5.33 6.63
C GLU B 375 12.62 -4.31 7.59
N THR B 376 12.27 -4.79 8.78
CA THR B 376 11.47 -3.98 9.69
C THR B 376 11.62 -4.50 11.12
N ILE B 377 12.52 -3.90 11.82
CA ILE B 377 12.73 -4.15 13.24
C ILE B 377 11.73 -3.33 14.01
N GLN B 378 11.14 -3.88 15.06
CA GLN B 378 10.21 -3.05 15.85
C GLN B 378 10.12 -3.55 17.29
N ILE B 379 9.68 -2.68 18.19
CA ILE B 379 9.50 -3.06 19.61
C ILE B 379 8.10 -2.58 20.03
N SER B 380 7.46 -3.28 20.95
CA SER B 380 6.07 -2.94 21.34
C SER B 380 6.11 -2.41 22.76
N ILE B 381 5.45 -1.27 22.98
CA ILE B 381 5.40 -0.66 24.33
C ILE B 381 3.93 -0.37 24.61
N MET B 382 3.55 -0.37 25.89
CA MET B 382 2.15 0.00 26.21
C MET B 382 2.18 1.44 26.75
N VAL B 383 1.38 2.32 26.16
CA VAL B 383 1.40 3.76 26.54
C VAL B 383 -0.03 4.20 26.83
N LYS B 384 -0.22 5.13 27.78
CA LYS B 384 -1.60 5.54 28.14
C LYS B 384 -2.25 6.22 26.95
N GLU B 385 -3.53 5.94 26.70
CA GLU B 385 -4.26 6.61 25.60
C GLU B 385 -4.50 8.06 26.01
N PRO B 386 -4.58 9.04 25.09
CA PRO B 386 -4.76 10.40 25.53
C PRO B 386 -6.25 10.67 25.71
N GLY B 387 -6.68 10.77 26.97
CA GLY B 387 -8.08 11.10 27.29
C GLY B 387 -8.13 11.61 28.71
N LEU B 388 -9.21 12.28 29.13
CA LEU B 388 -9.26 12.62 30.58
C LEU B 388 -10.18 11.59 31.23
N ASP B 389 -9.64 10.73 32.09
CA ASP B 389 -10.49 9.76 32.82
C ASP B 389 -10.17 9.86 34.30
N ARG B 390 -11.19 10.00 35.15
CA ARG B 390 -10.97 9.99 36.62
C ARG B 390 -10.42 8.63 37.07
N ASN B 391 -10.97 7.53 36.52
CA ASN B 391 -10.60 6.18 37.02
C ASN B 391 -10.39 5.19 35.88
N GLY B 392 -9.60 4.14 36.11
CA GLY B 392 -9.47 3.09 35.08
C GLY B 392 -9.01 3.66 33.75
N ALA B 393 -8.05 4.60 33.78
CA ALA B 393 -7.69 5.23 32.49
C ALA B 393 -7.15 4.14 31.57
N HIS B 394 -7.57 4.15 30.31
CA HIS B 394 -7.16 3.12 29.34
C HIS B 394 -5.69 3.28 28.95
N MET B 395 -5.00 2.16 28.72
CA MET B 395 -3.58 2.20 28.26
C MET B 395 -3.52 1.42 26.94
N ARG B 396 -2.86 1.94 25.92
CA ARG B 396 -2.86 1.28 24.60
C ARG B 396 -1.46 0.80 24.23
N GLU B 397 -1.31 -0.46 23.82
CA GLU B 397 0.01 -0.93 23.34
C GLU B 397 0.35 -0.20 22.05
N VAL B 398 1.62 0.18 21.89
CA VAL B 398 2.04 0.96 20.68
C VAL B 398 3.37 0.39 20.21
N TRP B 399 3.70 0.56 18.93
CA TRP B 399 4.93 -0.09 18.41
C TRP B 399 5.95 0.93 17.92
N LEU B 400 7.21 0.77 18.31
CA LEU B 400 8.28 1.60 17.81
C LEU B 400 8.80 0.87 16.58
N ASP B 401 8.53 1.43 15.40
CA ASP B 401 8.82 0.79 14.12
C ASP B 401 10.10 1.34 13.52
N LEU B 402 10.76 0.52 12.71
CA LEU B 402 11.97 0.88 12.01
C LEU B 402 11.92 0.25 10.63
N SER B 403 12.71 0.77 9.70
CA SER B 403 12.64 0.22 8.36
C SER B 403 14.05 0.28 7.76
N LEU B 404 14.76 -0.84 7.90
CA LEU B 404 16.06 -1.01 7.24
C LEU B 404 15.90 -0.83 5.74
N THR B 405 14.69 -1.06 5.21
CA THR B 405 14.43 -0.83 3.79
C THR B 405 14.32 0.65 3.51
N ASP B 406 13.74 1.40 4.46
CA ASP B 406 13.53 2.86 4.24
C ASP B 406 14.80 3.63 4.64
N VAL B 407 15.40 3.28 5.76
CA VAL B 407 16.63 3.96 6.25
C VAL B 407 17.76 3.76 5.26
N PHE B 408 17.89 2.58 4.67
CA PHE B 408 19.07 2.31 3.80
C PHE B 408 18.68 2.34 2.33
N LYS B 409 17.89 3.33 1.92
CA LYS B 409 17.54 3.46 0.49
C LYS B 409 18.85 3.70 -0.25
N ASP B 410 19.74 4.48 0.35
CA ASP B 410 21.03 4.82 -0.30
C ASP B 410 21.87 3.57 -0.54
N ARG B 411 21.90 2.62 0.39
CA ARG B 411 22.84 1.47 0.24
C ARG B 411 22.52 0.68 -1.03
N LYS B 412 21.24 0.40 -1.32
CA LYS B 412 20.87 -0.20 -2.63
C LYS B 412 21.59 -1.50 -3.02
N ARG B 413 21.75 -2.50 -2.14
CA ARG B 413 22.35 -3.79 -2.62
C ARG B 413 21.24 -4.84 -2.75
N ARG B 414 21.01 -5.35 -3.95
CA ARG B 414 19.86 -6.29 -4.21
C ARG B 414 19.86 -7.67 -3.56
N ILE B 415 20.98 -8.41 -3.52
CA ILE B 415 20.84 -9.84 -3.08
C ILE B 415 21.95 -10.37 -2.16
N ALA B 416 21.59 -11.30 -1.28
CA ALA B 416 22.55 -11.98 -0.37
C ALA B 416 23.56 -12.83 -1.14
N HIS B 417 23.13 -13.52 -2.20
CA HIS B 417 24.00 -14.49 -2.88
C HIS B 417 25.25 -13.83 -3.45
N GLU B 418 25.13 -12.63 -4.01
CA GLU B 418 26.30 -12.03 -4.68
C GLU B 418 27.40 -11.83 -3.64
N ARG B 419 27.06 -11.39 -2.43
CA ARG B 419 28.08 -11.25 -1.36
C ARG B 419 28.70 -12.62 -1.08
N LEU B 420 27.86 -13.64 -0.86
CA LEU B 420 28.36 -15.00 -0.50
C LEU B 420 29.23 -15.51 -1.65
N LEU B 421 28.72 -15.38 -2.87
CA LEU B 421 29.47 -15.88 -4.03
C LEU B 421 30.80 -15.14 -4.07
N LEU B 422 30.75 -13.83 -4.28
CA LEU B 422 32.00 -13.04 -4.36
C LEU B 422 32.93 -13.54 -3.25
N ASP B 423 32.37 -13.84 -2.08
CA ASP B 423 33.24 -14.21 -0.93
C ASP B 423 34.02 -15.47 -1.29
N LEU B 424 33.37 -16.42 -1.98
CA LEU B 424 34.13 -17.63 -2.41
C LEU B 424 35.25 -17.23 -3.37
N ILE B 425 34.98 -16.33 -4.31
CA ILE B 425 36.09 -15.85 -5.19
C ILE B 425 37.10 -15.12 -4.29
N GLU B 426 36.66 -14.54 -3.17
CA GLU B 426 37.65 -13.94 -2.24
C GLU B 426 38.23 -15.03 -1.32
N GLY B 427 37.50 -16.12 -1.09
CA GLY B 427 37.97 -17.19 -0.17
C GLY B 427 37.78 -16.87 1.31
N ASP B 428 36.96 -15.87 1.65
CA ASP B 428 36.80 -15.45 3.07
C ASP B 428 36.20 -16.61 3.88
N ALA B 429 34.96 -17.03 3.57
CA ALA B 429 34.33 -18.21 4.21
C ALA B 429 33.69 -17.93 5.58
N THR B 430 33.64 -16.68 6.03
CA THR B 430 33.06 -16.48 7.40
C THR B 430 31.60 -16.93 7.37
N LEU B 431 30.89 -16.59 6.30
CA LEU B 431 29.47 -16.98 6.14
C LEU B 431 29.32 -18.49 6.05
N PHE B 432 30.23 -19.19 5.38
CA PHE B 432 30.09 -20.64 5.12
C PHE B 432 30.10 -21.46 6.41
N VAL B 433 29.30 -22.53 6.49
CA VAL B 433 29.13 -23.37 7.72
C VAL B 433 30.39 -24.17 8.06
N ARG B 434 30.44 -24.75 9.26
CA ARG B 434 31.60 -25.57 9.60
C ARG B 434 31.08 -26.98 9.87
N ARG B 435 31.92 -27.98 9.62
CA ARG B 435 31.46 -29.37 9.70
C ARG B 435 30.83 -29.69 11.04
N ASP B 436 31.51 -29.32 12.13
CA ASP B 436 31.02 -29.58 13.49
C ASP B 436 29.66 -28.97 13.73
N GLU B 437 29.41 -27.81 13.12
CA GLU B 437 28.10 -27.17 13.09
C GLU B 437 27.07 -28.07 12.44
N VAL B 438 27.39 -28.55 11.23
CA VAL B 438 26.51 -29.38 10.41
C VAL B 438 26.03 -30.62 11.13
N GLU B 439 26.96 -31.38 11.69
CA GLU B 439 26.64 -32.66 12.35
C GLU B 439 25.80 -32.50 13.61
N ALA B 440 26.04 -31.45 14.42
CA ALA B 440 25.14 -31.19 15.55
C ALA B 440 23.75 -30.74 15.07
N GLN B 441 23.67 -30.08 13.89
CA GLN B 441 22.37 -29.77 13.32
C GLN B 441 21.58 -31.02 13.02
N TRP B 442 22.22 -32.00 12.37
CA TRP B 442 21.49 -33.21 11.97
C TRP B 442 21.01 -34.01 13.16
N ILE B 443 21.93 -34.37 14.07
CA ILE B 443 21.57 -35.33 15.10
C ILE B 443 20.28 -34.92 15.79
N TRP B 444 20.07 -33.61 15.97
CA TRP B 444 18.88 -33.14 16.66
C TRP B 444 17.65 -33.36 15.80
N ILE B 445 17.76 -33.00 14.52
CA ILE B 445 16.62 -33.09 13.57
C ILE B 445 16.33 -34.57 13.26
N ASP B 446 17.37 -35.40 13.21
CA ASP B 446 17.19 -36.82 12.82
C ASP B 446 16.27 -37.45 13.86
N GLY B 447 16.47 -37.09 15.13
CA GLY B 447 15.66 -37.67 16.21
C GLY B 447 14.20 -37.33 16.01
N ILE B 448 13.92 -36.09 15.61
CA ILE B 448 12.49 -35.68 15.49
C ILE B 448 11.82 -36.53 14.42
N ARG B 449 12.50 -36.74 13.29
CA ARG B 449 11.92 -37.61 12.23
C ARG B 449 11.79 -39.05 12.72
N GLU B 450 12.80 -39.56 13.41
CA GLU B 450 12.72 -40.98 13.80
C GLU B 450 11.56 -41.16 14.76
N GLY B 451 11.41 -40.24 15.70
CA GLY B 451 10.38 -40.43 16.72
C GLY B 451 9.00 -40.45 16.10
N TRP B 452 8.73 -39.53 15.18
CA TRP B 452 7.42 -39.56 14.50
C TRP B 452 7.26 -40.85 13.67
N LYS B 453 8.32 -41.30 13.00
CA LYS B 453 8.23 -42.58 12.25
C LYS B 453 7.97 -43.72 13.24
N ALA B 454 8.64 -43.70 14.38
CA ALA B 454 8.45 -44.75 15.40
C ALA B 454 7.13 -44.49 16.11
N ASN B 455 6.66 -43.24 16.10
CA ASN B 455 5.42 -42.90 16.77
C ASN B 455 4.28 -42.72 15.78
N SER B 456 4.54 -42.94 14.48
CA SER B 456 3.53 -42.86 13.43
C SER B 456 2.72 -41.57 13.47
N MET B 457 3.44 -40.45 13.41
CA MET B 457 2.81 -39.15 13.22
C MET B 457 2.60 -38.89 11.73
N LYS B 458 1.38 -38.56 11.36
CA LYS B 458 1.17 -38.30 9.94
C LYS B 458 0.69 -36.87 9.75
N PRO B 459 1.16 -36.18 8.70
CA PRO B 459 0.79 -34.78 8.49
C PRO B 459 -0.72 -34.59 8.42
N LYS B 460 -1.19 -33.52 9.05
CA LYS B 460 -2.58 -33.10 8.95
C LYS B 460 -2.77 -32.16 7.78
N THR B 461 -3.88 -32.28 7.07
CA THR B 461 -4.09 -31.44 5.91
C THR B 461 -4.57 -30.09 6.37
N TYR B 462 -4.24 -29.07 5.60
CA TYR B 462 -4.71 -27.73 5.85
C TYR B 462 -5.05 -27.16 4.49
N VAL B 463 -6.28 -26.67 4.32
CA VAL B 463 -6.63 -26.04 3.07
C VAL B 463 -5.52 -25.03 2.75
N SER B 464 -5.09 -25.03 1.49
CA SER B 464 -3.93 -24.22 1.13
C SER B 464 -4.23 -22.76 1.39
N GLY B 465 -3.29 -22.09 2.08
CA GLY B 465 -3.49 -20.72 2.53
C GLY B 465 -4.12 -20.51 3.90
N THR B 466 -4.09 -21.49 4.81
CA THR B 466 -4.62 -21.30 6.16
C THR B 466 -3.67 -21.39 7.36
N TRP B 467 -2.48 -20.79 7.25
CA TRP B 467 -1.50 -20.76 8.33
C TRP B 467 -0.96 -22.15 8.66
N GLY B 468 -1.81 -23.17 8.58
CA GLY B 468 -1.35 -24.52 8.79
C GLY B 468 -2.37 -25.40 9.47
N PRO B 469 -1.92 -26.59 9.91
CA PRO B 469 -2.82 -27.51 10.58
C PRO B 469 -3.43 -26.81 11.79
N ILE B 470 -4.68 -27.17 12.12
CA ILE B 470 -5.33 -26.58 13.29
C ILE B 470 -4.50 -26.90 14.53
N THR B 471 -3.69 -27.95 14.45
CA THR B 471 -2.92 -28.47 15.58
C THR B 471 -1.85 -27.50 16.05
N ALA B 472 -1.35 -26.65 15.17
CA ALA B 472 -0.35 -25.67 15.57
C ALA B 472 -0.94 -24.66 16.55
N ILE B 473 -2.02 -23.98 16.13
CA ILE B 473 -2.64 -22.93 16.94
C ILE B 473 -2.93 -23.46 18.35
N ALA B 474 -3.08 -24.77 18.46
CA ALA B 474 -3.36 -25.35 19.79
C ALA B 474 -2.05 -25.70 20.47
N LEU B 475 -0.98 -25.93 19.71
CA LEU B 475 0.29 -26.18 20.41
C LEU B 475 0.65 -24.92 21.18
N VAL B 476 0.52 -23.75 20.56
CA VAL B 476 0.72 -22.46 21.26
C VAL B 476 -0.39 -22.21 22.29
N GLU B 477 -1.64 -22.53 21.96
CA GLU B 477 -2.79 -22.14 22.82
C GLU B 477 -2.67 -22.77 24.20
N ARG B 478 -2.21 -24.01 24.26
CA ARG B 478 -2.18 -24.70 25.57
C ARG B 478 -1.25 -23.87 26.46
N ASP B 479 -0.16 -23.34 25.89
CA ASP B 479 0.82 -22.57 26.70
C ASP B 479 0.42 -21.08 26.84
N GLY B 480 -0.71 -20.65 26.26
CA GLY B 480 -1.11 -19.27 26.36
C GLY B 480 -0.51 -18.41 25.27
N VAL B 481 0.55 -18.90 24.63
CA VAL B 481 1.20 -18.13 23.59
C VAL B 481 0.37 -18.24 22.32
N THR B 482 0.41 -17.20 21.52
CA THR B 482 -0.29 -17.13 20.25
C THR B 482 0.78 -16.94 19.18
N TRP B 483 0.33 -16.90 17.93
CA TRP B 483 1.28 -16.71 16.82
C TRP B 483 1.16 -15.27 16.37
N TYR B 484 2.24 -14.49 16.46
CA TYR B 484 2.06 -13.06 16.14
C TYR B 484 1.66 -12.90 14.68
N ASP B 485 0.69 -12.02 14.43
CA ASP B 485 0.34 -11.68 13.03
C ASP B 485 -0.02 -10.19 13.08
N LEU B 486 0.11 -9.47 11.97
CA LEU B 486 -0.34 -8.07 12.06
C LEU B 486 -1.83 -8.17 12.37
N GLU B 487 -2.34 -7.35 13.29
CA GLU B 487 -3.75 -7.52 13.72
C GLU B 487 -4.61 -6.39 13.13
N SER C 6 16.36 13.38 86.36
CA SER C 6 14.97 13.77 86.39
C SER C 6 14.13 12.71 87.11
N THR C 7 12.85 12.66 86.76
CA THR C 7 11.91 11.75 87.40
C THR C 7 10.99 11.17 86.35
N MET C 8 10.87 9.85 86.33
CA MET C 8 10.05 9.20 85.32
C MET C 8 8.81 8.68 86.03
N ILE C 9 8.16 7.69 85.43
CA ILE C 9 7.09 6.97 86.11
C ILE C 9 7.01 5.67 85.34
N LEU C 10 7.06 4.55 86.02
CA LEU C 10 6.98 3.28 85.35
C LEU C 10 5.69 2.67 85.89
N PHE C 11 4.61 2.93 85.16
CA PHE C 11 3.27 2.44 85.45
C PHE C 11 3.17 1.05 84.85
N GLY C 12 3.18 0.08 85.76
CA GLY C 12 3.38 -1.34 85.51
C GLY C 12 4.83 -1.79 85.65
N SER C 13 5.73 -0.95 86.20
CA SER C 13 7.07 -1.43 86.55
C SER C 13 7.07 -2.45 87.66
N THR C 14 6.02 -2.51 88.46
CA THR C 14 5.94 -3.47 89.55
C THR C 14 5.25 -4.75 89.05
N GLY C 15 5.79 -5.28 87.97
CA GLY C 15 5.11 -6.27 87.14
C GLY C 15 6.12 -7.11 86.40
N ASP C 16 5.67 -8.08 85.59
CA ASP C 16 6.62 -8.88 84.82
C ASP C 16 7.28 -8.05 83.72
N LEU C 17 6.48 -7.24 83.01
CA LEU C 17 6.98 -6.37 81.95
C LEU C 17 8.22 -5.62 82.39
N SER C 18 8.19 -5.15 83.65
CA SER C 18 9.27 -4.45 84.33
C SER C 18 9.65 -5.19 85.64
N GLN C 19 10.21 -6.36 85.49
CA GLN C 19 10.78 -7.15 86.57
C GLN C 19 11.85 -8.00 85.93
N ARG C 20 11.71 -8.25 84.62
CA ARG C 20 12.71 -8.98 83.84
C ARG C 20 12.99 -8.35 82.47
N MET C 21 11.93 -8.10 81.68
CA MET C 21 12.16 -7.55 80.35
C MET C 21 12.65 -6.11 80.38
N LEU C 22 11.99 -5.26 81.18
CA LEU C 22 12.25 -3.82 81.12
C LEU C 22 12.87 -3.28 82.40
N LEU C 23 12.17 -3.32 83.54
CA LEU C 23 12.79 -2.84 84.79
C LEU C 23 14.03 -3.62 85.22
N PRO C 24 14.04 -4.96 85.21
CA PRO C 24 15.32 -5.62 85.55
C PRO C 24 16.41 -5.23 84.60
N ALA C 25 16.05 -5.01 83.34
CA ALA C 25 16.99 -4.49 82.36
C ALA C 25 17.32 -3.05 82.69
N LEU C 26 16.34 -2.32 83.22
CA LEU C 26 16.52 -0.92 83.62
C LEU C 26 17.65 -0.73 84.62
N TYR C 27 17.97 -1.73 85.44
CA TYR C 27 19.09 -1.59 86.37
C TYR C 27 20.32 -1.07 85.63
N GLY C 28 20.56 -1.59 84.42
CA GLY C 28 21.61 -1.05 83.57
C GLY C 28 21.40 0.39 83.16
N LEU C 29 20.14 0.85 83.08
CA LEU C 29 19.84 2.20 82.64
C LEU C 29 20.28 3.27 83.65
N ASP C 30 21.13 2.89 84.60
CA ASP C 30 21.76 3.86 85.50
C ASP C 30 23.29 3.73 85.44
N LEU C 39 18.89 11.37 88.95
CA LEU C 39 17.50 11.15 88.58
C LEU C 39 16.77 10.29 89.60
N ARG C 40 15.56 10.69 89.97
CA ARG C 40 14.71 9.91 90.85
C ARG C 40 13.77 9.06 90.00
N ILE C 41 13.61 7.80 90.38
CA ILE C 41 12.79 6.85 89.64
C ILE C 41 11.46 6.69 90.36
N VAL C 42 10.38 7.10 89.71
CA VAL C 42 9.04 6.83 90.21
C VAL C 42 8.50 5.63 89.46
N CYS C 43 7.87 4.72 90.19
CA CYS C 43 7.35 3.49 89.60
C CYS C 43 5.98 3.22 90.19
N THR C 44 4.99 3.02 89.32
CA THR C 44 3.70 2.70 89.88
C THR C 44 3.65 1.20 90.12
N SER C 45 2.56 0.76 90.72
CA SER C 45 2.52 -0.61 91.18
C SER C 45 1.07 -1.05 91.31
N ARG C 46 0.75 -2.13 90.61
CA ARG C 46 -0.54 -2.77 90.78
C ARG C 46 -0.66 -3.35 92.19
N SER C 47 0.39 -4.06 92.62
CA SER C 47 0.55 -4.39 94.03
C SER C 47 1.31 -3.24 94.67
N GLU C 48 0.58 -2.32 95.29
CA GLU C 48 1.16 -1.10 95.83
C GLU C 48 1.91 -1.44 97.12
N TYR C 49 3.25 -1.46 97.05
CA TYR C 49 4.08 -1.75 98.20
C TYR C 49 4.79 -0.46 98.64
N ASP C 50 5.85 -0.60 99.42
CA ASP C 50 6.50 0.53 100.09
C ASP C 50 7.60 1.14 99.22
N THR C 51 8.19 2.24 99.71
CA THR C 51 9.32 2.84 98.97
C THR C 51 10.49 1.86 99.02
N ASP C 52 10.89 1.46 100.23
CA ASP C 52 11.98 0.45 100.39
C ASP C 52 11.52 -0.86 99.76
N GLY C 53 10.24 -1.20 99.93
CA GLY C 53 9.71 -2.47 99.40
C GLY C 53 9.79 -2.50 97.89
N PHE C 54 9.53 -1.38 97.22
CA PHE C 54 9.68 -1.36 95.75
C PHE C 54 11.13 -1.65 95.40
N ARG C 55 12.06 -1.06 96.15
CA ARG C 55 13.49 -1.39 95.94
C ARG C 55 13.71 -2.88 96.26
N ASP C 56 13.09 -3.36 97.34
CA ASP C 56 13.25 -4.77 97.75
C ASP C 56 12.68 -5.69 96.67
N PHE C 57 11.52 -5.33 96.12
CA PHE C 57 10.93 -6.13 95.01
C PHE C 57 11.88 -6.03 93.82
N ALA C 58 12.43 -4.83 93.61
CA ALA C 58 13.41 -4.64 92.52
C ALA C 58 14.62 -5.52 92.84
N GLU C 59 15.00 -5.59 94.11
CA GLU C 59 16.22 -6.35 94.49
C GLU C 59 16.03 -7.81 94.11
N LYS C 60 14.84 -8.37 94.35
CA LYS C 60 14.64 -9.77 93.90
C LYS C 60 14.77 -9.83 92.37
N ALA C 61 14.19 -8.86 91.67
CA ALA C 61 14.36 -8.82 90.20
C ALA C 61 15.82 -8.48 89.87
N LEU C 62 16.46 -7.70 90.73
CA LEU C 62 17.91 -7.39 90.55
C LEU C 62 18.64 -8.71 90.67
N ASP C 63 18.20 -9.56 91.58
CA ASP C 63 18.80 -10.92 91.70
C ASP C 63 18.55 -11.63 90.37
N ARG C 64 17.37 -11.47 89.78
CA ARG C 64 17.11 -12.05 88.44
C ARG C 64 17.65 -11.06 87.39
N PHE C 65 18.97 -10.91 87.31
CA PHE C 65 19.58 -10.04 86.26
C PHE C 65 20.85 -10.72 85.77
N VAL C 66 21.67 -10.04 84.96
CA VAL C 66 22.96 -10.67 84.55
C VAL C 66 23.78 -10.87 85.83
N ALA C 67 24.41 -12.02 85.99
CA ALA C 67 25.11 -12.25 87.27
C ALA C 67 26.22 -11.21 87.42
N SER C 68 27.05 -11.08 86.39
CA SER C 68 28.21 -10.16 86.50
C SER C 68 27.72 -8.73 86.65
N ASP C 69 26.83 -8.27 85.78
CA ASP C 69 26.44 -6.84 85.84
C ASP C 69 25.75 -6.52 87.17
N ARG C 70 24.85 -7.39 87.63
CA ARG C 70 24.25 -7.12 88.97
C ARG C 70 25.33 -7.19 90.06
N LEU C 71 26.20 -8.19 90.00
CA LEU C 71 27.23 -8.34 91.07
C LEU C 71 28.18 -7.15 91.06
N ASN C 72 28.60 -6.72 89.87
CA ASN C 72 29.53 -5.58 89.74
C ASN C 72 28.85 -4.30 90.24
N ASP C 73 27.57 -4.14 89.93
CA ASP C 73 26.87 -2.86 90.24
C ASP C 73 26.78 -2.59 91.74
N ASP C 74 26.96 -1.33 92.13
CA ASP C 74 26.73 -0.92 93.54
C ASP C 74 25.25 -0.56 93.54
N ALA C 75 24.64 -0.67 92.36
CA ALA C 75 23.23 -0.29 92.19
C ALA C 75 22.35 -1.15 93.08
N LYS C 76 22.66 -2.45 93.22
CA LYS C 76 21.72 -3.23 94.06
C LYS C 76 21.76 -2.57 95.44
N ALA C 77 22.95 -2.19 95.90
CA ALA C 77 23.03 -1.44 97.18
C ALA C 77 22.31 -0.10 96.96
N LYS C 78 22.52 0.50 95.79
CA LYS C 78 21.89 1.81 95.47
C LYS C 78 20.36 1.66 95.44
N PHE C 79 19.85 0.53 94.93
CA PHE C 79 18.39 0.38 94.79
C PHE C 79 17.78 0.44 96.19
N LEU C 80 18.43 -0.21 97.15
CA LEU C 80 17.94 -0.09 98.56
C LEU C 80 18.10 1.38 98.97
N ASN C 81 19.20 2.02 98.57
CA ASN C 81 19.47 3.43 98.95
C ASN C 81 18.40 4.37 98.39
N LYS C 82 17.97 4.15 97.14
CA LYS C 82 17.00 5.08 96.50
C LYS C 82 15.87 4.28 95.84
N LEU C 83 14.62 4.49 96.27
CA LEU C 83 13.48 3.72 95.72
C LEU C 83 12.19 4.52 95.73
N PHE C 84 11.29 4.27 94.78
CA PHE C 84 9.95 4.93 94.84
C PHE C 84 8.84 3.90 94.63
N TYR C 85 7.79 3.93 95.44
CA TYR C 85 6.60 3.06 95.20
C TYR C 85 5.36 3.91 95.42
N ALA C 86 4.26 3.59 94.72
CA ALA C 86 3.08 4.47 94.84
C ALA C 86 1.83 3.76 94.31
N THR C 87 0.88 3.43 95.19
CA THR C 87 -0.39 2.85 94.69
C THR C 87 -0.69 3.40 93.29
N VAL C 88 -0.75 2.54 92.27
CA VAL C 88 -0.96 3.11 90.91
C VAL C 88 -2.31 3.83 90.87
N ASP C 89 -3.34 3.20 91.43
CA ASP C 89 -4.68 3.81 91.38
C ASP C 89 -4.95 4.12 89.91
N ILE C 90 -4.60 3.21 88.99
CA ILE C 90 -4.66 3.58 87.54
C ILE C 90 -6.09 3.91 87.12
N THR C 91 -7.07 3.16 87.60
CA THR C 91 -8.48 3.39 87.18
C THR C 91 -8.92 4.78 87.62
N ASP C 92 -8.52 5.21 88.81
CA ASP C 92 -9.01 6.50 89.37
C ASP C 92 -8.59 7.70 88.52
N PRO C 93 -9.45 8.72 88.37
CA PRO C 93 -9.03 9.94 87.69
C PRO C 93 -7.91 10.43 88.60
N THR C 94 -8.08 10.29 89.91
CA THR C 94 -6.98 10.64 90.84
C THR C 94 -6.04 9.44 90.91
N GLN C 95 -5.30 9.18 89.83
CA GLN C 95 -4.34 8.05 89.75
C GLN C 95 -2.91 8.54 89.95
N PHE C 96 -2.71 9.81 90.29
CA PHE C 96 -1.31 10.34 90.29
C PHE C 96 -0.93 11.11 91.55
N GLY C 97 0.38 11.24 91.79
CA GLY C 97 0.90 11.98 92.96
C GLY C 97 0.96 11.11 94.19
N LYS C 98 0.65 9.82 94.06
CA LYS C 98 0.80 8.90 95.21
C LYS C 98 2.29 8.72 95.50
N ILE C 110 11.59 14.20 82.71
CA ILE C 110 10.41 13.57 83.29
C ILE C 110 9.66 12.80 82.21
N ALA C 111 9.34 11.53 82.47
CA ALA C 111 8.73 10.74 81.40
C ALA C 111 8.26 9.34 81.81
N ILE C 112 6.99 9.04 81.54
CA ILE C 112 6.33 7.85 82.06
C ILE C 112 6.01 6.90 80.90
N TYR C 113 6.39 5.62 81.06
CA TYR C 113 6.11 4.58 80.08
C TYR C 113 4.91 3.78 80.51
N LEU C 114 4.03 3.48 79.56
CA LEU C 114 2.83 2.74 79.91
C LEU C 114 3.11 1.26 79.71
N ALA C 115 3.68 0.66 80.76
CA ALA C 115 3.88 -0.77 80.81
C ALA C 115 2.55 -1.48 80.96
N THR C 116 1.50 -0.68 81.07
CA THR C 116 0.12 -1.14 81.13
C THR C 116 -0.30 -1.71 79.78
N SER C 117 -1.53 -2.17 79.71
CA SER C 117 -2.10 -2.68 78.48
C SER C 117 -2.95 -1.60 77.83
N SER C 118 -3.55 -1.93 76.68
CA SER C 118 -4.41 -0.96 76.00
C SER C 118 -5.54 -0.50 76.91
N SER C 119 -6.17 -1.45 77.61
CA SER C 119 -7.21 -1.09 78.58
C SER C 119 -6.65 -0.27 79.73
N LEU C 120 -5.45 -0.61 80.20
CA LEU C 120 -4.86 0.10 81.32
C LEU C 120 -4.11 1.34 80.82
N PHE C 121 -4.55 1.89 79.70
CA PHE C 121 -3.94 3.09 79.15
C PHE C 121 -4.93 4.24 79.03
N GLU C 122 -6.09 4.02 78.37
CA GLU C 122 -7.00 5.12 78.04
C GLU C 122 -7.39 5.95 79.27
N GLY C 123 -8.03 5.31 80.25
CA GLY C 123 -8.32 6.00 81.49
C GLY C 123 -7.04 6.35 82.21
N ALA C 124 -6.06 5.44 82.17
CA ALA C 124 -4.78 5.69 82.81
C ALA C 124 -4.10 6.92 82.23
N ILE C 125 -4.13 7.08 80.91
CA ILE C 125 -3.45 8.21 80.29
C ILE C 125 -4.17 9.51 80.68
N ALA C 126 -5.51 9.50 80.63
CA ALA C 126 -6.29 10.67 80.98
C ALA C 126 -5.96 11.17 82.38
N GLY C 127 -5.93 10.27 83.36
CA GLY C 127 -5.78 10.73 84.75
C GLY C 127 -4.35 10.98 85.18
N LEU C 128 -3.41 10.17 84.70
CA LEU C 128 -2.02 10.31 85.20
C LEU C 128 -1.51 11.70 84.83
N LYS C 129 -1.83 12.14 83.62
CA LYS C 129 -1.40 13.48 83.16
C LYS C 129 -2.02 14.58 84.03
N GLN C 130 -3.29 14.46 84.38
CA GLN C 130 -3.95 15.61 85.07
C GLN C 130 -3.36 15.99 86.43
N ALA C 131 -3.03 15.03 87.30
CA ALA C 131 -2.58 15.41 88.67
C ALA C 131 -1.26 16.20 88.68
N GLY C 132 -0.27 15.76 87.89
CA GLY C 132 1.05 16.42 87.86
C GLY C 132 1.16 17.34 86.67
N LEU C 133 0.08 17.46 85.89
CA LEU C 133 0.07 18.25 84.63
C LEU C 133 0.63 17.34 83.54
N ALA C 134 0.67 17.80 82.29
CA ALA C 134 1.11 16.89 81.20
C ALA C 134 1.78 17.71 80.10
N GLY C 135 1.07 17.94 78.98
CA GLY C 135 1.73 18.64 77.91
C GLY C 135 3.07 18.07 77.52
N PRO C 136 3.84 18.83 76.73
CA PRO C 136 5.15 18.35 76.28
C PRO C 136 6.06 18.07 77.47
N THR C 137 7.23 17.51 77.15
CA THR C 137 8.26 17.13 78.11
C THR C 137 7.81 15.97 78.99
N SER C 138 6.84 15.19 78.50
CA SER C 138 6.21 14.06 79.17
C SER C 138 6.34 12.85 78.25
N ARG C 139 6.55 11.67 78.82
CA ARG C 139 6.69 10.54 77.92
C ARG C 139 5.36 9.97 77.50
N LEU C 140 5.38 9.18 76.42
CA LEU C 140 4.14 8.56 75.92
C LEU C 140 4.49 7.27 75.16
N ALA C 141 4.81 6.20 75.89
CA ALA C 141 5.17 4.94 75.23
C ALA C 141 4.06 3.91 75.46
N LEU C 142 3.49 3.37 74.38
CA LEU C 142 2.36 2.43 74.56
C LEU C 142 2.79 1.18 75.30
N GLU C 143 3.94 0.59 74.94
CA GLU C 143 4.48 -0.60 75.65
C GLU C 143 3.37 -1.63 75.64
N LYS C 144 2.60 -1.68 74.55
CA LYS C 144 1.41 -2.56 74.52
C LYS C 144 0.99 -2.82 73.08
N PRO C 145 0.10 -3.78 72.82
CA PRO C 145 -0.43 -3.93 71.46
C PRO C 145 -1.11 -2.56 71.30
N LEU C 146 -1.70 -2.04 72.38
CA LEU C 146 -2.32 -0.69 72.34
C LEU C 146 -3.41 -0.67 71.28
N GLY C 147 -4.14 -1.79 71.17
CA GLY C 147 -5.27 -1.84 70.24
C GLY C 147 -5.70 -3.26 69.96
N GLN C 148 -7.00 -3.46 69.75
CA GLN C 148 -7.50 -4.78 69.35
C GLN C 148 -7.98 -4.73 67.91
N ASP C 149 -9.08 -4.03 67.67
CA ASP C 149 -9.46 -3.79 66.29
C ASP C 149 -8.71 -2.55 65.81
N LEU C 150 -8.87 -2.20 64.53
CA LEU C 150 -8.35 -0.93 64.07
C LEU C 150 -8.89 0.18 64.96
N ALA C 151 -10.20 0.16 65.18
CA ALA C 151 -10.88 1.21 65.95
C ALA C 151 -10.24 1.35 67.32
N SER C 152 -9.87 0.24 67.95
CA SER C 152 -9.15 0.33 69.21
C SER C 152 -7.88 1.14 69.05
N SER C 153 -6.97 0.67 68.18
CA SER C 153 -5.77 1.47 67.92
C SER C 153 -6.14 2.86 67.40
N ASP C 154 -7.10 2.93 66.47
CA ASP C 154 -7.58 4.20 65.95
C ASP C 154 -8.09 5.16 67.02
N HIS C 155 -9.22 4.83 67.64
CA HIS C 155 -9.75 5.62 68.74
C HIS C 155 -8.68 5.97 69.76
N ILE C 156 -7.94 4.96 70.24
CA ILE C 156 -7.01 5.21 71.35
C ILE C 156 -5.87 6.11 70.92
N ASN C 157 -5.32 5.86 69.72
CA ASN C 157 -4.33 6.79 69.15
C ASN C 157 -4.92 8.19 68.99
N ASP C 158 -6.10 8.28 68.35
CA ASP C 158 -6.67 9.59 68.03
C ASP C 158 -6.80 10.47 69.26
N ALA C 159 -7.22 9.91 70.39
CA ALA C 159 -7.36 10.69 71.61
C ALA C 159 -6.02 11.06 72.21
N VAL C 160 -4.96 10.32 71.86
CA VAL C 160 -3.62 10.65 72.32
C VAL C 160 -3.02 11.75 71.46
N LEU C 161 -3.08 11.61 70.14
CA LEU C 161 -2.43 12.58 69.27
C LEU C 161 -3.05 13.96 69.42
N LYS C 162 -4.36 14.03 69.61
CA LYS C 162 -5.08 15.26 69.97
C LYS C 162 -4.74 15.75 71.37
N VAL C 163 -3.73 15.25 72.09
CA VAL C 163 -3.49 15.68 73.47
C VAL C 163 -1.99 15.70 73.78
N PHE C 164 -1.22 15.00 72.97
CA PHE C 164 0.24 14.94 73.04
C PHE C 164 0.83 15.57 71.78
N SER C 165 2.11 15.28 71.56
CA SER C 165 2.76 15.70 70.30
C SER C 165 3.17 14.41 69.58
N GLU C 166 3.22 14.40 68.25
CA GLU C 166 3.53 13.16 67.51
C GLU C 166 4.94 12.72 67.91
N LYS C 167 5.84 13.69 68.05
CA LYS C 167 7.23 13.38 68.47
C LYS C 167 7.20 12.76 69.87
N GLN C 168 6.31 13.26 70.73
CA GLN C 168 6.25 12.75 72.13
C GLN C 168 5.83 11.27 72.13
N VAL C 169 4.96 10.88 71.19
CA VAL C 169 4.46 9.47 71.19
C VAL C 169 5.64 8.53 70.90
N TYR C 170 5.72 7.41 71.64
CA TYR C 170 6.77 6.40 71.39
C TYR C 170 6.15 5.00 71.36
N ARG C 171 5.41 4.62 70.31
CA ARG C 171 4.79 3.28 70.37
C ARG C 171 5.95 2.29 70.42
N ILE C 172 5.85 1.24 71.23
CA ILE C 172 7.05 0.37 71.42
C ILE C 172 6.86 -1.05 70.87
N ASP C 173 7.81 -1.52 70.06
CA ASP C 173 7.79 -2.93 69.59
C ASP C 173 9.02 -3.59 70.20
N HIS C 174 8.83 -4.40 71.23
CA HIS C 174 9.97 -4.95 71.96
C HIS C 174 11.07 -5.41 71.00
N TYR C 175 10.68 -5.86 69.79
CA TYR C 175 11.64 -6.39 68.83
C TYR C 175 12.53 -5.30 68.24
N LEU C 176 11.92 -4.31 67.57
CA LEU C 176 12.60 -3.27 66.83
C LEU C 176 13.88 -2.79 67.52
N GLY C 177 13.86 -2.77 68.85
CA GLY C 177 15.00 -2.33 69.61
C GLY C 177 16.05 -3.41 69.79
N LYS C 178 15.64 -4.67 69.62
CA LYS C 178 16.59 -5.77 69.70
C LYS C 178 17.68 -5.58 68.68
N GLU C 179 18.92 -5.66 69.14
CA GLU C 179 20.07 -5.41 68.29
C GLU C 179 20.06 -6.30 67.04
N THR C 180 19.66 -7.57 67.19
CA THR C 180 19.60 -8.47 66.05
C THR C 180 18.60 -8.02 65.01
N VAL C 181 17.49 -7.46 65.44
CA VAL C 181 16.56 -6.89 64.47
C VAL C 181 17.21 -5.73 63.75
N GLN C 182 18.08 -5.01 64.44
CA GLN C 182 18.70 -3.80 63.93
C GLN C 182 19.74 -4.00 62.81
N ASN C 183 20.55 -5.06 62.90
CA ASN C 183 21.65 -5.08 61.96
C ASN C 183 21.15 -5.49 60.59
N LEU C 184 19.86 -5.81 60.52
CA LEU C 184 19.27 -6.27 59.26
C LEU C 184 19.51 -5.23 58.18
N LEU C 185 19.13 -3.98 58.45
CA LEU C 185 19.35 -2.90 57.49
C LEU C 185 20.82 -2.75 57.16
N THR C 186 21.70 -2.94 58.15
CA THR C 186 23.13 -3.02 57.86
C THR C 186 23.37 -4.28 57.03
N LEU C 187 22.93 -5.46 57.51
CA LEU C 187 23.01 -6.66 56.68
C LEU C 187 22.48 -6.46 55.29
N ARG C 188 21.27 -5.93 55.18
CA ARG C 188 20.63 -5.87 53.89
C ARG C 188 21.29 -4.82 53.01
N PHE C 189 21.51 -3.63 53.56
CA PHE C 189 21.96 -2.50 52.77
C PHE C 189 23.42 -2.14 53.02
N GLY C 190 24.08 -2.81 53.96
CA GLY C 190 25.52 -2.71 53.93
C GLY C 190 26.21 -3.75 53.07
N ASN C 191 25.44 -4.58 52.37
CA ASN C 191 26.05 -5.70 51.61
C ASN C 191 25.51 -5.77 50.17
N ALA C 192 26.40 -5.71 49.20
CA ALA C 192 26.03 -5.78 47.77
C ALA C 192 25.42 -7.12 47.36
N LEU C 193 25.92 -8.25 47.87
CA LEU C 193 25.49 -9.58 47.37
C LEU C 193 23.99 -9.85 47.59
N PHE C 194 23.46 -9.48 48.75
CA PHE C 194 22.05 -9.83 49.07
C PHE C 194 21.02 -9.19 48.13
N GLU C 195 21.19 -7.94 47.74
CA GLU C 195 20.11 -7.21 47.01
C GLU C 195 19.83 -7.70 45.59
N PRO C 196 20.81 -8.02 44.72
CA PRO C 196 20.50 -8.38 43.33
C PRO C 196 19.43 -9.46 43.28
N LEU C 197 19.50 -10.44 44.18
CA LEU C 197 18.50 -11.52 44.20
C LEU C 197 17.29 -11.15 45.07
N TRP C 198 17.38 -10.09 45.88
CA TRP C 198 16.26 -9.80 46.77
C TRP C 198 15.06 -9.32 45.96
N ASN C 199 14.40 -10.18 45.17
CA ASN C 199 13.39 -9.73 44.23
C ASN C 199 12.21 -10.68 44.27
N SER C 200 11.36 -10.54 43.25
CA SER C 200 10.32 -11.58 43.04
C SER C 200 11.17 -12.67 42.42
N LYS C 201 11.92 -12.32 41.37
CA LYS C 201 12.90 -13.25 40.78
C LYS C 201 14.07 -13.43 41.76
N GLY C 202 14.66 -14.61 41.84
CA GLY C 202 15.85 -14.83 42.67
C GLY C 202 15.50 -15.15 44.11
N ILE C 203 14.22 -15.11 44.47
CA ILE C 203 13.79 -15.59 45.82
C ILE C 203 12.63 -16.56 45.58
N ASP C 204 12.61 -17.74 46.19
CA ASP C 204 11.43 -18.61 45.96
C ASP C 204 10.37 -18.28 47.00
N HIS C 205 10.79 -18.01 48.23
CA HIS C 205 9.87 -17.71 49.33
C HIS C 205 10.70 -17.24 50.51
N VAL C 206 10.04 -16.51 51.40
CA VAL C 206 10.64 -16.11 52.67
C VAL C 206 9.88 -16.82 53.80
N GLN C 207 10.54 -16.93 54.94
CA GLN C 207 10.02 -17.74 56.04
C GLN C 207 10.46 -17.07 57.34
N ILE C 208 9.48 -16.66 58.16
CA ILE C 208 9.74 -16.05 59.47
C ILE C 208 9.18 -17.02 60.52
N SER C 209 9.96 -17.26 61.58
CA SER C 209 9.53 -18.21 62.61
C SER C 209 9.87 -17.66 64.00
N VAL C 210 8.83 -17.31 64.77
CA VAL C 210 8.97 -16.97 66.19
C VAL C 210 8.54 -18.16 67.03
N ALA C 211 9.50 -18.82 67.66
CA ALA C 211 9.22 -20.00 68.47
C ALA C 211 9.52 -19.75 69.95
N GLU C 212 8.73 -20.37 70.82
CA GLU C 212 8.96 -20.42 72.26
C GLU C 212 8.62 -21.80 72.76
N THR C 213 9.47 -22.31 73.66
CA THR C 213 9.16 -23.60 74.28
C THR C 213 8.13 -23.44 75.38
N VAL C 214 7.90 -22.21 75.83
CA VAL C 214 7.11 -22.01 77.04
C VAL C 214 5.62 -22.06 76.70
N GLY C 215 4.80 -22.32 77.72
CA GLY C 215 3.36 -22.22 77.50
C GLY C 215 2.96 -20.81 77.87
N LEU C 216 1.75 -20.60 78.40
CA LEU C 216 1.42 -19.25 78.89
C LEU C 216 1.21 -19.35 80.40
N GLU C 217 1.92 -18.55 81.20
CA GLU C 217 1.61 -18.61 82.65
C GLU C 217 1.14 -17.24 83.15
N GLY C 218 -0.10 -17.16 83.60
CA GLY C 218 -0.61 -15.92 84.23
C GLY C 218 -0.96 -14.90 83.17
N ARG C 219 -0.65 -15.20 81.91
CA ARG C 219 -0.88 -14.21 80.84
C ARG C 219 -1.89 -14.84 79.88
N ILE C 220 -2.30 -16.06 80.18
CA ILE C 220 -3.17 -16.76 79.19
C ILE C 220 -4.46 -15.97 79.04
N GLY C 221 -5.05 -15.46 80.13
CA GLY C 221 -6.33 -14.77 79.95
C GLY C 221 -6.21 -13.51 79.11
N TYR C 222 -5.18 -12.70 79.35
CA TYR C 222 -4.95 -11.50 78.50
C TYR C 222 -4.61 -11.97 77.09
N PHE C 223 -3.79 -13.01 76.99
CA PHE C 223 -3.41 -13.57 75.67
C PHE C 223 -4.65 -14.13 74.99
N ASP C 224 -5.52 -14.77 75.76
CA ASP C 224 -6.66 -15.47 75.11
C ASP C 224 -7.53 -14.46 74.37
N SER C 225 -7.80 -13.31 74.98
CA SER C 225 -8.55 -12.28 74.20
C SER C 225 -7.72 -11.83 73.00
N SER C 226 -6.42 -11.57 73.21
CA SER C 226 -5.58 -11.04 72.10
C SER C 226 -5.39 -12.04 70.96
N GLY C 227 -5.14 -13.30 71.29
CA GLY C 227 -4.82 -14.30 70.25
C GLY C 227 -3.31 -14.31 70.03
N SER C 228 -2.74 -15.42 69.56
CA SER C 228 -1.28 -15.40 69.22
C SER C 228 -1.04 -14.44 68.06
N LEU C 229 -1.94 -14.46 67.07
CA LEU C 229 -1.76 -13.61 65.87
C LEU C 229 -1.55 -12.17 66.34
N ARG C 230 -2.53 -11.64 67.08
CA ARG C 230 -2.45 -10.21 67.45
C ARG C 230 -1.20 -9.99 68.29
N ASP C 231 -0.89 -10.90 69.20
CA ASP C 231 0.25 -10.62 70.10
C ASP C 231 1.57 -10.53 69.32
N MET C 232 1.82 -11.42 68.36
CA MET C 232 3.15 -11.37 67.70
C MET C 232 3.13 -10.89 66.24
N VAL C 233 2.25 -11.43 65.40
CA VAL C 233 2.34 -11.08 63.95
C VAL C 233 2.09 -9.58 63.76
N GLN C 234 1.12 -9.04 64.48
CA GLN C 234 0.76 -7.62 64.24
C GLN C 234 1.94 -6.72 64.58
N SER C 235 2.64 -6.99 65.68
CA SER C 235 3.70 -6.03 66.06
C SER C 235 5.11 -6.59 65.89
N HIS C 236 5.40 -7.73 66.49
CA HIS C 236 6.79 -8.25 66.47
C HIS C 236 7.26 -8.60 65.06
N ILE C 237 6.39 -9.22 64.26
CA ILE C 237 6.85 -9.75 62.93
C ILE C 237 6.62 -8.75 61.81
N LEU C 238 5.44 -8.15 61.73
CA LEU C 238 5.16 -7.29 60.58
C LEU C 238 6.33 -6.33 60.39
N GLN C 239 6.87 -5.80 61.48
CA GLN C 239 8.05 -4.91 61.35
C GLN C 239 9.18 -5.71 60.72
N LEU C 240 9.40 -6.90 61.26
CA LEU C 240 10.45 -7.78 60.73
C LEU C 240 10.26 -7.94 59.23
N VAL C 241 9.00 -8.14 58.81
CA VAL C 241 8.67 -8.26 57.39
C VAL C 241 9.07 -7.00 56.66
N ALA C 242 8.72 -5.84 57.21
CA ALA C 242 9.10 -4.59 56.58
C ALA C 242 10.61 -4.58 56.44
N LEU C 243 11.31 -4.82 57.53
CA LEU C 243 12.77 -4.80 57.51
C LEU C 243 13.32 -5.77 56.47
N VAL C 244 12.61 -6.87 56.21
CA VAL C 244 13.09 -7.85 55.26
C VAL C 244 12.63 -7.57 53.83
N ALA C 245 11.52 -6.87 53.65
CA ALA C 245 10.94 -6.72 52.32
C ALA C 245 10.90 -5.28 51.84
N MET C 246 11.09 -4.34 52.76
CA MET C 246 11.04 -2.91 52.47
C MET C 246 12.12 -2.50 51.48
N GLU C 247 11.74 -1.59 50.61
CA GLU C 247 12.67 -0.87 49.76
C GLU C 247 13.41 0.16 50.59
N PRO C 248 14.69 0.40 50.30
CA PRO C 248 15.52 1.24 51.18
C PRO C 248 15.08 2.70 51.18
N PRO C 249 15.34 3.42 52.26
CA PRO C 249 15.26 4.88 52.21
C PRO C 249 16.51 5.47 51.55
N ALA C 250 16.36 6.71 51.08
CA ALA C 250 17.51 7.46 50.56
C ALA C 250 18.59 7.63 51.63
N HIS C 251 18.19 7.83 52.88
CA HIS C 251 19.09 7.94 54.01
C HIS C 251 18.41 7.38 55.25
N MET C 252 19.21 7.03 56.26
CA MET C 252 18.73 6.39 57.51
C MET C 252 18.14 7.44 58.46
N GLU C 253 17.01 8.00 58.04
CA GLU C 253 16.23 8.89 58.86
C GLU C 253 15.10 8.13 59.52
N ALA C 254 14.78 8.52 60.76
CA ALA C 254 13.66 7.92 61.47
C ALA C 254 12.44 7.80 60.57
N ASN C 255 12.00 8.93 59.99
CA ASN C 255 10.84 8.92 59.11
C ASN C 255 11.13 8.24 57.77
N ALA C 256 12.37 8.33 57.27
CA ALA C 256 12.70 7.65 56.02
C ALA C 256 12.55 6.14 56.16
N VAL C 257 13.00 5.59 57.30
CA VAL C 257 12.78 4.17 57.57
C VAL C 257 11.30 3.85 57.61
N ARG C 258 10.60 4.50 58.54
CA ARG C 258 9.16 4.30 58.76
C ARG C 258 8.34 4.46 57.48
N ASP C 259 8.65 5.48 56.67
CA ASP C 259 7.89 5.67 55.44
C ASP C 259 8.01 4.48 54.52
N GLU C 260 9.15 3.78 54.54
CA GLU C 260 9.25 2.61 53.69
C GLU C 260 8.64 1.36 54.31
N LYS C 261 8.55 1.28 55.63
CA LYS C 261 7.85 0.15 56.24
C LYS C 261 6.36 0.24 55.94
N VAL C 262 5.76 1.40 56.24
CA VAL C 262 4.38 1.71 55.87
C VAL C 262 4.11 1.25 54.44
N LYS C 263 5.06 1.49 53.54
CA LYS C 263 4.91 1.01 52.17
C LYS C 263 4.73 -0.51 52.14
N VAL C 264 5.46 -1.25 52.99
CA VAL C 264 5.33 -2.71 53.04
C VAL C 264 3.95 -3.16 53.51
N PHE C 265 3.58 -2.76 54.72
CA PHE C 265 2.33 -3.19 55.30
C PHE C 265 1.16 -2.84 54.38
N ARG C 266 1.22 -1.68 53.72
CA ARG C 266 0.16 -1.24 52.80
C ARG C 266 0.20 -1.96 51.47
N ALA C 267 1.24 -2.75 51.22
CA ALA C 267 1.33 -3.57 50.03
C ALA C 267 1.07 -5.04 50.35
N LEU C 268 0.60 -5.32 51.57
CA LEU C 268 0.29 -6.69 51.97
C LEU C 268 -0.99 -7.11 51.26
N ARG C 269 -0.97 -8.31 50.70
CA ARG C 269 -2.15 -8.79 49.99
C ARG C 269 -3.24 -9.10 51.02
N PRO C 270 -4.41 -8.47 50.92
CA PRO C 270 -5.45 -8.70 51.93
C PRO C 270 -5.97 -10.13 51.95
N ILE C 271 -6.08 -10.68 53.16
CA ILE C 271 -6.67 -11.99 53.39
C ILE C 271 -8.19 -11.79 53.47
N ASN C 272 -8.91 -12.21 52.43
CA ASN C 272 -10.35 -12.07 52.38
C ASN C 272 -11.00 -13.15 53.22
N ASN C 273 -12.34 -13.24 53.14
CA ASN C 273 -13.01 -14.35 53.79
C ASN C 273 -12.73 -15.65 53.04
N ASP C 274 -12.23 -15.52 51.80
CA ASP C 274 -11.75 -16.61 50.97
C ASP C 274 -10.27 -16.85 51.14
N THR C 275 -9.51 -15.82 51.45
CA THR C 275 -8.09 -16.10 51.54
C THR C 275 -7.75 -16.75 52.88
N VAL C 276 -8.60 -16.60 53.89
CA VAL C 276 -8.30 -17.14 55.21
C VAL C 276 -8.40 -18.67 55.22
N ILE C 277 -9.39 -19.22 54.50
CA ILE C 277 -9.59 -20.68 54.47
C ILE C 277 -8.35 -21.40 53.96
N THR C 278 -7.77 -20.93 52.85
CA THR C 278 -6.65 -21.63 52.26
C THR C 278 -5.30 -21.10 52.75
N HIS C 279 -5.22 -19.85 53.18
CA HIS C 279 -3.94 -19.24 53.48
C HIS C 279 -3.65 -19.10 54.98
N THR C 280 -4.53 -19.60 55.87
CA THR C 280 -4.21 -19.56 57.28
C THR C 280 -4.58 -20.89 57.94
N VAL C 281 -3.94 -21.15 59.08
CA VAL C 281 -4.18 -22.31 59.91
C VAL C 281 -4.01 -21.90 61.38
N THR C 282 -5.02 -22.18 62.20
CA THR C 282 -4.98 -21.93 63.64
C THR C 282 -4.64 -23.20 64.40
N GLY C 283 -4.16 -22.99 65.62
CA GLY C 283 -3.70 -24.06 66.47
C GLY C 283 -4.06 -23.74 67.90
N GLN C 284 -3.62 -24.61 68.79
CA GLN C 284 -3.76 -24.38 70.22
C GLN C 284 -2.93 -25.41 70.99
N TYR C 285 -2.10 -24.97 71.93
CA TYR C 285 -1.19 -25.92 72.55
C TYR C 285 -1.91 -26.83 73.55
N GLY C 286 -1.84 -28.13 73.28
CA GLY C 286 -2.40 -29.17 74.11
C GLY C 286 -1.49 -29.62 75.25
N ALA C 287 -1.74 -30.84 75.71
CA ALA C 287 -1.00 -31.45 76.81
C ALA C 287 0.14 -32.31 76.30
N GLY C 288 1.30 -32.18 76.93
CA GLY C 288 2.44 -32.98 76.55
C GLY C 288 3.64 -32.85 77.47
N VAL C 289 4.79 -32.71 76.84
CA VAL C 289 6.10 -32.61 77.44
C VAL C 289 6.77 -31.34 76.93
N SER C 290 7.55 -30.69 77.81
CA SER C 290 8.45 -29.61 77.42
C SER C 290 9.78 -29.89 78.09
N GLY C 291 10.76 -30.33 77.32
CA GLY C 291 12.04 -30.66 77.93
C GLY C 291 11.89 -31.89 78.80
N GLY C 292 12.47 -31.84 79.99
CA GLY C 292 12.46 -33.00 80.86
C GLY C 292 11.22 -33.13 81.73
N LYS C 293 10.31 -32.17 81.64
CA LYS C 293 9.06 -32.12 82.38
C LYS C 293 7.88 -32.17 81.41
N GLU C 294 6.69 -32.44 81.94
CA GLU C 294 5.46 -32.56 81.16
C GLU C 294 4.44 -31.50 81.58
N VAL C 295 3.80 -30.86 80.60
CA VAL C 295 2.86 -29.76 80.84
C VAL C 295 1.50 -30.15 80.28
N ALA C 296 0.47 -29.47 80.78
CA ALA C 296 -0.93 -29.79 80.54
C ALA C 296 -1.46 -28.98 79.34
N GLY C 297 -2.67 -29.30 78.89
CA GLY C 297 -3.23 -28.61 77.74
C GLY C 297 -3.54 -27.16 78.04
N TYR C 298 -3.89 -26.40 76.99
CA TYR C 298 -4.07 -24.93 77.19
C TYR C 298 -5.39 -24.59 77.89
N ILE C 299 -6.52 -25.07 77.34
CA ILE C 299 -7.83 -24.67 77.91
C ILE C 299 -7.91 -25.17 79.35
N ASP C 300 -7.38 -26.37 79.60
CA ASP C 300 -7.45 -26.95 80.96
C ASP C 300 -6.68 -26.03 81.90
N GLU C 301 -5.54 -25.51 81.44
CA GLU C 301 -4.81 -24.53 82.27
C GLU C 301 -5.72 -23.32 82.45
N LEU C 302 -6.41 -22.91 81.39
CA LEU C 302 -7.27 -21.70 81.47
C LEU C 302 -8.37 -21.94 82.49
N GLY C 303 -8.90 -23.16 82.53
CA GLY C 303 -10.01 -23.47 83.45
C GLY C 303 -11.33 -23.07 82.82
N GLN C 304 -11.28 -22.35 81.70
CA GLN C 304 -12.50 -21.94 80.98
C GLN C 304 -12.31 -22.27 79.50
N PRO C 305 -13.37 -22.55 78.72
CA PRO C 305 -13.18 -22.95 77.34
C PRO C 305 -12.53 -21.79 76.57
N SER C 306 -11.53 -22.10 75.74
CA SER C 306 -10.83 -21.04 74.97
C SER C 306 -10.86 -21.36 73.47
N ASP C 307 -11.24 -20.40 72.63
CA ASP C 307 -11.16 -20.63 71.17
C ASP C 307 -9.95 -19.83 70.65
N THR C 308 -9.20 -19.23 71.57
CA THR C 308 -7.98 -18.48 71.16
C THR C 308 -6.98 -19.41 70.45
N GLU C 309 -6.27 -18.89 69.45
CA GLU C 309 -5.28 -19.70 68.69
C GLU C 309 -3.90 -19.59 69.32
N THR C 310 -3.48 -20.56 70.13
CA THR C 310 -2.09 -20.44 70.63
C THR C 310 -1.14 -20.31 69.44
N PHE C 311 -1.39 -21.06 68.36
CA PHE C 311 -0.46 -21.04 67.19
C PHE C 311 -1.19 -20.64 65.90
N VAL C 312 -0.60 -19.74 65.12
CA VAL C 312 -1.20 -19.37 63.81
C VAL C 312 -0.11 -19.42 62.74
N ALA C 313 -0.48 -19.70 61.49
CA ALA C 313 0.50 -19.68 60.39
C ALA C 313 -0.14 -18.97 59.19
N ILE C 314 0.62 -18.16 58.48
CA ILE C 314 0.04 -17.37 57.40
C ILE C 314 0.87 -17.54 56.14
N LYS C 315 0.18 -17.55 54.99
CA LYS C 315 0.87 -17.60 53.69
C LYS C 315 0.78 -16.19 53.13
N ALA C 316 1.41 -15.24 53.80
CA ALA C 316 1.25 -13.83 53.40
C ALA C 316 1.85 -13.60 52.01
N HIS C 317 1.17 -12.77 51.22
CA HIS C 317 1.72 -12.40 49.89
C HIS C 317 1.96 -10.89 49.91
N VAL C 318 3.13 -10.45 49.46
CA VAL C 318 3.36 -8.97 49.35
C VAL C 318 3.36 -8.66 47.86
N ASP C 319 2.50 -7.73 47.42
CA ASP C 319 2.46 -7.50 45.96
C ASP C 319 3.10 -6.15 45.68
N ASN C 320 4.23 -6.16 44.97
CA ASN C 320 4.90 -4.89 44.57
C ASN C 320 5.80 -5.27 43.39
N TRP C 321 6.22 -4.29 42.61
CA TRP C 321 7.18 -4.61 41.51
C TRP C 321 8.26 -5.54 42.04
N ARG C 322 8.75 -5.33 43.26
CA ARG C 322 9.88 -6.15 43.70
C ARG C 322 9.46 -7.58 43.98
N TRP C 323 8.30 -7.78 44.62
CA TRP C 323 7.97 -9.06 45.26
C TRP C 323 6.72 -9.78 44.76
N HIS C 324 5.89 -9.18 43.91
CA HIS C 324 4.60 -9.79 43.59
C HIS C 324 4.82 -11.23 43.11
N GLY C 325 4.33 -12.16 43.90
CA GLY C 325 4.51 -13.58 43.64
C GLY C 325 5.59 -14.26 44.48
N VAL C 326 6.10 -13.60 45.51
CA VAL C 326 7.04 -14.20 46.46
C VAL C 326 6.28 -14.49 47.75
N PRO C 327 6.04 -15.76 48.08
CA PRO C 327 5.29 -16.08 49.30
C PRO C 327 6.09 -15.80 50.56
N PHE C 328 5.41 -15.23 51.57
CA PHE C 328 5.97 -15.00 52.90
C PHE C 328 5.26 -15.90 53.90
N TYR C 329 6.00 -16.85 54.44
CA TYR C 329 5.46 -17.94 55.25
C TYR C 329 5.68 -17.64 56.73
N ILE C 330 4.60 -17.33 57.43
CA ILE C 330 4.64 -16.87 58.81
C ILE C 330 4.39 -18.04 59.76
N ARG C 331 4.99 -17.98 60.96
CA ARG C 331 4.88 -19.05 61.94
C ARG C 331 5.36 -18.56 63.31
N THR C 332 4.43 -18.35 64.23
CA THR C 332 4.74 -18.07 65.63
C THR C 332 3.82 -18.91 66.51
N GLY C 333 4.37 -19.54 67.55
CA GLY C 333 3.55 -20.45 68.37
C GLY C 333 3.98 -20.56 69.83
N LYS C 334 3.19 -21.26 70.65
CA LYS C 334 3.45 -21.39 72.10
C LYS C 334 3.48 -22.86 72.49
N ARG C 335 4.30 -23.24 73.47
CA ARG C 335 4.47 -24.70 73.80
C ARG C 335 5.00 -25.37 72.54
N LEU C 336 5.75 -24.62 71.73
CA LEU C 336 6.38 -25.16 70.50
C LEU C 336 7.50 -26.09 70.94
N PRO C 337 7.95 -27.07 70.13
CA PRO C 337 8.91 -28.05 70.60
C PRO C 337 10.22 -27.37 71.03
N ALA C 338 10.66 -26.38 70.26
CA ALA C 338 11.89 -25.62 70.62
C ALA C 338 11.63 -24.13 70.42
N ARG C 339 12.38 -23.27 71.10
CA ARG C 339 12.18 -21.82 70.81
C ARG C 339 13.32 -21.33 69.94
N ARG C 340 12.99 -20.87 68.73
CA ARG C 340 14.01 -20.27 67.84
C ARG C 340 13.40 -19.10 67.10
N SER C 341 14.19 -18.08 66.80
CA SER C 341 13.70 -16.95 65.98
C SER C 341 14.66 -16.81 64.80
N GLU C 342 14.14 -16.74 63.58
CA GLU C 342 15.06 -16.69 62.41
C GLU C 342 14.27 -16.48 61.13
N ILE C 343 14.97 -16.19 60.03
CA ILE C 343 14.30 -15.98 58.75
C ILE C 343 14.99 -16.86 57.72
N VAL C 344 14.20 -17.51 56.89
CA VAL C 344 14.75 -18.37 55.87
C VAL C 344 14.36 -17.77 54.52
N VAL C 345 15.32 -17.08 53.92
CA VAL C 345 15.22 -16.64 52.54
C VAL C 345 15.77 -17.79 51.71
N GLN C 346 14.91 -18.45 50.97
CA GLN C 346 15.30 -19.50 50.04
C GLN C 346 15.27 -18.88 48.66
N PHE C 347 16.37 -19.01 47.92
CA PHE C 347 16.50 -18.30 46.67
C PHE C 347 16.04 -19.15 45.52
N LYS C 348 15.62 -18.49 44.45
CA LYS C 348 15.17 -19.23 43.30
C LYS C 348 16.34 -20.03 42.74
N PRO C 349 16.12 -21.30 42.43
CA PRO C 349 17.24 -22.18 42.07
C PRO C 349 17.88 -21.80 40.75
N VAL C 350 19.06 -22.39 40.55
CA VAL C 350 19.91 -22.17 39.38
C VAL C 350 19.12 -22.42 38.11
N PRO C 351 19.24 -21.55 37.10
CA PRO C 351 18.43 -21.72 35.89
C PRO C 351 18.68 -23.03 35.18
N HIS C 352 19.81 -23.68 35.46
CA HIS C 352 20.19 -24.91 34.79
C HIS C 352 21.20 -25.61 35.67
N SER C 353 21.08 -26.93 35.74
CA SER C 353 22.07 -27.75 36.42
C SER C 353 23.06 -28.16 35.36
N ILE C 354 24.27 -27.58 35.44
CA ILE C 354 25.28 -27.89 34.43
C ILE C 354 25.87 -29.27 34.62
N PHE C 355 25.35 -30.05 35.58
CA PHE C 355 25.81 -31.37 35.95
C PHE C 355 24.76 -32.44 35.64
N SER C 356 25.21 -33.68 35.75
CA SER C 356 24.32 -34.85 35.50
C SER C 356 23.40 -35.11 36.69
N SER C 357 22.39 -35.95 36.50
CA SER C 357 21.42 -36.30 37.56
C SER C 357 22.12 -37.01 38.71
N SER C 358 23.12 -37.84 38.41
CA SER C 358 23.69 -38.71 39.47
C SER C 358 24.29 -37.91 40.61
N GLY C 359 24.97 -36.79 40.35
CA GLY C 359 25.61 -36.13 41.49
C GLY C 359 25.00 -34.82 41.92
N GLY C 360 24.62 -34.71 43.19
CA GLY C 360 24.17 -33.42 43.77
C GLY C 360 22.68 -33.18 43.88
N ILE C 361 22.22 -32.85 45.09
CA ILE C 361 20.81 -32.42 45.32
C ILE C 361 20.61 -31.08 44.61
N LEU C 362 21.63 -30.21 44.63
CA LEU C 362 21.48 -28.84 44.08
C LEU C 362 20.35 -28.13 44.83
N GLN C 363 20.30 -28.35 46.15
CA GLN C 363 19.25 -27.72 46.98
C GLN C 363 19.43 -26.20 46.93
N PRO C 364 18.34 -25.41 46.95
CA PRO C 364 18.45 -23.95 46.78
C PRO C 364 19.23 -23.25 47.90
N ASN C 365 20.02 -22.24 47.53
CA ASN C 365 20.78 -21.46 48.54
C ASN C 365 19.75 -20.75 49.43
N LYS C 366 20.01 -20.71 50.74
CA LYS C 366 19.10 -20.00 51.67
C LYS C 366 19.93 -19.13 52.61
N LEU C 367 19.38 -18.00 53.05
CA LEU C 367 20.10 -17.19 54.06
C LEU C 367 19.31 -17.30 55.36
N ARG C 368 19.97 -17.76 56.42
CA ARG C 368 19.28 -17.92 57.71
C ARG C 368 20.02 -17.13 58.78
N ILE C 369 19.31 -16.29 59.53
CA ILE C 369 19.98 -15.61 60.67
C ILE C 369 19.20 -15.98 61.92
N VAL C 370 19.84 -16.58 62.91
CA VAL C 370 19.11 -16.79 64.20
C VAL C 370 19.02 -15.42 64.83
N LEU C 371 17.91 -15.09 65.49
CA LEU C 371 17.84 -13.71 66.03
C LEU C 371 17.83 -13.74 67.56
N GLN C 372 16.65 -13.82 68.17
CA GLN C 372 16.58 -13.74 69.66
C GLN C 372 17.29 -14.92 70.34
N PRO C 373 17.17 -16.19 69.89
CA PRO C 373 17.76 -17.31 70.64
C PRO C 373 19.28 -17.18 70.68
N ASP C 374 19.87 -16.81 69.55
CA ASP C 374 21.34 -16.61 69.47
C ASP C 374 21.58 -15.65 68.30
N GLU C 375 22.73 -14.99 68.25
CA GLU C 375 22.93 -14.16 67.05
C GLU C 375 23.89 -14.89 66.13
N THR C 376 23.42 -15.31 64.95
CA THR C 376 24.31 -15.95 63.95
C THR C 376 23.76 -15.66 62.56
N ILE C 377 24.63 -15.63 61.54
CA ILE C 377 24.14 -15.50 60.15
C ILE C 377 24.71 -16.69 59.38
N GLN C 378 23.87 -17.45 58.66
CA GLN C 378 24.41 -18.56 57.83
C GLN C 378 23.78 -18.53 56.43
N ILE C 379 24.55 -18.89 55.41
CA ILE C 379 24.00 -18.97 54.02
C ILE C 379 24.19 -20.39 53.51
N SER C 380 23.12 -21.01 52.99
CA SER C 380 23.28 -22.36 52.38
C SER C 380 24.12 -22.24 51.11
N ILE C 381 25.03 -23.18 50.90
CA ILE C 381 25.87 -23.20 49.67
C ILE C 381 25.98 -24.65 49.24
N MET C 382 26.21 -24.91 47.95
CA MET C 382 26.40 -26.31 47.53
C MET C 382 27.86 -26.49 47.10
N VAL C 383 28.55 -27.49 47.65
CA VAL C 383 29.98 -27.72 47.33
C VAL C 383 30.11 -29.15 46.81
N LYS C 384 30.95 -29.36 45.80
CA LYS C 384 31.17 -30.74 45.30
C LYS C 384 31.80 -31.58 46.41
N GLU C 385 31.34 -32.82 46.58
CA GLU C 385 31.87 -33.72 47.63
C GLU C 385 33.29 -34.17 47.25
N PRO C 386 34.17 -34.53 48.21
CA PRO C 386 35.48 -35.00 47.83
C PRO C 386 35.11 -36.23 47.00
N GLY C 387 35.77 -36.43 45.86
CA GLY C 387 35.32 -37.49 44.95
C GLY C 387 36.36 -38.05 44.00
N LEU C 388 36.08 -39.20 43.40
CA LEU C 388 36.96 -39.87 42.42
C LEU C 388 36.03 -40.14 41.24
N ASP C 389 36.54 -40.54 40.07
CA ASP C 389 35.58 -40.63 38.93
C ASP C 389 34.81 -41.94 39.11
N ARG C 390 34.08 -42.02 40.23
CA ARG C 390 33.18 -43.15 40.55
C ARG C 390 31.87 -42.91 39.79
N ASN C 391 30.98 -43.89 39.77
CA ASN C 391 29.73 -43.76 38.98
C ASN C 391 28.92 -42.58 39.52
N GLY C 392 28.89 -42.38 40.84
CA GLY C 392 28.13 -41.26 41.44
C GLY C 392 29.04 -40.15 41.96
N ALA C 393 28.77 -38.89 41.60
CA ALA C 393 29.61 -37.75 42.02
C ALA C 393 28.73 -36.66 42.61
N HIS C 394 28.20 -36.89 43.81
CA HIS C 394 27.27 -35.93 44.47
C HIS C 394 27.96 -34.68 44.99
N MET C 395 27.22 -33.57 45.07
CA MET C 395 27.74 -32.32 45.68
C MET C 395 26.85 -32.04 46.88
N ARG C 396 27.42 -31.77 48.05
CA ARG C 396 26.57 -31.62 49.28
C ARG C 396 26.32 -30.16 49.64
N GLU C 397 25.17 -29.88 50.27
CA GLU C 397 24.88 -28.51 50.75
C GLU C 397 25.78 -28.21 51.95
N VAL C 398 26.33 -27.00 52.00
CA VAL C 398 27.22 -26.60 53.13
C VAL C 398 26.84 -25.16 53.50
N TRP C 399 27.09 -24.75 54.75
CA TRP C 399 26.61 -23.40 55.17
C TRP C 399 27.77 -22.51 55.65
N LEU C 400 27.70 -21.20 55.37
CA LEU C 400 28.71 -20.31 55.93
C LEU C 400 28.20 -19.68 57.22
N ASP C 401 28.82 -20.09 58.33
CA ASP C 401 28.42 -19.58 59.65
C ASP C 401 29.30 -18.43 60.11
N LEU C 402 28.64 -17.61 60.88
CA LEU C 402 29.17 -16.50 61.62
C LEU C 402 28.37 -16.57 62.91
N SER C 403 29.05 -16.49 64.03
CA SER C 403 28.37 -16.54 65.32
C SER C 403 28.40 -15.11 65.82
N LEU C 404 27.34 -14.37 65.47
CA LEU C 404 27.25 -12.96 65.86
C LEU C 404 27.40 -12.80 67.36
N THR C 405 26.99 -13.81 68.15
CA THR C 405 27.15 -13.73 69.59
C THR C 405 28.39 -14.43 70.12
N ASP C 406 29.26 -14.95 69.26
CA ASP C 406 30.52 -15.56 69.66
C ASP C 406 31.74 -14.76 69.25
N VAL C 407 31.65 -13.99 68.16
CA VAL C 407 32.78 -13.15 67.74
C VAL C 407 32.88 -11.93 68.65
N PHE C 408 31.74 -11.37 69.07
CA PHE C 408 31.69 -10.23 69.99
C PHE C 408 31.55 -10.68 71.44
N LYS C 409 32.52 -11.51 71.87
CA LYS C 409 32.62 -11.77 73.29
C LYS C 409 33.04 -10.52 74.06
N ASP C 410 33.38 -9.44 73.37
CA ASP C 410 33.64 -8.18 74.06
C ASP C 410 32.34 -7.41 74.28
N ARG C 411 31.51 -7.33 73.25
CA ARG C 411 30.24 -6.62 73.33
C ARG C 411 29.31 -7.32 74.32
N LYS C 412 28.64 -6.53 75.15
CA LYS C 412 27.78 -7.11 76.18
C LYS C 412 26.48 -7.55 75.53
N ARG C 413 26.02 -8.75 75.86
CA ARG C 413 24.78 -9.23 75.28
C ARG C 413 23.61 -8.48 75.91
N ARG C 414 23.82 -7.18 76.10
CA ARG C 414 22.87 -6.32 76.78
C ARG C 414 21.47 -6.49 76.22
N ILE C 415 20.48 -6.52 77.12
CA ILE C 415 19.07 -6.57 76.74
C ILE C 415 18.71 -5.53 75.70
N ALA C 416 17.67 -5.88 74.93
CA ALA C 416 17.11 -5.06 73.85
C ALA C 416 16.37 -3.83 74.37
N HIS C 417 15.43 -4.02 75.30
CA HIS C 417 14.78 -2.85 75.93
C HIS C 417 15.75 -1.83 76.49
N GLU C 418 16.81 -2.25 77.18
CA GLU C 418 17.70 -1.22 77.80
C GLU C 418 18.01 -0.08 76.82
N ARG C 419 18.40 -0.38 75.58
CA ARG C 419 18.82 0.65 74.57
C ARG C 419 17.68 1.59 74.21
N LEU C 420 16.45 1.09 74.12
CA LEU C 420 15.32 1.92 73.64
C LEU C 420 15.17 3.12 74.57
N LEU C 421 15.38 2.90 75.87
CA LEU C 421 15.22 3.99 76.87
C LEU C 421 16.22 5.11 76.53
N LEU C 422 17.40 4.75 76.05
CA LEU C 422 18.41 5.78 75.64
C LEU C 422 17.81 6.68 74.57
N ASP C 423 17.13 6.09 73.58
CA ASP C 423 16.49 6.86 72.49
C ASP C 423 15.43 7.77 73.11
N LEU C 424 14.68 7.24 74.08
CA LEU C 424 13.66 8.06 74.80
C LEU C 424 14.39 9.19 75.52
N ILE C 425 15.55 8.88 76.11
CA ILE C 425 16.35 9.91 76.83
C ILE C 425 16.76 10.95 75.78
N GLU C 426 17.11 10.48 74.58
CA GLU C 426 17.42 11.42 73.47
C GLU C 426 16.14 12.20 73.20
N GLY C 427 15.00 11.54 73.29
CA GLY C 427 13.74 12.21 72.93
C GLY C 427 13.54 12.11 71.44
N ASP C 428 14.42 11.36 70.77
CA ASP C 428 14.21 11.13 69.31
C ASP C 428 13.83 9.65 69.15
N ALA C 429 12.71 9.40 68.47
CA ALA C 429 12.25 8.01 68.24
C ALA C 429 13.19 7.38 67.22
N THR C 430 14.21 6.66 67.70
CA THR C 430 15.14 5.99 66.79
C THR C 430 14.43 4.71 66.35
N LEU C 431 13.44 4.27 67.13
CA LEU C 431 12.83 2.99 66.76
C LEU C 431 11.46 2.74 67.39
N PHE C 432 10.53 3.67 67.19
CA PHE C 432 9.21 3.54 67.80
C PHE C 432 8.14 3.59 66.75
N VAL C 433 7.08 2.89 67.03
CA VAL C 433 6.15 2.59 65.96
C VAL C 433 5.31 3.83 65.74
N ARG C 434 4.98 4.07 64.48
CA ARG C 434 4.28 5.26 64.07
C ARG C 434 2.84 4.92 63.72
N ARG C 435 1.96 5.87 63.98
CA ARG C 435 0.53 5.66 63.76
C ARG C 435 0.25 5.26 62.31
N ASP C 436 0.80 6.00 61.34
CA ASP C 436 0.57 5.64 59.94
C ASP C 436 1.11 4.23 59.66
N GLU C 437 2.20 3.84 60.35
CA GLU C 437 2.59 2.43 60.37
C GLU C 437 1.54 1.56 61.01
N VAL C 438 1.15 1.90 62.24
CA VAL C 438 0.27 1.04 63.04
C VAL C 438 -1.04 0.81 62.32
N GLU C 439 -1.67 1.88 61.82
CA GLU C 439 -2.97 1.75 61.19
C GLU C 439 -2.92 0.85 59.97
N ALA C 440 -1.75 0.76 59.32
CA ALA C 440 -1.59 -0.23 58.26
C ALA C 440 -1.60 -1.67 58.80
N GLN C 441 -1.11 -1.90 60.02
CA GLN C 441 -1.07 -3.26 60.56
C GLN C 441 -2.48 -3.81 60.81
N TRP C 442 -3.34 -3.04 61.48
CA TRP C 442 -4.66 -3.55 61.84
C TRP C 442 -5.49 -3.88 60.62
N ILE C 443 -5.52 -2.97 59.65
CA ILE C 443 -6.40 -3.12 58.48
C ILE C 443 -6.21 -4.48 57.84
N TRP C 444 -4.97 -4.95 57.74
CA TRP C 444 -4.74 -6.27 57.18
C TRP C 444 -5.14 -7.36 58.16
N ILE C 445 -4.56 -7.28 59.37
CA ILE C 445 -4.84 -8.21 60.46
C ILE C 445 -6.33 -8.49 60.57
N ASP C 446 -7.08 -7.41 60.77
CA ASP C 446 -8.50 -7.51 61.08
C ASP C 446 -9.28 -8.10 59.91
N GLY C 447 -8.71 -8.03 58.70
CA GLY C 447 -9.37 -8.66 57.58
C GLY C 447 -9.29 -10.17 57.63
N ILE C 448 -8.25 -10.72 58.29
CA ILE C 448 -8.19 -12.16 58.52
C ILE C 448 -9.32 -12.58 59.46
N ARG C 449 -9.48 -11.80 60.54
CA ARG C 449 -10.40 -12.04 61.65
C ARG C 449 -11.85 -11.95 61.18
N GLU C 450 -12.30 -10.72 60.88
CA GLU C 450 -13.65 -10.47 60.40
C GLU C 450 -14.06 -11.51 59.37
N GLY C 451 -13.15 -11.81 58.43
CA GLY C 451 -13.28 -12.83 57.42
C GLY C 451 -13.41 -14.28 57.89
N TRP C 452 -12.37 -14.83 58.54
CA TRP C 452 -12.43 -16.25 58.89
C TRP C 452 -13.40 -16.50 60.02
N LYS C 453 -13.81 -15.45 60.72
CA LYS C 453 -14.87 -15.57 61.70
C LYS C 453 -16.20 -15.65 60.99
N ALA C 454 -16.35 -14.86 59.91
CA ALA C 454 -17.48 -15.00 59.02
C ALA C 454 -17.55 -16.36 58.33
N ASN C 455 -16.47 -17.17 58.35
CA ASN C 455 -16.49 -18.55 57.85
C ASN C 455 -16.56 -19.58 58.96
N SER C 456 -16.67 -19.13 60.21
CA SER C 456 -16.71 -20.03 61.34
C SER C 456 -15.48 -20.93 61.32
N MET C 457 -14.31 -20.30 61.48
CA MET C 457 -13.05 -21.09 61.56
C MET C 457 -12.67 -21.25 63.03
N LYS C 458 -12.15 -22.41 63.43
CA LYS C 458 -11.87 -22.66 64.87
C LYS C 458 -10.46 -23.23 65.05
N PRO C 459 -9.81 -23.01 66.22
CA PRO C 459 -8.42 -23.44 66.45
C PRO C 459 -8.24 -24.96 66.52
N LYS C 460 -7.06 -25.45 66.13
CA LYS C 460 -6.79 -26.90 66.13
C LYS C 460 -5.81 -27.24 67.26
N THR C 461 -6.18 -28.18 68.13
CA THR C 461 -5.31 -28.58 69.27
C THR C 461 -4.04 -29.28 68.74
N TYR C 462 -2.89 -29.02 69.35
CA TYR C 462 -1.64 -29.72 68.96
C TYR C 462 -0.92 -30.14 70.24
N VAL C 463 -0.17 -31.24 70.20
CA VAL C 463 0.48 -31.74 71.44
C VAL C 463 1.50 -30.72 71.93
N SER C 464 1.57 -30.49 73.24
CA SER C 464 2.63 -29.59 73.77
C SER C 464 3.94 -30.07 73.17
N GLY C 465 4.80 -29.15 72.74
CA GLY C 465 6.05 -29.66 72.25
C GLY C 465 6.00 -30.26 70.87
N THR C 466 4.90 -30.06 70.11
CA THR C 466 4.94 -30.47 68.72
C THR C 466 4.75 -29.18 67.95
N TRP C 467 4.48 -29.31 66.67
CA TRP C 467 4.55 -28.20 65.72
C TRP C 467 3.13 -27.85 65.23
N GLY C 468 2.29 -27.34 66.13
CA GLY C 468 0.95 -26.93 65.79
C GLY C 468 0.12 -27.97 65.06
N PRO C 469 -1.02 -27.55 64.52
CA PRO C 469 -1.87 -28.49 63.78
C PRO C 469 -1.17 -29.00 62.53
N ILE C 470 -1.42 -30.26 62.20
CA ILE C 470 -0.93 -30.81 60.94
C ILE C 470 -1.54 -30.12 59.73
N THR C 471 -2.61 -29.34 59.92
CA THR C 471 -3.16 -28.59 58.80
C THR C 471 -2.14 -27.62 58.24
N ALA C 472 -1.21 -27.16 59.09
CA ALA C 472 -0.11 -26.32 58.61
C ALA C 472 0.84 -27.11 57.72
N ILE C 473 1.29 -28.28 58.19
CA ILE C 473 2.27 -29.07 57.45
C ILE C 473 1.87 -29.22 56.00
N ALA C 474 0.57 -29.16 55.71
CA ALA C 474 0.10 -29.26 54.34
C ALA C 474 0.08 -27.90 53.65
N LEU C 475 -0.06 -26.83 54.44
CA LEU C 475 0.04 -25.47 53.91
C LEU C 475 1.38 -25.21 53.25
N VAL C 476 2.47 -25.65 53.88
CA VAL C 476 3.79 -25.43 53.29
C VAL C 476 3.97 -26.37 52.09
N GLU C 477 3.50 -27.61 52.20
CA GLU C 477 3.74 -28.66 51.22
C GLU C 477 2.83 -28.63 49.97
N ARG C 478 1.75 -27.86 49.93
CA ARG C 478 0.99 -27.81 48.68
C ARG C 478 1.65 -26.94 47.62
N ASP C 479 2.73 -26.26 47.99
CA ASP C 479 3.51 -25.44 47.08
C ASP C 479 4.79 -26.12 46.62
N GLY C 480 5.22 -27.18 47.28
CA GLY C 480 6.51 -27.76 47.00
C GLY C 480 7.58 -27.26 47.95
N VAL C 481 7.21 -26.84 49.16
CA VAL C 481 8.16 -26.28 50.13
C VAL C 481 7.88 -26.83 51.52
N THR C 482 8.94 -26.91 52.33
CA THR C 482 8.88 -27.40 53.69
C THR C 482 9.48 -26.39 54.66
N TRP C 483 9.02 -26.42 55.90
CA TRP C 483 9.53 -25.46 56.91
C TRP C 483 11.00 -25.75 57.18
N TYR C 484 11.62 -25.04 58.12
CA TYR C 484 13.08 -25.27 58.30
C TYR C 484 13.31 -26.01 59.61
N ASP C 485 14.00 -27.15 59.55
CA ASP C 485 14.38 -27.88 60.79
C ASP C 485 15.89 -28.12 60.71
N LEU C 486 16.61 -27.85 61.80
CA LEU C 486 18.09 -27.97 61.73
C LEU C 486 18.43 -29.44 61.43
N GLU C 487 17.70 -30.37 62.04
CA GLU C 487 17.94 -31.81 61.77
C GLU C 487 17.30 -32.17 60.44
N ASN D 3 34.85 -47.04 27.76
CA ASN D 3 36.14 -46.91 27.03
C ASN D 3 37.30 -47.24 27.98
N THR D 4 37.01 -47.99 29.05
CA THR D 4 38.05 -48.26 30.07
C THR D 4 39.18 -49.07 29.44
N VAL D 5 40.41 -48.85 29.89
CA VAL D 5 41.59 -49.52 29.26
C VAL D 5 42.15 -50.55 30.23
N SER D 6 42.37 -51.78 29.77
CA SER D 6 42.85 -52.88 30.66
C SER D 6 44.33 -53.16 30.43
N THR D 7 45.00 -52.36 29.60
CA THR D 7 46.41 -52.55 29.33
C THR D 7 47.06 -51.19 29.45
N MET D 8 48.00 -51.04 30.36
CA MET D 8 48.56 -49.73 30.56
C MET D 8 50.06 -49.94 30.68
N ILE D 9 50.83 -48.94 30.25
CA ILE D 9 52.28 -49.06 30.20
C ILE D 9 52.86 -47.88 30.96
N LEU D 10 53.79 -48.15 31.89
CA LEU D 10 54.37 -47.11 32.75
C LEU D 10 55.84 -46.91 32.39
N PHE D 11 56.07 -45.79 31.73
CA PHE D 11 57.36 -45.37 31.21
C PHE D 11 58.04 -44.48 32.23
N GLY D 12 59.34 -44.59 32.37
CA GLY D 12 59.97 -43.69 33.29
C GLY D 12 59.76 -44.16 34.70
N SER D 13 59.40 -45.43 34.83
CA SER D 13 59.10 -46.07 36.10
C SER D 13 60.25 -45.94 37.07
N THR D 14 61.43 -45.62 36.55
CA THR D 14 62.60 -45.46 37.37
C THR D 14 62.57 -44.11 38.05
N GLY D 15 61.68 -43.24 37.56
CA GLY D 15 61.65 -41.84 38.05
C GLY D 15 61.13 -41.68 39.45
N ASP D 16 61.52 -40.59 40.10
CA ASP D 16 61.04 -40.29 41.46
C ASP D 16 59.53 -40.12 41.41
N LEU D 17 59.03 -39.46 40.37
CA LEU D 17 57.59 -39.19 40.33
C LEU D 17 56.86 -40.53 40.30
N SER D 18 57.37 -41.49 39.53
CA SER D 18 56.58 -42.73 39.48
C SER D 18 56.51 -43.34 40.86
N GLN D 19 57.64 -43.41 41.57
CA GLN D 19 57.54 -43.89 42.96
C GLN D 19 56.80 -42.92 43.85
N ARG D 20 57.13 -41.62 43.74
CA ARG D 20 56.50 -40.62 44.64
C ARG D 20 55.01 -40.38 44.39
N MET D 21 54.63 -40.25 43.12
CA MET D 21 53.22 -39.87 42.83
C MET D 21 52.46 -40.89 42.00
N LEU D 22 53.14 -41.80 41.34
CA LEU D 22 52.39 -42.70 40.40
C LEU D 22 52.12 -44.03 41.09
N LEU D 23 53.16 -44.82 41.34
CA LEU D 23 52.83 -46.11 41.94
C LEU D 23 51.95 -46.01 43.20
N PRO D 24 52.18 -45.09 44.14
CA PRO D 24 51.24 -44.95 45.28
C PRO D 24 49.82 -44.64 44.89
N ALA D 25 49.61 -43.85 43.83
CA ALA D 25 48.26 -43.54 43.42
C ALA D 25 47.57 -44.78 42.89
N LEU D 26 48.31 -45.55 42.08
CA LEU D 26 47.84 -46.79 41.49
C LEU D 26 47.36 -47.78 42.56
N TYR D 27 48.26 -48.15 43.48
CA TYR D 27 47.92 -49.03 44.60
C TYR D 27 46.74 -48.46 45.38
N GLY D 28 46.69 -47.15 45.55
CA GLY D 28 45.53 -46.56 46.19
C GLY D 28 44.25 -46.82 45.42
N LEU D 29 44.35 -46.88 44.09
CA LEU D 29 43.16 -47.22 43.32
C LEU D 29 42.89 -48.71 43.45
N ASP D 30 43.93 -49.53 43.27
CA ASP D 30 43.86 -50.97 43.51
C ASP D 30 43.21 -51.34 44.82
N ALA D 31 43.91 -50.96 45.89
CA ALA D 31 43.55 -51.32 47.26
C ALA D 31 42.08 -51.00 47.58
N ASP D 32 41.45 -50.10 46.82
CA ASP D 32 40.04 -49.80 46.96
C ASP D 32 39.18 -50.37 45.84
N GLY D 33 39.79 -50.84 44.75
CA GLY D 33 39.01 -51.50 43.71
C GLY D 33 38.31 -50.58 42.74
N LEU D 34 39.10 -49.79 42.01
CA LEU D 34 38.67 -49.01 40.86
C LEU D 34 39.31 -49.51 39.58
N LEU D 35 40.14 -50.54 39.67
CA LEU D 35 40.89 -51.14 38.57
C LEU D 35 40.16 -52.42 38.20
N ALA D 36 39.82 -52.57 36.93
CA ALA D 36 39.41 -53.89 36.46
C ALA D 36 40.54 -54.86 36.75
N ASP D 37 40.26 -55.86 37.59
CA ASP D 37 41.26 -56.87 37.93
C ASP D 37 41.88 -57.57 36.71
N ASP D 38 41.27 -57.46 35.53
CA ASP D 38 41.93 -57.86 34.30
C ASP D 38 42.76 -56.72 33.69
N LEU D 39 43.55 -56.06 34.54
CA LEU D 39 44.35 -54.89 34.17
C LEU D 39 45.82 -55.25 34.08
N ARG D 40 46.43 -54.96 32.94
CA ARG D 40 47.87 -55.11 32.79
C ARG D 40 48.49 -53.73 32.96
N ILE D 41 49.70 -53.71 33.52
CA ILE D 41 50.43 -52.47 33.77
C ILE D 41 51.91 -52.71 33.44
N VAL D 42 52.27 -52.57 32.17
CA VAL D 42 53.60 -52.98 31.71
C VAL D 42 54.57 -51.84 31.98
N CYS D 43 55.20 -51.86 33.16
CA CYS D 43 56.11 -50.75 33.51
C CYS D 43 57.43 -50.89 32.74
N THR D 44 57.92 -49.81 32.13
CA THR D 44 59.16 -49.86 31.33
C THR D 44 60.20 -48.87 31.85
N SER D 45 61.43 -49.32 32.06
CA SER D 45 62.53 -48.40 32.46
C SER D 45 63.81 -48.83 31.74
N ARG D 46 64.75 -47.92 31.54
CA ARG D 46 66.05 -48.29 30.92
C ARG D 46 66.83 -49.27 31.80
N SER D 47 66.86 -49.05 33.11
CA SER D 47 67.62 -49.93 34.02
C SER D 47 67.11 -51.37 33.86
N GLU D 48 67.81 -52.36 34.43
CA GLU D 48 67.36 -53.75 34.19
C GLU D 48 66.77 -54.34 35.47
N TYR D 49 65.52 -54.79 35.41
CA TYR D 49 64.90 -55.47 36.58
C TYR D 49 64.03 -56.62 36.07
N ASP D 50 63.92 -57.70 36.84
CA ASP D 50 63.00 -58.82 36.48
C ASP D 50 61.57 -58.33 36.73
N THR D 51 60.56 -58.88 36.08
CA THR D 51 59.21 -58.32 36.34
C THR D 51 58.93 -58.55 37.82
N ASP D 52 59.30 -59.72 38.34
CA ASP D 52 59.17 -59.96 39.81
C ASP D 52 60.12 -58.98 40.49
N GLY D 53 61.30 -58.78 39.93
CA GLY D 53 62.27 -57.83 40.50
C GLY D 53 61.68 -56.43 40.57
N PHE D 54 61.35 -55.85 39.42
CA PHE D 54 60.76 -54.49 39.40
C PHE D 54 59.71 -54.39 40.50
N ARG D 55 58.94 -55.47 40.68
CA ARG D 55 57.81 -55.41 41.64
C ARG D 55 58.37 -55.13 43.02
N ASP D 56 59.51 -55.74 43.34
CA ASP D 56 60.13 -55.53 44.67
C ASP D 56 60.50 -54.05 44.81
N PHE D 57 61.03 -53.44 43.75
CA PHE D 57 61.40 -52.01 43.80
C PHE D 57 60.14 -51.18 44.04
N ALA D 58 59.04 -51.56 43.38
CA ALA D 58 57.78 -50.82 43.54
C ALA D 58 57.33 -50.94 44.99
N GLU D 59 57.49 -52.12 45.58
CA GLU D 59 57.01 -52.33 46.96
C GLU D 59 57.76 -51.35 47.85
N LYS D 60 59.06 -51.18 47.61
CA LYS D 60 59.81 -50.17 48.39
C LYS D 60 59.09 -48.84 48.23
N ALA D 61 58.81 -48.45 46.99
CA ALA D 61 58.23 -47.11 46.76
C ALA D 61 56.88 -47.05 47.47
N LEU D 62 56.10 -48.12 47.38
CA LEU D 62 54.76 -48.13 48.01
C LEU D 62 54.93 -47.98 49.51
N ASP D 63 55.94 -48.66 50.06
CA ASP D 63 56.18 -48.62 51.52
C ASP D 63 56.68 -47.22 51.88
N ARG D 64 57.52 -46.62 51.04
CA ARG D 64 58.10 -45.31 51.41
C ARG D 64 57.17 -44.16 51.05
N PHE D 65 56.01 -44.43 50.42
CA PHE D 65 55.20 -43.26 49.96
C PHE D 65 53.71 -43.44 50.25
N VAL D 66 53.18 -44.64 50.04
CA VAL D 66 51.70 -44.83 50.21
C VAL D 66 51.37 -44.60 51.68
N ALA D 67 50.18 -44.04 51.95
CA ALA D 67 49.80 -43.73 53.35
C ALA D 67 49.70 -45.04 54.13
N SER D 68 50.08 -45.02 55.40
CA SER D 68 50.13 -46.26 56.21
C SER D 68 48.73 -46.87 56.31
N ASP D 69 47.71 -46.04 56.46
CA ASP D 69 46.36 -46.60 56.65
C ASP D 69 46.01 -47.41 55.41
N ARG D 70 46.36 -46.89 54.23
CA ARG D 70 46.12 -47.66 52.97
C ARG D 70 46.97 -48.94 52.97
N LEU D 71 48.20 -48.87 53.45
CA LEU D 71 49.12 -50.04 53.38
C LEU D 71 48.48 -51.32 53.94
N ASN D 72 48.56 -52.43 53.20
CA ASN D 72 48.07 -53.75 53.68
C ASN D 72 48.90 -54.78 52.92
N ASP D 73 49.45 -55.80 53.59
CA ASP D 73 50.37 -56.64 52.87
C ASP D 73 49.62 -57.50 51.84
N ASP D 74 48.35 -57.81 52.14
CA ASP D 74 47.44 -58.42 51.17
C ASP D 74 47.08 -57.50 50.02
N ALA D 75 46.87 -56.22 50.29
CA ALA D 75 46.38 -55.34 49.23
C ALA D 75 47.53 -54.84 48.38
N LYS D 76 48.73 -54.85 48.96
CA LYS D 76 49.93 -54.62 48.17
C LYS D 76 50.14 -55.78 47.21
N ALA D 77 50.13 -57.01 47.74
CA ALA D 77 50.39 -58.19 46.92
C ALA D 77 49.41 -58.32 45.76
N LYS D 78 48.12 -58.07 46.01
CA LYS D 78 47.14 -58.14 44.92
C LYS D 78 47.44 -57.12 43.83
N PHE D 79 48.09 -56.01 44.19
CA PHE D 79 48.38 -54.97 43.23
C PHE D 79 49.67 -55.28 42.47
N LEU D 80 50.66 -55.86 43.17
CA LEU D 80 51.88 -56.30 42.52
C LEU D 80 51.64 -57.42 41.50
N ASN D 81 50.63 -58.28 41.69
CA ASN D 81 50.48 -59.36 40.69
C ASN D 81 49.88 -58.82 39.42
N LYS D 82 49.48 -57.55 39.42
CA LYS D 82 49.19 -56.83 38.19
C LYS D 82 50.39 -55.94 37.74
N LEU D 83 51.57 -56.09 38.32
CA LEU D 83 52.76 -55.31 37.99
C LEU D 83 53.69 -56.14 37.12
N PHE D 84 53.90 -55.71 35.88
CA PHE D 84 54.80 -56.37 34.92
C PHE D 84 55.72 -55.32 34.32
N TYR D 85 57.01 -55.65 34.20
CA TYR D 85 57.95 -54.64 33.75
C TYR D 85 58.59 -55.17 32.44
N ALA D 86 59.51 -54.40 31.87
CA ALA D 86 60.30 -54.84 30.72
C ALA D 86 61.41 -53.85 30.38
N THR D 87 62.67 -54.23 30.59
CA THR D 87 63.81 -53.38 30.25
C THR D 87 63.86 -53.07 28.75
N VAL D 88 63.81 -51.78 28.41
CA VAL D 88 63.86 -51.36 27.00
C VAL D 88 64.56 -50.02 26.86
N ASP D 89 65.40 -49.93 25.83
CA ASP D 89 65.86 -48.63 25.31
C ASP D 89 64.81 -47.99 24.41
N ILE D 90 64.59 -46.69 24.61
CA ILE D 90 63.79 -45.93 23.65
C ILE D 90 64.53 -45.84 22.32
N THR D 91 65.79 -45.38 22.34
CA THR D 91 66.56 -45.13 21.13
C THR D 91 66.44 -46.27 20.14
N ASP D 92 66.45 -47.50 20.67
CA ASP D 92 66.23 -48.71 19.88
C ASP D 92 64.74 -49.03 19.76
N PRO D 93 64.09 -48.82 18.60
CA PRO D 93 62.67 -49.17 18.51
C PRO D 93 62.42 -50.68 18.55
N THR D 94 63.46 -51.50 18.36
CA THR D 94 63.28 -52.97 18.31
C THR D 94 62.94 -53.51 19.70
N GLN D 95 63.36 -52.82 20.76
CA GLN D 95 63.10 -53.21 22.18
C GLN D 95 61.61 -53.22 22.50
N PHE D 96 60.81 -52.31 21.93
CA PHE D 96 59.39 -52.09 22.31
C PHE D 96 58.56 -53.36 22.12
N GLY D 97 58.91 -54.22 21.17
CA GLY D 97 58.08 -55.39 20.87
C GLY D 97 57.93 -56.27 22.10
N LYS D 98 58.97 -56.38 22.91
CA LYS D 98 58.84 -57.16 24.17
C LYS D 98 57.77 -56.52 25.05
N ILE D 99 57.71 -55.19 25.10
CA ILE D 99 56.61 -54.52 25.86
C ILE D 99 55.30 -54.91 25.19
N ALA D 100 55.30 -54.95 23.85
CA ALA D 100 54.05 -55.23 23.12
C ALA D 100 53.55 -56.62 23.49
N ASP D 101 54.46 -57.59 23.60
CA ASP D 101 53.99 -58.96 23.86
C ASP D 101 53.28 -58.97 25.21
N LEU D 102 53.84 -58.26 26.20
CA LEU D 102 53.19 -58.19 27.53
C LEU D 102 51.83 -57.51 27.39
N CYS D 103 51.80 -56.38 26.72
CA CYS D 103 50.55 -55.61 26.65
C CYS D 103 49.35 -56.52 26.37
N GLY D 104 48.19 -56.19 26.95
CA GLY D 104 46.94 -56.93 26.73
C GLY D 104 46.40 -56.60 25.36
N PRO D 105 45.37 -57.27 24.84
CA PRO D 105 44.97 -57.07 23.46
C PRO D 105 44.58 -55.62 23.21
N VAL D 106 44.91 -55.11 22.02
CA VAL D 106 44.72 -53.67 21.71
C VAL D 106 43.23 -53.32 21.82
N GLU D 107 42.34 -54.22 21.45
CA GLU D 107 40.89 -53.85 21.46
C GLU D 107 40.58 -53.47 22.90
N LYS D 108 41.14 -54.18 23.87
CA LYS D 108 40.95 -53.77 25.28
C LYS D 108 41.55 -52.36 25.39
N GLY D 109 42.67 -52.12 24.69
CA GLY D 109 43.27 -50.77 24.65
C GLY D 109 44.45 -50.59 25.57
N ILE D 110 45.27 -49.57 25.29
CA ILE D 110 46.51 -49.33 26.09
C ILE D 110 46.54 -47.88 26.56
N ALA D 111 46.76 -47.65 27.85
CA ALA D 111 46.91 -46.26 28.34
C ALA D 111 48.41 -46.09 28.42
N ILE D 112 48.96 -45.08 27.74
CA ILE D 112 50.44 -45.00 27.67
C ILE D 112 50.95 -43.82 28.48
N TYR D 113 51.41 -44.07 29.71
CA TYR D 113 52.05 -42.95 30.40
C TYR D 113 53.50 -42.75 30.07
N LEU D 114 53.81 -41.47 29.79
CA LEU D 114 55.16 -40.90 29.48
C LEU D 114 55.70 -40.17 30.69
N ALA D 115 56.53 -40.85 31.47
CA ALA D 115 57.18 -40.07 32.48
C ALA D 115 58.62 -39.68 32.17
N THR D 116 58.94 -39.11 30.99
CA THR D 116 60.35 -38.71 30.74
C THR D 116 60.60 -37.25 30.39
N SER D 117 61.64 -36.97 29.60
CA SER D 117 61.96 -35.61 29.17
C SER D 117 61.45 -35.40 27.74
N SER D 118 60.96 -34.20 27.43
CA SER D 118 60.39 -33.91 26.10
C SER D 118 61.32 -34.24 24.93
N SER D 119 62.64 -34.09 25.10
CA SER D 119 63.54 -34.58 24.05
C SER D 119 63.41 -36.09 23.86
N LEU D 120 63.13 -36.83 24.95
CA LEU D 120 63.03 -38.29 24.92
C LEU D 120 61.69 -38.75 24.36
N PHE D 121 60.75 -37.82 24.26
CA PHE D 121 59.42 -38.13 23.77
C PHE D 121 59.47 -38.62 22.33
N GLU D 122 60.14 -37.85 21.47
CA GLU D 122 60.14 -38.12 20.04
C GLU D 122 60.57 -39.54 19.69
N GLY D 123 61.64 -40.03 20.32
CA GLY D 123 62.11 -41.39 20.04
C GLY D 123 61.11 -42.45 20.45
N ALA D 124 60.52 -42.31 21.64
CA ALA D 124 59.62 -43.36 22.18
C ALA D 124 58.38 -43.58 21.30
N ILE D 125 57.80 -42.50 20.77
CA ILE D 125 56.53 -42.64 20.01
C ILE D 125 56.78 -43.53 18.80
N ALA D 126 57.93 -43.38 18.14
CA ALA D 126 58.20 -44.14 16.90
C ALA D 126 58.21 -45.63 17.19
N GLY D 127 58.85 -46.03 18.30
CA GLY D 127 58.96 -47.48 18.59
C GLY D 127 57.60 -48.09 18.81
N LEU D 128 56.66 -47.33 19.38
CA LEU D 128 55.32 -47.89 19.70
C LEU D 128 54.62 -48.32 18.41
N LYS D 129 54.75 -47.54 17.33
CA LYS D 129 53.98 -47.88 16.10
C LYS D 129 54.43 -49.24 15.56
N GLN D 130 55.74 -49.50 15.58
CA GLN D 130 56.25 -50.82 15.12
C GLN D 130 55.67 -51.87 16.05
N ALA D 131 55.64 -51.57 17.35
CA ALA D 131 55.01 -52.48 18.33
C ALA D 131 53.54 -52.57 17.97
N GLY D 132 52.94 -51.45 17.54
CA GLY D 132 51.49 -51.44 17.29
C GLY D 132 50.78 -50.69 18.41
N LEU D 133 51.51 -50.34 19.46
CA LEU D 133 50.91 -49.60 20.60
C LEU D 133 50.53 -48.18 20.16
N ALA D 134 51.18 -47.67 19.12
CA ALA D 134 50.92 -46.30 18.59
C ALA D 134 49.51 -46.22 18.03
N GLY D 135 48.94 -47.36 17.63
CA GLY D 135 47.65 -47.37 16.94
C GLY D 135 46.50 -46.90 17.80
N PRO D 136 45.36 -46.50 17.20
CA PRO D 136 44.25 -45.91 17.94
C PRO D 136 43.73 -46.98 18.92
N THR D 137 43.09 -46.58 20.02
CA THR D 137 42.74 -47.48 21.15
C THR D 137 43.91 -47.37 22.13
N SER D 138 44.84 -46.44 21.85
CA SER D 138 45.92 -46.13 22.83
C SER D 138 45.79 -44.65 23.23
N ARG D 139 45.82 -44.35 24.53
CA ARG D 139 45.78 -42.93 25.00
C ARG D 139 47.21 -42.52 25.37
N LEU D 140 47.41 -41.32 25.90
CA LEU D 140 48.78 -40.92 26.18
C LEU D 140 48.77 -39.72 27.13
N ALA D 141 49.43 -39.86 28.28
CA ALA D 141 49.55 -38.80 29.26
C ALA D 141 51.00 -38.32 29.35
N LEU D 142 51.16 -37.05 29.79
CA LEU D 142 52.42 -36.32 29.72
C LEU D 142 52.51 -35.45 30.97
N GLU D 143 53.61 -35.52 31.77
CA GLU D 143 53.57 -34.59 32.95
C GLU D 143 55.00 -34.02 33.09
N LYS D 144 55.46 -33.28 32.08
CA LYS D 144 56.88 -32.97 32.01
C LYS D 144 57.15 -31.51 31.66
N PRO D 145 58.42 -31.07 31.59
CA PRO D 145 58.68 -29.72 31.05
C PRO D 145 58.49 -29.80 29.54
N LEU D 146 57.27 -30.16 29.13
CA LEU D 146 56.87 -30.29 27.74
C LEU D 146 56.71 -28.93 27.07
N GLY D 147 57.79 -28.19 27.07
CA GLY D 147 57.79 -26.89 26.46
C GLY D 147 58.00 -25.80 27.48
N GLN D 148 58.68 -24.75 27.04
CA GLN D 148 58.92 -23.52 27.77
C GLN D 148 58.33 -22.31 27.06
N ASP D 149 58.23 -22.37 25.72
CA ASP D 149 57.58 -21.35 24.90
C ASP D 149 56.54 -22.03 24.02
N LEU D 150 55.88 -21.25 23.16
CA LEU D 150 55.07 -21.86 22.12
C LEU D 150 55.86 -22.85 21.28
N ALA D 151 57.00 -22.40 20.75
CA ALA D 151 57.72 -23.11 19.70
C ALA D 151 58.04 -24.53 20.10
N SER D 152 58.59 -24.72 21.29
CA SER D 152 58.83 -26.06 21.77
C SER D 152 57.52 -26.84 21.89
N SER D 153 56.57 -26.28 22.65
CA SER D 153 55.26 -26.91 22.82
C SER D 153 54.66 -27.25 21.46
N ASP D 154 54.65 -26.28 20.55
CA ASP D 154 54.28 -26.60 19.17
C ASP D 154 55.21 -27.68 18.59
N HIS D 155 56.54 -27.49 18.67
CA HIS D 155 57.48 -28.57 18.32
C HIS D 155 57.04 -29.90 18.94
N ILE D 156 56.84 -29.94 20.27
CA ILE D 156 56.55 -31.21 20.92
C ILE D 156 55.17 -31.72 20.49
N ASN D 157 54.16 -30.84 20.58
CA ASN D 157 52.79 -31.22 20.20
C ASN D 157 52.63 -31.57 18.74
N ASP D 158 53.09 -30.72 17.82
CA ASP D 158 52.94 -30.97 16.39
C ASP D 158 53.50 -32.34 16.03
N ALA D 159 54.65 -32.71 16.62
CA ALA D 159 55.26 -33.99 16.33
C ALA D 159 54.50 -35.16 16.97
N VAL D 160 53.72 -34.90 18.01
CA VAL D 160 52.86 -35.93 18.62
C VAL D 160 51.59 -36.11 17.84
N LEU D 161 50.92 -35.00 17.54
CA LEU D 161 49.66 -35.06 16.82
C LEU D 161 49.83 -35.73 15.46
N LYS D 162 51.09 -35.93 15.05
CA LYS D 162 51.39 -36.68 13.85
C LYS D 162 50.95 -38.14 14.01
N VAL D 163 51.00 -38.67 15.23
CA VAL D 163 50.81 -40.11 15.46
C VAL D 163 49.46 -40.41 16.09
N PHE D 164 49.06 -39.59 17.05
CA PHE D 164 47.77 -39.70 17.69
C PHE D 164 46.87 -38.55 17.29
N SER D 165 45.94 -38.22 18.19
CA SER D 165 44.98 -37.14 17.96
C SER D 165 44.78 -36.44 19.31
N GLU D 166 44.05 -35.32 19.34
CA GLU D 166 43.89 -34.58 20.61
C GLU D 166 43.16 -35.50 21.58
N LYS D 167 42.18 -36.24 21.08
CA LYS D 167 41.37 -37.10 21.98
C LYS D 167 42.28 -38.13 22.63
N GLN D 168 43.21 -38.70 21.86
CA GLN D 168 44.18 -39.66 22.43
C GLN D 168 45.06 -38.95 23.48
N VAL D 169 45.51 -37.73 23.19
CA VAL D 169 46.45 -37.02 24.11
C VAL D 169 45.75 -36.67 25.43
N TYR D 170 46.45 -36.85 26.55
CA TYR D 170 45.90 -36.48 27.88
C TYR D 170 46.96 -35.69 28.64
N ARG D 171 47.20 -34.45 28.23
CA ARG D 171 48.20 -33.61 28.95
C ARG D 171 47.65 -33.41 30.36
N ILE D 172 48.51 -33.45 31.39
CA ILE D 172 47.96 -33.39 32.77
C ILE D 172 48.51 -32.18 33.53
N ASP D 173 47.66 -31.54 34.36
CA ASP D 173 48.14 -30.42 35.19
C ASP D 173 48.02 -30.92 36.62
N HIS D 174 49.05 -30.73 37.44
CA HIS D 174 48.99 -31.29 38.80
C HIS D 174 47.80 -30.60 39.44
N TYR D 175 47.66 -29.31 39.17
CA TYR D 175 46.47 -28.58 39.63
C TYR D 175 45.27 -29.14 38.87
N LEU D 176 44.10 -29.18 39.48
CA LEU D 176 42.82 -29.72 38.91
C LEU D 176 42.74 -31.13 39.44
N GLY D 177 43.88 -31.68 39.86
CA GLY D 177 43.83 -32.93 40.61
C GLY D 177 43.18 -32.53 41.91
N LYS D 178 43.57 -31.35 42.38
CA LYS D 178 43.11 -30.84 43.70
C LYS D 178 41.59 -30.81 43.78
N GLU D 179 41.06 -31.40 44.84
CA GLU D 179 39.61 -31.37 45.07
C GLU D 179 39.10 -29.94 45.16
N THR D 180 39.86 -29.06 45.81
CA THR D 180 39.46 -27.66 45.98
C THR D 180 39.32 -26.95 44.65
N VAL D 181 40.28 -27.19 43.76
CA VAL D 181 40.23 -26.63 42.42
C VAL D 181 38.92 -27.02 41.71
N GLN D 182 38.43 -28.23 41.98
CA GLN D 182 37.27 -28.78 41.30
C GLN D 182 35.94 -28.21 41.79
N ASN D 183 35.81 -28.06 43.12
CA ASN D 183 34.56 -27.50 43.69
C ASN D 183 34.33 -26.08 43.16
N LEU D 184 35.37 -25.45 42.61
CA LEU D 184 35.21 -24.03 42.21
C LEU D 184 34.14 -23.93 41.12
N LEU D 185 34.16 -24.85 40.17
CA LEU D 185 33.11 -24.83 39.13
C LEU D 185 31.78 -25.10 39.82
N THR D 186 31.78 -26.04 40.75
CA THR D 186 30.53 -26.39 41.46
C THR D 186 30.05 -25.17 42.25
N LEU D 187 30.97 -24.47 42.92
CA LEU D 187 30.48 -23.35 43.75
C LEU D 187 29.84 -22.28 42.87
N ARG D 188 30.49 -21.93 41.77
CA ARG D 188 29.94 -20.91 40.85
C ARG D 188 28.65 -21.36 40.18
N PHE D 189 28.60 -22.60 39.68
CA PHE D 189 27.42 -23.05 38.89
C PHE D 189 26.46 -23.93 39.67
N GLY D 190 26.76 -24.23 40.93
CA GLY D 190 25.83 -25.01 41.76
C GLY D 190 25.08 -24.03 42.62
N ASN D 191 25.42 -22.76 42.47
CA ASN D 191 24.78 -21.71 43.25
C ASN D 191 24.41 -20.57 42.32
N ALA D 192 23.23 -19.99 42.56
CA ALA D 192 22.75 -18.99 41.63
C ALA D 192 22.99 -17.57 42.12
N LEU D 193 23.59 -17.39 43.30
CA LEU D 193 23.90 -16.05 43.78
C LEU D 193 25.15 -15.49 43.12
N PHE D 194 26.13 -16.35 42.83
CA PHE D 194 27.42 -15.83 42.41
C PHE D 194 27.29 -15.27 40.99
N GLU D 195 26.72 -16.06 40.10
CA GLU D 195 26.63 -15.68 38.70
C GLU D 195 25.94 -14.35 38.39
N PRO D 196 24.86 -13.94 39.07
CA PRO D 196 24.35 -12.57 38.83
C PRO D 196 25.43 -11.52 38.94
N LEU D 197 26.32 -11.65 39.91
CA LEU D 197 27.30 -10.59 40.17
C LEU D 197 28.66 -10.93 39.60
N TRP D 198 28.82 -12.16 39.07
CA TRP D 198 30.03 -12.57 38.38
C TRP D 198 30.13 -11.84 37.05
N ASN D 199 30.23 -10.50 37.07
CA ASN D 199 30.29 -9.71 35.86
C ASN D 199 31.25 -8.55 36.12
N SER D 200 31.29 -7.62 35.16
CA SER D 200 32.11 -6.39 35.35
C SER D 200 31.38 -5.46 36.31
N LYS D 201 30.10 -5.73 36.63
CA LYS D 201 29.33 -4.80 37.49
C LYS D 201 29.05 -5.46 38.84
N GLY D 202 29.44 -4.84 39.92
CA GLY D 202 29.31 -5.48 41.24
C GLY D 202 30.54 -6.30 41.54
N ILE D 203 31.48 -6.39 40.60
CA ILE D 203 32.79 -7.05 40.89
C ILE D 203 33.85 -5.99 40.66
N ASP D 204 34.76 -5.78 41.62
CA ASP D 204 35.74 -4.68 41.48
C ASP D 204 37.08 -5.27 41.05
N HIS D 205 37.79 -5.88 42.00
CA HIS D 205 39.04 -6.53 41.65
C HIS D 205 38.98 -8.00 42.08
N VAL D 206 39.76 -8.86 41.41
CA VAL D 206 39.94 -10.26 41.80
C VAL D 206 41.43 -10.53 41.83
N GLN D 207 41.86 -11.51 42.62
CA GLN D 207 43.31 -11.74 42.74
C GLN D 207 43.61 -13.20 43.04
N ILE D 208 44.77 -13.67 42.55
CA ILE D 208 45.29 -15.00 42.83
C ILE D 208 46.63 -14.88 43.53
N SER D 209 46.84 -15.64 44.59
CA SER D 209 48.13 -15.68 45.27
C SER D 209 48.40 -17.13 45.64
N VAL D 210 49.33 -17.77 44.94
CA VAL D 210 49.85 -19.09 45.31
C VAL D 210 51.20 -18.80 45.96
N ALA D 211 51.24 -18.78 47.30
CA ALA D 211 52.42 -18.44 48.07
C ALA D 211 52.95 -19.65 48.83
N GLU D 212 54.28 -19.75 48.90
CA GLU D 212 55.01 -20.86 49.51
C GLU D 212 56.24 -20.31 50.21
N THR D 213 56.58 -20.82 51.40
CA THR D 213 57.85 -20.40 51.99
C THR D 213 59.02 -21.15 51.36
N VAL D 214 58.75 -22.30 50.75
CA VAL D 214 59.79 -23.22 50.35
C VAL D 214 60.61 -22.56 49.25
N GLY D 215 61.81 -23.08 49.01
CA GLY D 215 62.66 -22.63 47.95
C GLY D 215 62.77 -23.66 46.84
N LEU D 216 63.67 -23.38 45.90
CA LEU D 216 63.87 -24.28 44.76
C LEU D 216 64.93 -25.30 45.11
N GLU D 217 64.73 -25.88 46.30
CA GLU D 217 65.66 -26.83 46.89
C GLU D 217 65.69 -28.13 46.11
N GLY D 218 66.71 -28.32 45.29
CA GLY D 218 66.83 -29.57 44.55
C GLY D 218 66.46 -29.42 43.09
N ARG D 219 65.43 -28.62 42.83
CA ARG D 219 65.07 -28.37 41.45
C ARG D 219 65.82 -27.18 40.88
N ILE D 220 66.68 -26.57 41.69
CA ILE D 220 67.45 -25.41 41.23
C ILE D 220 68.37 -25.91 40.13
N GLY D 221 68.79 -25.02 39.25
CA GLY D 221 69.56 -25.45 38.08
C GLY D 221 68.55 -25.81 37.01
N TYR D 222 67.57 -26.67 37.35
CA TYR D 222 66.42 -26.96 36.49
C TYR D 222 65.27 -25.98 36.69
N PHE D 223 65.13 -25.43 37.90
CA PHE D 223 64.15 -24.37 38.10
C PHE D 223 64.60 -23.10 37.40
N ASP D 224 65.90 -22.82 37.48
CA ASP D 224 66.49 -21.67 36.80
C ASP D 224 66.04 -21.57 35.35
N SER D 225 65.62 -22.68 34.75
CA SER D 225 65.09 -22.62 33.39
C SER D 225 63.66 -22.11 33.31
N SER D 226 62.82 -22.40 34.30
CA SER D 226 61.39 -21.99 34.15
C SER D 226 61.13 -20.65 34.84
N GLY D 227 61.41 -20.55 36.13
CA GLY D 227 61.08 -19.34 36.89
C GLY D 227 59.64 -19.44 37.38
N SER D 228 59.26 -18.64 38.36
CA SER D 228 57.89 -18.85 38.89
C SER D 228 56.91 -18.76 37.72
N LEU D 229 57.08 -17.77 36.85
CA LEU D 229 56.05 -17.60 35.79
C LEU D 229 55.96 -18.80 34.84
N ARG D 230 57.09 -19.33 34.37
CA ARG D 230 57.00 -20.56 33.53
C ARG D 230 56.50 -21.73 34.37
N ASP D 231 56.95 -21.83 35.62
CA ASP D 231 56.62 -23.01 36.46
C ASP D 231 55.18 -22.98 36.96
N MET D 232 54.81 -21.97 37.75
CA MET D 232 53.49 -22.03 38.37
C MET D 232 52.41 -21.28 37.60
N VAL D 233 52.67 -20.08 37.09
CA VAL D 233 51.54 -19.35 36.55
C VAL D 233 51.14 -19.91 35.17
N GLN D 234 52.11 -20.43 34.38
CA GLN D 234 51.78 -20.79 33.00
C GLN D 234 50.59 -21.73 32.94
N SER D 235 50.62 -22.78 33.74
CA SER D 235 49.51 -23.70 33.69
C SER D 235 48.69 -23.47 34.95
N HIS D 236 49.21 -23.97 36.07
CA HIS D 236 48.59 -23.99 37.39
C HIS D 236 47.71 -22.76 37.62
N ILE D 237 48.31 -21.57 37.59
CA ILE D 237 47.57 -20.35 37.88
C ILE D 237 46.64 -19.95 36.74
N LEU D 238 47.04 -20.12 35.49
CA LEU D 238 46.06 -19.69 34.49
C LEU D 238 44.83 -20.57 34.54
N GLN D 239 44.97 -21.80 35.03
CA GLN D 239 43.83 -22.65 35.23
C GLN D 239 42.86 -22.06 36.24
N LEU D 240 43.39 -21.49 37.32
CA LEU D 240 42.54 -20.83 38.31
C LEU D 240 41.72 -19.72 37.66
N VAL D 241 42.38 -18.89 36.82
CA VAL D 241 41.69 -17.82 36.11
C VAL D 241 40.59 -18.38 35.24
N ALA D 242 40.91 -19.41 34.46
CA ALA D 242 39.91 -20.01 33.59
C ALA D 242 38.72 -20.49 34.40
N LEU D 243 38.97 -21.27 35.45
CA LEU D 243 37.89 -21.80 36.27
C LEU D 243 37.03 -20.71 36.89
N VAL D 244 37.63 -19.57 37.22
CA VAL D 244 36.94 -18.49 37.90
C VAL D 244 36.28 -17.51 36.93
N ALA D 245 36.69 -17.50 35.67
CA ALA D 245 36.20 -16.57 34.69
C ALA D 245 35.45 -17.24 33.56
N MET D 246 35.59 -18.55 33.40
CA MET D 246 34.97 -19.26 32.30
C MET D 246 33.47 -19.15 32.35
N GLU D 247 32.87 -18.95 31.19
CA GLU D 247 31.43 -19.07 31.10
C GLU D 247 31.03 -20.52 31.25
N PRO D 248 29.86 -20.79 31.79
CA PRO D 248 29.49 -22.16 32.05
C PRO D 248 29.35 -22.90 30.74
N PRO D 249 29.69 -24.18 30.71
CA PRO D 249 29.27 -25.01 29.59
C PRO D 249 27.81 -25.34 29.78
N ALA D 250 27.15 -25.72 28.68
CA ALA D 250 25.78 -26.19 28.80
C ALA D 250 25.69 -27.38 29.76
N HIS D 251 26.68 -28.26 29.71
CA HIS D 251 26.73 -29.46 30.54
C HIS D 251 28.18 -29.80 30.86
N MET D 252 28.34 -30.73 31.80
CA MET D 252 29.65 -31.09 32.33
C MET D 252 30.37 -32.07 31.40
N GLU D 253 30.78 -31.55 30.24
CA GLU D 253 31.54 -32.25 29.21
C GLU D 253 33.02 -31.94 29.36
N ALA D 254 33.87 -32.92 29.05
CA ALA D 254 35.29 -32.67 28.99
C ALA D 254 35.59 -31.43 28.17
N ASN D 255 35.24 -31.48 26.88
CA ASN D 255 35.58 -30.40 25.96
C ASN D 255 34.77 -29.14 26.20
N ALA D 256 33.47 -29.23 26.47
CA ALA D 256 32.69 -28.02 26.68
C ALA D 256 33.20 -27.24 27.88
N VAL D 257 33.56 -27.92 28.96
CA VAL D 257 34.24 -27.27 30.07
C VAL D 257 35.55 -26.66 29.56
N ARG D 258 36.40 -27.52 28.98
CA ARG D 258 37.62 -27.05 28.36
C ARG D 258 37.34 -25.92 27.38
N ASP D 259 36.29 -26.09 26.57
CA ASP D 259 35.99 -25.13 25.51
C ASP D 259 35.76 -23.74 26.07
N GLU D 260 35.26 -23.65 27.31
CA GLU D 260 35.09 -22.33 27.92
C GLU D 260 36.41 -21.83 28.49
N LYS D 261 37.17 -22.71 29.13
CA LYS D 261 38.49 -22.33 29.61
C LYS D 261 39.37 -21.98 28.42
N VAL D 262 39.36 -22.82 27.38
CA VAL D 262 40.14 -22.46 26.17
C VAL D 262 39.81 -21.01 25.81
N LYS D 263 38.52 -20.66 25.80
CA LYS D 263 38.10 -19.30 25.38
C LYS D 263 38.67 -18.26 26.34
N VAL D 264 38.65 -18.53 27.65
CA VAL D 264 39.15 -17.54 28.62
C VAL D 264 40.64 -17.33 28.34
N PHE D 265 41.35 -18.42 28.05
CA PHE D 265 42.78 -18.29 27.69
C PHE D 265 42.89 -17.43 26.44
N ARG D 266 42.01 -17.67 25.47
CA ARG D 266 42.07 -16.92 24.19
C ARG D 266 41.77 -15.45 24.47
N ALA D 267 40.78 -15.18 25.32
CA ALA D 267 40.41 -13.76 25.54
C ALA D 267 41.04 -13.26 26.84
N LEU D 268 42.08 -12.45 26.73
CA LEU D 268 42.71 -11.84 27.92
C LEU D 268 43.40 -10.59 27.41
N ARG D 269 43.66 -9.59 28.25
CA ARG D 269 44.38 -8.44 27.67
C ARG D 269 45.77 -8.97 27.36
N PRO D 270 46.33 -8.74 26.16
CA PRO D 270 47.70 -9.13 25.89
C PRO D 270 48.58 -8.19 26.70
N ILE D 271 49.73 -8.67 27.18
CA ILE D 271 50.65 -7.71 27.85
C ILE D 271 51.72 -7.40 26.81
N ASN D 272 51.86 -6.12 26.45
CA ASN D 272 52.78 -5.75 25.35
C ASN D 272 54.08 -5.24 25.94
N ASN D 273 54.92 -4.66 25.08
CA ASN D 273 56.19 -4.08 25.58
C ASN D 273 55.86 -2.94 26.54
N ASP D 274 55.15 -1.91 26.06
CA ASP D 274 54.81 -0.73 26.90
C ASP D 274 54.00 -1.16 28.13
N THR D 275 53.07 -2.08 27.94
CA THR D 275 52.18 -2.56 29.03
C THR D 275 52.99 -3.24 30.13
N VAL D 276 54.04 -3.97 29.78
CA VAL D 276 54.74 -4.81 30.79
C VAL D 276 55.31 -3.98 31.93
N ILE D 277 55.91 -2.83 31.64
CA ILE D 277 56.56 -2.12 32.78
C ILE D 277 55.46 -1.76 33.78
N THR D 278 54.35 -1.26 33.28
CA THR D 278 53.19 -0.92 34.16
C THR D 278 52.56 -2.17 34.81
N HIS D 279 52.38 -3.26 34.06
CA HIS D 279 51.59 -4.41 34.58
C HIS D 279 52.39 -5.64 35.07
N THR D 280 53.72 -5.61 35.08
CA THR D 280 54.43 -6.86 35.47
C THR D 280 55.48 -6.55 36.55
N VAL D 281 55.68 -7.50 37.47
CA VAL D 281 56.67 -7.30 38.54
C VAL D 281 57.48 -8.57 38.74
N THR D 282 58.81 -8.43 38.88
CA THR D 282 59.69 -9.56 39.13
C THR D 282 60.34 -9.42 40.51
N GLY D 283 60.65 -10.58 41.13
CA GLY D 283 61.22 -10.71 42.47
C GLY D 283 62.06 -11.95 42.71
N GLN D 284 63.37 -11.76 42.92
CA GLN D 284 64.26 -12.90 43.23
C GLN D 284 64.37 -13.02 44.75
N TYR D 285 65.22 -13.92 45.27
CA TYR D 285 65.23 -14.09 46.74
C TYR D 285 66.54 -13.63 47.37
N GLY D 286 66.48 -12.68 48.29
CA GLY D 286 67.66 -12.24 49.06
C GLY D 286 67.93 -13.20 50.21
N ALA D 287 69.14 -13.20 50.78
CA ALA D 287 69.32 -14.08 51.94
C ALA D 287 68.33 -13.60 52.99
N GLY D 288 67.63 -14.53 53.64
CA GLY D 288 66.57 -14.15 54.60
C GLY D 288 66.34 -15.25 55.60
N VAL D 289 65.66 -14.97 56.71
CA VAL D 289 65.35 -16.10 57.64
C VAL D 289 63.89 -16.48 57.43
N SER D 290 63.64 -17.75 57.06
CA SER D 290 62.26 -18.23 56.80
C SER D 290 62.00 -19.47 57.65
N GLY D 291 60.83 -19.55 58.30
CA GLY D 291 60.54 -20.67 59.20
C GLY D 291 61.23 -20.48 60.53
N GLY D 292 61.76 -19.28 60.77
CA GLY D 292 62.51 -19.00 62.01
C GLY D 292 63.94 -19.49 61.89
N LYS D 293 64.30 -19.99 60.71
CA LYS D 293 65.68 -20.47 60.45
C LYS D 293 66.25 -19.64 59.30
N GLU D 294 67.47 -19.14 59.45
CA GLU D 294 68.04 -18.26 58.40
C GLU D 294 68.18 -19.07 57.11
N VAL D 295 67.89 -18.46 55.96
CA VAL D 295 67.93 -19.19 54.67
C VAL D 295 68.79 -18.40 53.70
N ALA D 296 69.46 -19.07 52.77
CA ALA D 296 70.41 -18.38 51.88
C ALA D 296 69.70 -17.75 50.67
N GLY D 297 70.31 -16.73 50.09
CA GLY D 297 69.80 -16.10 48.90
C GLY D 297 69.77 -17.06 47.74
N TYR D 298 69.09 -16.65 46.66
CA TYR D 298 68.97 -17.48 45.44
C TYR D 298 70.35 -17.65 44.82
N ILE D 299 71.08 -16.56 44.65
CA ILE D 299 72.47 -16.64 44.11
C ILE D 299 73.31 -17.45 45.11
N ASP D 300 73.08 -17.24 46.40
CA ASP D 300 73.80 -18.06 47.39
C ASP D 300 73.71 -19.52 46.91
N GLU D 301 72.51 -20.09 46.93
CA GLU D 301 72.34 -21.50 46.51
C GLU D 301 72.69 -21.67 45.03
N LEU D 302 72.25 -20.77 44.16
CA LEU D 302 72.50 -21.00 42.71
C LEU D 302 74.00 -20.99 42.41
N GLY D 303 74.72 -20.03 43.00
CA GLY D 303 76.18 -19.97 42.82
C GLY D 303 76.54 -19.38 41.48
N GLN D 304 75.54 -18.90 40.73
CA GLN D 304 75.81 -18.39 39.35
C GLN D 304 74.93 -17.19 39.07
N PRO D 305 75.30 -16.27 38.14
CA PRO D 305 74.42 -15.18 37.75
C PRO D 305 73.07 -15.78 37.31
N SER D 306 71.97 -15.09 37.56
CA SER D 306 70.64 -15.69 37.24
C SER D 306 69.63 -14.60 36.91
N ASP D 307 68.94 -14.75 35.78
CA ASP D 307 67.91 -13.78 35.44
C ASP D 307 66.50 -14.34 35.58
N THR D 308 66.30 -15.30 36.49
CA THR D 308 65.01 -15.92 36.72
C THR D 308 64.30 -15.32 37.94
N GLU D 309 63.00 -15.58 38.02
CA GLU D 309 62.12 -14.80 38.88
C GLU D 309 62.05 -15.33 40.32
N THR D 310 61.41 -16.49 40.52
CA THR D 310 60.94 -17.08 41.79
C THR D 310 59.63 -16.40 42.16
N PHE D 311 59.48 -15.15 41.78
CA PHE D 311 58.29 -14.38 42.05
C PHE D 311 57.73 -13.85 40.75
N VAL D 312 56.40 -13.78 40.68
CA VAL D 312 55.80 -13.02 39.60
C VAL D 312 54.50 -12.45 40.14
N ALA D 313 54.08 -11.37 39.53
CA ALA D 313 52.82 -10.75 39.90
C ALA D 313 52.37 -9.94 38.70
N ILE D 314 51.19 -10.26 38.18
CA ILE D 314 50.71 -9.65 36.96
C ILE D 314 49.26 -9.25 37.13
N LYS D 315 48.94 -8.01 36.75
CA LYS D 315 47.57 -7.51 36.68
C LYS D 315 46.99 -7.83 35.31
N ALA D 316 46.39 -9.01 35.20
CA ALA D 316 45.81 -9.48 33.96
C ALA D 316 44.37 -8.95 33.84
N HIS D 317 43.87 -8.96 32.61
CA HIS D 317 42.53 -8.47 32.28
C HIS D 317 41.86 -9.48 31.39
N VAL D 318 40.64 -9.89 31.74
CA VAL D 318 39.85 -10.76 30.87
C VAL D 318 38.93 -9.86 30.06
N ASP D 319 39.04 -9.94 28.74
CA ASP D 319 38.36 -9.04 27.84
C ASP D 319 37.22 -9.80 27.18
N ASN D 320 36.21 -10.14 27.98
CA ASN D 320 34.95 -10.65 27.46
C ASN D 320 33.85 -9.83 28.12
N TRP D 321 32.71 -9.75 27.43
CA TRP D 321 31.50 -9.08 27.90
C TRP D 321 31.40 -9.16 29.42
N ARG D 322 31.59 -10.37 29.94
CA ARG D 322 31.41 -10.60 31.37
C ARG D 322 32.48 -9.90 32.20
N TRP D 323 33.75 -9.98 31.77
CA TRP D 323 34.87 -9.63 32.63
C TRP D 323 35.66 -8.42 32.16
N HIS D 324 35.32 -7.83 31.02
CA HIS D 324 36.10 -6.71 30.49
C HIS D 324 36.28 -5.62 31.51
N GLY D 325 37.53 -5.36 31.90
CA GLY D 325 37.81 -4.27 32.80
C GLY D 325 37.85 -4.64 34.26
N VAL D 326 37.85 -5.93 34.58
CA VAL D 326 37.99 -6.39 35.96
C VAL D 326 39.44 -6.81 36.13
N PRO D 327 40.24 -6.08 36.91
CA PRO D 327 41.65 -6.45 37.03
C PRO D 327 41.80 -7.76 37.79
N PHE D 328 42.65 -8.63 37.27
CA PHE D 328 42.93 -9.92 37.87
C PHE D 328 44.38 -9.87 38.31
N TYR D 329 44.61 -9.84 39.62
CA TYR D 329 45.93 -9.57 40.17
C TYR D 329 46.57 -10.88 40.60
N ILE D 330 47.53 -11.33 39.83
CA ILE D 330 48.21 -12.60 40.09
C ILE D 330 49.43 -12.29 40.95
N ARG D 331 49.81 -13.26 41.77
CA ARG D 331 50.95 -13.11 42.68
C ARG D 331 51.37 -14.50 43.12
N THR D 332 52.51 -14.95 42.62
CA THR D 332 53.10 -16.19 43.07
C THR D 332 54.56 -15.90 43.37
N GLY D 333 55.13 -16.76 44.21
CA GLY D 333 56.50 -16.58 44.66
C GLY D 333 56.91 -17.56 45.74
N LYS D 334 58.21 -17.65 45.99
CA LYS D 334 58.76 -18.55 46.99
C LYS D 334 59.38 -17.73 48.11
N ARG D 335 59.68 -18.39 49.24
CA ARG D 335 60.15 -17.74 50.45
C ARG D 335 59.23 -16.58 50.87
N LEU D 336 57.97 -16.95 51.08
CA LEU D 336 56.90 -16.05 51.47
C LEU D 336 56.50 -16.26 52.93
N PRO D 337 55.74 -15.33 53.52
CA PRO D 337 55.38 -15.46 54.94
C PRO D 337 54.58 -16.70 55.29
N ALA D 338 53.89 -17.31 54.34
CA ALA D 338 53.06 -18.46 54.63
C ALA D 338 52.92 -19.32 53.37
N ARG D 339 52.64 -20.59 53.58
CA ARG D 339 52.25 -21.50 52.51
C ARG D 339 50.74 -21.42 52.44
N ARG D 340 50.23 -20.54 51.57
CA ARG D 340 48.78 -20.37 51.53
C ARG D 340 48.39 -19.96 50.12
N SER D 341 47.86 -20.89 49.34
CA SER D 341 47.25 -20.58 48.06
C SER D 341 45.77 -20.30 48.25
N GLU D 342 45.30 -19.23 47.61
CA GLU D 342 44.05 -18.58 47.98
C GLU D 342 43.52 -17.75 46.82
N ILE D 343 42.19 -17.59 46.81
CA ILE D 343 41.49 -16.76 45.84
C ILE D 343 40.56 -15.80 46.56
N VAL D 344 40.68 -14.51 46.25
CA VAL D 344 39.85 -13.45 46.84
C VAL D 344 39.12 -12.74 45.71
N VAL D 345 37.82 -12.97 45.58
CA VAL D 345 37.01 -12.14 44.70
C VAL D 345 36.52 -10.96 45.53
N GLN D 346 36.93 -9.75 45.15
CA GLN D 346 36.40 -8.54 45.77
C GLN D 346 35.35 -7.92 44.87
N PHE D 347 34.18 -7.61 45.44
CA PHE D 347 33.03 -7.05 44.73
C PHE D 347 32.96 -5.53 44.80
N LYS D 348 32.26 -4.97 43.82
CA LYS D 348 32.02 -3.53 43.81
C LYS D 348 31.17 -3.11 45.01
N PRO D 349 31.44 -1.95 45.60
CA PRO D 349 30.72 -1.55 46.81
C PRO D 349 29.25 -1.28 46.52
N VAL D 350 28.47 -1.22 47.59
CA VAL D 350 27.03 -0.95 47.53
C VAL D 350 26.80 0.34 46.77
N PRO D 351 25.76 0.45 45.93
CA PRO D 351 25.59 1.68 45.15
C PRO D 351 25.44 2.96 45.95
N HIS D 352 25.06 2.88 47.23
CA HIS D 352 24.82 4.09 48.00
C HIS D 352 24.95 3.70 49.47
N SER D 353 25.70 4.48 50.23
CA SER D 353 25.84 4.28 51.66
C SER D 353 24.84 5.21 52.32
N ILE D 354 23.70 4.66 52.72
CA ILE D 354 22.64 5.43 53.34
C ILE D 354 22.94 5.66 54.82
N PHE D 355 24.20 5.58 55.19
CA PHE D 355 24.49 5.68 56.63
C PHE D 355 25.29 6.96 56.89
N SER D 356 25.50 7.29 58.16
CA SER D 356 26.20 8.54 58.50
C SER D 356 27.66 8.45 58.08
N SER D 357 28.26 9.59 57.75
CA SER D 357 29.68 9.60 57.32
C SER D 357 30.51 9.05 58.47
N SER D 358 30.14 9.40 59.70
CA SER D 358 30.88 8.94 60.89
C SER D 358 30.83 7.42 60.95
N GLY D 359 29.69 6.83 60.60
CA GLY D 359 29.55 5.36 60.77
C GLY D 359 30.55 4.60 59.93
N GLY D 360 31.13 3.53 60.47
CA GLY D 360 32.18 2.76 59.78
C GLY D 360 32.05 2.81 58.27
N ILE D 361 33.10 3.23 57.57
CA ILE D 361 33.03 3.17 56.08
C ILE D 361 32.70 1.74 55.68
N LEU D 362 31.82 1.58 54.70
CA LEU D 362 31.38 0.24 54.27
C LEU D 362 32.59 -0.46 53.64
N GLN D 363 32.69 -1.77 53.84
CA GLN D 363 33.82 -2.54 53.25
C GLN D 363 33.24 -3.41 52.14
N PRO D 364 33.83 -3.41 50.93
CA PRO D 364 33.23 -4.12 49.81
C PRO D 364 33.18 -5.62 50.12
N ASN D 365 32.07 -6.27 49.74
CA ASN D 365 31.92 -7.71 50.00
C ASN D 365 32.99 -8.45 49.20
N LYS D 366 33.59 -9.49 49.80
CA LYS D 366 34.65 -10.25 49.11
C LYS D 366 34.49 -11.73 49.48
N LEU D 367 34.74 -12.62 48.52
CA LEU D 367 34.65 -14.07 48.81
C LEU D 367 36.07 -14.62 48.73
N ARG D 368 36.52 -15.32 49.75
CA ARG D 368 37.92 -15.82 49.75
C ARG D 368 37.90 -17.35 49.80
N ILE D 369 38.63 -17.99 48.89
CA ILE D 369 38.76 -19.47 48.94
C ILE D 369 40.25 -19.78 49.08
N VAL D 370 40.63 -20.61 50.05
CA VAL D 370 42.07 -20.99 50.11
C VAL D 370 42.16 -22.43 49.61
N LEU D 371 42.77 -22.63 48.45
CA LEU D 371 42.97 -24.01 47.93
C LEU D 371 43.92 -24.78 48.86
N GLN D 372 44.99 -24.12 49.31
CA GLN D 372 46.02 -24.82 50.12
C GLN D 372 46.54 -23.88 51.21
N PRO D 373 47.09 -24.41 52.32
CA PRO D 373 47.07 -25.84 52.58
C PRO D 373 45.67 -26.16 53.12
N ASP D 374 45.19 -25.37 54.08
CA ASP D 374 43.81 -25.54 54.60
C ASP D 374 42.83 -25.18 53.49
N GLU D 375 41.69 -25.86 53.43
CA GLU D 375 40.68 -25.43 52.43
C GLU D 375 39.55 -24.75 53.20
N THR D 376 39.30 -23.47 52.91
CA THR D 376 38.19 -22.74 53.57
C THR D 376 37.52 -21.80 52.57
N ILE D 377 36.22 -21.58 52.71
CA ILE D 377 35.55 -20.56 51.85
C ILE D 377 34.93 -19.54 52.81
N GLN D 378 35.21 -18.26 52.60
CA GLN D 378 34.62 -17.20 53.47
C GLN D 378 34.09 -16.05 52.61
N ILE D 379 32.99 -15.43 53.03
CA ILE D 379 32.47 -14.24 52.28
C ILE D 379 32.38 -13.05 53.24
N SER D 380 32.92 -11.89 52.86
CA SER D 380 32.83 -10.66 53.70
C SER D 380 31.40 -10.12 53.68
N ILE D 381 30.96 -9.53 54.79
CA ILE D 381 29.61 -8.90 54.86
C ILE D 381 29.73 -7.69 55.80
N MET D 382 28.62 -7.01 56.08
CA MET D 382 28.72 -5.91 57.04
C MET D 382 27.57 -6.21 57.98
N VAL D 383 27.78 -6.02 59.27
CA VAL D 383 26.73 -6.30 60.23
C VAL D 383 26.79 -5.21 61.27
N LYS D 384 25.64 -4.76 61.75
CA LYS D 384 25.63 -3.73 62.77
C LYS D 384 26.03 -4.38 64.08
N GLU D 385 26.83 -3.67 64.85
CA GLU D 385 27.48 -4.21 66.05
C GLU D 385 26.60 -4.02 67.28
N PRO D 386 26.48 -5.05 68.13
CA PRO D 386 25.66 -4.97 69.35
C PRO D 386 26.06 -3.77 70.21
N ALA D 393 26.76 4.07 66.87
CA ALA D 393 26.09 3.10 66.03
C ALA D 393 27.08 2.60 64.95
N HIS D 394 27.77 1.50 65.25
CA HIS D 394 28.87 0.96 64.46
C HIS D 394 28.71 -0.53 64.24
N MET D 395 29.60 -0.96 63.35
CA MET D 395 29.61 -2.20 62.63
C MET D 395 30.99 -2.83 62.62
N ARG D 396 31.03 -4.09 62.29
CA ARG D 396 32.30 -4.67 61.91
C ARG D 396 32.12 -5.56 60.69
N GLU D 397 33.03 -5.39 59.73
CA GLU D 397 33.11 -6.30 58.59
C GLU D 397 33.53 -7.60 59.20
N VAL D 398 32.62 -8.54 59.31
CA VAL D 398 32.94 -9.80 59.92
C VAL D 398 32.72 -10.87 58.86
N TRP D 399 33.23 -12.07 59.09
CA TRP D 399 33.22 -13.06 58.03
C TRP D 399 32.30 -14.23 58.25
N LEU D 400 31.78 -14.71 57.13
CA LEU D 400 31.01 -15.93 57.10
C LEU D 400 32.00 -16.98 56.62
N ASP D 401 32.52 -17.74 57.58
CA ASP D 401 33.64 -18.67 57.38
C ASP D 401 33.15 -20.12 57.27
N LEU D 402 33.89 -20.94 56.53
CA LEU D 402 33.55 -22.38 56.42
C LEU D 402 34.82 -23.17 56.13
N SER D 403 35.06 -24.29 56.81
CA SER D 403 36.24 -25.12 56.47
C SER D 403 35.80 -26.43 55.84
N LEU D 404 36.25 -26.69 54.61
CA LEU D 404 35.90 -27.95 53.91
C LEU D 404 36.50 -29.13 54.66
N THR D 405 37.72 -28.96 55.17
CA THR D 405 38.41 -30.07 55.86
C THR D 405 37.59 -30.46 57.08
N ASP D 406 37.07 -29.46 57.80
CA ASP D 406 36.18 -29.75 58.95
C ASP D 406 34.91 -30.44 58.43
N VAL D 407 34.40 -30.01 57.29
CA VAL D 407 33.12 -30.57 56.76
C VAL D 407 33.29 -32.06 56.47
N PHE D 408 34.43 -32.48 55.90
CA PHE D 408 34.57 -33.91 55.55
C PHE D 408 35.90 -34.44 56.08
N LYS D 409 36.02 -34.58 57.39
CA LYS D 409 37.24 -35.20 57.96
C LYS D 409 37.33 -36.65 57.51
N ASP D 410 36.19 -37.35 57.50
CA ASP D 410 36.19 -38.81 57.19
C ASP D 410 36.67 -39.08 55.77
N ARG D 411 36.24 -38.29 54.79
CA ARG D 411 36.60 -38.63 53.38
C ARG D 411 38.12 -38.81 53.30
N LYS D 412 38.57 -39.83 52.55
CA LYS D 412 40.03 -40.10 52.45
C LYS D 412 40.78 -38.96 51.77
N ARG D 413 41.97 -38.63 52.27
CA ARG D 413 42.82 -37.61 51.66
C ARG D 413 43.61 -38.26 50.53
N ARG D 414 42.88 -38.55 49.45
CA ARG D 414 43.46 -39.24 48.31
C ARG D 414 44.55 -38.37 47.69
N ILE D 415 45.37 -39.00 46.88
CA ILE D 415 46.42 -38.25 46.22
C ILE D 415 45.85 -37.64 44.95
N ALA D 416 46.42 -36.51 44.54
CA ALA D 416 45.92 -35.79 43.40
C ALA D 416 46.07 -36.55 42.10
N HIS D 417 46.93 -37.58 42.06
CA HIS D 417 47.08 -38.37 40.84
C HIS D 417 46.14 -39.57 40.78
N GLU D 418 45.85 -40.20 41.92
CA GLU D 418 44.89 -41.30 41.99
C GLU D 418 43.65 -40.97 41.18
N ARG D 419 43.12 -39.76 41.42
CA ARG D 419 41.99 -39.22 40.68
C ARG D 419 42.32 -38.99 39.21
N LEU D 420 43.42 -38.29 38.93
CA LEU D 420 43.78 -37.96 37.55
C LEU D 420 44.03 -39.24 36.74
N LEU D 421 44.69 -40.21 37.37
CA LEU D 421 45.04 -41.47 36.73
C LEU D 421 43.81 -42.23 36.19
N LEU D 422 42.69 -42.19 36.93
CA LEU D 422 41.54 -43.03 36.54
C LEU D 422 40.77 -42.39 35.40
N ASP D 423 40.60 -41.08 35.52
CA ASP D 423 39.91 -40.36 34.42
C ASP D 423 40.55 -40.87 33.14
N LEU D 424 41.88 -40.95 33.12
CA LEU D 424 42.53 -41.33 31.86
C LEU D 424 42.12 -42.75 31.46
N ILE D 425 42.12 -43.67 32.43
CA ILE D 425 41.66 -45.06 32.13
C ILE D 425 40.18 -45.08 31.78
N GLU D 426 39.35 -44.34 32.53
CA GLU D 426 37.88 -44.43 32.33
C GLU D 426 37.38 -43.93 30.98
N GLY D 427 37.92 -42.82 30.49
CA GLY D 427 37.32 -42.22 29.28
C GLY D 427 37.77 -40.78 29.13
N ASP D 428 37.09 -39.99 28.31
CA ASP D 428 37.61 -38.61 28.07
C ASP D 428 37.66 -37.91 29.42
N ALA D 429 38.74 -37.18 29.68
CA ALA D 429 38.88 -36.58 31.02
C ALA D 429 39.02 -35.06 30.90
N THR D 430 38.24 -34.32 31.69
CA THR D 430 38.21 -32.83 31.62
C THR D 430 39.30 -32.23 32.49
N LEU D 431 39.99 -33.05 33.27
CA LEU D 431 41.03 -32.55 34.21
C LEU D 431 42.35 -32.50 33.43
N PHE D 432 42.31 -32.87 32.16
CA PHE D 432 43.55 -32.94 31.34
C PHE D 432 43.55 -31.80 30.30
N VAL D 433 44.68 -31.09 30.19
CA VAL D 433 44.80 -29.91 29.28
C VAL D 433 44.71 -30.30 27.80
N ARG D 434 44.29 -29.35 26.97
CA ARG D 434 44.16 -29.57 25.51
C ARG D 434 45.20 -28.69 24.81
N ARG D 435 45.46 -28.95 23.53
CA ARG D 435 46.40 -28.11 22.78
C ARG D 435 45.85 -26.70 22.71
N ASP D 436 44.53 -26.58 22.50
CA ASP D 436 43.96 -25.22 22.32
C ASP D 436 44.19 -24.45 23.60
N GLU D 437 43.99 -25.09 24.75
CA GLU D 437 44.33 -24.39 26.01
C GLU D 437 45.83 -24.15 26.03
N VAL D 438 46.63 -25.14 25.62
CA VAL D 438 48.10 -24.99 25.76
C VAL D 438 48.64 -23.85 24.89
N GLU D 439 48.19 -23.76 23.64
CA GLU D 439 48.77 -22.72 22.75
C GLU D 439 48.43 -21.34 23.29
N ALA D 440 47.19 -21.17 23.73
CA ALA D 440 46.74 -19.85 24.22
C ALA D 440 47.55 -19.45 25.46
N GLN D 441 47.79 -20.40 26.37
CA GLN D 441 48.48 -20.04 27.63
C GLN D 441 49.87 -19.54 27.29
N TRP D 442 50.56 -20.21 26.36
CA TRP D 442 51.89 -19.73 25.91
C TRP D 442 51.71 -18.38 25.25
N ILE D 443 50.65 -18.21 24.44
CA ILE D 443 50.50 -16.94 23.69
C ILE D 443 50.67 -15.79 24.67
N TRP D 444 49.95 -15.83 25.79
CA TRP D 444 50.00 -14.71 26.72
C TRP D 444 51.37 -14.68 27.39
N ILE D 445 51.76 -15.83 27.91
CA ILE D 445 52.98 -16.00 28.70
C ILE D 445 54.21 -15.70 27.87
N ASP D 446 54.22 -16.13 26.60
CA ASP D 446 55.44 -15.99 25.82
C ASP D 446 55.80 -14.53 25.64
N GLY D 447 54.88 -13.79 25.02
CA GLY D 447 55.05 -12.38 24.73
C GLY D 447 55.60 -11.68 25.94
N ILE D 448 54.89 -11.83 27.06
CA ILE D 448 55.35 -11.34 28.37
C ILE D 448 56.85 -11.53 28.54
N ARG D 449 57.35 -12.73 28.29
CA ARG D 449 58.79 -12.90 28.44
C ARG D 449 59.55 -12.17 27.34
N GLU D 450 59.09 -12.29 26.10
CA GLU D 450 59.81 -11.61 25.03
C GLU D 450 59.75 -10.10 25.21
N GLY D 451 58.56 -9.57 25.49
CA GLY D 451 58.47 -8.13 25.70
C GLY D 451 59.36 -7.65 26.83
N TRP D 452 59.30 -8.32 27.99
CA TRP D 452 60.16 -7.86 29.07
C TRP D 452 61.57 -8.40 28.97
N LYS D 453 61.80 -9.44 28.16
CA LYS D 453 63.18 -9.80 27.89
C LYS D 453 63.79 -8.75 26.99
N ALA D 454 63.03 -8.30 25.99
CA ALA D 454 63.38 -7.18 25.12
C ALA D 454 63.44 -5.84 25.85
N ASN D 455 62.96 -5.73 27.09
CA ASN D 455 62.95 -4.48 27.84
C ASN D 455 64.05 -4.38 28.90
N SER D 456 64.93 -5.36 28.98
CA SER D 456 66.00 -5.38 29.98
C SER D 456 65.42 -5.13 31.37
N MET D 457 64.32 -5.81 31.65
CA MET D 457 63.74 -5.85 32.98
C MET D 457 64.51 -6.87 33.81
N LYS D 458 65.02 -6.47 34.97
CA LYS D 458 65.73 -7.45 35.75
C LYS D 458 65.03 -7.51 37.10
N PRO D 459 64.79 -8.70 37.65
CA PRO D 459 64.00 -8.80 38.89
C PRO D 459 64.56 -8.00 40.04
N LYS D 460 63.65 -7.28 40.69
CA LYS D 460 63.96 -6.61 41.94
C LYS D 460 63.75 -7.61 43.06
N THR D 461 64.77 -7.80 43.87
CA THR D 461 64.79 -8.83 44.90
C THR D 461 64.22 -8.30 46.21
N TYR D 462 63.93 -9.23 47.10
CA TYR D 462 63.51 -8.95 48.45
C TYR D 462 64.23 -9.95 49.34
N VAL D 463 64.37 -9.62 50.62
CA VAL D 463 64.91 -10.58 51.57
C VAL D 463 63.90 -11.71 51.71
N SER D 464 64.36 -12.95 51.73
CA SER D 464 63.39 -14.07 51.80
C SER D 464 62.46 -13.85 52.99
N GLY D 465 61.16 -14.15 52.85
CA GLY D 465 60.18 -13.96 53.93
C GLY D 465 59.68 -12.53 54.05
N THR D 466 60.02 -11.66 53.09
CA THR D 466 59.63 -10.23 53.17
C THR D 466 58.27 -9.98 52.50
N TRP D 467 57.61 -11.03 51.98
CA TRP D 467 56.34 -10.86 51.23
C TRP D 467 56.62 -10.38 49.80
N GLY D 468 57.86 -10.50 49.34
CA GLY D 468 58.18 -10.18 47.94
C GLY D 468 58.62 -8.76 47.67
N PRO D 469 58.89 -8.40 46.40
CA PRO D 469 59.46 -7.09 46.07
C PRO D 469 58.52 -5.95 46.44
N ILE D 470 59.09 -4.85 46.94
CA ILE D 470 58.25 -3.67 47.26
C ILE D 470 57.59 -3.21 45.95
N THR D 471 58.33 -3.28 44.84
CA THR D 471 57.78 -2.83 43.57
C THR D 471 56.42 -3.47 43.31
N ALA D 472 56.20 -4.68 43.83
CA ALA D 472 54.93 -5.38 43.66
C ALA D 472 53.79 -4.70 44.41
N ILE D 473 53.90 -4.58 45.74
CA ILE D 473 52.85 -4.10 46.64
C ILE D 473 52.22 -2.82 46.09
N ALA D 474 52.97 -2.11 45.27
CA ALA D 474 52.48 -0.90 44.66
C ALA D 474 51.75 -1.14 43.35
N LEU D 475 52.02 -2.24 42.65
CA LEU D 475 51.25 -2.49 41.42
C LEU D 475 49.78 -2.52 41.73
N VAL D 476 49.42 -3.19 42.81
CA VAL D 476 48.06 -3.31 43.27
C VAL D 476 47.61 -2.00 43.94
N GLU D 477 48.47 -1.40 44.77
CA GLU D 477 48.09 -0.24 45.56
C GLU D 477 48.10 1.06 44.78
N ARG D 478 48.80 1.11 43.64
CA ARG D 478 48.68 2.30 42.81
C ARG D 478 47.36 2.30 42.06
N ASP D 479 46.59 1.21 42.17
CA ASP D 479 45.17 1.18 41.79
C ASP D 479 44.25 1.29 43.00
N GLY D 480 44.79 1.22 44.23
CA GLY D 480 44.03 1.42 45.44
C GLY D 480 43.58 0.19 46.22
N VAL D 481 44.11 -1.00 45.91
CA VAL D 481 43.72 -2.22 46.60
C VAL D 481 44.95 -2.84 47.25
N THR D 482 44.71 -3.64 48.28
CA THR D 482 45.76 -4.32 49.04
C THR D 482 45.60 -5.82 48.88
N TRP D 483 46.73 -6.53 48.97
CA TRP D 483 46.75 -7.97 48.85
C TRP D 483 46.20 -8.57 50.16
N TYR D 484 45.34 -9.58 50.05
CA TYR D 484 44.76 -10.15 51.27
C TYR D 484 45.84 -10.70 52.17
N ASP D 485 45.81 -10.29 53.42
CA ASP D 485 46.72 -10.83 54.42
C ASP D 485 45.92 -11.18 55.66
N LEU D 486 46.16 -12.36 56.23
CA LEU D 486 45.59 -12.65 57.53
C LEU D 486 46.03 -11.58 58.53
N GLU D 487 45.31 -11.47 59.64
CA GLU D 487 45.65 -10.43 60.61
C GLU D 487 46.01 -11.05 61.96
N SER E 6 -68.53 -12.81 -38.58
CA SER E 6 -68.32 -11.37 -38.25
C SER E 6 -69.02 -10.51 -39.30
N THR E 7 -70.26 -10.11 -39.04
CA THR E 7 -71.04 -9.34 -40.03
C THR E 7 -70.40 -7.98 -40.34
N MET E 8 -69.89 -7.29 -39.35
CA MET E 8 -69.29 -5.95 -39.58
C MET E 8 -70.45 -4.95 -39.52
N ILE E 9 -70.19 -3.68 -39.22
CA ILE E 9 -71.33 -2.71 -39.29
C ILE E 9 -70.83 -1.43 -39.96
N LEU E 10 -71.64 -0.88 -40.86
CA LEU E 10 -71.24 0.35 -41.60
C LEU E 10 -72.21 1.47 -41.26
N PHE E 11 -71.67 2.64 -40.93
CA PHE E 11 -72.51 3.80 -40.56
C PHE E 11 -72.10 4.94 -41.50
N GLY E 12 -72.99 5.87 -41.79
CA GLY E 12 -72.57 6.87 -42.77
C GLY E 12 -72.30 6.18 -44.09
N SER E 13 -73.12 5.17 -44.41
CA SER E 13 -73.01 4.48 -45.73
C SER E 13 -73.29 5.54 -46.78
N THR E 14 -74.24 6.44 -46.48
CA THR E 14 -74.66 7.52 -47.41
C THR E 14 -73.47 8.44 -47.72
N GLY E 15 -72.58 8.69 -46.77
CA GLY E 15 -71.51 9.70 -46.94
C GLY E 15 -70.51 9.45 -48.06
N ASP E 16 -69.99 10.52 -48.64
CA ASP E 16 -69.07 10.46 -49.82
C ASP E 16 -67.80 9.68 -49.51
N LEU E 17 -67.24 9.80 -48.31
CA LEU E 17 -65.95 9.12 -48.10
C LEU E 17 -66.22 7.63 -48.34
N SER E 18 -67.36 7.13 -47.88
CA SER E 18 -67.65 5.67 -48.00
C SER E 18 -67.70 5.27 -49.48
N GLN E 19 -68.34 6.07 -50.33
CA GLN E 19 -68.47 5.64 -51.74
C GLN E 19 -67.09 5.72 -52.39
N ARG E 20 -66.41 6.86 -52.26
CA ARG E 20 -65.09 7.02 -52.93
C ARG E 20 -64.09 6.01 -52.39
N MET E 21 -64.07 5.82 -51.07
CA MET E 21 -63.15 4.83 -50.46
C MET E 21 -63.90 4.03 -49.40
N LEU E 22 -63.54 2.76 -49.22
CA LEU E 22 -64.13 1.86 -48.19
C LEU E 22 -65.34 1.14 -48.80
N LEU E 23 -65.79 1.59 -49.96
CA LEU E 23 -66.82 0.81 -50.68
C LEU E 23 -66.06 0.07 -51.77
N PRO E 24 -65.13 0.74 -52.50
CA PRO E 24 -64.28 0.06 -53.45
C PRO E 24 -63.43 -0.90 -52.63
N ALA E 25 -62.97 -0.45 -51.46
CA ALA E 25 -62.09 -1.31 -50.67
C ALA E 25 -62.88 -2.56 -50.27
N LEU E 26 -64.13 -2.35 -49.87
CA LEU E 26 -64.98 -3.50 -49.44
C LEU E 26 -65.18 -4.40 -50.65
N TYR E 27 -65.39 -3.80 -51.82
CA TYR E 27 -65.51 -4.60 -53.07
C TYR E 27 -64.14 -5.16 -53.39
N GLY E 28 -63.15 -4.27 -53.52
CA GLY E 28 -61.84 -4.77 -53.91
C GLY E 28 -61.35 -5.85 -52.98
N LEU E 29 -61.68 -5.74 -51.69
CA LEU E 29 -61.33 -6.81 -50.78
C LEU E 29 -62.18 -8.04 -51.02
N ASP E 30 -63.49 -7.87 -51.21
CA ASP E 30 -64.38 -9.00 -51.46
C ASP E 30 -63.96 -9.78 -52.70
N ALA E 31 -64.12 -9.16 -53.87
CA ALA E 31 -64.02 -9.91 -55.12
C ALA E 31 -62.75 -10.74 -55.20
N ASP E 32 -61.73 -10.46 -54.38
CA ASP E 32 -60.57 -11.35 -54.33
C ASP E 32 -60.81 -12.57 -53.44
N GLY E 33 -62.02 -12.72 -52.90
CA GLY E 33 -62.31 -13.77 -51.97
C GLY E 33 -61.57 -13.69 -50.65
N LEU E 34 -61.02 -12.53 -50.29
CA LEU E 34 -60.42 -12.30 -48.97
C LEU E 34 -61.48 -12.19 -47.88
N LEU E 35 -62.75 -12.05 -48.26
CA LEU E 35 -63.83 -11.94 -47.29
C LEU E 35 -64.66 -13.21 -47.25
N ALA E 36 -65.17 -13.48 -46.06
CA ALA E 36 -66.06 -14.62 -45.87
C ALA E 36 -67.39 -14.38 -46.56
N ASP E 37 -68.05 -15.48 -46.96
CA ASP E 37 -69.39 -15.35 -47.58
C ASP E 37 -70.43 -15.34 -46.44
N ASP E 38 -70.06 -15.93 -45.31
CA ASP E 38 -70.96 -15.96 -44.13
C ASP E 38 -71.20 -14.53 -43.67
N LEU E 39 -70.16 -13.69 -43.71
CA LEU E 39 -70.32 -12.32 -43.17
C LEU E 39 -71.40 -11.61 -43.97
N ARG E 40 -72.24 -10.86 -43.28
CA ARG E 40 -73.31 -10.10 -43.97
C ARG E 40 -73.05 -8.62 -43.67
N ILE E 41 -73.05 -7.76 -44.68
CA ILE E 41 -72.67 -6.35 -44.39
C ILE E 41 -73.95 -5.56 -44.24
N VAL E 42 -74.07 -4.88 -43.10
CA VAL E 42 -75.25 -4.01 -42.86
C VAL E 42 -74.77 -2.57 -43.00
N CYS E 43 -75.65 -1.70 -43.62
CA CYS E 43 -75.31 -0.27 -43.78
C CYS E 43 -76.43 0.59 -43.22
N THR E 44 -76.08 1.75 -42.67
CA THR E 44 -77.07 2.66 -42.09
C THR E 44 -76.87 4.06 -42.64
N SER E 45 -77.78 4.96 -42.30
CA SER E 45 -77.58 6.33 -42.74
C SER E 45 -76.82 7.08 -41.66
N ARG E 46 -76.40 8.29 -42.00
CA ARG E 46 -75.80 9.20 -41.04
C ARG E 46 -76.50 10.53 -40.99
N SER E 47 -76.96 11.00 -42.14
CA SER E 47 -77.53 12.32 -42.35
C SER E 47 -77.56 12.52 -43.87
N ASP E 52 -84.96 3.12 -45.97
CA ASP E 52 -84.52 2.95 -47.38
C ASP E 52 -84.23 1.47 -47.64
N GLY E 53 -84.81 0.92 -48.71
CA GLY E 53 -84.58 -0.49 -49.09
C GLY E 53 -83.18 -0.65 -49.66
N PHE E 54 -82.66 -1.88 -49.71
CA PHE E 54 -81.25 -2.00 -50.16
C PHE E 54 -81.24 -1.39 -51.56
N ARG E 55 -80.20 -0.61 -51.87
CA ARG E 55 -80.25 0.17 -53.13
C ARG E 55 -78.99 -0.02 -54.00
N ASP E 56 -79.15 0.21 -55.30
CA ASP E 56 -78.03 0.06 -56.25
C ASP E 56 -76.94 1.05 -55.86
N PHE E 57 -77.29 2.27 -55.48
CA PHE E 57 -76.32 3.29 -55.00
C PHE E 57 -74.91 2.69 -54.88
N ALA E 58 -74.74 1.66 -54.04
CA ALA E 58 -73.40 1.13 -53.82
C ALA E 58 -72.77 0.82 -55.18
N GLU E 59 -73.55 0.21 -56.07
CA GLU E 59 -73.03 -0.16 -57.40
C GLU E 59 -72.68 1.13 -58.16
N LYS E 60 -73.54 2.14 -58.05
CA LYS E 60 -73.30 3.40 -58.77
C LYS E 60 -72.02 3.99 -58.16
N ALA E 61 -71.83 3.74 -56.86
CA ALA E 61 -70.59 4.22 -56.25
C ALA E 61 -69.38 3.42 -56.67
N LEU E 62 -69.49 2.08 -56.62
CA LEU E 62 -68.37 1.21 -57.02
C LEU E 62 -67.97 1.41 -58.46
N ASP E 63 -68.94 1.36 -59.37
CA ASP E 63 -68.61 1.52 -60.80
C ASP E 63 -67.78 2.77 -60.96
N ARG E 64 -68.13 3.82 -60.21
CA ARG E 64 -67.31 4.97 -60.47
C ARG E 64 -65.89 4.86 -59.87
N PHE E 65 -65.45 3.80 -59.19
CA PHE E 65 -64.05 3.97 -58.80
C PHE E 65 -63.11 2.85 -59.18
N VAL E 66 -63.21 1.68 -58.54
CA VAL E 66 -62.32 0.57 -58.84
C VAL E 66 -62.05 0.50 -60.34
N ALA E 67 -60.77 0.38 -60.70
CA ALA E 67 -60.47 0.44 -62.13
C ALA E 67 -61.14 -0.77 -62.76
N SER E 68 -61.49 -0.62 -64.03
CA SER E 68 -62.34 -1.63 -64.65
C SER E 68 -61.65 -2.98 -64.73
N ASP E 69 -60.35 -3.05 -64.45
CA ASP E 69 -59.68 -4.34 -64.46
C ASP E 69 -60.24 -5.23 -63.36
N ARG E 70 -60.42 -4.67 -62.18
CA ARG E 70 -60.93 -5.48 -61.09
C ARG E 70 -62.45 -5.45 -61.10
N LEU E 71 -63.03 -4.46 -61.78
CA LEU E 71 -64.51 -4.33 -61.82
C LEU E 71 -65.11 -5.45 -62.67
N ASN E 72 -65.68 -6.47 -62.02
CA ASN E 72 -66.33 -7.60 -62.75
C ASN E 72 -67.81 -7.64 -62.34
N ASP E 73 -68.72 -7.75 -63.30
CA ASP E 73 -70.17 -7.66 -62.96
C ASP E 73 -70.54 -8.80 -62.02
N ASP E 74 -70.01 -10.00 -62.27
CA ASP E 74 -70.27 -11.13 -61.33
C ASP E 74 -69.68 -10.76 -59.98
N ALA E 75 -68.48 -10.16 -59.99
CA ALA E 75 -67.80 -9.82 -58.73
C ALA E 75 -68.68 -8.82 -57.98
N LYS E 76 -69.24 -7.87 -58.73
CA LYS E 76 -70.04 -6.82 -58.06
C LYS E 76 -71.22 -7.51 -57.38
N ALA E 77 -71.83 -8.49 -58.04
CA ALA E 77 -73.02 -9.10 -57.45
C ALA E 77 -72.68 -9.77 -56.12
N LYS E 78 -71.56 -10.49 -56.05
CA LYS E 78 -71.27 -11.21 -54.79
C LYS E 78 -71.11 -10.19 -53.67
N PHE E 79 -70.40 -9.10 -53.94
CA PHE E 79 -70.23 -8.03 -52.93
C PHE E 79 -71.59 -7.42 -52.63
N LEU E 80 -72.39 -7.21 -53.68
CA LEU E 80 -73.73 -6.60 -53.52
C LEU E 80 -74.57 -7.53 -52.66
N ASN E 81 -74.41 -8.85 -52.86
CA ASN E 81 -75.26 -9.82 -52.13
C ASN E 81 -75.00 -9.66 -50.63
N LYS E 82 -73.75 -9.45 -50.25
CA LYS E 82 -73.39 -9.28 -48.82
C LYS E 82 -74.09 -8.03 -48.28
N LEU E 83 -74.15 -6.96 -49.07
CA LEU E 83 -74.69 -5.66 -48.57
C LEU E 83 -76.16 -5.71 -48.18
N PHE E 84 -76.53 -5.03 -47.07
CA PHE E 84 -77.95 -4.91 -46.62
C PHE E 84 -78.05 -3.55 -45.93
N TYR E 85 -79.17 -2.82 -46.08
CA TYR E 85 -79.21 -1.48 -45.50
C TYR E 85 -80.34 -1.33 -44.49
N ALA E 86 -80.14 -0.42 -43.52
CA ALA E 86 -81.17 -0.10 -42.52
C ALA E 86 -81.01 1.36 -42.16
N THR E 87 -81.99 2.18 -42.56
CA THR E 87 -81.91 3.64 -42.29
C THR E 87 -81.95 3.85 -40.78
N VAL E 88 -80.89 4.44 -40.22
CA VAL E 88 -80.83 4.65 -38.75
C VAL E 88 -80.47 6.11 -38.49
N ASP E 89 -80.88 6.62 -37.32
CA ASP E 89 -80.47 8.00 -36.94
C ASP E 89 -79.59 7.88 -35.71
N ILE E 90 -78.43 8.53 -35.74
CA ILE E 90 -77.46 8.46 -34.61
C ILE E 90 -78.16 9.06 -33.39
N THR E 91 -78.96 10.10 -33.60
CA THR E 91 -79.59 10.82 -32.46
C THR E 91 -80.50 9.88 -31.66
N ASP E 92 -81.26 8.99 -32.30
CA ASP E 92 -82.24 8.19 -31.52
C ASP E 92 -81.81 6.72 -31.37
N PRO E 93 -81.78 6.18 -30.14
CA PRO E 93 -81.43 4.77 -29.85
C PRO E 93 -82.38 3.71 -30.41
N THR E 94 -83.70 3.97 -30.42
CA THR E 94 -84.70 2.92 -30.77
C THR E 94 -84.50 2.36 -32.20
N GLN E 95 -84.16 3.20 -33.17
CA GLN E 95 -83.96 2.76 -34.58
C GLN E 95 -82.80 1.77 -34.61
N PHE E 96 -81.84 1.91 -33.70
CA PHE E 96 -80.60 1.10 -33.73
C PHE E 96 -80.95 -0.39 -33.65
N GLY E 97 -81.96 -0.76 -32.88
CA GLY E 97 -82.23 -2.21 -32.71
C GLY E 97 -82.53 -2.83 -34.06
N LYS E 98 -83.24 -2.11 -34.93
CA LYS E 98 -83.55 -2.63 -36.28
C LYS E 98 -82.21 -2.83 -37.00
N ILE E 99 -81.28 -1.92 -36.79
CA ILE E 99 -79.93 -2.02 -37.43
C ILE E 99 -79.18 -3.19 -36.77
N ALA E 100 -78.15 -3.71 -37.44
CA ALA E 100 -77.41 -4.87 -36.91
C ALA E 100 -78.37 -6.04 -36.81
N ASP E 101 -78.46 -6.67 -35.65
CA ASP E 101 -79.31 -7.88 -35.63
C ASP E 101 -80.70 -7.39 -36.04
N LEU E 102 -81.40 -8.17 -36.88
CA LEU E 102 -82.72 -7.77 -37.44
C LEU E 102 -82.46 -7.03 -38.76
N CYS E 103 -81.21 -6.69 -39.05
CA CYS E 103 -80.91 -6.10 -40.38
C CYS E 103 -79.72 -6.90 -40.89
N GLY E 104 -78.96 -7.45 -39.95
CA GLY E 104 -77.83 -8.33 -40.29
C GLY E 104 -77.81 -9.44 -39.26
N PRO E 105 -77.37 -10.66 -39.59
CA PRO E 105 -77.42 -11.76 -38.64
C PRO E 105 -76.53 -11.46 -37.43
N VAL E 106 -76.98 -11.85 -36.24
CA VAL E 106 -76.10 -11.69 -35.05
C VAL E 106 -74.90 -12.59 -35.30
N GLU E 107 -73.70 -12.13 -34.95
CA GLU E 107 -72.50 -12.93 -35.29
C GLU E 107 -71.68 -13.22 -34.03
N LYS E 108 -71.27 -14.48 -33.87
CA LYS E 108 -70.39 -14.86 -32.74
C LYS E 108 -69.48 -13.67 -32.43
N GLY E 109 -68.98 -13.01 -33.47
CA GLY E 109 -68.12 -11.82 -33.29
C GLY E 109 -68.52 -10.74 -34.29
N ILE E 110 -68.29 -9.47 -33.99
CA ILE E 110 -68.61 -8.43 -35.02
C ILE E 110 -67.60 -7.29 -35.00
N ALA E 111 -67.61 -6.45 -36.04
CA ALA E 111 -66.70 -5.32 -36.14
C ALA E 111 -67.45 -4.10 -36.67
N ILE E 112 -67.30 -2.96 -36.01
CA ILE E 112 -68.16 -1.79 -36.19
C ILE E 112 -67.34 -0.66 -36.79
N TYR E 113 -67.83 -0.08 -37.89
CA TYR E 113 -67.20 1.10 -38.49
C TYR E 113 -68.12 2.33 -38.38
N LEU E 114 -67.59 3.42 -37.82
CA LEU E 114 -68.42 4.64 -37.63
C LEU E 114 -67.83 5.83 -38.39
N ALA E 115 -68.05 5.96 -39.70
CA ALA E 115 -67.63 7.19 -40.40
C ALA E 115 -68.74 8.24 -40.33
N THR E 116 -69.09 8.74 -39.15
CA THR E 116 -70.24 9.68 -39.04
C THR E 116 -69.83 11.07 -38.56
N SER E 117 -68.54 11.36 -38.38
CA SER E 117 -68.01 12.64 -37.79
C SER E 117 -67.81 12.41 -36.29
N SER E 118 -66.92 13.15 -35.66
CA SER E 118 -66.59 12.84 -34.24
C SER E 118 -67.80 13.01 -33.33
N SER E 119 -68.60 14.04 -33.53
CA SER E 119 -69.73 14.32 -32.60
C SER E 119 -70.72 13.15 -32.61
N LEU E 120 -70.98 12.63 -33.80
CA LEU E 120 -71.97 11.52 -33.96
C LEU E 120 -71.49 10.27 -33.21
N PHE E 121 -70.18 9.98 -33.22
CA PHE E 121 -69.74 8.67 -32.68
C PHE E 121 -70.12 8.52 -31.21
N GLU E 122 -69.95 9.55 -30.40
CA GLU E 122 -70.22 9.35 -28.94
C GLU E 122 -71.70 9.01 -28.76
N GLY E 123 -72.58 9.70 -29.47
CA GLY E 123 -74.01 9.40 -29.39
C GLY E 123 -74.29 8.00 -29.90
N ALA E 124 -73.65 7.62 -31.00
CA ALA E 124 -73.90 6.30 -31.60
C ALA E 124 -73.54 5.25 -30.57
N ILE E 125 -72.42 5.48 -29.88
CA ILE E 125 -71.96 4.48 -28.88
C ILE E 125 -73.15 4.05 -28.01
N ALA E 126 -74.05 4.98 -27.64
CA ALA E 126 -75.08 4.55 -26.70
C ALA E 126 -76.14 3.62 -27.31
N GLY E 127 -76.62 3.92 -28.52
CA GLY E 127 -77.66 3.09 -29.11
C GLY E 127 -77.16 1.68 -29.36
N LEU E 128 -75.85 1.55 -29.60
CA LEU E 128 -75.25 0.26 -29.89
C LEU E 128 -75.44 -0.68 -28.71
N LYS E 129 -74.83 -0.34 -27.57
CA LYS E 129 -75.03 -1.05 -26.33
C LYS E 129 -76.51 -1.18 -25.99
N GLN E 130 -77.31 -0.19 -26.39
CA GLN E 130 -78.73 -0.18 -26.06
C GLN E 130 -79.56 -1.00 -27.05
N ALA E 131 -79.05 -1.22 -28.26
CA ALA E 131 -79.64 -2.09 -29.27
C ALA E 131 -79.08 -3.51 -29.16
N GLY E 132 -78.57 -3.86 -27.98
CA GLY E 132 -78.01 -5.20 -27.79
C GLY E 132 -76.57 -5.27 -28.24
N LEU E 133 -76.10 -4.26 -28.97
CA LEU E 133 -74.72 -4.32 -29.51
C LEU E 133 -73.77 -3.84 -28.41
N ALA E 134 -73.62 -4.66 -27.36
CA ALA E 134 -72.65 -4.36 -26.28
C ALA E 134 -71.27 -4.39 -26.93
N GLY E 135 -71.08 -5.30 -27.87
CA GLY E 135 -69.78 -5.44 -28.53
C GLY E 135 -68.72 -6.07 -27.65
N PRO E 136 -68.99 -7.11 -26.83
CA PRO E 136 -67.92 -7.74 -26.08
C PRO E 136 -66.98 -8.33 -27.13
N THR E 137 -67.54 -8.95 -28.17
CA THR E 137 -66.70 -9.46 -29.28
C THR E 137 -66.57 -8.37 -30.36
N SER E 138 -67.35 -7.30 -30.26
CA SER E 138 -67.37 -6.27 -31.34
C SER E 138 -66.11 -5.40 -31.34
N ARG E 139 -65.77 -4.86 -32.51
CA ARG E 139 -64.62 -3.94 -32.62
C ARG E 139 -65.17 -2.59 -33.08
N LEU E 140 -64.78 -1.49 -32.44
CA LEU E 140 -65.35 -0.17 -32.79
C LEU E 140 -64.35 0.58 -33.67
N ALA E 141 -64.82 1.32 -34.67
CA ALA E 141 -63.89 2.11 -35.51
C ALA E 141 -64.21 3.60 -35.38
N LEU E 142 -63.17 4.42 -35.21
CA LEU E 142 -63.33 5.88 -35.08
C LEU E 142 -62.55 6.54 -36.21
N GLU E 143 -63.13 7.52 -36.89
CA GLU E 143 -62.51 8.16 -38.09
C GLU E 143 -61.37 9.10 -37.70
N LYS E 144 -60.58 9.57 -38.67
CA LYS E 144 -59.32 10.29 -38.33
C LYS E 144 -59.53 11.55 -37.48
N PRO E 145 -60.54 12.43 -37.65
CA PRO E 145 -60.68 13.54 -36.73
C PRO E 145 -61.54 12.98 -35.59
N LEU E 146 -60.98 12.93 -34.39
CA LEU E 146 -61.76 12.44 -33.22
C LEU E 146 -61.69 13.53 -32.16
N GLY E 147 -62.52 14.56 -32.33
CA GLY E 147 -62.56 15.71 -31.46
C GLY E 147 -62.06 16.95 -32.19
N GLN E 148 -62.05 18.05 -31.47
CA GLN E 148 -61.56 19.30 -32.02
C GLN E 148 -60.37 19.79 -31.19
N ASP E 149 -60.34 19.46 -29.89
CA ASP E 149 -59.17 19.71 -29.05
C ASP E 149 -58.81 18.47 -28.22
N LEU E 150 -57.85 18.59 -27.31
CA LEU E 150 -57.43 17.42 -26.51
C LEU E 150 -58.61 16.96 -25.66
N ALA E 151 -59.27 17.87 -24.95
CA ALA E 151 -60.35 17.45 -24.02
C ALA E 151 -61.48 16.80 -24.81
N SER E 152 -61.81 17.35 -25.97
CA SER E 152 -62.96 16.80 -26.73
C SER E 152 -62.64 15.36 -27.11
N SER E 153 -61.40 15.12 -27.53
CA SER E 153 -60.99 13.73 -27.89
C SER E 153 -61.10 12.88 -26.64
N ASP E 154 -60.68 13.44 -25.51
CA ASP E 154 -60.68 12.64 -24.26
C ASP E 154 -62.13 12.27 -23.93
N HIS E 155 -63.06 13.21 -24.13
CA HIS E 155 -64.45 12.91 -23.72
C HIS E 155 -65.02 11.75 -24.52
N ILE E 156 -64.75 11.71 -25.83
CA ILE E 156 -65.22 10.54 -26.64
C ILE E 156 -64.50 9.31 -26.10
N ASN E 157 -63.21 9.44 -25.82
CA ASN E 157 -62.42 8.26 -25.39
C ASN E 157 -62.97 7.84 -24.03
N ASP E 158 -63.15 8.81 -23.13
CA ASP E 158 -63.63 8.44 -21.78
C ASP E 158 -64.81 7.51 -22.03
N ALA E 159 -65.76 7.96 -22.84
CA ALA E 159 -66.93 7.12 -23.22
C ALA E 159 -66.52 5.89 -24.04
N VAL E 160 -65.57 6.02 -24.96
CA VAL E 160 -65.26 4.89 -25.89
C VAL E 160 -64.76 3.66 -25.15
N LEU E 161 -63.88 3.82 -24.16
CA LEU E 161 -63.33 2.61 -23.51
C LEU E 161 -64.15 2.35 -22.26
N LYS E 162 -64.91 3.36 -21.81
CA LYS E 162 -65.81 3.13 -20.70
C LYS E 162 -66.66 1.88 -20.93
N VAL E 163 -66.69 1.40 -22.18
CA VAL E 163 -67.56 0.24 -22.53
C VAL E 163 -66.81 -0.67 -23.52
N PHE E 164 -65.77 -0.14 -24.16
CA PHE E 164 -65.05 -0.93 -25.20
C PHE E 164 -63.59 -1.12 -24.77
N SER E 165 -63.08 -2.34 -24.88
CA SER E 165 -61.65 -2.58 -24.57
C SER E 165 -60.79 -1.92 -25.65
N GLU E 166 -59.58 -1.50 -25.30
CA GLU E 166 -58.69 -0.81 -26.25
C GLU E 166 -58.43 -1.78 -27.40
N LYS E 167 -58.32 -3.06 -27.07
CA LYS E 167 -58.04 -4.07 -28.11
C LYS E 167 -59.21 -4.03 -29.11
N GLN E 168 -60.44 -3.88 -28.61
CA GLN E 168 -61.62 -3.80 -29.50
C GLN E 168 -61.70 -2.43 -30.19
N VAL E 169 -60.83 -1.49 -29.84
CA VAL E 169 -60.91 -0.14 -30.42
C VAL E 169 -59.79 0.06 -31.43
N TYR E 170 -60.13 0.61 -32.62
CA TYR E 170 -59.18 0.65 -33.73
C TYR E 170 -59.26 2.05 -34.37
N ARG E 171 -58.55 3.03 -33.83
CA ARG E 171 -58.69 4.39 -34.36
C ARG E 171 -58.00 4.53 -35.70
N ILE E 172 -58.70 5.20 -36.62
CA ILE E 172 -58.32 5.26 -38.03
C ILE E 172 -57.51 6.50 -38.37
N ASP E 173 -56.36 6.29 -39.01
CA ASP E 173 -55.69 7.30 -39.85
C ASP E 173 -55.48 6.66 -41.21
N HIS E 174 -56.25 7.06 -42.23
CA HIS E 174 -56.13 6.35 -43.51
C HIS E 174 -54.73 6.54 -44.12
N TYR E 175 -54.07 7.66 -43.82
CA TYR E 175 -52.76 7.92 -44.41
C TYR E 175 -51.76 6.85 -44.00
N LEU E 176 -51.90 6.30 -42.77
CA LEU E 176 -51.01 5.23 -42.31
C LEU E 176 -51.07 3.98 -43.19
N GLY E 177 -52.23 3.66 -43.75
CA GLY E 177 -52.34 2.44 -44.54
C GLY E 177 -51.71 2.52 -45.91
N LYS E 178 -51.44 3.75 -46.37
CA LYS E 178 -50.72 3.88 -47.67
C LYS E 178 -49.43 3.06 -47.60
N GLU E 179 -49.08 2.39 -48.69
CA GLU E 179 -47.84 1.55 -48.73
C GLU E 179 -46.64 2.46 -48.52
N THR E 180 -46.68 3.66 -49.10
CA THR E 180 -45.48 4.53 -49.03
C THR E 180 -45.19 4.83 -47.57
N VAL E 181 -46.24 5.08 -46.78
CA VAL E 181 -46.02 5.30 -45.32
C VAL E 181 -45.44 4.01 -44.73
N GLN E 182 -45.96 2.86 -45.15
CA GLN E 182 -45.52 1.58 -44.54
C GLN E 182 -44.03 1.37 -44.82
N ASN E 183 -43.58 1.71 -46.03
CA ASN E 183 -42.16 1.49 -46.41
C ASN E 183 -41.26 2.34 -45.52
N LEU E 184 -41.67 3.57 -45.21
CA LEU E 184 -40.77 4.47 -44.44
C LEU E 184 -39.90 3.67 -43.47
N LEU E 185 -40.50 2.98 -42.50
CA LEU E 185 -39.68 2.27 -41.52
C LEU E 185 -38.79 1.25 -42.20
N THR E 186 -39.29 0.62 -43.28
CA THR E 186 -38.47 -0.29 -44.05
C THR E 186 -37.28 0.42 -44.68
N LEU E 187 -37.47 1.68 -45.13
CA LEU E 187 -36.35 2.51 -45.58
C LEU E 187 -35.43 2.94 -44.45
N ARG E 188 -35.97 3.46 -43.36
CA ARG E 188 -35.09 4.04 -42.34
C ARG E 188 -34.28 2.96 -41.66
N PHE E 189 -34.91 1.84 -41.32
CA PHE E 189 -34.28 0.83 -40.50
C PHE E 189 -33.95 -0.44 -41.28
N GLY E 190 -34.43 -0.57 -42.51
CA GLY E 190 -33.95 -1.60 -43.41
C GLY E 190 -32.77 -1.17 -44.24
N ASN E 191 -32.17 0.00 -43.98
CA ASN E 191 -30.99 0.39 -44.74
C ASN E 191 -29.96 0.96 -43.76
N ALA E 192 -28.69 1.00 -44.19
CA ALA E 192 -27.56 1.36 -43.34
C ALA E 192 -27.03 2.77 -43.52
N LEU E 193 -27.12 3.32 -44.73
CA LEU E 193 -26.55 4.64 -45.08
C LEU E 193 -27.25 5.84 -44.42
N PHE E 194 -28.46 5.66 -43.89
CA PHE E 194 -29.25 6.80 -43.42
C PHE E 194 -28.85 7.28 -42.03
N GLU E 195 -29.09 6.42 -41.05
CA GLU E 195 -29.02 6.79 -39.63
C GLU E 195 -27.75 7.56 -39.26
N PRO E 196 -26.57 7.27 -39.83
CA PRO E 196 -25.41 8.12 -39.61
C PRO E 196 -25.73 9.58 -39.80
N LEU E 197 -26.61 9.88 -40.77
CA LEU E 197 -26.89 11.27 -41.10
C LEU E 197 -28.21 11.72 -40.50
N TRP E 198 -29.01 10.78 -40.05
CA TRP E 198 -30.34 11.04 -39.51
C TRP E 198 -30.26 11.66 -38.11
N ASN E 199 -29.60 12.81 -38.02
CA ASN E 199 -29.41 13.47 -36.73
C ASN E 199 -29.30 14.98 -36.95
N SER E 200 -29.20 15.72 -35.85
CA SER E 200 -28.92 17.15 -35.90
C SER E 200 -27.53 17.45 -36.43
N LYS E 201 -26.72 16.46 -36.79
CA LYS E 201 -25.39 16.77 -37.29
C LYS E 201 -25.16 16.29 -38.72
N GLY E 202 -26.19 15.74 -39.36
CA GLY E 202 -26.16 15.30 -40.74
C GLY E 202 -27.23 15.96 -41.60
N ILE E 203 -28.21 16.62 -40.98
CA ILE E 203 -29.37 17.12 -41.68
C ILE E 203 -29.50 18.61 -41.38
N ASP E 204 -29.83 19.39 -42.41
CA ASP E 204 -30.00 20.83 -42.21
C ASP E 204 -31.43 21.15 -41.79
N HIS E 205 -32.40 20.57 -42.48
CA HIS E 205 -33.83 20.81 -42.27
C HIS E 205 -34.67 19.76 -42.99
N VAL E 206 -35.88 19.52 -42.47
CA VAL E 206 -36.83 18.60 -43.06
C VAL E 206 -38.08 19.37 -43.49
N GLN E 207 -38.84 18.78 -44.42
CA GLN E 207 -39.99 19.43 -45.07
C GLN E 207 -41.04 18.40 -45.44
N ILE E 208 -42.25 18.56 -44.91
CA ILE E 208 -43.40 17.71 -45.25
C ILE E 208 -44.42 18.54 -46.00
N SER E 209 -44.94 17.99 -47.07
CA SER E 209 -45.84 18.72 -47.91
C SER E 209 -46.96 17.82 -48.37
N VAL E 210 -48.19 18.09 -47.91
CA VAL E 210 -49.41 17.53 -48.50
C VAL E 210 -50.04 18.62 -49.35
N ALA E 211 -49.99 18.43 -50.66
CA ALA E 211 -50.50 19.39 -51.60
C ALA E 211 -51.80 18.88 -52.23
N GLU E 212 -52.73 19.79 -52.45
CA GLU E 212 -53.94 19.49 -53.18
C GLU E 212 -54.31 20.67 -54.04
N THR E 213 -54.57 20.36 -55.32
CA THR E 213 -55.01 21.40 -56.26
C THR E 213 -56.53 21.32 -56.27
N VAL E 214 -57.12 20.71 -55.24
CA VAL E 214 -58.59 20.52 -55.24
C VAL E 214 -59.20 21.15 -53.98
N GLY E 215 -59.89 22.27 -54.13
CA GLY E 215 -60.58 22.86 -52.98
C GLY E 215 -61.71 21.95 -52.55
N LEU E 216 -62.04 21.95 -51.26
CA LEU E 216 -63.07 20.99 -50.78
C LEU E 216 -64.42 21.33 -51.43
N GLU E 217 -65.13 20.32 -51.93
CA GLU E 217 -66.52 20.57 -52.43
C GLU E 217 -67.47 19.61 -51.72
N GLY E 218 -68.50 20.13 -51.03
CA GLY E 218 -69.53 19.29 -50.41
C GLY E 218 -69.06 18.75 -49.09
N ARG E 219 -67.81 19.04 -48.73
CA ARG E 219 -67.27 18.67 -47.39
C ARG E 219 -67.18 19.98 -46.62
N ILE E 220 -67.73 21.05 -47.20
CA ILE E 220 -67.54 22.39 -46.59
C ILE E 220 -68.19 22.37 -45.20
N GLY E 221 -69.34 21.74 -45.04
CA GLY E 221 -69.93 21.83 -43.69
C GLY E 221 -69.05 21.15 -42.68
N TYR E 222 -68.50 19.98 -42.99
CA TYR E 222 -67.52 19.34 -42.07
C TYR E 222 -66.23 20.15 -41.98
N PHE E 223 -65.74 20.65 -43.12
CA PHE E 223 -64.40 21.32 -43.13
C PHE E 223 -64.37 22.58 -42.28
N ASP E 224 -65.41 23.40 -42.34
CA ASP E 224 -65.35 24.70 -41.63
C ASP E 224 -65.19 24.40 -40.15
N SER E 225 -65.89 23.39 -39.67
CA SER E 225 -65.84 23.05 -38.23
C SER E 225 -64.46 22.56 -37.81
N SER E 226 -63.61 22.14 -38.76
CA SER E 226 -62.35 21.54 -38.31
C SER E 226 -61.10 22.26 -38.82
N GLY E 227 -61.00 22.51 -40.11
CA GLY E 227 -59.84 23.25 -40.62
C GLY E 227 -58.66 22.38 -41.00
N SER E 228 -58.04 22.72 -42.13
CA SER E 228 -56.96 21.88 -42.68
C SER E 228 -56.01 21.37 -41.61
N LEU E 229 -55.44 22.27 -40.82
CA LEU E 229 -54.40 21.78 -39.88
C LEU E 229 -55.03 20.78 -38.92
N ARG E 230 -56.22 21.07 -38.40
CA ARG E 230 -56.84 20.02 -37.56
C ARG E 230 -57.16 18.80 -38.40
N ASP E 231 -57.72 19.01 -39.61
CA ASP E 231 -58.14 17.84 -40.42
C ASP E 231 -56.97 16.97 -40.87
N MET E 232 -55.88 17.57 -41.36
CA MET E 232 -54.80 16.72 -41.90
C MET E 232 -53.62 16.60 -40.93
N VAL E 233 -53.17 17.72 -40.39
CA VAL E 233 -51.95 17.66 -39.53
C VAL E 233 -52.21 16.82 -38.29
N GLN E 234 -53.38 16.98 -37.65
CA GLN E 234 -53.55 16.30 -36.34
C GLN E 234 -53.47 14.79 -36.48
N SER E 235 -54.10 14.24 -37.52
CA SER E 235 -54.10 12.76 -37.58
C SER E 235 -52.98 12.25 -38.47
N HIS E 236 -52.79 12.86 -39.64
CA HIS E 236 -51.86 12.27 -40.62
C HIS E 236 -50.45 12.82 -40.54
N ILE E 237 -50.26 14.08 -40.93
CA ILE E 237 -48.90 14.62 -41.03
C ILE E 237 -48.13 14.37 -39.74
N LEU E 238 -48.87 14.19 -38.65
CA LEU E 238 -48.23 13.86 -37.38
C LEU E 238 -47.61 12.48 -37.41
N GLN E 239 -48.21 11.55 -38.16
CA GLN E 239 -47.60 10.23 -38.34
C GLN E 239 -46.35 10.36 -39.20
N LEU E 240 -46.47 11.15 -40.27
CA LEU E 240 -45.37 11.42 -41.19
C LEU E 240 -44.14 11.89 -40.43
N VAL E 241 -44.35 12.73 -39.40
CA VAL E 241 -43.24 13.19 -38.56
C VAL E 241 -42.55 12.01 -37.89
N ALA E 242 -43.35 11.18 -37.22
CA ALA E 242 -42.81 10.06 -36.46
C ALA E 242 -41.99 9.15 -37.36
N LEU E 243 -42.57 8.75 -38.49
CA LEU E 243 -41.88 7.85 -39.40
C LEU E 243 -40.55 8.42 -39.83
N VAL E 244 -40.44 9.75 -39.92
CA VAL E 244 -39.22 10.43 -40.36
C VAL E 244 -38.28 10.73 -39.19
N ALA E 245 -38.79 10.73 -37.96
CA ALA E 245 -37.97 11.09 -36.80
C ALA E 245 -37.84 10.00 -35.75
N MET E 246 -38.72 9.00 -35.73
CA MET E 246 -38.72 8.03 -34.63
C MET E 246 -37.42 7.22 -34.61
N GLU E 247 -36.86 7.06 -33.42
CA GLU E 247 -35.75 6.14 -33.24
C GLU E 247 -36.29 4.71 -33.30
N PRO E 248 -35.55 3.74 -33.82
CA PRO E 248 -36.15 2.43 -34.11
C PRO E 248 -36.55 1.70 -32.81
N PRO E 249 -37.64 0.93 -32.85
CA PRO E 249 -37.90 0.01 -31.74
C PRO E 249 -36.93 -1.17 -31.84
N ALA E 250 -36.83 -1.91 -30.74
CA ALA E 250 -36.04 -3.13 -30.78
C ALA E 250 -36.53 -4.07 -31.88
N HIS E 251 -37.84 -4.20 -32.06
CA HIS E 251 -38.36 -5.05 -33.11
C HIS E 251 -39.73 -4.51 -33.53
N MET E 252 -40.20 -4.89 -34.72
CA MET E 252 -41.45 -4.34 -35.31
C MET E 252 -42.73 -4.95 -34.70
N GLU E 253 -42.97 -4.59 -33.44
CA GLU E 253 -44.23 -4.89 -32.76
C GLU E 253 -45.14 -3.68 -32.82
N ALA E 254 -46.45 -3.90 -32.99
CA ALA E 254 -47.42 -2.83 -33.06
C ALA E 254 -47.18 -1.79 -31.97
N ASN E 255 -47.22 -2.23 -30.72
CA ASN E 255 -47.06 -1.29 -29.61
C ASN E 255 -45.62 -0.76 -29.53
N ALA E 256 -44.63 -1.57 -29.89
CA ALA E 256 -43.23 -1.11 -29.88
C ALA E 256 -42.98 0.00 -30.90
N VAL E 257 -43.52 -0.15 -32.11
CA VAL E 257 -43.51 0.92 -33.10
C VAL E 257 -44.20 2.17 -32.57
N ARG E 258 -45.46 2.03 -32.20
CA ARG E 258 -46.26 3.09 -31.63
C ARG E 258 -45.55 3.84 -30.50
N ASP E 259 -44.79 3.13 -29.65
CA ASP E 259 -44.12 3.76 -28.52
C ASP E 259 -43.09 4.80 -28.97
N GLU E 260 -42.43 4.56 -30.11
CA GLU E 260 -41.37 5.47 -30.56
C GLU E 260 -41.95 6.71 -31.25
N LYS E 261 -43.14 6.58 -31.81
CA LYS E 261 -43.90 7.69 -32.37
C LYS E 261 -44.41 8.64 -31.29
N VAL E 262 -45.09 8.12 -30.25
CA VAL E 262 -45.48 8.95 -29.10
C VAL E 262 -44.34 9.81 -28.59
N LYS E 263 -43.20 9.17 -28.29
CA LYS E 263 -42.04 9.88 -27.81
C LYS E 263 -41.66 10.96 -28.80
N VAL E 264 -41.88 10.70 -30.08
CA VAL E 264 -41.63 11.73 -31.06
C VAL E 264 -42.58 12.90 -30.81
N PHE E 265 -43.88 12.59 -30.66
CA PHE E 265 -44.87 13.62 -30.38
C PHE E 265 -44.53 14.37 -29.10
N ARG E 266 -44.12 13.64 -28.07
CA ARG E 266 -43.98 14.19 -26.75
C ARG E 266 -42.77 15.11 -26.64
N ALA E 267 -41.91 15.15 -27.66
CA ALA E 267 -40.79 16.09 -27.68
C ALA E 267 -40.95 17.19 -28.70
N LEU E 268 -42.07 17.21 -29.43
CA LEU E 268 -42.21 18.24 -30.47
C LEU E 268 -42.21 19.57 -29.74
N ARG E 269 -41.40 20.55 -30.18
CA ARG E 269 -41.34 21.78 -29.36
C ARG E 269 -42.73 22.40 -29.36
N PRO E 270 -43.24 22.83 -28.19
CA PRO E 270 -44.60 23.36 -28.09
C PRO E 270 -44.71 24.70 -28.83
N ILE E 271 -45.88 25.00 -29.39
CA ILE E 271 -46.05 26.33 -30.04
C ILE E 271 -46.81 27.20 -29.04
N ASN E 272 -46.23 28.34 -28.67
CA ASN E 272 -46.86 29.23 -27.66
C ASN E 272 -47.50 30.39 -28.43
N ASN E 273 -48.31 31.19 -27.74
CA ASN E 273 -49.04 32.24 -28.48
C ASN E 273 -47.98 33.17 -29.07
N ASP E 274 -46.91 33.43 -28.32
CA ASP E 274 -45.79 34.23 -28.88
C ASP E 274 -45.16 33.48 -30.07
N THR E 275 -45.00 32.15 -29.94
CA THR E 275 -44.33 31.33 -31.00
C THR E 275 -45.08 31.34 -32.33
N VAL E 276 -46.41 31.30 -32.30
CA VAL E 276 -47.21 31.12 -33.56
C VAL E 276 -46.96 32.27 -34.54
N ILE E 277 -46.85 33.51 -34.06
CA ILE E 277 -46.72 34.68 -34.97
C ILE E 277 -45.56 34.49 -35.95
N THR E 278 -44.39 34.07 -35.46
CA THR E 278 -43.20 34.00 -36.28
C THR E 278 -43.06 32.64 -36.97
N HIS E 279 -43.58 31.58 -36.35
CA HIS E 279 -43.32 30.23 -36.82
C HIS E 279 -44.49 29.61 -37.58
N THR E 280 -45.58 30.34 -37.82
CA THR E 280 -46.72 29.83 -38.58
C THR E 280 -47.21 30.84 -39.62
N VAL E 281 -47.99 30.30 -40.56
CA VAL E 281 -48.62 31.05 -41.63
C VAL E 281 -49.95 30.38 -41.98
N THR E 282 -50.96 31.22 -42.27
CA THR E 282 -52.24 30.74 -42.75
C THR E 282 -52.60 31.46 -44.04
N GLY E 283 -53.52 30.83 -44.77
CA GLY E 283 -53.95 31.30 -46.07
C GLY E 283 -55.42 30.96 -46.25
N GLN E 284 -56.03 31.59 -47.25
CA GLN E 284 -57.36 31.12 -47.63
C GLN E 284 -57.47 31.16 -49.15
N TYR E 285 -57.90 30.04 -49.77
CA TYR E 285 -57.87 30.08 -51.21
C TYR E 285 -59.02 30.97 -51.70
N GLY E 286 -58.60 32.07 -52.31
CA GLY E 286 -59.51 33.05 -52.87
C GLY E 286 -59.93 32.61 -54.25
N ALA E 287 -60.11 33.56 -55.14
CA ALA E 287 -60.54 33.25 -56.49
C ALA E 287 -59.33 32.98 -57.36
N GLY E 288 -59.46 32.00 -58.26
CA GLY E 288 -58.36 31.66 -59.19
C GLY E 288 -58.83 30.60 -60.17
N VAL E 289 -57.90 29.97 -60.89
CA VAL E 289 -58.29 28.85 -61.81
C VAL E 289 -57.60 27.57 -61.34
N SER E 290 -58.35 26.49 -61.16
CA SER E 290 -57.75 25.19 -60.77
C SER E 290 -58.06 24.13 -61.83
N GLY E 291 -57.03 23.38 -62.26
CA GLY E 291 -57.24 22.31 -63.25
C GLY E 291 -57.76 22.84 -64.56
N GLY E 292 -57.39 24.08 -64.93
CA GLY E 292 -57.79 24.64 -66.23
C GLY E 292 -59.21 25.15 -66.19
N LYS E 293 -59.83 25.15 -65.01
CA LYS E 293 -61.23 25.64 -64.87
C LYS E 293 -61.25 26.78 -63.84
N GLU E 294 -61.91 27.89 -64.18
CA GLU E 294 -62.01 29.03 -63.24
C GLU E 294 -62.75 28.58 -61.98
N VAL E 295 -62.25 28.96 -60.80
CA VAL E 295 -62.90 28.64 -59.54
C VAL E 295 -62.90 29.81 -58.57
N ALA E 296 -63.78 29.69 -57.58
CA ALA E 296 -64.10 30.74 -56.63
C ALA E 296 -63.32 30.59 -55.31
N GLY E 297 -63.60 31.53 -54.40
CA GLY E 297 -63.05 31.48 -53.06
C GLY E 297 -63.78 30.50 -52.12
N TYR E 298 -63.16 30.29 -50.96
CA TYR E 298 -63.77 29.55 -49.87
C TYR E 298 -65.07 30.20 -49.41
N ILE E 299 -65.04 31.53 -49.25
CA ILE E 299 -66.22 32.36 -48.89
C ILE E 299 -67.38 32.25 -49.87
N ASP E 300 -67.14 32.03 -51.15
CA ASP E 300 -68.31 31.79 -52.00
C ASP E 300 -68.77 30.33 -52.01
N GLU E 301 -67.91 29.35 -51.67
CA GLU E 301 -68.40 27.98 -51.59
C GLU E 301 -69.14 27.76 -50.28
N LEU E 302 -68.62 28.29 -49.18
CA LEU E 302 -69.33 28.37 -47.90
C LEU E 302 -70.02 29.71 -47.88
N GLY E 303 -70.93 29.90 -46.95
CA GLY E 303 -71.72 31.12 -46.94
C GLY E 303 -71.31 32.15 -45.91
N GLN E 304 -71.34 31.77 -44.64
CA GLN E 304 -71.05 32.69 -43.55
C GLN E 304 -69.60 33.15 -43.60
N PRO E 305 -69.28 34.22 -42.85
CA PRO E 305 -67.87 34.58 -42.71
C PRO E 305 -67.15 33.49 -41.93
N SER E 306 -65.97 33.14 -42.40
CA SER E 306 -65.19 32.10 -41.75
C SER E 306 -63.71 32.48 -41.79
N ASP E 307 -62.99 32.19 -40.70
CA ASP E 307 -61.56 32.42 -40.60
C ASP E 307 -60.80 31.10 -40.53
N THR E 308 -61.36 30.05 -41.14
CA THR E 308 -60.74 28.68 -41.08
C THR E 308 -59.45 28.64 -41.89
N GLU E 309 -58.47 27.85 -41.43
CA GLU E 309 -57.14 27.90 -42.09
C GLU E 309 -57.11 27.47 -43.55
N THR E 310 -57.70 26.33 -43.91
CA THR E 310 -57.59 25.80 -45.31
C THR E 310 -56.13 25.47 -45.66
N PHE E 311 -55.18 26.40 -45.44
CA PHE E 311 -53.74 26.16 -45.70
C PHE E 311 -52.93 26.44 -44.44
N VAL E 312 -52.00 25.55 -44.07
CA VAL E 312 -51.12 25.84 -42.90
C VAL E 312 -49.65 25.49 -43.20
N ALA E 313 -48.71 26.22 -42.59
CA ALA E 313 -47.26 25.89 -42.73
C ALA E 313 -46.57 26.12 -41.38
N ILE E 314 -45.47 25.43 -41.04
CA ILE E 314 -44.88 25.60 -39.68
C ILE E 314 -43.37 25.31 -39.62
N LYS E 315 -42.58 26.17 -38.97
CA LYS E 315 -41.17 25.90 -38.68
C LYS E 315 -41.14 25.13 -37.37
N ALA E 316 -41.43 23.83 -37.49
CA ALA E 316 -41.61 22.96 -36.34
C ALA E 316 -40.28 22.33 -35.92
N HIS E 317 -40.23 21.98 -34.64
CA HIS E 317 -39.01 21.47 -34.03
C HIS E 317 -39.32 20.25 -33.16
N VAL E 318 -38.53 19.19 -33.32
CA VAL E 318 -38.53 18.07 -32.38
C VAL E 318 -37.33 18.20 -31.45
N ASP E 319 -37.58 18.15 -30.15
CA ASP E 319 -36.56 18.48 -29.14
C ASP E 319 -36.05 17.19 -28.47
N ASN E 320 -35.20 16.44 -29.19
CA ASN E 320 -34.51 15.30 -28.60
C ASN E 320 -33.03 15.37 -28.99
N TRP E 321 -32.28 14.35 -28.54
CA TRP E 321 -30.88 14.21 -28.95
C TRP E 321 -30.75 14.22 -30.47
N ARG E 322 -31.55 13.41 -31.15
CA ARG E 322 -31.42 13.27 -32.61
C ARG E 322 -31.75 14.57 -33.33
N TRP E 323 -32.82 15.26 -32.91
CA TRP E 323 -33.37 16.32 -33.73
C TRP E 323 -33.35 17.71 -33.12
N HIS E 324 -32.89 17.87 -31.88
CA HIS E 324 -32.91 19.20 -31.27
C HIS E 324 -32.23 20.24 -32.17
N GLY E 325 -33.02 21.18 -32.66
CA GLY E 325 -32.53 22.26 -33.49
C GLY E 325 -32.67 22.05 -34.97
N VAL E 326 -33.35 20.98 -35.41
CA VAL E 326 -33.58 20.72 -36.82
C VAL E 326 -35.02 21.13 -37.13
N PRO E 327 -35.25 22.22 -37.85
CA PRO E 327 -36.63 22.61 -38.14
C PRO E 327 -37.28 21.66 -39.12
N PHE E 328 -38.55 21.36 -38.86
CA PHE E 328 -39.37 20.54 -39.74
C PHE E 328 -40.38 21.49 -40.34
N TYR E 329 -40.28 21.71 -41.65
CA TYR E 329 -41.06 22.73 -42.31
C TYR E 329 -42.25 22.01 -42.93
N ILE E 330 -43.37 22.04 -42.24
CA ILE E 330 -44.55 21.32 -42.66
C ILE E 330 -45.42 22.28 -43.46
N ARG E 331 -46.25 21.72 -44.35
CA ARG E 331 -47.05 22.46 -45.33
C ARG E 331 -48.19 21.65 -45.93
N THR E 332 -49.43 22.05 -45.65
CA THR E 332 -50.58 21.44 -46.30
C THR E 332 -51.56 22.51 -46.78
N GLY E 333 -52.48 22.10 -47.64
CA GLY E 333 -53.47 23.04 -48.14
C GLY E 333 -54.37 22.42 -49.19
N LYS E 334 -55.05 23.32 -49.91
CA LYS E 334 -55.95 23.01 -51.01
C LYS E 334 -55.84 24.12 -52.04
N ARG E 335 -56.34 23.87 -53.25
CA ARG E 335 -56.24 24.87 -54.33
C ARG E 335 -54.79 25.35 -54.37
N LEU E 336 -53.89 24.51 -54.85
CA LEU E 336 -52.44 24.82 -54.85
C LEU E 336 -51.90 24.52 -56.24
N PRO E 337 -50.75 25.07 -56.65
CA PRO E 337 -50.31 24.93 -58.04
C PRO E 337 -50.10 23.48 -58.49
N ALA E 338 -49.55 22.63 -57.63
CA ALA E 338 -49.41 21.20 -58.02
C ALA E 338 -49.96 20.28 -56.93
N ARG E 339 -50.51 19.13 -57.31
CA ARG E 339 -50.97 18.13 -56.31
C ARG E 339 -49.84 17.12 -56.08
N ARG E 340 -49.40 16.95 -54.84
CA ARG E 340 -48.31 16.00 -54.53
C ARG E 340 -48.22 15.87 -53.02
N SER E 341 -47.73 14.75 -52.53
CA SER E 341 -47.44 14.67 -51.08
C SER E 341 -45.96 14.35 -51.08
N GLU E 342 -45.16 15.09 -50.33
CA GLU E 342 -43.71 14.85 -50.49
C GLU E 342 -42.94 15.01 -49.19
N ILE E 343 -41.75 14.42 -49.17
CA ILE E 343 -40.86 14.56 -48.01
C ILE E 343 -39.41 14.87 -48.37
N VAL E 344 -39.08 16.11 -48.76
CA VAL E 344 -37.68 16.42 -48.98
C VAL E 344 -36.96 16.43 -47.63
N VAL E 345 -35.75 15.87 -47.60
CA VAL E 345 -34.86 16.02 -46.46
C VAL E 345 -33.55 16.59 -47.02
N GLN E 346 -33.21 17.80 -46.63
CA GLN E 346 -31.95 18.43 -47.01
C GLN E 346 -30.92 18.26 -45.92
N PHE E 347 -29.71 17.90 -46.30
CA PHE E 347 -28.65 17.65 -45.34
C PHE E 347 -27.83 18.91 -45.13
N LYS E 348 -26.83 18.75 -44.27
CA LYS E 348 -25.92 19.87 -44.00
C LYS E 348 -24.83 19.81 -45.07
N PRO E 349 -24.28 20.96 -45.49
CA PRO E 349 -23.26 20.98 -46.54
C PRO E 349 -21.94 20.40 -46.02
N VAL E 350 -21.08 19.96 -46.92
CA VAL E 350 -19.80 19.30 -46.53
C VAL E 350 -18.97 20.31 -45.74
N PRO E 351 -18.20 19.88 -44.73
CA PRO E 351 -17.50 20.83 -43.87
C PRO E 351 -16.51 21.70 -44.64
N HIS E 352 -15.75 21.12 -45.57
CA HIS E 352 -14.85 21.95 -46.42
C HIS E 352 -15.04 21.53 -47.87
N SER E 353 -14.88 22.45 -48.82
CA SER E 353 -14.97 22.01 -50.24
C SER E 353 -13.58 22.08 -50.88
N ILE E 354 -13.13 20.95 -51.41
CA ILE E 354 -11.84 20.89 -52.15
C ILE E 354 -11.96 21.77 -53.39
N PHE E 355 -13.15 21.80 -54.00
CA PHE E 355 -13.38 22.54 -55.28
C PHE E 355 -13.21 24.06 -55.12
N SER E 356 -12.71 24.72 -56.18
CA SER E 356 -12.37 26.18 -56.12
C SER E 356 -13.56 27.13 -56.09
N SER E 357 -13.25 28.44 -56.01
CA SER E 357 -14.25 29.51 -55.97
C SER E 357 -14.89 29.80 -57.33
N SER E 358 -14.19 29.46 -58.41
CA SER E 358 -14.78 29.54 -59.73
C SER E 358 -15.55 28.27 -60.09
N GLY E 359 -15.74 27.37 -59.12
CA GLY E 359 -16.42 26.12 -59.35
C GLY E 359 -17.90 26.19 -58.96
N GLY E 360 -18.55 25.04 -59.09
CA GLY E 360 -19.97 24.98 -58.80
C GLY E 360 -20.29 25.06 -57.32
N ILE E 361 -21.55 25.41 -57.07
CA ILE E 361 -22.09 25.42 -55.71
C ILE E 361 -22.41 24.00 -55.32
N LEU E 362 -22.24 23.73 -54.03
CA LEU E 362 -22.36 22.39 -53.49
C LEU E 362 -23.64 22.33 -52.67
N GLN E 363 -24.74 22.11 -53.39
CA GLN E 363 -26.08 22.21 -52.86
C GLN E 363 -26.24 21.11 -51.83
N PRO E 364 -26.72 21.41 -50.62
CA PRO E 364 -26.83 20.35 -49.61
C PRO E 364 -27.69 19.27 -50.22
N ASN E 365 -27.34 18.03 -49.89
CA ASN E 365 -27.98 16.87 -50.45
C ASN E 365 -29.36 16.62 -49.87
N LYS E 366 -30.27 16.19 -50.75
CA LYS E 366 -31.69 16.07 -50.45
C LYS E 366 -32.18 14.66 -50.82
N LEU E 367 -32.78 14.00 -49.84
CA LEU E 367 -33.47 12.74 -50.00
C LEU E 367 -34.94 13.12 -50.08
N ARG E 368 -35.53 12.94 -51.26
CA ARG E 368 -36.96 13.28 -51.44
C ARG E 368 -37.77 12.00 -51.59
N ILE E 369 -38.80 11.81 -50.76
CA ILE E 369 -39.61 10.57 -50.78
C ILE E 369 -41.07 10.93 -51.03
N VAL E 370 -41.45 11.20 -52.29
CA VAL E 370 -42.84 11.67 -52.55
C VAL E 370 -43.85 10.58 -52.22
N LEU E 371 -44.95 10.94 -51.55
CA LEU E 371 -46.07 10.00 -51.25
C LEU E 371 -47.19 10.29 -52.25
N GLN E 372 -46.93 11.16 -53.22
CA GLN E 372 -47.93 11.57 -54.24
C GLN E 372 -48.10 10.43 -55.24
N PRO E 373 -49.08 10.46 -56.14
CA PRO E 373 -49.38 9.29 -56.98
C PRO E 373 -48.18 8.85 -57.83
N ASP E 374 -47.38 9.77 -58.36
CA ASP E 374 -46.28 9.31 -59.24
C ASP E 374 -45.39 8.40 -58.39
N GLU E 375 -45.16 8.75 -57.12
CA GLU E 375 -44.44 7.82 -56.21
C GLU E 375 -43.02 7.51 -56.70
N THR E 376 -42.06 8.34 -56.32
CA THR E 376 -40.63 8.09 -56.63
C THR E 376 -39.75 8.56 -55.46
N ILE E 377 -38.87 7.70 -54.95
CA ILE E 377 -37.92 8.09 -53.87
C ILE E 377 -36.63 8.56 -54.55
N GLN E 378 -36.00 9.62 -54.05
CA GLN E 378 -34.80 10.15 -54.76
C GLN E 378 -33.73 10.70 -53.82
N ILE E 379 -32.53 10.96 -54.35
CA ILE E 379 -31.40 11.52 -53.60
C ILE E 379 -30.64 12.48 -54.50
N SER E 380 -30.34 13.65 -53.96
CA SER E 380 -29.52 14.65 -54.63
C SER E 380 -28.03 14.39 -54.42
N ILE E 381 -27.26 14.42 -55.52
CA ILE E 381 -25.80 14.43 -55.43
C ILE E 381 -25.24 15.43 -56.43
N MET E 382 -24.03 15.91 -56.17
CA MET E 382 -23.29 16.75 -57.11
C MET E 382 -22.36 15.87 -57.93
N VAL E 383 -22.15 16.26 -59.18
CA VAL E 383 -21.30 15.43 -60.08
C VAL E 383 -20.52 16.38 -60.99
N LYS E 384 -19.27 16.02 -61.31
CA LYS E 384 -18.46 16.97 -62.12
C LYS E 384 -19.13 17.10 -63.48
N GLU E 385 -19.31 18.33 -63.96
CA GLU E 385 -19.84 18.50 -65.34
C GLU E 385 -18.79 17.93 -66.28
N PRO E 386 -19.14 17.40 -67.45
CA PRO E 386 -18.13 16.82 -68.33
C PRO E 386 -17.54 17.99 -69.12
N GLY E 387 -16.72 18.81 -68.46
CA GLY E 387 -16.09 19.96 -69.12
C GLY E 387 -14.57 19.90 -69.04
N LEU E 388 -13.89 20.13 -70.16
CA LEU E 388 -12.41 20.07 -70.18
C LEU E 388 -11.86 21.15 -69.24
N ASP E 389 -12.46 22.34 -69.25
CA ASP E 389 -12.03 23.43 -68.34
C ASP E 389 -13.17 24.45 -68.20
N GLY E 392 -11.10 25.69 -63.68
CA GLY E 392 -12.15 26.58 -64.13
C GLY E 392 -13.38 25.83 -64.62
N ALA E 393 -13.34 24.50 -64.52
CA ALA E 393 -14.45 23.66 -64.93
C ALA E 393 -15.67 23.90 -64.04
N HIS E 394 -16.70 23.09 -64.21
CA HIS E 394 -17.99 23.30 -63.56
C HIS E 394 -18.61 21.99 -63.13
N MET E 395 -19.67 22.12 -62.35
CA MET E 395 -20.44 21.03 -61.76
C MET E 395 -21.91 21.28 -62.05
N ARG E 396 -22.71 20.23 -61.88
CA ARG E 396 -24.16 20.26 -61.95
C ARG E 396 -24.74 19.36 -60.85
N GLU E 397 -25.74 19.83 -60.13
CA GLU E 397 -26.36 18.90 -59.21
C GLU E 397 -27.19 17.93 -60.00
N VAL E 398 -27.28 16.70 -59.50
CA VAL E 398 -27.91 15.61 -60.20
C VAL E 398 -28.58 14.68 -59.20
N TRP E 399 -29.38 13.74 -59.71
CA TRP E 399 -30.27 12.89 -58.92
C TRP E 399 -30.16 11.40 -59.24
N LEU E 400 -30.23 10.55 -58.20
CA LEU E 400 -30.41 9.10 -58.31
C LEU E 400 -31.87 8.75 -58.06
N ASP E 401 -32.51 8.18 -59.08
CA ASP E 401 -33.96 8.03 -59.16
C ASP E 401 -34.50 6.62 -58.92
N LEU E 402 -35.70 6.53 -58.32
CA LEU E 402 -36.36 5.21 -58.16
C LEU E 402 -37.87 5.42 -58.16
N SER E 403 -38.60 4.79 -59.10
CA SER E 403 -40.07 4.91 -59.05
C SER E 403 -40.65 3.63 -58.46
N LEU E 404 -41.31 3.74 -57.32
CA LEU E 404 -41.82 2.53 -56.63
C LEU E 404 -42.87 1.85 -57.49
N THR E 405 -43.74 2.63 -58.12
CA THR E 405 -44.86 2.00 -58.87
C THR E 405 -44.31 1.16 -60.02
N ASP E 406 -43.31 1.68 -60.74
CA ASP E 406 -42.81 0.93 -61.92
C ASP E 406 -42.21 -0.39 -61.48
N VAL E 407 -41.45 -0.39 -60.39
CA VAL E 407 -40.73 -1.65 -60.01
C VAL E 407 -41.76 -2.72 -59.69
N PHE E 408 -42.82 -2.36 -58.96
CA PHE E 408 -43.87 -3.36 -58.68
C PHE E 408 -44.92 -3.34 -59.78
N LYS E 409 -44.54 -3.63 -61.02
CA LYS E 409 -45.56 -3.77 -62.10
C LYS E 409 -46.44 -4.97 -61.79
N ASP E 410 -45.84 -6.07 -61.32
CA ASP E 410 -46.60 -7.33 -61.08
C ASP E 410 -47.52 -7.17 -59.87
N ARG E 411 -46.96 -6.95 -58.69
CA ARG E 411 -47.81 -6.72 -57.55
C ARG E 411 -48.99 -5.83 -57.93
N LYS E 412 -50.10 -6.03 -57.23
CA LYS E 412 -51.36 -5.36 -57.57
C LYS E 412 -51.37 -3.95 -56.96
N ARG E 413 -52.47 -3.21 -57.17
CA ARG E 413 -52.62 -1.89 -56.60
C ARG E 413 -53.92 -1.84 -55.78
N ARG E 414 -53.82 -2.22 -54.50
CA ARG E 414 -54.99 -2.17 -53.61
C ARG E 414 -55.40 -0.70 -53.40
N ILE E 415 -56.31 -0.46 -52.45
CA ILE E 415 -56.75 0.93 -52.14
C ILE E 415 -56.63 1.11 -50.63
N ALA E 416 -56.44 2.33 -50.16
CA ALA E 416 -56.30 2.45 -48.70
C ALA E 416 -57.62 1.98 -48.09
N HIS E 417 -57.56 1.22 -47.00
CA HIS E 417 -58.73 0.65 -46.30
C HIS E 417 -58.95 -0.75 -46.87
N GLU E 418 -58.40 -1.03 -48.06
CA GLU E 418 -58.41 -2.44 -48.54
C GLU E 418 -57.47 -3.18 -47.60
N ARG E 419 -56.35 -2.53 -47.29
CA ARG E 419 -55.32 -3.17 -46.44
C ARG E 419 -55.75 -2.97 -45.01
N LEU E 420 -56.73 -2.08 -44.80
CA LEU E 420 -57.03 -1.76 -43.38
C LEU E 420 -58.29 -2.46 -42.90
N LEU E 421 -59.38 -2.35 -43.66
CA LEU E 421 -60.66 -2.94 -43.22
C LEU E 421 -60.42 -4.43 -42.95
N LEU E 422 -59.58 -5.05 -43.78
CA LEU E 422 -59.28 -6.49 -43.61
C LEU E 422 -58.59 -6.70 -42.26
N ASP E 423 -57.66 -5.81 -41.90
CA ASP E 423 -56.92 -5.96 -40.62
C ASP E 423 -57.95 -5.86 -39.49
N LEU E 424 -58.89 -4.93 -39.63
CA LEU E 424 -59.95 -4.78 -38.60
C LEU E 424 -60.78 -6.05 -38.60
N ILE E 425 -61.09 -6.58 -39.79
CA ILE E 425 -61.97 -7.77 -39.81
C ILE E 425 -61.21 -8.88 -39.09
N GLU E 426 -59.92 -8.99 -39.37
CA GLU E 426 -59.06 -9.98 -38.66
C GLU E 426 -58.98 -9.63 -37.18
N GLY E 427 -58.86 -8.35 -36.84
CA GLY E 427 -58.62 -7.96 -35.44
C GLY E 427 -57.16 -7.55 -35.31
N ASP E 428 -56.65 -6.84 -36.30
CA ASP E 428 -55.22 -6.41 -36.34
C ASP E 428 -55.25 -4.91 -36.08
N ALA E 429 -54.56 -4.45 -35.03
CA ALA E 429 -54.58 -3.02 -34.63
C ALA E 429 -53.27 -2.34 -35.03
N THR E 430 -52.46 -2.98 -35.86
CA THR E 430 -51.10 -2.44 -36.12
C THR E 430 -51.15 -1.04 -36.72
N LEU E 431 -52.07 -0.77 -37.65
CA LEU E 431 -52.08 0.56 -38.30
C LEU E 431 -53.33 1.31 -37.85
N PHE E 432 -53.68 1.21 -36.56
CA PHE E 432 -54.87 1.86 -36.06
C PHE E 432 -54.39 2.64 -34.84
N VAL E 433 -54.73 3.92 -34.79
CA VAL E 433 -54.15 4.84 -33.76
C VAL E 433 -54.33 4.32 -32.33
N ARG E 434 -53.60 4.94 -31.40
CA ARG E 434 -53.67 4.55 -29.97
C ARG E 434 -53.96 5.85 -29.24
N ARG E 435 -54.59 5.78 -28.06
CA ARG E 435 -55.01 7.03 -27.40
C ARG E 435 -53.77 7.87 -27.14
N ASP E 436 -52.67 7.25 -26.72
CA ASP E 436 -51.49 8.06 -26.35
C ASP E 436 -51.03 8.84 -27.59
N GLU E 437 -51.02 8.21 -28.75
CA GLU E 437 -50.68 8.95 -29.98
C GLU E 437 -51.75 10.01 -30.20
N VAL E 438 -53.03 9.64 -29.98
CA VAL E 438 -54.13 10.59 -30.32
C VAL E 438 -54.04 11.83 -29.46
N GLU E 439 -54.30 11.70 -28.16
CA GLU E 439 -54.34 12.89 -27.32
C GLU E 439 -53.05 13.68 -27.39
N ALA E 440 -51.92 12.97 -27.49
CA ALA E 440 -50.63 13.62 -27.60
C ALA E 440 -50.52 14.39 -28.91
N GLN E 441 -51.20 13.91 -29.95
CA GLN E 441 -51.33 14.70 -31.16
C GLN E 441 -52.09 15.98 -30.89
N TRP E 442 -53.19 15.87 -30.14
CA TRP E 442 -54.09 17.04 -29.95
C TRP E 442 -53.40 18.16 -29.17
N ILE E 443 -52.71 17.84 -28.09
CA ILE E 443 -52.12 18.93 -27.24
C ILE E 443 -51.33 19.85 -28.16
N TRP E 444 -50.44 19.29 -28.97
CA TRP E 444 -49.57 20.13 -29.83
C TRP E 444 -50.43 20.90 -30.83
N ILE E 445 -51.43 20.23 -31.40
CA ILE E 445 -52.34 20.91 -32.38
C ILE E 445 -53.07 22.03 -31.64
N ASP E 446 -53.53 21.75 -30.42
CA ASP E 446 -54.33 22.74 -29.65
C ASP E 446 -53.53 24.02 -29.41
N GLY E 447 -52.26 23.89 -29.02
CA GLY E 447 -51.48 25.08 -28.66
C GLY E 447 -51.34 26.02 -29.83
N ILE E 448 -51.12 25.49 -31.03
CA ILE E 448 -50.87 26.40 -32.18
C ILE E 448 -52.12 27.26 -32.37
N ARG E 449 -53.30 26.64 -32.27
CA ARG E 449 -54.54 27.42 -32.53
C ARG E 449 -54.68 28.51 -31.48
N GLU E 450 -54.43 28.18 -30.22
CA GLU E 450 -54.63 29.18 -29.15
C GLU E 450 -53.67 30.35 -29.37
N GLY E 451 -52.42 30.03 -29.72
CA GLY E 451 -51.45 31.13 -29.85
C GLY E 451 -51.86 32.07 -30.94
N TRP E 452 -52.29 31.55 -32.09
CA TRP E 452 -52.81 32.48 -33.12
C TRP E 452 -54.09 33.14 -32.60
N LYS E 453 -54.94 32.39 -31.91
CA LYS E 453 -56.23 32.95 -31.44
C LYS E 453 -56.00 34.08 -30.43
N ALA E 454 -55.07 33.93 -29.49
CA ALA E 454 -54.81 35.06 -28.57
C ALA E 454 -54.29 36.22 -29.41
N ASN E 455 -53.41 35.94 -30.35
CA ASN E 455 -52.90 36.96 -31.30
C ASN E 455 -54.07 37.44 -32.17
N SER E 456 -54.98 36.54 -32.54
CA SER E 456 -56.09 36.85 -33.48
C SER E 456 -55.62 36.70 -34.93
N MET E 457 -54.40 36.18 -35.13
CA MET E 457 -53.90 35.90 -36.49
C MET E 457 -55.06 35.55 -37.41
N LYS E 458 -55.19 36.25 -38.55
CA LYS E 458 -56.28 35.93 -39.44
C LYS E 458 -55.70 35.43 -40.76
N PRO E 459 -56.29 34.39 -41.34
CA PRO E 459 -55.72 33.84 -42.58
C PRO E 459 -55.61 34.92 -43.64
N LYS E 460 -54.45 34.98 -44.28
CA LYS E 460 -54.22 35.86 -45.41
C LYS E 460 -54.60 35.11 -46.67
N THR E 461 -55.41 35.73 -47.51
CA THR E 461 -55.95 35.00 -48.65
C THR E 461 -54.88 34.85 -49.70
N TYR E 462 -55.02 33.81 -50.52
CA TYR E 462 -54.15 33.69 -51.66
C TYR E 462 -55.05 33.28 -52.81
N VAL E 463 -54.55 33.51 -54.02
CA VAL E 463 -55.28 33.12 -55.20
C VAL E 463 -55.34 31.61 -55.28
N SER E 464 -56.51 31.07 -55.59
CA SER E 464 -56.59 29.62 -55.72
C SER E 464 -55.63 29.20 -56.83
N GLY E 465 -54.80 28.20 -56.53
CA GLY E 465 -53.76 27.76 -57.43
C GLY E 465 -52.41 28.45 -57.31
N THR E 466 -52.14 29.16 -56.21
CA THR E 466 -50.81 29.70 -55.98
C THR E 466 -50.29 29.09 -54.68
N TRP E 467 -48.98 29.11 -54.45
CA TRP E 467 -48.49 28.35 -53.30
C TRP E 467 -48.87 28.96 -51.97
N GLY E 468 -50.15 29.17 -51.75
CA GLY E 468 -50.60 29.74 -50.52
C GLY E 468 -50.23 31.20 -50.41
N PRO E 469 -50.39 31.74 -49.21
CA PRO E 469 -50.08 33.14 -48.95
C PRO E 469 -48.61 33.48 -49.15
N ILE E 470 -48.38 34.72 -49.58
CA ILE E 470 -47.01 35.24 -49.65
C ILE E 470 -46.40 35.32 -48.26
N THR E 471 -47.25 35.32 -47.23
CA THR E 471 -46.74 35.40 -45.87
C THR E 471 -45.89 34.20 -45.54
N ALA E 472 -46.16 33.07 -46.20
CA ALA E 472 -45.39 31.85 -45.97
C ALA E 472 -43.98 31.92 -46.54
N ILE E 473 -43.87 32.11 -47.87
CA ILE E 473 -42.68 31.71 -48.62
C ILE E 473 -41.45 32.27 -47.90
N ALA E 474 -41.66 33.33 -47.09
CA ALA E 474 -40.58 34.00 -46.37
C ALA E 474 -40.27 33.39 -45.00
N LEU E 475 -41.20 32.66 -44.40
CA LEU E 475 -40.85 31.91 -43.17
C LEU E 475 -39.62 31.09 -43.51
N VAL E 476 -39.70 30.27 -44.56
CA VAL E 476 -38.54 29.48 -45.05
C VAL E 476 -37.45 30.44 -45.54
N GLU E 477 -37.83 31.52 -46.22
CA GLU E 477 -36.83 32.45 -46.82
C GLU E 477 -35.98 33.08 -45.72
N ARG E 478 -36.60 33.42 -44.59
CA ARG E 478 -35.85 34.11 -43.50
C ARG E 478 -34.75 33.15 -43.06
N ASP E 479 -35.06 31.86 -42.99
CA ASP E 479 -34.04 30.84 -42.64
C ASP E 479 -33.16 30.55 -43.85
N GLY E 480 -33.25 31.34 -44.92
CA GLY E 480 -32.36 31.16 -46.04
C GLY E 480 -32.67 29.95 -46.90
N VAL E 481 -33.33 28.95 -46.36
CA VAL E 481 -33.69 27.76 -47.12
C VAL E 481 -34.92 28.08 -47.94
N THR E 482 -35.08 27.38 -49.04
CA THR E 482 -36.17 27.67 -49.97
C THR E 482 -37.12 26.50 -50.05
N TRP E 483 -38.37 26.80 -50.37
CA TRP E 483 -39.33 25.73 -50.54
C TRP E 483 -39.00 25.01 -51.82
N TYR E 484 -38.83 23.71 -51.72
CA TYR E 484 -38.61 22.96 -52.94
C TYR E 484 -39.94 22.91 -53.68
N ASP E 485 -39.98 23.52 -54.85
CA ASP E 485 -41.09 23.36 -55.79
C ASP E 485 -40.47 23.13 -57.16
N LEU E 486 -40.97 22.14 -57.89
CA LEU E 486 -40.46 21.74 -59.21
C LEU E 486 -38.95 21.60 -59.29
N GLU E 487 -38.26 22.37 -60.14
CA GLU E 487 -36.79 22.19 -60.34
C GLU E 487 -36.07 22.22 -58.99
N SER F 6 2.34 24.81 -81.82
CA SER F 6 3.71 24.38 -81.42
C SER F 6 4.17 23.25 -82.33
N THR F 7 4.84 22.25 -81.77
CA THR F 7 5.24 21.07 -82.55
C THR F 7 4.69 19.83 -81.86
N MET F 8 4.09 18.89 -82.59
CA MET F 8 3.66 17.65 -81.93
C MET F 8 4.54 16.52 -82.44
N ILE F 9 5.17 15.78 -81.54
CA ILE F 9 6.07 14.67 -81.96
C ILE F 9 5.43 13.37 -81.49
N LEU F 10 5.26 12.41 -82.40
CA LEU F 10 4.58 11.14 -82.04
C LEU F 10 5.52 9.98 -82.32
N PHE F 11 5.41 8.91 -81.54
CA PHE F 11 6.21 7.69 -81.78
C PHE F 11 5.22 6.54 -81.81
N GLY F 12 5.47 5.52 -82.62
CA GLY F 12 4.48 4.44 -82.75
C GLY F 12 3.16 4.98 -83.27
N SER F 13 3.21 5.94 -84.18
CA SER F 13 1.97 6.46 -84.81
C SER F 13 1.35 5.28 -85.54
N THR F 14 2.20 4.48 -86.17
CA THR F 14 1.74 3.25 -86.86
C THR F 14 1.13 2.34 -85.81
N GLY F 15 1.72 2.30 -84.61
CA GLY F 15 1.28 1.32 -83.61
C GLY F 15 -0.17 1.47 -83.20
N ASP F 16 -0.85 0.35 -82.99
CA ASP F 16 -2.29 0.34 -82.65
C ASP F 16 -2.67 1.43 -81.64
N LEU F 17 -2.07 1.41 -80.45
CA LEU F 17 -2.55 2.36 -79.42
C LEU F 17 -2.67 3.73 -80.09
N SER F 18 -1.74 4.06 -80.97
CA SER F 18 -1.86 5.35 -81.71
C SER F 18 -3.06 5.30 -82.66
N GLN F 19 -2.98 4.46 -83.69
CA GLN F 19 -4.05 4.45 -84.71
C GLN F 19 -5.41 4.07 -84.13
N ARG F 20 -5.46 3.04 -83.27
CA ARG F 20 -6.76 2.70 -82.64
C ARG F 20 -7.28 3.81 -81.72
N MET F 21 -6.41 4.43 -80.91
CA MET F 21 -6.96 5.40 -79.92
C MET F 21 -6.43 6.83 -80.08
N LEU F 22 -5.12 7.03 -79.99
CA LEU F 22 -4.54 8.41 -79.99
C LEU F 22 -4.94 9.20 -81.24
N LEU F 23 -4.67 8.68 -82.44
CA LEU F 23 -4.93 9.49 -83.66
C LEU F 23 -6.41 9.83 -83.79
N PRO F 24 -7.35 8.90 -83.51
CA PRO F 24 -8.76 9.26 -83.53
C PRO F 24 -9.00 10.32 -82.46
N ALA F 25 -8.38 10.17 -81.30
CA ALA F 25 -8.62 11.13 -80.20
C ALA F 25 -8.14 12.52 -80.61
N LEU F 26 -6.99 12.60 -81.29
CA LEU F 26 -6.45 13.91 -81.74
C LEU F 26 -7.43 14.53 -82.74
N TYR F 27 -8.00 13.71 -83.62
CA TYR F 27 -8.90 14.24 -84.67
C TYR F 27 -10.10 14.91 -84.00
N GLY F 28 -10.62 14.30 -82.94
CA GLY F 28 -11.84 14.86 -82.36
C GLY F 28 -11.57 16.28 -81.89
N LEU F 29 -10.42 16.52 -81.28
CA LEU F 29 -10.11 17.92 -80.93
C LEU F 29 -10.02 18.73 -82.22
N ASP F 30 -9.35 18.18 -83.24
CA ASP F 30 -9.17 18.96 -84.50
C ASP F 30 -10.53 19.20 -85.16
N ALA F 31 -11.38 18.18 -85.20
CA ALA F 31 -12.71 18.30 -85.83
C ALA F 31 -13.56 19.31 -85.07
N ASP F 32 -13.47 19.28 -83.74
CA ASP F 32 -14.37 20.12 -82.92
C ASP F 32 -13.82 21.54 -82.72
N GLY F 33 -12.51 21.76 -82.88
CA GLY F 33 -12.04 23.09 -82.58
C GLY F 33 -10.85 23.20 -81.64
N LEU F 34 -11.08 22.89 -80.37
CA LEU F 34 -10.10 23.08 -79.30
C LEU F 34 -9.56 24.52 -79.25
N ASP F 37 -4.51 26.82 -85.33
CA ASP F 37 -4.91 25.72 -86.25
C ASP F 37 -3.68 25.22 -87.00
N ASP F 38 -2.52 25.85 -86.82
CA ASP F 38 -1.30 25.31 -87.47
C ASP F 38 -0.38 24.69 -86.41
N LEU F 39 -0.09 23.40 -86.55
CA LEU F 39 0.81 22.67 -85.63
C LEU F 39 1.35 21.48 -86.42
N ARG F 40 2.44 20.89 -85.97
CA ARG F 40 3.03 19.78 -86.75
C ARG F 40 2.80 18.49 -85.97
N ILE F 41 2.17 17.49 -86.59
CA ILE F 41 2.03 16.16 -85.92
C ILE F 41 3.16 15.29 -86.46
N VAL F 42 3.54 14.23 -85.75
CA VAL F 42 4.75 13.45 -86.20
C VAL F 42 4.45 11.94 -86.22
N CYS F 43 5.16 11.19 -87.08
CA CYS F 43 5.03 9.71 -87.14
C CYS F 43 6.43 9.12 -86.96
N THR F 44 6.61 8.12 -86.09
CA THR F 44 8.00 7.64 -85.86
C THR F 44 8.13 6.12 -85.82
N SER F 45 9.32 5.60 -86.12
CA SER F 45 9.63 4.14 -86.03
C SER F 45 8.71 3.27 -86.89
N ARG F 46 8.18 2.18 -86.31
CA ARG F 46 7.36 1.20 -87.08
C ARG F 46 6.80 1.85 -88.34
N GLY F 53 2.10 8.70 -98.28
CA GLY F 53 0.65 8.67 -97.95
C GLY F 53 0.42 8.28 -96.51
N PHE F 54 1.33 8.67 -95.62
CA PHE F 54 1.19 8.32 -94.17
C PHE F 54 -0.07 8.97 -93.61
N ARG F 55 -0.34 10.22 -94.00
CA ARG F 55 -1.58 10.89 -93.54
C ARG F 55 -2.77 10.10 -94.07
N ASP F 56 -2.71 9.65 -95.32
CA ASP F 56 -3.79 8.79 -95.87
C ASP F 56 -3.82 7.48 -95.07
N PHE F 57 -2.64 6.96 -94.74
CA PHE F 57 -2.58 5.72 -93.92
C PHE F 57 -3.22 6.06 -92.58
N ALA F 58 -2.92 7.24 -92.07
CA ALA F 58 -3.57 7.69 -90.82
C ALA F 58 -5.07 7.79 -91.07
N GLU F 59 -5.46 8.29 -92.25
CA GLU F 59 -6.90 8.54 -92.51
C GLU F 59 -7.67 7.22 -92.44
N LYS F 60 -7.17 6.19 -93.11
CA LYS F 60 -7.89 4.90 -93.17
C LYS F 60 -8.20 4.45 -91.74
N ALA F 61 -7.16 4.23 -90.95
CA ALA F 61 -7.36 3.75 -89.57
C ALA F 61 -8.15 4.81 -88.80
N LEU F 62 -7.83 6.08 -89.02
CA LEU F 62 -8.53 7.14 -88.25
C LEU F 62 -10.00 7.05 -88.62
N ASP F 63 -10.28 6.83 -89.91
CA ASP F 63 -11.68 6.67 -90.36
C ASP F 63 -12.24 5.43 -89.69
N ARG F 64 -11.44 4.37 -89.61
CA ARG F 64 -11.95 3.10 -89.04
C ARG F 64 -12.35 3.30 -87.58
N PHE F 65 -11.52 4.02 -86.81
CA PHE F 65 -11.83 4.29 -85.38
C PHE F 65 -12.53 5.64 -85.17
N VAL F 66 -12.72 6.44 -86.22
CA VAL F 66 -13.27 7.81 -86.05
C VAL F 66 -14.73 7.77 -85.60
N ALA F 67 -15.14 8.71 -84.76
CA ALA F 67 -16.58 8.80 -84.42
C ALA F 67 -17.25 9.42 -85.65
N SER F 68 -18.29 8.78 -86.19
CA SER F 68 -18.84 9.26 -87.47
C SER F 68 -19.28 10.73 -87.36
N ASP F 69 -19.93 11.08 -86.25
CA ASP F 69 -20.45 12.47 -86.15
C ASP F 69 -19.26 13.44 -86.15
N ARG F 70 -18.21 13.08 -85.42
CA ARG F 70 -16.98 13.92 -85.35
C ARG F 70 -16.34 14.03 -86.73
N LEU F 71 -16.30 12.93 -87.47
CA LEU F 71 -15.55 12.96 -88.75
C LEU F 71 -16.17 13.97 -89.72
N ASN F 72 -15.33 14.80 -90.35
CA ASN F 72 -15.80 15.72 -91.42
C ASN F 72 -14.81 15.57 -92.58
N ASP F 73 -15.29 15.52 -93.81
CA ASP F 73 -14.33 15.28 -94.94
C ASP F 73 -13.34 16.45 -94.99
N ASP F 74 -13.82 17.68 -94.84
CA ASP F 74 -12.93 18.86 -94.85
C ASP F 74 -11.98 18.75 -93.66
N ALA F 75 -12.51 18.32 -92.50
CA ALA F 75 -11.68 18.17 -91.30
C ALA F 75 -10.61 17.11 -91.56
N LYS F 76 -10.99 16.04 -92.27
CA LYS F 76 -10.04 14.93 -92.53
C LYS F 76 -8.88 15.49 -93.36
N ALA F 77 -9.21 16.34 -94.33
CA ALA F 77 -8.14 16.95 -95.16
C ALA F 77 -7.26 17.80 -94.24
N LYS F 78 -7.88 18.51 -93.31
CA LYS F 78 -7.10 19.32 -92.34
C LYS F 78 -6.22 18.39 -91.51
N PHE F 79 -6.76 17.24 -91.08
CA PHE F 79 -5.97 16.35 -90.20
C PHE F 79 -4.73 15.85 -90.95
N LEU F 80 -4.90 15.48 -92.22
CA LEU F 80 -3.72 15.07 -93.03
C LEU F 80 -2.77 16.25 -93.17
N ASN F 81 -3.33 17.44 -93.40
CA ASN F 81 -2.51 18.67 -93.50
C ASN F 81 -1.87 18.90 -92.14
N LYS F 82 -2.62 18.64 -91.07
CA LYS F 82 -2.13 18.91 -89.69
C LYS F 82 -0.90 18.06 -89.41
N LEU F 83 -0.88 16.81 -89.88
CA LEU F 83 0.25 15.94 -89.48
C LEU F 83 1.40 16.06 -90.48
N PHE F 84 2.47 16.77 -90.10
CA PHE F 84 3.68 16.80 -90.94
C PHE F 84 4.53 15.62 -90.45
N TYR F 85 4.15 14.39 -90.77
CA TYR F 85 4.84 13.23 -90.17
C TYR F 85 5.44 12.28 -91.21
N ALA F 86 6.71 11.88 -91.00
CA ALA F 86 7.34 10.90 -91.91
C ALA F 86 7.81 9.69 -91.08
N THR F 87 9.11 9.41 -91.11
CA THR F 87 9.68 8.29 -90.31
C THR F 87 11.16 8.57 -90.03
N PRO F 93 20.32 8.09 -83.25
CA PRO F 93 20.27 9.52 -83.57
C PRO F 93 20.01 9.75 -85.07
N THR F 94 20.47 8.83 -85.92
CA THR F 94 20.31 9.04 -87.39
C THR F 94 18.82 9.08 -87.75
N GLN F 95 18.01 8.20 -87.15
CA GLN F 95 16.54 8.23 -87.38
C GLN F 95 16.01 9.57 -86.85
N PHE F 96 16.56 10.00 -85.73
CA PHE F 96 16.14 11.28 -85.09
C PHE F 96 16.45 12.43 -86.06
N GLY F 97 17.56 12.33 -86.78
CA GLY F 97 17.89 13.39 -87.75
C GLY F 97 16.78 13.46 -88.77
N LYS F 98 16.23 12.32 -89.19
CA LYS F 98 15.05 12.35 -90.09
C LYS F 98 13.90 13.03 -89.35
N ILE F 99 13.73 12.75 -88.05
CA ILE F 99 12.65 13.36 -87.23
C ILE F 99 12.90 14.87 -87.18
N ALA F 100 14.16 15.27 -87.09
CA ALA F 100 14.53 16.70 -87.02
C ALA F 100 14.04 17.36 -88.30
N ASP F 101 14.12 16.64 -89.42
CA ASP F 101 13.75 17.21 -90.74
C ASP F 101 12.27 17.64 -90.71
N LEU F 102 11.41 16.90 -90.03
CA LEU F 102 9.96 17.23 -90.10
C LEU F 102 9.78 18.66 -89.59
N CYS F 103 8.92 19.44 -90.27
CA CYS F 103 8.77 20.89 -89.97
C CYS F 103 8.75 21.24 -88.48
N ALA F 111 5.90 19.24 -78.51
CA ALA F 111 5.63 18.17 -77.52
C ALA F 111 6.18 16.85 -78.08
N ILE F 112 6.65 15.96 -77.20
CA ILE F 112 7.18 14.64 -77.65
C ILE F 112 6.26 13.55 -77.12
N TYR F 113 5.76 12.68 -78.01
CA TYR F 113 4.93 11.55 -77.54
C TYR F 113 5.71 10.26 -77.74
N LEU F 114 6.11 9.65 -76.63
CA LEU F 114 6.89 8.41 -76.65
C LEU F 114 5.95 7.28 -76.23
N ALA F 115 5.24 6.75 -77.20
CA ALA F 115 4.40 5.56 -77.02
C ALA F 115 5.15 4.34 -77.52
N THR F 116 6.39 4.18 -77.06
CA THR F 116 7.21 3.05 -77.47
C THR F 116 7.16 2.01 -76.37
N SER F 117 8.23 1.26 -76.18
CA SER F 117 8.32 0.30 -75.09
C SER F 117 9.35 0.76 -74.07
N SER F 118 9.16 0.37 -72.80
CA SER F 118 10.13 0.74 -71.77
C SER F 118 11.56 0.37 -72.17
N SER F 119 11.74 -0.76 -72.86
CA SER F 119 13.03 -1.04 -73.47
C SER F 119 13.37 -0.09 -74.62
N LEU F 120 12.42 0.75 -75.06
CA LEU F 120 12.63 1.70 -76.15
C LEU F 120 12.59 3.15 -75.73
N PHE F 121 12.09 3.48 -74.53
CA PHE F 121 12.06 4.87 -74.05
C PHE F 121 13.43 5.50 -74.11
N GLU F 122 14.39 4.79 -73.54
CA GLU F 122 15.75 5.28 -73.40
C GLU F 122 16.34 5.70 -74.76
N GLY F 123 16.21 4.83 -75.77
CA GLY F 123 16.75 5.14 -77.10
C GLY F 123 16.08 6.29 -77.83
N ALA F 124 14.74 6.36 -77.77
CA ALA F 124 14.01 7.46 -78.40
C ALA F 124 14.52 8.80 -77.86
N ILE F 125 14.94 8.80 -76.61
CA ILE F 125 15.42 10.00 -75.93
C ILE F 125 16.73 10.44 -76.55
N ALA F 126 17.69 9.50 -76.63
CA ALA F 126 19.05 9.83 -77.12
C ALA F 126 19.03 10.85 -78.25
N GLY F 127 18.48 10.47 -79.40
CA GLY F 127 18.49 11.37 -80.57
C GLY F 127 17.72 12.63 -80.26
N LEU F 128 16.60 12.50 -79.56
CA LEU F 128 15.75 13.66 -79.19
C LEU F 128 16.56 14.60 -78.29
N LYS F 129 17.34 14.05 -77.36
CA LYS F 129 18.21 14.90 -76.51
C LYS F 129 19.21 15.61 -77.42
N GLN F 130 19.83 14.88 -78.34
CA GLN F 130 20.73 15.56 -79.31
C GLN F 130 19.84 16.50 -80.13
N ALA F 131 18.55 16.17 -80.22
CA ALA F 131 17.58 16.97 -80.99
C ALA F 131 16.97 18.10 -80.16
N GLY F 132 15.93 18.75 -80.67
CA GLY F 132 15.31 19.87 -79.96
C GLY F 132 14.53 19.42 -78.74
N LEU F 133 14.52 18.11 -78.45
CA LEU F 133 13.67 17.62 -77.33
C LEU F 133 14.14 18.24 -76.02
N ALA F 134 15.45 18.36 -75.83
CA ALA F 134 15.98 18.82 -74.52
C ALA F 134 15.54 20.26 -74.23
N GLY F 135 15.41 20.59 -72.94
CA GLY F 135 15.02 21.95 -72.53
C GLY F 135 13.53 22.16 -72.37
N PRO F 136 13.07 23.37 -72.01
CA PRO F 136 11.66 23.64 -71.68
C PRO F 136 10.63 23.42 -72.80
N THR F 137 10.98 23.75 -74.04
CA THR F 137 9.95 23.73 -75.12
C THR F 137 9.39 22.32 -75.27
N SER F 138 10.20 21.28 -75.18
CA SER F 138 9.66 19.91 -75.42
C SER F 138 9.56 19.15 -74.10
N ARG F 139 8.38 18.59 -73.80
CA ARG F 139 8.17 17.82 -72.55
C ARG F 139 7.83 16.39 -72.96
N LEU F 140 8.49 15.40 -72.34
CA LEU F 140 8.32 14.00 -72.82
C LEU F 140 7.12 13.27 -72.23
N ALA F 141 6.13 12.98 -73.07
CA ALA F 141 5.01 12.12 -72.62
C ALA F 141 5.58 10.74 -72.26
N LEU F 142 5.05 10.09 -71.23
CA LEU F 142 5.50 8.71 -70.93
C LEU F 142 4.29 7.78 -71.02
N GLU F 143 4.50 6.48 -70.84
CA GLU F 143 3.41 5.54 -70.98
C GLU F 143 3.30 4.63 -69.76
N LYS F 144 2.20 3.88 -69.74
CA LYS F 144 1.80 3.19 -68.53
C LYS F 144 2.73 2.05 -68.16
N PRO F 145 3.19 1.18 -69.08
CA PRO F 145 4.19 0.21 -68.61
C PRO F 145 5.57 0.86 -68.48
N LEU F 146 5.69 1.82 -67.57
CA LEU F 146 6.97 2.46 -67.39
C LEU F 146 7.92 1.49 -66.70
N GLY F 147 8.24 0.38 -67.34
CA GLY F 147 9.11 -0.59 -66.72
C GLY F 147 8.42 -1.93 -66.55
N GLN F 148 9.19 -2.87 -66.01
CA GLN F 148 8.67 -4.20 -65.71
C GLN F 148 8.72 -4.53 -64.24
N ASP F 149 9.75 -4.04 -63.55
CA ASP F 149 9.90 -4.14 -62.11
C ASP F 149 10.29 -2.78 -61.60
N LEU F 150 10.52 -2.69 -60.29
CA LEU F 150 11.02 -1.46 -59.68
C LEU F 150 12.33 -1.03 -60.33
N ALA F 151 13.31 -1.93 -60.33
CA ALA F 151 14.64 -1.61 -60.80
C ALA F 151 14.63 -1.06 -62.23
N SER F 152 13.89 -1.70 -63.15
CA SER F 152 13.76 -1.19 -64.51
C SER F 152 13.15 0.20 -64.52
N SER F 153 11.88 0.30 -64.05
CA SER F 153 11.24 1.56 -63.77
C SER F 153 12.17 2.57 -63.09
N ASP F 154 12.90 2.19 -62.06
CA ASP F 154 13.87 3.12 -61.45
C ASP F 154 14.97 3.57 -62.43
N HIS F 155 15.70 2.60 -62.98
CA HIS F 155 16.69 2.88 -64.02
C HIS F 155 16.13 3.82 -65.07
N ILE F 156 14.98 3.47 -65.65
CA ILE F 156 14.43 4.25 -66.74
C ILE F 156 13.78 5.56 -66.27
N ASN F 157 13.14 5.58 -65.09
CA ASN F 157 12.73 6.88 -64.53
C ASN F 157 13.92 7.84 -64.37
N ASP F 158 15.00 7.39 -63.69
CA ASP F 158 16.17 8.27 -63.50
C ASP F 158 16.75 8.80 -64.80
N ALA F 159 16.76 8.00 -65.87
CA ALA F 159 17.36 8.39 -67.14
C ALA F 159 16.71 9.63 -67.77
N VAL F 160 15.49 9.94 -67.36
CA VAL F 160 14.78 11.17 -67.75
C VAL F 160 15.14 12.35 -66.87
N LEU F 161 15.11 12.15 -65.57
CA LEU F 161 15.23 13.25 -64.61
C LEU F 161 16.57 13.98 -64.69
N LYS F 162 17.51 13.39 -65.42
CA LYS F 162 18.78 14.09 -65.67
C LYS F 162 18.58 15.00 -66.89
N VAL F 163 18.36 14.42 -68.07
CA VAL F 163 18.16 15.20 -69.33
C VAL F 163 16.91 16.06 -69.21
N PHE F 164 15.84 15.52 -68.61
CA PHE F 164 14.53 16.24 -68.58
C PHE F 164 14.13 16.56 -67.14
N SER F 165 13.66 17.79 -66.89
CA SER F 165 13.33 18.20 -65.50
C SER F 165 12.22 17.33 -64.91
N GLU F 166 12.36 16.90 -63.66
CA GLU F 166 11.29 16.13 -62.97
C GLU F 166 10.07 17.04 -62.85
N LYS F 167 10.30 18.33 -62.61
CA LYS F 167 9.18 19.26 -62.37
C LYS F 167 8.29 19.26 -63.60
N GLN F 168 8.86 19.22 -64.79
CA GLN F 168 7.95 19.06 -65.94
C GLN F 168 7.79 17.55 -66.05
N VAL F 169 6.59 17.05 -65.74
CA VAL F 169 6.40 15.56 -65.74
C VAL F 169 5.27 15.21 -66.69
N TYR F 170 5.50 14.25 -67.58
CA TYR F 170 4.39 13.78 -68.44
C TYR F 170 4.39 12.26 -68.40
N ARG F 171 3.99 11.69 -67.26
CA ARG F 171 3.84 10.23 -67.20
C ARG F 171 2.36 10.06 -67.46
N ILE F 172 1.99 9.29 -68.47
CA ILE F 172 0.56 9.32 -68.88
C ILE F 172 -0.23 8.11 -68.40
N ASP F 173 -1.21 8.37 -67.53
CA ASP F 173 -2.14 7.29 -67.24
C ASP F 173 -3.45 7.71 -67.90
N HIS F 174 -3.73 7.11 -69.07
CA HIS F 174 -4.91 7.46 -69.87
C HIS F 174 -6.21 7.30 -69.10
N TYR F 175 -6.25 6.37 -68.13
CA TYR F 175 -7.45 6.23 -67.30
C TYR F 175 -7.78 7.49 -66.52
N LEU F 176 -6.75 8.16 -65.99
CA LEU F 176 -7.03 9.32 -65.14
C LEU F 176 -7.73 10.45 -65.86
N GLY F 177 -7.94 10.33 -67.15
CA GLY F 177 -8.46 11.44 -67.91
C GLY F 177 -9.89 11.13 -68.27
N LYS F 178 -10.26 9.87 -68.09
CA LYS F 178 -11.63 9.47 -68.34
C LYS F 178 -12.55 10.33 -67.48
N GLU F 179 -13.47 11.05 -68.11
CA GLU F 179 -14.33 11.97 -67.37
C GLU F 179 -15.11 11.23 -66.28
N THR F 180 -15.50 9.97 -66.51
CA THR F 180 -16.12 9.21 -65.44
C THR F 180 -15.19 9.09 -64.23
N VAL F 181 -13.87 9.00 -64.47
CA VAL F 181 -12.89 8.94 -63.38
C VAL F 181 -12.77 10.29 -62.70
N GLN F 182 -12.91 11.37 -63.47
CA GLN F 182 -12.67 12.71 -62.95
C GLN F 182 -13.71 13.07 -61.89
N ASN F 183 -14.94 12.60 -62.06
CA ASN F 183 -15.97 13.08 -61.12
C ASN F 183 -15.95 12.37 -59.82
N LEU F 184 -15.01 11.44 -59.67
CA LEU F 184 -14.91 10.66 -58.44
C LEU F 184 -14.68 11.57 -57.23
N LEU F 185 -13.64 12.40 -57.28
CA LEU F 185 -13.34 13.35 -56.22
C LEU F 185 -14.53 14.26 -55.99
N THR F 186 -15.23 14.62 -57.08
CA THR F 186 -16.41 15.45 -57.05
C THR F 186 -17.49 14.65 -56.34
N LEU F 187 -17.92 13.54 -56.93
CA LEU F 187 -18.65 12.49 -56.20
C LEU F 187 -18.35 12.36 -54.70
N ARG F 188 -17.12 11.95 -54.41
CA ARG F 188 -16.79 11.58 -53.04
C ARG F 188 -16.78 12.79 -52.14
N PHE F 189 -16.12 13.85 -52.56
CA PHE F 189 -15.85 14.96 -51.65
C PHE F 189 -16.67 16.22 -51.91
N GLY F 190 -17.43 16.26 -52.99
CA GLY F 190 -18.41 17.30 -53.25
C GLY F 190 -19.75 16.95 -52.66
N ASN F 191 -19.79 15.95 -51.77
CA ASN F 191 -21.04 15.47 -51.19
C ASN F 191 -20.87 15.30 -49.68
N ALA F 192 -22.01 15.09 -49.00
CA ALA F 192 -22.12 15.01 -47.54
C ALA F 192 -22.21 13.59 -46.97
N LEU F 193 -23.04 12.73 -47.55
CA LEU F 193 -23.44 11.46 -46.91
C LEU F 193 -22.40 10.34 -46.88
N PHE F 194 -21.44 10.30 -47.79
CA PHE F 194 -20.60 9.12 -47.94
C PHE F 194 -19.64 8.97 -46.77
N GLU F 195 -18.81 9.97 -46.56
CA GLU F 195 -17.68 9.89 -45.64
C GLU F 195 -17.99 9.32 -44.26
N PRO F 196 -19.14 9.59 -43.61
CA PRO F 196 -19.44 8.91 -42.34
C PRO F 196 -19.32 7.40 -42.38
N LEU F 197 -19.54 6.84 -43.58
CA LEU F 197 -19.51 5.35 -43.75
C LEU F 197 -18.35 4.93 -44.64
N TRP F 198 -17.53 5.86 -45.12
CA TRP F 198 -16.33 5.45 -45.89
C TRP F 198 -15.28 5.13 -44.84
N ASN F 199 -15.47 4.03 -44.13
CA ASN F 199 -14.58 3.70 -43.00
C ASN F 199 -14.63 2.19 -42.79
N SER F 200 -13.71 1.66 -42.00
CA SER F 200 -13.69 0.19 -41.85
C SER F 200 -15.03 -0.24 -41.26
N LYS F 201 -15.55 0.51 -40.29
CA LYS F 201 -16.90 0.20 -39.76
C LYS F 201 -17.95 0.42 -40.85
N GLY F 202 -17.82 1.47 -41.64
CA GLY F 202 -18.80 1.79 -42.71
C GLY F 202 -18.91 0.80 -43.87
N ILE F 203 -17.80 0.26 -44.36
CA ILE F 203 -17.84 -0.58 -45.60
C ILE F 203 -17.37 -2.01 -45.33
N ASP F 204 -18.13 -3.01 -45.81
CA ASP F 204 -17.77 -4.44 -45.59
C ASP F 204 -16.69 -4.85 -46.57
N HIS F 205 -16.86 -4.52 -47.84
CA HIS F 205 -15.87 -4.86 -48.87
C HIS F 205 -16.07 -4.00 -50.10
N VAL F 206 -15.00 -3.68 -50.72
CA VAL F 206 -15.04 -2.90 -51.94
C VAL F 206 -14.62 -3.84 -53.04
N GLN F 207 -15.05 -3.52 -54.26
CA GLN F 207 -14.82 -4.37 -55.42
C GLN F 207 -14.55 -3.50 -56.62
N ILE F 208 -13.42 -3.70 -57.27
CA ILE F 208 -13.21 -3.10 -58.59
C ILE F 208 -13.02 -4.27 -59.57
N SER F 209 -13.35 -4.02 -60.84
CA SER F 209 -13.25 -5.09 -61.83
C SER F 209 -13.21 -4.64 -63.28
N VAL F 210 -12.12 -4.90 -63.99
CA VAL F 210 -12.07 -4.64 -65.42
C VAL F 210 -12.27 -5.96 -66.17
N ALA F 211 -13.43 -6.10 -66.83
CA ALA F 211 -13.78 -7.26 -67.66
C ALA F 211 -13.89 -6.85 -69.12
N GLU F 212 -13.56 -7.76 -70.05
CA GLU F 212 -13.59 -7.48 -71.48
C GLU F 212 -14.04 -8.77 -72.18
N THR F 213 -14.97 -8.66 -73.12
CA THR F 213 -15.31 -9.86 -73.92
C THR F 213 -14.11 -10.08 -74.82
N VAL F 214 -13.26 -9.05 -74.97
CA VAL F 214 -12.13 -9.12 -75.95
C VAL F 214 -11.00 -10.01 -75.45
N GLY F 215 -10.15 -10.44 -76.38
CA GLY F 215 -8.92 -11.18 -76.03
C GLY F 215 -7.81 -10.43 -76.72
N LEU F 216 -6.57 -10.55 -76.23
CA LEU F 216 -5.47 -9.73 -76.79
C LEU F 216 -5.28 -10.04 -78.28
N GLU F 217 -5.59 -9.09 -79.17
CA GLU F 217 -5.29 -9.36 -80.60
C GLU F 217 -4.10 -8.51 -81.02
N GLY F 218 -2.98 -9.14 -81.33
CA GLY F 218 -1.78 -8.43 -81.84
C GLY F 218 -1.03 -7.81 -80.68
N ARG F 219 -1.56 -7.98 -79.47
CA ARG F 219 -0.89 -7.44 -78.26
C ARG F 219 -0.16 -8.57 -77.55
N ILE F 220 -0.32 -9.79 -78.07
CA ILE F 220 0.23 -11.00 -77.37
C ILE F 220 1.69 -10.82 -76.96
N GLY F 221 2.60 -10.65 -77.92
CA GLY F 221 4.02 -10.65 -77.52
C GLY F 221 4.42 -9.54 -76.57
N TYR F 222 3.98 -8.29 -76.79
CA TYR F 222 4.32 -7.25 -75.79
C TYR F 222 3.64 -7.61 -74.45
N PHE F 223 2.39 -8.08 -74.51
CA PHE F 223 1.64 -8.44 -73.27
C PHE F 223 2.32 -9.59 -72.55
N ASP F 224 2.84 -10.56 -73.30
CA ASP F 224 3.34 -11.79 -72.64
C ASP F 224 4.45 -11.43 -71.66
N SER F 225 5.36 -10.53 -72.04
CA SER F 225 6.37 -10.10 -71.05
C SER F 225 5.70 -9.36 -69.89
N SER F 226 4.75 -8.46 -70.18
CA SER F 226 4.17 -7.62 -69.10
C SER F 226 3.40 -8.41 -68.04
N GLY F 227 2.56 -9.35 -68.44
CA GLY F 227 1.71 -10.05 -67.45
C GLY F 227 0.41 -9.27 -67.31
N SER F 228 -0.67 -9.89 -66.84
CA SER F 228 -1.92 -9.11 -66.59
C SER F 228 -1.72 -8.08 -65.48
N LEU F 229 -1.03 -8.45 -64.40
CA LEU F 229 -0.90 -7.55 -63.24
C LEU F 229 -0.15 -6.28 -63.65
N ARG F 230 0.93 -6.43 -64.40
CA ARG F 230 1.71 -5.26 -64.85
C ARG F 230 0.81 -4.45 -65.79
N ASP F 231 0.03 -5.13 -66.62
CA ASP F 231 -0.76 -4.42 -67.65
C ASP F 231 -1.88 -3.56 -67.08
N MET F 232 -2.65 -4.04 -66.10
CA MET F 232 -3.79 -3.22 -65.72
C MET F 232 -3.76 -2.79 -64.27
N VAL F 233 -3.31 -3.65 -63.36
CA VAL F 233 -3.35 -3.26 -61.96
C VAL F 233 -2.21 -2.30 -61.63
N GLN F 234 -1.03 -2.47 -62.26
CA GLN F 234 0.09 -1.61 -61.88
C GLN F 234 -0.28 -0.14 -61.99
N SER F 235 -0.94 0.26 -63.09
CA SER F 235 -1.24 1.67 -63.31
C SER F 235 -2.71 2.02 -63.05
N HIS F 236 -3.61 1.56 -63.93
CA HIS F 236 -5.03 1.87 -64.02
C HIS F 236 -5.78 1.53 -62.73
N ILE F 237 -5.94 0.23 -62.43
CA ILE F 237 -6.75 -0.22 -61.30
C ILE F 237 -6.17 0.30 -60.00
N LEU F 238 -4.86 0.49 -59.95
CA LEU F 238 -4.24 1.09 -58.78
C LEU F 238 -4.56 2.58 -58.71
N GLN F 239 -4.79 3.22 -59.84
CA GLN F 239 -5.21 4.64 -59.77
C GLN F 239 -6.62 4.68 -59.17
N LEU F 240 -7.50 3.79 -59.61
CA LEU F 240 -8.91 3.77 -59.13
C LEU F 240 -8.93 3.47 -57.63
N VAL F 241 -8.07 2.56 -57.17
CA VAL F 241 -8.06 2.17 -55.74
C VAL F 241 -7.72 3.42 -54.93
N ALA F 242 -6.76 4.21 -55.42
CA ALA F 242 -6.34 5.41 -54.68
C ALA F 242 -7.53 6.34 -54.56
N LEU F 243 -8.30 6.47 -55.64
CA LEU F 243 -9.44 7.41 -55.63
C LEU F 243 -10.46 6.99 -54.58
N VAL F 244 -10.71 5.69 -54.42
CA VAL F 244 -11.81 5.24 -53.49
C VAL F 244 -11.32 5.06 -52.05
N ALA F 245 -10.06 5.39 -51.74
CA ALA F 245 -9.59 5.29 -50.36
C ALA F 245 -8.90 6.54 -49.80
N MET F 246 -8.43 7.43 -50.66
CA MET F 246 -7.62 8.58 -50.26
C MET F 246 -8.37 9.57 -49.37
N GLU F 247 -7.67 10.07 -48.32
CA GLU F 247 -8.27 11.10 -47.50
C GLU F 247 -8.27 12.39 -48.30
N PRO F 248 -9.29 13.23 -48.11
CA PRO F 248 -9.42 14.42 -48.95
C PRO F 248 -8.27 15.37 -48.71
N PRO F 249 -7.88 16.15 -49.71
CA PRO F 249 -6.95 17.25 -49.49
C PRO F 249 -7.64 18.43 -48.83
N ALA F 250 -6.83 19.36 -48.35
CA ALA F 250 -7.36 20.67 -48.02
C ALA F 250 -7.98 21.32 -49.25
N HIS F 251 -7.38 21.14 -50.42
CA HIS F 251 -7.94 21.65 -51.66
C HIS F 251 -7.50 20.83 -52.87
N MET F 252 -8.20 21.04 -54.00
CA MET F 252 -7.97 20.30 -55.25
C MET F 252 -6.72 20.76 -55.98
N GLU F 253 -5.69 21.19 -55.25
CA GLU F 253 -4.42 21.47 -55.88
C GLU F 253 -3.89 20.20 -56.50
N ALA F 254 -3.26 20.33 -57.67
CA ALA F 254 -2.74 19.17 -58.37
C ALA F 254 -2.02 18.21 -57.43
N ASN F 255 -0.94 18.69 -56.80
CA ASN F 255 -0.11 17.85 -55.94
C ASN F 255 -0.80 17.54 -54.59
N ALA F 256 -1.73 18.38 -54.15
CA ALA F 256 -2.50 18.04 -52.94
C ALA F 256 -3.26 16.74 -53.17
N VAL F 257 -3.85 16.59 -54.35
CA VAL F 257 -4.44 15.31 -54.74
C VAL F 257 -3.37 14.23 -54.78
N ARG F 258 -2.32 14.46 -55.60
CA ARG F 258 -1.21 13.53 -55.80
C ARG F 258 -0.63 13.01 -54.49
N ASP F 259 -0.28 13.91 -53.59
CA ASP F 259 0.38 13.45 -52.34
C ASP F 259 -0.54 12.43 -51.68
N GLU F 260 -1.84 12.72 -51.62
CA GLU F 260 -2.80 11.82 -50.93
C GLU F 260 -2.87 10.47 -51.65
N LYS F 261 -2.86 10.46 -52.98
CA LYS F 261 -2.99 9.19 -53.76
C LYS F 261 -1.80 8.28 -53.44
N VAL F 262 -0.61 8.84 -53.34
CA VAL F 262 0.62 8.03 -53.11
C VAL F 262 0.46 7.30 -51.79
N LYS F 263 -0.12 7.97 -50.78
CA LYS F 263 -0.20 7.36 -49.43
C LYS F 263 -1.00 6.07 -49.49
N VAL F 264 -2.10 6.03 -50.25
CA VAL F 264 -2.88 4.76 -50.40
C VAL F 264 -1.92 3.68 -50.88
N PHE F 265 -1.06 4.01 -51.85
CA PHE F 265 -0.15 3.00 -52.41
C PHE F 265 0.80 2.50 -51.36
N ARG F 266 1.31 3.41 -50.53
CA ARG F 266 2.31 3.08 -49.53
C ARG F 266 1.68 2.37 -48.34
N ALA F 267 0.35 2.30 -48.30
CA ALA F 267 -0.35 1.57 -47.27
C ALA F 267 -1.00 0.31 -47.81
N LEU F 268 -0.71 -0.07 -49.06
CA LEU F 268 -1.28 -1.29 -49.58
C LEU F 268 -0.59 -2.44 -48.88
N ARG F 269 -1.35 -3.40 -48.41
CA ARG F 269 -0.74 -4.42 -47.60
C ARG F 269 0.15 -5.29 -48.46
N PRO F 270 1.45 -5.36 -48.15
CA PRO F 270 2.35 -6.17 -48.98
C PRO F 270 1.91 -7.61 -48.91
N ILE F 271 1.80 -8.20 -50.11
CA ILE F 271 1.42 -9.63 -50.19
C ILE F 271 2.69 -10.43 -49.93
N ASN F 272 2.79 -11.02 -48.74
CA ASN F 272 3.95 -11.85 -48.37
C ASN F 272 3.84 -13.13 -49.18
N ASN F 273 4.91 -13.89 -49.32
CA ASN F 273 4.84 -15.06 -50.22
C ASN F 273 3.74 -15.97 -49.69
N ASP F 274 3.62 -16.08 -48.37
CA ASP F 274 2.50 -16.86 -47.79
C ASP F 274 1.16 -16.24 -48.19
N THR F 275 1.07 -14.91 -48.16
CA THR F 275 -0.18 -14.18 -48.51
C THR F 275 -0.55 -14.42 -49.97
N VAL F 276 0.45 -14.49 -50.86
CA VAL F 276 0.19 -14.59 -52.33
C VAL F 276 -0.62 -15.84 -52.61
N ILE F 277 -0.31 -16.94 -51.94
CA ILE F 277 -0.99 -18.23 -52.22
C ILE F 277 -2.48 -18.07 -51.95
N THR F 278 -2.84 -17.35 -50.89
CA THR F 278 -4.28 -17.24 -50.51
C THR F 278 -4.93 -15.98 -51.07
N HIS F 279 -4.16 -14.99 -51.52
CA HIS F 279 -4.78 -13.72 -51.93
C HIS F 279 -4.52 -13.33 -53.39
N THR F 280 -3.82 -14.14 -54.15
CA THR F 280 -3.72 -13.90 -55.59
C THR F 280 -4.38 -15.06 -56.28
N VAL F 281 -4.87 -14.80 -57.48
CA VAL F 281 -5.42 -15.82 -58.34
C VAL F 281 -5.07 -15.38 -59.75
N THR F 282 -4.55 -16.30 -60.53
CA THR F 282 -4.18 -16.04 -61.90
C THR F 282 -5.22 -16.71 -62.77
N GLY F 283 -4.99 -16.68 -64.08
CA GLY F 283 -5.90 -17.30 -65.03
C GLY F 283 -5.22 -17.29 -66.38
N GLN F 284 -5.68 -18.17 -67.26
CA GLN F 284 -5.18 -18.09 -68.62
C GLN F 284 -6.35 -18.41 -69.55
N TYR F 285 -6.59 -17.57 -70.56
CA TYR F 285 -7.81 -17.71 -71.33
C TYR F 285 -7.74 -18.92 -72.26
N GLY F 286 -8.72 -19.81 -72.10
CA GLY F 286 -8.83 -21.02 -72.89
C GLY F 286 -9.39 -20.75 -74.27
N ALA F 287 -10.33 -21.57 -74.72
CA ALA F 287 -10.87 -21.40 -76.05
C ALA F 287 -12.36 -21.69 -76.06
N GLY F 288 -13.10 -20.85 -76.77
CA GLY F 288 -14.53 -21.01 -76.85
C GLY F 288 -15.19 -20.07 -77.85
N VAL F 289 -15.99 -19.19 -77.26
CA VAL F 289 -16.82 -18.20 -77.94
C VAL F 289 -16.51 -16.83 -77.35
N SER F 290 -16.63 -15.79 -78.18
CA SER F 290 -16.57 -14.41 -77.70
C SER F 290 -17.77 -13.64 -78.26
N GLY F 291 -18.80 -13.46 -77.45
CA GLY F 291 -19.95 -12.72 -77.90
C GLY F 291 -20.66 -13.38 -79.07
N GLY F 292 -20.86 -14.69 -79.01
CA GLY F 292 -21.42 -15.40 -80.15
C GLY F 292 -20.36 -15.91 -81.11
N LYS F 293 -19.41 -15.08 -81.50
CA LYS F 293 -18.37 -15.57 -82.39
C LYS F 293 -17.44 -16.47 -81.60
N GLU F 294 -16.96 -17.53 -82.25
CA GLU F 294 -16.07 -18.52 -81.64
C GLU F 294 -14.65 -18.00 -81.68
N VAL F 295 -13.93 -18.10 -80.56
CA VAL F 295 -12.60 -17.54 -80.49
C VAL F 295 -11.59 -18.61 -80.10
N ALA F 296 -10.33 -18.32 -80.42
CA ALA F 296 -9.25 -19.28 -80.30
C ALA F 296 -8.62 -19.20 -78.92
N GLY F 297 -7.82 -20.22 -78.60
CA GLY F 297 -7.16 -20.23 -77.32
C GLY F 297 -5.97 -19.30 -77.27
N TYR F 298 -5.53 -19.02 -76.03
CA TYR F 298 -4.35 -18.20 -75.82
C TYR F 298 -3.12 -18.80 -76.48
N ILE F 299 -2.76 -20.04 -76.09
CA ILE F 299 -1.68 -20.75 -76.76
C ILE F 299 -2.02 -21.02 -78.22
N ASP F 300 -3.30 -21.22 -78.53
CA ASP F 300 -3.64 -21.30 -79.94
C ASP F 300 -3.41 -19.96 -80.61
N GLU F 301 -3.50 -18.87 -79.84
CA GLU F 301 -3.25 -17.54 -80.38
C GLU F 301 -1.75 -17.19 -80.36
N LEU F 302 -1.03 -17.60 -79.32
CA LEU F 302 0.41 -17.35 -79.26
C LEU F 302 1.18 -18.52 -79.86
N GLY F 303 2.46 -18.25 -80.15
CA GLY F 303 3.32 -19.20 -80.82
C GLY F 303 4.26 -20.02 -79.94
N GLN F 304 4.13 -19.93 -78.62
CA GLN F 304 5.05 -20.64 -77.73
C GLN F 304 4.45 -20.64 -76.30
N PRO F 305 4.95 -21.49 -75.39
CA PRO F 305 4.30 -21.59 -74.06
C PRO F 305 4.52 -20.40 -73.13
N SER F 306 3.46 -20.08 -72.37
CA SER F 306 3.48 -19.00 -71.41
C SER F 306 2.73 -19.39 -70.14
N ASP F 307 3.22 -18.86 -69.01
CA ASP F 307 2.51 -19.05 -67.73
C ASP F 307 2.15 -17.63 -67.28
N THR F 308 1.72 -16.78 -68.23
CA THR F 308 1.43 -15.36 -67.91
C THR F 308 -0.08 -15.21 -67.84
N GLU F 309 -0.59 -14.68 -66.73
CA GLU F 309 -2.06 -14.66 -66.54
C GLU F 309 -2.75 -13.77 -67.56
N THR F 310 -3.84 -14.28 -68.17
CA THR F 310 -4.68 -13.42 -69.03
C THR F 310 -5.72 -12.83 -68.08
N PHE F 311 -5.79 -13.38 -66.86
CA PHE F 311 -6.72 -12.87 -65.81
C PHE F 311 -5.95 -12.83 -64.50
N VAL F 312 -6.26 -11.88 -63.63
CA VAL F 312 -5.60 -11.85 -62.28
C VAL F 312 -6.67 -11.52 -61.23
N ALA F 313 -6.47 -11.99 -60.00
CA ALA F 313 -7.42 -11.69 -58.95
C ALA F 313 -6.64 -11.51 -57.65
N ILE F 314 -6.96 -10.43 -56.94
CA ILE F 314 -6.21 -10.01 -55.77
C ILE F 314 -7.22 -9.76 -54.67
N LYS F 315 -6.78 -9.93 -53.42
CA LYS F 315 -7.58 -9.51 -52.27
C LYS F 315 -6.72 -8.43 -51.59
N ALA F 316 -6.89 -7.19 -51.99
CA ALA F 316 -6.03 -6.09 -51.55
C ALA F 316 -6.47 -5.54 -50.21
N HIS F 317 -5.52 -4.87 -49.54
CA HIS F 317 -5.78 -4.29 -48.23
C HIS F 317 -5.18 -2.90 -48.17
N VAL F 318 -5.99 -1.94 -47.74
CA VAL F 318 -5.49 -0.61 -47.40
C VAL F 318 -5.40 -0.53 -45.89
N ASP F 319 -4.17 -0.47 -45.35
CA ASP F 319 -3.96 -0.52 -43.90
C ASP F 319 -3.57 0.87 -43.40
N ASN F 320 -4.58 1.72 -43.31
CA ASN F 320 -4.49 2.99 -42.64
C ASN F 320 -5.61 3.03 -41.61
N TRP F 321 -5.73 4.18 -40.94
CA TRP F 321 -6.79 4.38 -39.97
C TRP F 321 -8.16 4.10 -40.58
N ARG F 322 -8.44 4.66 -41.76
CA ARG F 322 -9.77 4.59 -42.32
C ARG F 322 -10.21 3.17 -42.67
N TRP F 323 -9.29 2.37 -43.22
CA TRP F 323 -9.66 1.16 -43.93
C TRP F 323 -9.17 -0.14 -43.31
N HIS F 324 -8.37 -0.08 -42.26
CA HIS F 324 -7.65 -1.24 -41.78
C HIS F 324 -8.56 -2.46 -41.63
N GLY F 325 -8.32 -3.47 -42.45
CA GLY F 325 -9.03 -4.73 -42.42
C GLY F 325 -10.21 -4.82 -43.35
N VAL F 326 -10.39 -3.86 -44.25
CA VAL F 326 -11.52 -3.83 -45.17
C VAL F 326 -11.02 -4.35 -46.52
N PRO F 327 -11.53 -5.49 -46.99
CA PRO F 327 -11.00 -6.11 -48.20
C PRO F 327 -11.30 -5.31 -49.46
N PHE F 328 -10.29 -5.20 -50.32
CA PHE F 328 -10.39 -4.64 -51.66
C PHE F 328 -10.13 -5.77 -52.64
N TYR F 329 -11.17 -6.16 -53.38
CA TYR F 329 -11.19 -7.34 -54.26
C TYR F 329 -11.02 -6.89 -55.70
N ILE F 330 -9.86 -7.17 -56.30
CA ILE F 330 -9.55 -6.74 -57.66
C ILE F 330 -9.83 -7.87 -58.64
N ARG F 331 -10.14 -7.52 -59.89
CA ARG F 331 -10.46 -8.53 -60.91
C ARG F 331 -10.37 -7.92 -62.29
N THR F 332 -9.33 -8.28 -63.03
CA THR F 332 -9.18 -7.92 -64.43
C THR F 332 -8.79 -9.18 -65.20
N GLY F 333 -9.09 -9.19 -66.49
CA GLY F 333 -8.83 -10.37 -67.30
C GLY F 333 -9.41 -10.17 -68.67
N LYS F 334 -9.01 -11.06 -69.59
CA LYS F 334 -9.47 -10.97 -70.96
C LYS F 334 -10.33 -12.18 -71.31
N ARG F 335 -11.11 -12.03 -72.38
CA ARG F 335 -12.11 -13.03 -72.81
C ARG F 335 -13.05 -13.41 -71.67
N LEU F 336 -13.73 -12.38 -71.18
CA LEU F 336 -14.74 -12.50 -70.15
C LEU F 336 -16.13 -12.36 -70.78
N PRO F 337 -17.21 -12.66 -70.05
CA PRO F 337 -18.55 -12.63 -70.68
C PRO F 337 -18.97 -11.29 -71.22
N ALA F 338 -18.37 -10.21 -70.73
CA ALA F 338 -18.69 -8.87 -71.28
C ALA F 338 -17.57 -7.89 -70.97
N ARG F 339 -17.55 -6.75 -71.66
CA ARG F 339 -16.53 -5.75 -71.29
C ARG F 339 -17.21 -4.74 -70.37
N ARG F 340 -16.82 -4.73 -69.10
CA ARG F 340 -17.35 -3.72 -68.18
C ARG F 340 -16.27 -3.34 -67.16
N SER F 341 -16.25 -2.09 -66.72
CA SER F 341 -15.35 -1.71 -65.61
C SER F 341 -16.28 -1.17 -64.53
N GLU F 342 -16.19 -1.66 -63.30
CA GLU F 342 -17.19 -1.21 -62.29
C GLU F 342 -16.65 -1.29 -60.86
N ILE F 343 -17.16 -0.45 -59.97
CA ILE F 343 -16.78 -0.51 -58.52
C ILE F 343 -18.06 -0.78 -57.74
N VAL F 344 -18.06 -1.77 -56.84
CA VAL F 344 -19.32 -2.11 -56.13
C VAL F 344 -19.06 -2.16 -54.62
N VAL F 345 -18.90 -0.99 -54.00
CA VAL F 345 -18.62 -0.94 -52.54
C VAL F 345 -19.82 -1.50 -51.77
N GLN F 346 -19.54 -2.23 -50.70
CA GLN F 346 -20.63 -2.86 -49.90
C GLN F 346 -20.58 -2.29 -48.49
N PHE F 347 -21.74 -1.87 -47.98
CA PHE F 347 -21.78 -1.24 -46.64
C PHE F 347 -22.12 -2.31 -45.59
N LYS F 348 -21.30 -2.39 -44.54
CA LYS F 348 -21.46 -3.43 -43.52
C LYS F 348 -22.93 -3.45 -43.10
N PRO F 349 -23.51 -4.62 -42.84
CA PRO F 349 -24.96 -4.71 -42.62
C PRO F 349 -25.42 -3.98 -41.36
N VAL F 350 -26.73 -3.76 -41.31
CA VAL F 350 -27.38 -3.01 -40.21
C VAL F 350 -27.03 -3.64 -38.87
N PRO F 351 -26.79 -2.83 -37.83
CA PRO F 351 -26.45 -3.43 -36.52
C PRO F 351 -27.55 -4.31 -35.95
N HIS F 352 -28.79 -4.11 -36.39
CA HIS F 352 -29.90 -4.98 -35.92
C HIS F 352 -31.08 -4.86 -36.87
N SER F 353 -31.92 -5.89 -36.94
CA SER F 353 -33.12 -5.74 -37.79
C SER F 353 -34.39 -5.65 -36.96
N ILE F 354 -35.10 -4.52 -37.06
CA ILE F 354 -36.43 -4.36 -36.42
C ILE F 354 -37.35 -5.36 -37.11
N PHE F 355 -37.16 -5.56 -38.41
CA PHE F 355 -38.06 -6.38 -39.24
C PHE F 355 -37.64 -7.85 -39.24
N SER F 356 -36.68 -8.23 -38.41
CA SER F 356 -36.16 -9.62 -38.54
C SER F 356 -37.13 -10.56 -37.86
N SER F 357 -38.29 -10.76 -38.49
CA SER F 357 -39.27 -11.77 -38.03
C SER F 357 -38.97 -13.01 -38.85
N SER F 358 -37.89 -12.96 -39.64
CA SER F 358 -37.54 -14.07 -40.58
C SER F 358 -38.34 -13.90 -41.87
N GLY F 359 -39.02 -12.77 -42.03
CA GLY F 359 -39.72 -12.53 -43.30
C GLY F 359 -38.94 -11.54 -44.14
N GLY F 360 -38.59 -11.93 -45.36
CA GLY F 360 -37.80 -11.07 -46.26
C GLY F 360 -36.32 -11.18 -45.94
N ILE F 361 -35.46 -10.53 -46.72
CA ILE F 361 -34.00 -10.50 -46.41
C ILE F 361 -33.50 -9.10 -46.76
N LEU F 362 -32.43 -8.63 -46.11
CA LEU F 362 -31.95 -7.25 -46.35
C LEU F 362 -30.50 -7.30 -46.84
N GLN F 363 -30.30 -7.41 -48.15
CA GLN F 363 -28.95 -7.45 -48.69
C GLN F 363 -28.29 -6.08 -48.55
N PRO F 364 -27.01 -6.06 -48.13
CA PRO F 364 -26.34 -4.80 -47.80
C PRO F 364 -26.41 -3.77 -48.93
N ASN F 365 -26.32 -2.50 -48.54
CA ASN F 365 -26.36 -1.44 -49.53
C ASN F 365 -25.05 -1.39 -50.28
N LYS F 366 -25.14 -1.17 -51.59
CA LYS F 366 -23.99 -1.28 -52.50
C LYS F 366 -23.93 -0.04 -53.38
N LEU F 367 -22.76 0.59 -53.46
CA LEU F 367 -22.53 1.71 -54.36
C LEU F 367 -21.81 1.20 -55.61
N ARG F 368 -22.51 1.23 -56.75
CA ARG F 368 -21.95 0.70 -58.00
C ARG F 368 -21.77 1.84 -58.99
N ILE F 369 -20.53 2.06 -59.43
CA ILE F 369 -20.24 2.99 -60.52
C ILE F 369 -19.72 2.19 -61.72
N VAL F 370 -20.44 2.27 -62.83
CA VAL F 370 -20.06 1.61 -64.08
C VAL F 370 -19.28 2.63 -64.89
N LEU F 371 -17.99 2.33 -65.13
CA LEU F 371 -17.10 3.31 -65.75
C LEU F 371 -17.16 3.20 -67.25
N GLN F 372 -16.83 2.01 -67.77
CA GLN F 372 -16.85 1.65 -69.17
C GLN F 372 -17.65 0.35 -69.32
N PRO F 373 -18.42 0.22 -70.39
CA PRO F 373 -18.66 1.17 -71.46
C PRO F 373 -19.60 2.29 -71.02
N ASP F 374 -20.71 1.92 -70.40
CA ASP F 374 -21.74 2.89 -70.06
C ASP F 374 -21.36 3.62 -68.79
N GLU F 375 -22.16 4.62 -68.43
CA GLU F 375 -21.90 5.42 -67.24
C GLU F 375 -23.18 5.56 -66.41
N THR F 376 -23.12 5.10 -65.14
CA THR F 376 -24.30 4.88 -64.30
C THR F 376 -23.90 4.80 -62.83
N ILE F 377 -24.75 5.31 -61.95
CA ILE F 377 -24.56 5.17 -60.51
C ILE F 377 -25.80 4.50 -59.95
N GLN F 378 -25.62 3.62 -58.99
CA GLN F 378 -26.77 2.93 -58.44
C GLN F 378 -26.49 2.49 -57.02
N ILE F 379 -27.56 2.19 -56.29
CA ILE F 379 -27.49 2.01 -54.85
C ILE F 379 -28.46 0.92 -54.43
N SER F 380 -28.05 -0.03 -53.58
CA SER F 380 -29.03 -0.99 -53.06
C SER F 380 -29.72 -0.44 -51.83
N ILE F 381 -31.05 -0.49 -51.86
CA ILE F 381 -31.88 -0.14 -50.72
C ILE F 381 -32.96 -1.20 -50.64
N MET F 382 -33.47 -1.43 -49.45
CA MET F 382 -34.57 -2.34 -49.28
C MET F 382 -35.85 -1.55 -49.34
N VAL F 383 -36.98 -2.24 -49.43
CA VAL F 383 -38.25 -1.54 -49.55
C VAL F 383 -39.33 -2.54 -49.19
N LYS F 384 -40.40 -2.07 -48.55
CA LYS F 384 -41.53 -2.97 -48.20
C LYS F 384 -42.32 -3.30 -49.46
N GLU F 385 -42.35 -4.58 -49.85
CA GLU F 385 -43.11 -5.00 -51.05
C GLU F 385 -44.61 -4.75 -50.81
N PRO F 386 -45.36 -4.27 -51.82
CA PRO F 386 -46.77 -3.97 -51.64
C PRO F 386 -47.59 -5.23 -51.36
N GLY F 387 -48.59 -5.13 -50.49
CA GLY F 387 -49.46 -6.28 -50.18
C GLY F 387 -50.21 -6.08 -48.88
N LEU F 388 -51.14 -6.97 -48.55
CA LEU F 388 -51.82 -6.86 -47.29
C LEU F 388 -51.02 -7.49 -46.19
N ASP F 389 -49.82 -7.99 -46.55
CA ASP F 389 -48.81 -8.45 -45.60
C ASP F 389 -49.42 -9.47 -44.66
N ARG F 390 -50.35 -10.24 -45.19
CA ARG F 390 -50.90 -11.41 -44.54
C ARG F 390 -49.88 -12.53 -44.58
N ASN F 391 -49.99 -13.42 -43.60
CA ASN F 391 -49.01 -14.48 -43.32
C ASN F 391 -47.73 -13.89 -42.74
N GLY F 392 -47.18 -12.84 -43.37
CA GLY F 392 -45.95 -12.21 -42.89
C GLY F 392 -45.77 -10.79 -43.37
N ALA F 393 -44.61 -10.50 -43.96
CA ALA F 393 -44.33 -9.15 -44.47
C ALA F 393 -43.11 -9.25 -45.36
N HIS F 394 -43.26 -8.91 -46.63
CA HIS F 394 -42.19 -9.11 -47.58
C HIS F 394 -41.54 -7.80 -48.01
N MET F 395 -40.30 -7.93 -48.49
CA MET F 395 -39.52 -6.81 -49.00
C MET F 395 -38.96 -7.16 -50.38
N ARG F 396 -38.10 -6.30 -50.90
CA ARG F 396 -37.44 -6.63 -52.16
C ARG F 396 -36.26 -5.69 -52.25
N GLU F 397 -35.06 -6.14 -52.61
CA GLU F 397 -33.94 -5.23 -52.82
C GLU F 397 -34.09 -4.42 -54.12
N VAL F 398 -33.62 -3.16 -54.13
CA VAL F 398 -33.83 -2.31 -55.31
C VAL F 398 -32.72 -1.27 -55.51
N TRP F 399 -32.74 -0.56 -56.64
CA TRP F 399 -31.63 0.27 -57.08
C TRP F 399 -32.10 1.68 -57.40
N LEU F 400 -31.27 2.68 -57.10
CA LEU F 400 -31.48 4.07 -57.52
C LEU F 400 -30.62 4.39 -58.73
N ASP F 401 -31.25 4.79 -59.84
CA ASP F 401 -30.57 4.90 -61.12
C ASP F 401 -30.12 6.32 -61.45
N LEU F 402 -28.98 6.40 -62.12
CA LEU F 402 -28.38 7.61 -62.67
C LEU F 402 -27.64 7.23 -63.95
N SER F 403 -27.77 8.07 -64.99
CA SER F 403 -27.05 7.88 -66.25
C SER F 403 -26.04 8.99 -66.50
N LEU F 404 -24.77 8.79 -66.13
CA LEU F 404 -23.77 9.83 -66.38
C LEU F 404 -23.68 10.20 -67.86
N THR F 405 -23.95 9.26 -68.77
CA THR F 405 -24.00 9.63 -70.20
C THR F 405 -25.36 10.14 -70.63
N ASP F 406 -26.42 9.46 -70.19
CA ASP F 406 -27.75 9.86 -70.65
C ASP F 406 -28.16 11.17 -70.03
N VAL F 407 -27.53 11.57 -68.94
CA VAL F 407 -27.87 12.87 -68.37
C VAL F 407 -27.22 13.97 -69.21
N PHE F 408 -25.92 13.81 -69.46
CA PHE F 408 -25.17 14.84 -70.21
C PHE F 408 -25.18 14.48 -71.70
N LYS F 409 -26.33 14.05 -72.22
CA LYS F 409 -26.45 13.78 -73.67
C LYS F 409 -26.21 15.11 -74.38
N ASP F 410 -26.74 16.19 -73.80
CA ASP F 410 -26.55 17.55 -74.38
C ASP F 410 -25.05 17.82 -74.40
N ARG F 411 -24.35 17.44 -73.33
CA ARG F 411 -22.87 17.59 -73.29
C ARG F 411 -22.30 16.63 -74.34
N LYS F 412 -21.16 16.98 -74.96
CA LYS F 412 -20.68 16.10 -76.06
C LYS F 412 -19.58 15.18 -75.52
N ARG F 413 -19.80 13.87 -75.63
CA ARG F 413 -18.79 12.89 -75.17
C ARG F 413 -17.55 12.99 -76.06
N ARG F 414 -16.37 12.82 -75.48
CA ARG F 414 -15.11 12.92 -76.24
C ARG F 414 -14.18 11.80 -75.79
N ILE F 415 -13.23 11.42 -76.63
CA ILE F 415 -12.24 10.38 -76.21
C ILE F 415 -11.48 10.94 -75.02
N ALA F 416 -11.23 10.10 -74.02
CA ALA F 416 -10.57 10.58 -72.79
C ALA F 416 -9.14 11.00 -73.14
N HIS F 417 -8.58 10.43 -74.21
CA HIS F 417 -7.15 10.72 -74.48
C HIS F 417 -6.93 12.21 -74.77
N GLU F 418 -7.82 12.79 -75.59
CA GLU F 418 -7.65 14.21 -76.00
C GLU F 418 -7.51 15.12 -74.78
N ARG F 419 -8.38 14.95 -73.79
CA ARG F 419 -8.26 15.74 -72.55
C ARG F 419 -6.79 15.72 -72.13
N LEU F 420 -6.25 14.52 -71.89
CA LEU F 420 -4.86 14.42 -71.42
C LEU F 420 -3.89 14.97 -72.48
N LEU F 421 -4.13 14.66 -73.76
CA LEU F 421 -3.26 15.19 -74.86
C LEU F 421 -3.34 16.71 -74.86
N LEU F 422 -4.56 17.26 -74.85
CA LEU F 422 -4.74 18.73 -74.81
C LEU F 422 -4.13 19.26 -73.52
N ASP F 423 -4.40 18.57 -72.41
CA ASP F 423 -3.75 18.98 -71.15
C ASP F 423 -2.25 19.05 -71.43
N LEU F 424 -1.70 18.03 -72.10
CA LEU F 424 -0.24 17.98 -72.39
C LEU F 424 0.20 19.13 -73.29
N ILE F 425 -0.59 19.45 -74.32
CA ILE F 425 -0.25 20.61 -75.20
C ILE F 425 -0.32 21.84 -74.30
N GLU F 426 -1.32 21.88 -73.43
CA GLU F 426 -1.44 22.97 -72.42
C GLU F 426 -0.22 22.84 -71.52
N GLY F 427 0.21 21.60 -71.25
CA GLY F 427 1.29 21.38 -70.28
C GLY F 427 0.74 21.24 -68.89
N ASP F 428 -0.60 21.22 -68.75
CA ASP F 428 -1.13 20.93 -67.40
C ASP F 428 -0.71 19.50 -67.05
N ALA F 429 -0.20 19.30 -65.83
CA ALA F 429 0.28 17.96 -65.39
C ALA F 429 -0.72 17.38 -64.40
N THR F 430 -1.91 17.96 -64.31
CA THR F 430 -2.84 17.54 -63.23
C THR F 430 -3.20 16.06 -63.38
N LEU F 431 -3.42 15.57 -64.59
CA LEU F 431 -3.85 14.16 -64.71
C LEU F 431 -2.66 13.29 -65.10
N PHE F 432 -1.46 13.61 -64.61
CA PHE F 432 -0.30 12.72 -64.87
C PHE F 432 0.28 12.09 -63.60
N VAL F 433 1.10 11.05 -63.74
CA VAL F 433 1.68 10.29 -62.64
C VAL F 433 2.97 10.98 -62.19
N ARG F 434 3.28 10.87 -60.91
CA ARG F 434 4.52 11.39 -60.34
C ARG F 434 5.41 10.21 -59.99
N ARG F 435 6.73 10.42 -60.13
CA ARG F 435 7.66 9.31 -59.91
C ARG F 435 7.43 8.64 -58.56
N ASP F 436 7.27 9.47 -57.53
CA ASP F 436 7.03 8.98 -56.17
C ASP F 436 5.74 8.16 -56.05
N GLU F 437 4.68 8.43 -56.84
CA GLU F 437 3.59 7.45 -56.89
C GLU F 437 4.08 6.09 -57.39
N VAL F 438 4.80 6.10 -58.51
CA VAL F 438 5.08 4.88 -59.26
C VAL F 438 5.71 3.83 -58.36
N GLU F 439 6.71 4.22 -57.59
CA GLU F 439 7.40 3.24 -56.76
C GLU F 439 6.47 2.62 -55.74
N ALA F 440 5.60 3.43 -55.16
CA ALA F 440 4.70 2.87 -54.15
C ALA F 440 3.77 1.83 -54.72
N GLN F 441 3.42 1.97 -55.99
CA GLN F 441 2.72 0.97 -56.78
C GLN F 441 3.66 -0.21 -56.98
N TRP F 442 4.69 0.02 -57.82
CA TRP F 442 5.62 -1.03 -58.23
C TRP F 442 6.21 -1.77 -57.05
N ILE F 443 6.66 -1.04 -56.03
CA ILE F 443 7.28 -1.69 -54.87
C ILE F 443 6.38 -2.78 -54.32
N TRP F 444 5.07 -2.51 -54.28
CA TRP F 444 4.09 -3.48 -53.79
C TRP F 444 3.81 -4.56 -54.82
N ILE F 445 3.56 -4.17 -56.07
CA ILE F 445 3.17 -5.15 -57.14
C ILE F 445 4.34 -6.08 -57.47
N ASP F 446 5.57 -5.57 -57.41
CA ASP F 446 6.76 -6.38 -57.79
C ASP F 446 6.84 -7.57 -56.82
N GLY F 447 6.55 -7.33 -55.55
CA GLY F 447 6.59 -8.41 -54.54
C GLY F 447 5.59 -9.49 -54.87
N ILE F 448 4.41 -9.11 -55.35
CA ILE F 448 3.36 -10.12 -55.64
C ILE F 448 3.89 -11.06 -56.72
N ARG F 449 4.51 -10.52 -57.77
CA ARG F 449 5.10 -11.39 -58.81
C ARG F 449 6.14 -12.32 -58.19
N GLU F 450 7.10 -11.76 -57.46
CA GLU F 450 8.21 -12.60 -56.93
C GLU F 450 7.63 -13.65 -55.98
N GLY F 451 6.65 -13.25 -55.17
CA GLY F 451 6.14 -14.21 -54.17
C GLY F 451 5.54 -15.40 -54.87
N TRP F 452 4.81 -15.17 -55.96
CA TRP F 452 4.25 -16.31 -56.74
C TRP F 452 5.40 -17.15 -57.32
N LYS F 453 6.48 -16.53 -57.79
CA LYS F 453 7.56 -17.30 -58.44
C LYS F 453 8.19 -18.28 -57.45
N ALA F 454 8.42 -17.85 -56.22
CA ALA F 454 8.96 -18.78 -55.18
C ALA F 454 7.92 -19.86 -54.97
N ASN F 455 6.65 -19.46 -54.96
CA ASN F 455 5.52 -20.41 -54.81
C ASN F 455 5.55 -21.37 -56.01
N SER F 456 6.03 -20.89 -57.17
CA SER F 456 5.95 -21.70 -58.41
C SER F 456 4.49 -21.69 -58.82
N MET F 457 3.77 -20.63 -58.47
CA MET F 457 2.34 -20.49 -58.83
C MET F 457 2.20 -20.33 -60.34
N LYS F 458 1.13 -20.89 -60.92
CA LYS F 458 0.96 -20.86 -62.39
C LYS F 458 -0.48 -20.46 -62.74
N PRO F 459 -0.73 -19.91 -63.94
CA PRO F 459 -2.07 -19.48 -64.34
C PRO F 459 -3.04 -20.65 -64.48
N LYS F 460 -4.32 -20.42 -64.20
CA LYS F 460 -5.34 -21.49 -64.32
C LYS F 460 -6.19 -21.23 -65.56
N THR F 461 -6.31 -22.25 -66.41
CA THR F 461 -7.05 -22.08 -67.68
C THR F 461 -8.53 -21.86 -67.40
N TYR F 462 -9.17 -20.96 -68.15
CA TYR F 462 -10.63 -20.78 -68.02
C TYR F 462 -11.20 -20.69 -69.43
N VAL F 463 -12.39 -21.24 -69.63
CA VAL F 463 -12.98 -21.25 -71.00
C VAL F 463 -13.21 -19.80 -71.39
N SER F 464 -12.99 -19.46 -72.66
CA SER F 464 -13.32 -18.08 -73.09
C SER F 464 -14.82 -17.92 -72.94
N GLY F 465 -15.30 -16.74 -72.53
CA GLY F 465 -16.74 -16.56 -72.26
C GLY F 465 -17.10 -17.02 -70.86
N THR F 466 -16.11 -17.31 -70.03
CA THR F 466 -16.35 -17.75 -68.63
C THR F 466 -15.73 -16.69 -67.72
N TRP F 467 -16.30 -16.49 -66.53
CA TRP F 467 -15.80 -15.37 -65.68
C TRP F 467 -14.56 -15.85 -64.93
N GLY F 468 -13.50 -16.17 -65.66
CA GLY F 468 -12.22 -16.48 -64.99
C GLY F 468 -12.12 -17.87 -64.41
N PRO F 469 -11.01 -18.21 -63.75
CA PRO F 469 -10.88 -19.48 -63.06
C PRO F 469 -11.78 -19.52 -61.81
N ILE F 470 -12.24 -20.72 -61.42
CA ILE F 470 -13.15 -20.87 -60.25
C ILE F 470 -12.42 -20.38 -58.99
N THR F 471 -11.13 -20.69 -58.88
CA THR F 471 -10.33 -20.20 -57.73
C THR F 471 -10.81 -18.80 -57.33
N ALA F 472 -11.08 -17.94 -58.32
CA ALA F 472 -11.50 -16.55 -58.04
C ALA F 472 -12.83 -16.59 -57.29
N ILE F 473 -13.73 -17.49 -57.67
CA ILE F 473 -15.02 -17.65 -56.92
C ILE F 473 -14.67 -18.09 -55.50
N ALA F 474 -13.67 -18.95 -55.34
CA ALA F 474 -13.26 -19.32 -53.97
C ALA F 474 -12.73 -18.08 -53.25
N LEU F 475 -11.97 -17.23 -53.94
CA LEU F 475 -11.36 -16.05 -53.28
C LEU F 475 -12.46 -15.15 -52.71
N VAL F 476 -13.68 -15.27 -53.24
CA VAL F 476 -14.76 -14.41 -52.81
C VAL F 476 -15.71 -15.19 -51.91
N GLU F 477 -16.08 -16.40 -52.29
CA GLU F 477 -17.00 -17.22 -51.52
C GLU F 477 -16.30 -17.98 -50.39
N ARG F 478 -14.98 -17.89 -50.24
CA ARG F 478 -14.42 -18.34 -48.97
C ARG F 478 -14.53 -17.26 -47.90
N ASP F 479 -14.85 -16.03 -48.30
CA ASP F 479 -15.19 -14.94 -47.39
C ASP F 479 -16.69 -14.69 -47.31
N GLY F 480 -17.50 -15.41 -48.07
CA GLY F 480 -18.94 -15.23 -48.03
C GLY F 480 -19.42 -14.33 -49.15
N VAL F 481 -18.66 -13.28 -49.42
CA VAL F 481 -18.95 -12.31 -50.47
C VAL F 481 -19.17 -13.01 -51.82
N THR F 482 -19.96 -12.39 -52.70
CA THR F 482 -20.08 -12.94 -54.05
C THR F 482 -19.69 -11.82 -55.01
N TRP F 483 -19.14 -12.23 -56.17
CA TRP F 483 -18.75 -11.25 -57.18
C TRP F 483 -19.97 -10.68 -57.84
N TYR F 484 -19.98 -9.37 -57.97
CA TYR F 484 -21.17 -8.74 -58.49
C TYR F 484 -21.37 -9.13 -59.95
N ASP F 485 -22.53 -9.66 -60.24
CA ASP F 485 -22.97 -9.86 -61.59
C ASP F 485 -24.39 -9.33 -61.62
N LEU F 486 -24.75 -8.57 -62.64
CA LEU F 486 -26.12 -8.06 -62.64
C LEU F 486 -27.13 -9.21 -62.47
N GLU F 487 -28.34 -8.88 -62.03
CA GLU F 487 -29.38 -9.92 -61.89
C GLU F 487 -30.26 -9.98 -63.12
N ASN G 3 -49.93 13.72 -2.62
CA ASN G 3 -48.50 13.56 -2.24
C ASN G 3 -48.35 13.91 -0.75
N THR G 4 -49.34 13.54 0.05
CA THR G 4 -49.29 13.85 1.51
C THR G 4 -48.12 13.09 2.12
N VAL G 5 -47.43 13.70 3.09
CA VAL G 5 -46.23 12.99 3.61
C VAL G 5 -46.70 11.67 4.22
N SER G 6 -47.79 11.68 4.99
CA SER G 6 -48.34 10.41 5.53
C SER G 6 -47.54 9.91 6.74
N THR G 7 -47.82 8.69 7.19
CA THR G 7 -47.06 8.06 8.31
C THR G 7 -46.43 6.77 7.79
N MET G 8 -45.62 6.07 8.59
CA MET G 8 -44.94 4.85 8.08
C MET G 8 -45.19 3.62 8.96
N ILE G 9 -45.53 2.48 8.33
CA ILE G 9 -45.68 1.21 9.09
C ILE G 9 -44.58 0.27 8.61
N LEU G 10 -43.82 -0.32 9.53
CA LEU G 10 -42.66 -1.14 9.09
C LEU G 10 -42.89 -2.62 9.35
N PHE G 11 -43.40 -3.34 8.35
CA PHE G 11 -43.52 -4.79 8.47
C PHE G 11 -42.14 -5.44 8.46
N GLY G 12 -41.92 -6.44 9.31
CA GLY G 12 -40.58 -7.05 9.42
C GLY G 12 -39.57 -6.15 10.09
N SER G 13 -39.93 -5.52 11.21
CA SER G 13 -39.00 -4.63 11.98
C SER G 13 -37.83 -5.45 12.51
N THR G 14 -38.07 -6.69 12.93
CA THR G 14 -37.04 -7.58 13.53
C THR G 14 -35.92 -7.88 12.52
N GLY G 15 -36.24 -8.01 11.23
CA GLY G 15 -35.26 -8.49 10.21
C GLY G 15 -34.04 -7.63 9.96
N ASP G 16 -32.95 -8.25 9.46
CA ASP G 16 -31.63 -7.58 9.29
C ASP G 16 -31.73 -6.38 8.33
N LEU G 17 -32.51 -6.48 7.26
CA LEU G 17 -32.52 -5.32 6.33
C LEU G 17 -33.02 -4.13 7.15
N SER G 18 -34.00 -4.36 8.02
CA SER G 18 -34.52 -3.29 8.89
C SER G 18 -33.40 -2.79 9.81
N GLN G 19 -32.56 -3.69 10.32
CA GLN G 19 -31.51 -3.28 11.30
C GLN G 19 -30.25 -2.76 10.61
N ARG G 20 -29.73 -3.47 9.62
CA ARG G 20 -28.46 -3.10 8.98
C ARG G 20 -28.58 -1.78 8.22
N MET G 21 -29.63 -1.64 7.38
CA MET G 21 -29.80 -0.43 6.57
C MET G 21 -31.05 0.40 6.83
N LEU G 22 -32.17 -0.19 7.24
CA LEU G 22 -33.46 0.49 7.25
C LEU G 22 -33.52 1.47 8.44
N LEU G 23 -33.56 0.91 9.65
CA LEU G 23 -33.69 1.74 10.87
C LEU G 23 -32.61 2.82 10.88
N PRO G 24 -31.33 2.53 10.57
CA PRO G 24 -30.30 3.55 10.65
C PRO G 24 -30.61 4.70 9.68
N ALA G 25 -31.09 4.37 8.49
CA ALA G 25 -31.36 5.41 7.47
C ALA G 25 -32.42 6.36 7.99
N LEU G 26 -33.46 5.82 8.63
CA LEU G 26 -34.55 6.66 9.19
C LEU G 26 -33.94 7.57 10.26
N TYR G 27 -33.03 7.03 11.05
CA TYR G 27 -32.43 7.82 12.16
C TYR G 27 -31.70 9.03 11.60
N GLY G 28 -30.98 8.86 10.48
CA GLY G 28 -30.30 10.00 9.87
C GLY G 28 -31.29 11.05 9.42
N LEU G 29 -32.39 10.65 8.80
CA LEU G 29 -33.45 11.62 8.44
C LEU G 29 -34.03 12.22 9.73
N ASP G 30 -34.23 11.38 10.75
CA ASP G 30 -34.85 11.87 12.01
C ASP G 30 -33.93 12.90 12.65
N ALA G 31 -32.62 12.64 12.61
CA ALA G 31 -31.65 13.59 13.21
C ALA G 31 -31.76 14.90 12.45
N ASP G 32 -31.92 14.81 11.14
CA ASP G 32 -32.04 16.01 10.28
C ASP G 32 -33.28 16.80 10.68
N GLY G 33 -34.35 16.12 11.08
CA GLY G 33 -35.62 16.86 11.29
C GLY G 33 -36.43 16.80 10.02
N LEU G 34 -35.92 16.00 9.06
CA LEU G 34 -36.62 15.80 7.77
C LEU G 34 -37.84 14.93 8.02
N LEU G 35 -37.97 14.42 9.23
CA LEU G 35 -39.17 13.62 9.60
C LEU G 35 -39.96 14.42 10.63
N ALA G 36 -41.26 14.59 10.41
CA ALA G 36 -42.07 15.44 11.31
C ALA G 36 -42.13 14.84 12.71
N ASP G 37 -42.11 15.71 13.73
CA ASP G 37 -42.17 15.25 15.15
C ASP G 37 -43.53 14.57 15.33
N ASP G 38 -44.56 15.09 14.69
CA ASP G 38 -45.93 14.53 14.79
C ASP G 38 -45.90 13.10 14.23
N LEU G 39 -45.11 12.86 13.19
CA LEU G 39 -45.17 11.53 12.55
C LEU G 39 -44.82 10.44 13.57
N ARG G 40 -45.57 9.35 13.54
CA ARG G 40 -45.34 8.21 14.45
C ARG G 40 -45.04 6.99 13.58
N ILE G 41 -43.98 6.25 13.91
CA ILE G 41 -43.64 5.13 12.99
C ILE G 41 -44.09 3.86 13.69
N VAL G 42 -44.95 3.10 13.02
CA VAL G 42 -45.44 1.82 13.60
C VAL G 42 -44.42 0.77 13.22
N CYS G 43 -44.26 -0.25 14.07
CA CYS G 43 -43.26 -1.25 13.79
C CYS G 43 -43.77 -2.57 14.33
N THR G 44 -43.63 -3.62 13.56
CA THR G 44 -44.10 -4.91 14.05
C THR G 44 -43.36 -6.01 13.30
N SER G 45 -43.49 -7.23 13.83
CA SER G 45 -42.83 -8.42 13.28
C SER G 45 -43.37 -9.72 13.88
N ARG G 46 -42.67 -10.82 13.58
CA ARG G 46 -42.99 -12.13 14.14
C ARG G 46 -42.59 -12.27 15.60
N SER G 47 -41.70 -11.41 16.09
CA SER G 47 -41.25 -11.51 17.46
C SER G 47 -42.13 -10.68 18.38
N GLU G 48 -42.01 -10.98 19.68
CA GLU G 48 -42.87 -10.30 20.68
C GLU G 48 -42.04 -9.33 21.49
N TYR G 49 -42.02 -8.06 21.08
CA TYR G 49 -41.27 -7.02 21.82
C TYR G 49 -42.22 -5.91 22.25
N ASP G 50 -42.15 -5.49 23.52
CA ASP G 50 -42.93 -4.31 23.96
C ASP G 50 -42.28 -3.12 23.28
N THR G 51 -42.98 -2.00 23.10
CA THR G 51 -42.38 -0.89 22.31
C THR G 51 -41.09 -0.41 22.97
N ASP G 52 -41.07 -0.31 24.30
CA ASP G 52 -39.79 0.05 24.96
C ASP G 52 -38.77 -1.04 24.68
N GLY G 53 -39.19 -2.31 24.76
CA GLY G 53 -38.28 -3.43 24.47
C GLY G 53 -37.81 -3.41 23.03
N PHE G 54 -38.73 -3.11 22.11
CA PHE G 54 -38.38 -3.02 20.68
C PHE G 54 -37.38 -1.88 20.51
N ARG G 55 -37.63 -0.77 21.21
CA ARG G 55 -36.73 0.41 21.08
C ARG G 55 -35.36 -0.01 21.61
N ASP G 56 -35.34 -0.83 22.67
CA ASP G 56 -34.06 -1.35 23.19
C ASP G 56 -33.40 -2.21 22.10
N PHE G 57 -34.21 -3.00 21.39
CA PHE G 57 -33.68 -3.87 20.31
C PHE G 57 -33.09 -3.00 19.20
N ALA G 58 -33.82 -1.96 18.82
CA ALA G 58 -33.38 -1.10 17.69
C ALA G 58 -32.06 -0.44 18.05
N GLU G 59 -31.90 -0.01 19.29
CA GLU G 59 -30.68 0.75 19.65
C GLU G 59 -29.47 -0.15 19.44
N LYS G 60 -29.56 -1.42 19.82
CA LYS G 60 -28.34 -2.24 19.68
C LYS G 60 -28.03 -2.28 18.19
N ALA G 61 -29.06 -2.42 17.35
CA ALA G 61 -28.84 -2.34 15.90
C ALA G 61 -28.35 -0.95 15.53
N LEU G 62 -28.94 0.09 16.13
CA LEU G 62 -28.54 1.46 15.70
C LEU G 62 -27.06 1.65 16.02
N ASP G 63 -26.62 1.23 17.21
CA ASP G 63 -25.21 1.50 17.54
C ASP G 63 -24.33 0.73 16.55
N ARG G 64 -24.69 -0.52 16.27
CA ARG G 64 -23.88 -1.36 15.37
C ARG G 64 -23.84 -0.80 13.94
N PHE G 65 -24.98 -0.35 13.42
CA PHE G 65 -25.00 0.06 11.99
C PHE G 65 -25.14 1.57 11.75
N VAL G 66 -25.56 2.37 12.73
CA VAL G 66 -25.61 3.84 12.50
C VAL G 66 -24.19 4.39 12.44
N ALA G 67 -23.93 5.36 11.57
CA ALA G 67 -22.59 6.00 11.51
C ALA G 67 -22.34 6.76 12.80
N SER G 68 -21.10 6.73 13.29
CA SER G 68 -20.74 7.43 14.56
C SER G 68 -20.92 8.94 14.44
N ASP G 69 -20.55 9.52 13.31
CA ASP G 69 -20.58 11.00 13.19
C ASP G 69 -22.00 11.53 13.35
N ARG G 70 -22.96 10.89 12.69
CA ARG G 70 -24.36 11.38 12.75
C ARG G 70 -25.05 10.73 13.95
N LEU G 71 -24.27 10.16 14.88
CA LEU G 71 -24.92 9.45 16.00
C LEU G 71 -24.87 10.36 17.22
N ASN G 72 -26.04 10.72 17.76
CA ASN G 72 -26.13 11.61 18.93
C ASN G 72 -27.10 10.99 19.94
N ASP G 73 -26.74 10.99 21.22
CA ASP G 73 -27.61 10.36 22.24
C ASP G 73 -29.00 11.00 22.15
N ASP G 74 -29.04 12.33 22.11
CA ASP G 74 -30.35 13.03 22.06
C ASP G 74 -31.07 12.66 20.77
N ALA G 75 -30.33 12.60 19.67
CA ALA G 75 -30.93 12.24 18.36
C ALA G 75 -31.48 10.81 18.45
N LYS G 76 -30.72 9.92 19.08
CA LYS G 76 -31.18 8.52 19.21
C LYS G 76 -32.46 8.51 20.03
N ALA G 77 -32.50 9.31 21.09
CA ALA G 77 -33.68 9.27 21.98
C ALA G 77 -34.91 9.70 21.18
N LYS G 78 -34.74 10.73 20.35
CA LYS G 78 -35.88 11.25 19.55
C LYS G 78 -36.36 10.15 18.60
N PHE G 79 -35.42 9.42 18.00
CA PHE G 79 -35.81 8.42 16.97
C PHE G 79 -36.71 7.35 17.60
N LEU G 80 -36.34 6.88 18.79
CA LEU G 80 -37.17 5.87 19.50
C LEU G 80 -38.53 6.48 19.84
N ASN G 81 -38.54 7.75 20.27
CA ASN G 81 -39.80 8.41 20.69
C ASN G 81 -40.85 8.32 19.58
N LYS G 82 -40.43 8.09 18.34
CA LYS G 82 -41.39 7.91 17.26
C LYS G 82 -41.57 6.44 16.88
N LEU G 83 -41.07 5.54 17.71
CA LEU G 83 -41.11 4.10 17.46
C LEU G 83 -42.25 3.51 18.28
N PHE G 84 -43.25 2.93 17.60
CA PHE G 84 -44.36 2.32 18.31
C PHE G 84 -44.47 0.92 17.74
N TYR G 85 -44.47 -0.10 18.60
CA TYR G 85 -44.40 -1.47 18.05
C TYR G 85 -45.36 -2.45 18.73
N ALA G 86 -46.16 -3.16 17.94
CA ALA G 86 -47.05 -4.23 18.45
C ALA G 86 -46.85 -5.41 17.51
N THR G 87 -47.03 -6.67 17.93
CA THR G 87 -46.71 -7.78 17.00
C THR G 87 -47.97 -8.45 16.46
N VAL G 88 -48.11 -8.51 15.14
CA VAL G 88 -49.26 -9.22 14.51
C VAL G 88 -48.71 -10.22 13.48
N ASP G 89 -49.17 -11.47 13.49
CA ASP G 89 -48.76 -12.42 12.42
C ASP G 89 -49.35 -11.96 11.09
N ILE G 90 -48.59 -12.06 10.00
CA ILE G 90 -49.13 -11.72 8.66
C ILE G 90 -50.25 -12.70 8.36
N THR G 91 -50.09 -13.96 8.76
CA THR G 91 -51.06 -15.03 8.42
C THR G 91 -52.45 -14.74 9.00
N ASP G 92 -52.54 -14.24 10.24
CA ASP G 92 -53.89 -14.06 10.82
C ASP G 92 -54.30 -12.60 10.72
N PRO G 93 -55.42 -12.28 10.05
CA PRO G 93 -55.89 -10.90 9.93
C PRO G 93 -56.24 -10.31 11.29
N THR G 94 -56.87 -11.11 12.16
CA THR G 94 -57.26 -10.61 13.50
C THR G 94 -56.13 -9.76 14.05
N GLN G 95 -54.96 -10.35 14.24
CA GLN G 95 -53.82 -9.62 14.87
C GLN G 95 -53.66 -8.28 14.14
N PHE G 96 -53.83 -8.26 12.83
CA PHE G 96 -53.57 -6.98 12.11
C PHE G 96 -54.20 -5.78 12.83
N GLY G 97 -55.40 -5.91 13.42
CA GLY G 97 -55.99 -4.71 13.98
C GLY G 97 -55.28 -4.19 15.21
N LYS G 98 -54.47 -5.03 15.87
CA LYS G 98 -53.74 -4.62 17.06
C LYS G 98 -52.83 -3.48 16.65
N ILE G 99 -52.46 -3.48 15.36
CA ILE G 99 -51.51 -2.45 14.86
C ILE G 99 -52.29 -1.19 14.45
N ALA G 100 -53.56 -1.34 14.07
CA ALA G 100 -54.30 -0.18 13.53
C ALA G 100 -54.40 0.91 14.60
N ASP G 101 -54.63 0.53 15.86
CA ASP G 101 -54.85 1.55 16.91
C ASP G 101 -53.60 2.41 17.08
N LEU G 102 -52.42 1.81 17.16
CA LEU G 102 -51.20 2.63 17.44
C LEU G 102 -50.95 3.51 16.23
N CYS G 103 -51.68 3.28 15.14
CA CYS G 103 -51.43 4.02 13.87
C CYS G 103 -51.85 5.49 13.93
N GLY G 104 -51.17 6.34 13.16
CA GLY G 104 -51.51 7.77 13.05
C GLY G 104 -52.78 7.90 12.24
N PRO G 105 -53.50 9.06 12.28
CA PRO G 105 -54.79 9.13 11.64
C PRO G 105 -54.65 8.84 10.14
N VAL G 106 -55.58 8.05 9.58
CA VAL G 106 -55.49 7.63 8.16
C VAL G 106 -55.36 8.85 7.25
N GLU G 107 -56.28 9.80 7.35
CA GLU G 107 -56.27 10.90 6.39
C GLU G 107 -54.86 11.44 6.15
N LYS G 108 -54.06 11.54 7.21
CA LYS G 108 -52.68 11.99 7.06
C LYS G 108 -51.95 11.21 5.97
N GLY G 109 -52.34 9.97 5.76
CA GLY G 109 -51.66 9.05 4.88
C GLY G 109 -50.84 8.04 5.65
N ILE G 110 -50.60 6.90 5.03
CA ILE G 110 -49.76 5.90 5.65
C ILE G 110 -48.93 5.25 4.56
N ALA G 111 -47.63 5.18 4.78
CA ALA G 111 -46.74 4.59 3.81
C ALA G 111 -46.27 3.28 4.40
N ILE G 112 -46.47 2.19 3.68
CA ILE G 112 -46.41 0.87 4.28
C ILE G 112 -45.18 0.20 3.71
N TYR G 113 -44.25 -0.21 4.59
CA TYR G 113 -43.06 -0.94 4.17
C TYR G 113 -43.20 -2.40 4.59
N LEU G 114 -42.97 -3.28 3.62
CA LEU G 114 -43.12 -4.72 3.71
C LEU G 114 -41.73 -5.35 3.66
N ALA G 115 -41.16 -5.62 4.84
CA ALA G 115 -39.88 -6.32 4.91
C ALA G 115 -40.08 -7.82 5.10
N THR G 116 -40.85 -8.45 4.20
CA THR G 116 -40.97 -9.90 4.30
C THR G 116 -40.50 -10.61 3.05
N SER G 117 -40.85 -11.87 2.93
CA SER G 117 -40.53 -12.60 1.72
C SER G 117 -41.77 -12.48 0.86
N SER G 118 -41.58 -12.32 -0.44
CA SER G 118 -42.63 -12.06 -1.39
C SER G 118 -43.80 -13.00 -1.23
N SER G 119 -43.51 -14.16 -0.67
CA SER G 119 -44.56 -15.09 -0.29
C SER G 119 -45.56 -14.45 0.67
N LEU G 120 -45.06 -13.62 1.60
CA LEU G 120 -45.91 -13.09 2.69
C LEU G 120 -46.62 -11.78 2.33
N PHE G 121 -46.28 -11.15 1.20
CA PHE G 121 -46.99 -9.94 0.79
C PHE G 121 -48.49 -10.20 0.72
N GLU G 122 -48.89 -11.20 -0.06
CA GLU G 122 -50.31 -11.47 -0.29
C GLU G 122 -51.04 -11.64 1.04
N GLY G 123 -50.51 -12.50 1.92
CA GLY G 123 -51.12 -12.66 3.24
C GLY G 123 -51.02 -11.41 4.08
N ALA G 124 -49.84 -10.76 4.08
CA ALA G 124 -49.71 -9.52 4.84
C ALA G 124 -50.70 -8.47 4.33
N ILE G 125 -50.84 -8.36 3.01
CA ILE G 125 -51.71 -7.34 2.44
C ILE G 125 -53.17 -7.68 2.75
N ALA G 126 -53.56 -8.94 2.59
CA ALA G 126 -54.94 -9.35 2.85
C ALA G 126 -55.37 -8.97 4.26
N GLY G 127 -54.47 -9.15 5.23
CA GLY G 127 -54.77 -8.73 6.59
C GLY G 127 -54.76 -7.22 6.73
N LEU G 128 -53.92 -6.54 5.93
CA LEU G 128 -53.81 -5.08 5.98
C LEU G 128 -55.13 -4.41 5.65
N LYS G 129 -55.69 -4.73 4.48
CA LYS G 129 -56.98 -4.19 4.08
C LYS G 129 -58.03 -4.33 5.17
N GLN G 130 -57.99 -5.43 5.93
CA GLN G 130 -59.06 -5.74 6.87
C GLN G 130 -59.08 -4.79 8.04
N ALA G 131 -57.93 -4.18 8.37
CA ALA G 131 -57.80 -3.24 9.48
C ALA G 131 -58.14 -1.84 9.04
N GLY G 132 -58.69 -1.74 7.83
CA GLY G 132 -59.01 -0.52 7.12
C GLY G 132 -57.81 0.18 6.55
N LEU G 133 -56.64 -0.46 6.59
CA LEU G 133 -55.40 0.18 6.20
C LEU G 133 -55.17 -0.05 4.71
N ALA G 134 -56.19 0.34 3.95
CA ALA G 134 -56.17 0.19 2.51
C ALA G 134 -56.62 1.45 1.77
N GLY G 135 -56.94 2.54 2.46
CA GLY G 135 -57.42 3.73 1.82
C GLY G 135 -56.56 4.27 0.68
N PRO G 136 -57.18 5.07 -0.20
CA PRO G 136 -56.45 5.65 -1.34
C PRO G 136 -55.30 6.53 -0.93
N THR G 137 -55.24 6.90 0.34
CA THR G 137 -54.13 7.68 0.87
C THR G 137 -52.99 6.82 1.38
N SER G 138 -52.91 5.57 0.95
CA SER G 138 -51.93 4.66 1.52
C SER G 138 -50.98 4.18 0.43
N ARG G 139 -49.69 4.27 0.71
CA ARG G 139 -48.65 3.81 -0.21
C ARG G 139 -48.16 2.44 0.21
N LEU G 140 -48.00 1.53 -0.74
CA LEU G 140 -47.52 0.20 -0.39
C LEU G 140 -46.17 0.02 -1.07
N ALA G 141 -45.13 -0.21 -0.28
CA ALA G 141 -43.78 -0.39 -0.80
C ALA G 141 -43.33 -1.83 -0.63
N LEU G 142 -42.77 -2.40 -1.69
CA LEU G 142 -42.53 -3.82 -1.81
C LEU G 142 -41.04 -4.06 -1.84
N GLU G 143 -40.58 -5.23 -1.43
CA GLU G 143 -39.16 -5.44 -1.36
C GLU G 143 -38.68 -6.17 -2.62
N LYS G 144 -37.36 -6.32 -2.69
CA LYS G 144 -36.69 -6.76 -3.96
C LYS G 144 -37.26 -8.02 -4.59
N PRO G 145 -37.04 -9.24 -4.08
CA PRO G 145 -37.46 -10.40 -4.82
C PRO G 145 -38.95 -10.58 -4.56
N LEU G 146 -39.74 -10.48 -5.62
CA LEU G 146 -41.19 -10.79 -5.44
C LEU G 146 -41.45 -12.04 -6.28
N GLY G 147 -41.88 -13.11 -5.62
CA GLY G 147 -42.13 -14.38 -6.33
C GLY G 147 -40.84 -15.08 -6.74
N GLN G 148 -40.94 -16.01 -7.67
CA GLN G 148 -39.75 -16.73 -8.20
C GLN G 148 -39.77 -16.61 -9.72
N ASP G 149 -40.95 -16.44 -10.33
CA ASP G 149 -40.98 -16.21 -11.75
C ASP G 149 -42.01 -15.12 -12.06
N LEU G 150 -42.21 -14.81 -13.34
CA LEU G 150 -43.33 -13.96 -13.71
C LEU G 150 -44.62 -14.48 -13.06
N ALA G 151 -44.77 -15.81 -13.00
CA ALA G 151 -46.01 -16.42 -12.53
C ALA G 151 -46.36 -16.03 -11.09
N SER G 152 -45.47 -16.31 -10.15
CA SER G 152 -45.68 -15.85 -8.78
C SER G 152 -45.84 -14.34 -8.75
N SER G 153 -44.89 -13.63 -9.38
CA SER G 153 -44.85 -12.17 -9.37
C SER G 153 -46.14 -11.54 -9.91
N ASP G 154 -46.57 -11.97 -11.09
CA ASP G 154 -47.81 -11.47 -11.67
C ASP G 154 -48.97 -11.69 -10.71
N HIS G 155 -49.15 -12.92 -10.24
CA HIS G 155 -50.17 -13.20 -9.23
C HIS G 155 -50.19 -12.15 -8.12
N ILE G 156 -49.04 -11.91 -7.47
CA ILE G 156 -49.03 -11.01 -6.33
C ILE G 156 -49.23 -9.57 -6.78
N ASN G 157 -48.61 -9.16 -7.91
CA ASN G 157 -49.01 -7.91 -8.54
C ASN G 157 -50.51 -7.93 -8.81
N ASP G 158 -50.99 -9.03 -9.39
CA ASP G 158 -52.43 -9.07 -9.76
C ASP G 158 -53.26 -8.76 -8.50
N ALA G 159 -52.99 -9.47 -7.41
CA ALA G 159 -53.79 -9.31 -6.17
C ALA G 159 -53.60 -7.93 -5.54
N VAL G 160 -52.36 -7.47 -5.42
CA VAL G 160 -52.10 -6.18 -4.71
C VAL G 160 -52.80 -5.06 -5.46
N LEU G 161 -52.76 -5.10 -6.78
CA LEU G 161 -53.32 -3.96 -7.56
C LEU G 161 -54.80 -3.84 -7.24
N LYS G 162 -55.53 -4.95 -7.12
CA LYS G 162 -56.97 -4.75 -6.89
C LYS G 162 -57.16 -4.02 -5.56
N VAL G 163 -56.44 -4.42 -4.50
CA VAL G 163 -56.50 -3.66 -3.21
C VAL G 163 -55.90 -2.26 -3.35
N PHE G 164 -54.75 -2.12 -4.03
CA PHE G 164 -54.06 -0.82 -4.12
C PHE G 164 -53.80 -0.43 -5.58
N SER G 165 -54.17 0.78 -5.98
CA SER G 165 -53.86 1.26 -7.35
C SER G 165 -52.35 1.48 -7.47
N GLU G 166 -51.80 1.24 -8.66
CA GLU G 166 -50.35 1.43 -8.87
C GLU G 166 -49.92 2.78 -8.30
N LYS G 167 -50.72 3.84 -8.50
CA LYS G 167 -50.26 5.15 -8.05
C LYS G 167 -49.80 5.09 -6.63
N GLN G 168 -50.40 4.20 -5.85
CA GLN G 168 -50.19 4.08 -4.43
C GLN G 168 -49.17 3.01 -4.05
N VAL G 169 -48.59 2.31 -5.03
CA VAL G 169 -47.59 1.27 -4.81
C VAL G 169 -46.21 1.81 -5.20
N TYR G 170 -45.21 1.49 -4.38
CA TYR G 170 -43.85 2.02 -4.44
C TYR G 170 -42.85 0.86 -4.42
N ARG G 171 -42.60 0.22 -5.57
CA ARG G 171 -41.73 -0.96 -5.64
C ARG G 171 -40.26 -0.58 -5.48
N ILE G 172 -39.60 -1.23 -4.52
CA ILE G 172 -38.26 -0.89 -4.06
C ILE G 172 -37.19 -1.65 -4.85
N ASP G 173 -36.20 -0.89 -5.35
CA ASP G 173 -34.92 -1.41 -5.81
C ASP G 173 -33.83 -0.63 -5.07
N HIS G 174 -33.19 -1.26 -4.06
CA HIS G 174 -32.23 -0.49 -3.27
C HIS G 174 -31.05 -0.02 -4.11
N TYR G 175 -30.69 -0.76 -5.16
CA TYR G 175 -29.58 -0.35 -6.01
C TYR G 175 -29.87 1.02 -6.62
N LEU G 176 -31.12 1.27 -6.98
CA LEU G 176 -31.48 2.51 -7.65
C LEU G 176 -31.26 3.77 -6.81
N GLY G 177 -30.72 3.66 -5.60
CA GLY G 177 -30.65 4.82 -4.72
C GLY G 177 -29.22 5.24 -4.52
N LYS G 178 -28.36 4.29 -4.84
CA LYS G 178 -26.93 4.49 -4.78
C LYS G 178 -26.54 5.57 -5.76
N GLU G 179 -25.79 6.56 -5.26
CA GLU G 179 -25.45 7.71 -6.08
C GLU G 179 -24.63 7.31 -7.31
N THR G 180 -23.66 6.40 -7.18
CA THR G 180 -22.96 5.92 -8.37
C THR G 180 -23.91 5.23 -9.33
N VAL G 181 -24.98 4.61 -8.83
CA VAL G 181 -26.00 4.11 -9.75
C VAL G 181 -26.76 5.27 -10.40
N GLN G 182 -26.97 6.37 -9.66
CA GLN G 182 -27.80 7.45 -10.16
C GLN G 182 -27.10 8.30 -11.23
N ASN G 183 -25.82 8.63 -11.04
CA ASN G 183 -25.19 9.57 -11.96
C ASN G 183 -24.78 8.90 -13.26
N LEU G 184 -25.15 7.63 -13.40
CA LEU G 184 -24.84 6.86 -14.60
C LEU G 184 -25.40 7.55 -15.84
N LEU G 185 -26.71 7.80 -15.84
CA LEU G 185 -27.34 8.49 -16.96
C LEU G 185 -26.75 9.89 -17.15
N THR G 186 -26.44 10.58 -16.05
CA THR G 186 -25.78 11.88 -16.15
C THR G 186 -24.43 11.78 -16.83
N LEU G 187 -23.70 10.68 -16.59
CA LEU G 187 -22.39 10.52 -17.22
C LEU G 187 -22.53 10.42 -18.74
N ARG G 188 -23.42 9.57 -19.23
CA ARG G 188 -23.52 9.40 -20.70
C ARG G 188 -24.31 10.59 -21.26
N PHE G 189 -25.54 10.77 -20.82
CA PHE G 189 -26.42 11.86 -21.34
C PHE G 189 -25.85 13.25 -21.04
N GLY G 190 -25.30 13.45 -19.85
CA GLY G 190 -24.67 14.74 -19.49
C GLY G 190 -23.48 15.08 -20.36
N ASN G 191 -22.64 14.10 -20.69
CA ASN G 191 -21.36 14.39 -21.41
C ASN G 191 -21.38 13.85 -22.84
N ALA G 192 -20.99 14.67 -23.81
CA ALA G 192 -20.95 14.31 -25.25
C ALA G 192 -19.94 13.19 -25.55
N LEU G 193 -18.82 13.13 -24.85
CA LEU G 193 -17.71 12.21 -25.26
C LEU G 193 -18.11 10.73 -25.28
N PHE G 194 -18.90 10.24 -24.34
CA PHE G 194 -19.18 8.78 -24.27
C PHE G 194 -20.12 8.27 -25.36
N GLU G 195 -21.22 8.96 -25.66
CA GLU G 195 -22.25 8.46 -26.56
C GLU G 195 -21.80 8.14 -27.99
N PRO G 196 -20.83 8.84 -28.62
CA PRO G 196 -20.39 8.44 -29.95
C PRO G 196 -19.92 6.98 -30.06
N LEU G 197 -19.15 6.51 -29.07
CA LEU G 197 -18.57 5.14 -29.11
C LEU G 197 -19.50 4.15 -28.40
N TRP G 198 -20.56 4.66 -27.76
CA TRP G 198 -21.54 3.80 -27.05
C TRP G 198 -22.21 2.93 -28.10
N ASN G 199 -21.85 3.09 -29.36
CA ASN G 199 -22.54 2.33 -30.44
C ASN G 199 -22.01 0.90 -30.46
N SER G 200 -22.56 0.07 -31.33
CA SER G 200 -22.04 -1.31 -31.50
C SER G 200 -20.61 -1.18 -32.01
N LYS G 201 -20.38 -0.23 -32.91
CA LYS G 201 -19.02 0.01 -33.45
C LYS G 201 -18.05 0.44 -32.35
N GLY G 202 -18.50 1.30 -31.44
CA GLY G 202 -17.63 1.82 -30.37
C GLY G 202 -17.10 0.84 -29.33
N ILE G 203 -17.92 -0.11 -28.85
CA ILE G 203 -17.48 -0.94 -27.68
C ILE G 203 -17.35 -2.43 -27.98
N ASP G 204 -16.21 -3.04 -27.62
CA ASP G 204 -16.03 -4.51 -27.73
C ASP G 204 -16.98 -5.23 -26.77
N HIS G 205 -17.15 -4.73 -25.54
CA HIS G 205 -17.98 -5.46 -24.54
C HIS G 205 -18.16 -4.66 -23.24
N VAL G 206 -19.14 -5.06 -22.41
CA VAL G 206 -19.41 -4.41 -21.14
C VAL G 206 -19.20 -5.45 -20.06
N GLN G 207 -18.91 -5.00 -18.84
CA GLN G 207 -18.57 -5.93 -17.76
C GLN G 207 -19.10 -5.32 -16.46
N ILE G 208 -20.09 -5.97 -15.84
CA ILE G 208 -20.67 -5.47 -14.61
C ILE G 208 -20.50 -6.46 -13.45
N SER G 209 -19.38 -6.36 -12.76
CA SER G 209 -19.13 -7.27 -11.64
C SER G 209 -19.81 -6.74 -10.39
N VAL G 210 -20.14 -7.66 -9.49
CA VAL G 210 -20.50 -7.28 -8.13
C VAL G 210 -19.73 -8.23 -7.23
N ALA G 211 -18.48 -7.91 -6.95
CA ALA G 211 -17.68 -8.76 -6.08
C ALA G 211 -18.29 -8.76 -4.68
N GLU G 212 -18.29 -9.92 -4.03
CA GLU G 212 -18.86 -10.05 -2.69
C GLU G 212 -18.05 -11.06 -1.90
N THR G 213 -17.76 -10.76 -0.63
CA THR G 213 -16.91 -11.63 0.18
C THR G 213 -17.60 -12.49 1.23
N VAL G 214 -18.80 -12.14 1.66
CA VAL G 214 -19.41 -12.78 2.82
C VAL G 214 -20.14 -14.06 2.43
N GLY G 215 -20.42 -14.89 3.43
CA GLY G 215 -21.35 -16.00 3.33
C GLY G 215 -22.76 -15.48 3.57
N LEU G 216 -23.72 -16.39 3.73
CA LEU G 216 -25.11 -16.03 3.99
C LEU G 216 -25.56 -16.25 5.44
N GLU G 217 -24.63 -16.42 6.39
CA GLU G 217 -24.94 -16.80 7.77
C GLU G 217 -26.19 -16.14 8.31
N GLY G 218 -27.14 -16.96 8.75
CA GLY G 218 -28.36 -16.50 9.37
C GLY G 218 -29.43 -16.32 8.33
N ARG G 219 -29.02 -15.75 7.19
CA ARG G 219 -29.89 -15.57 6.04
C ARG G 219 -29.74 -16.67 4.98
N ILE G 220 -29.05 -17.76 5.30
CA ILE G 220 -28.81 -18.83 4.31
C ILE G 220 -30.13 -19.41 3.79
N GLY G 221 -30.98 -19.92 4.69
CA GLY G 221 -32.23 -20.55 4.28
C GLY G 221 -32.99 -19.78 3.22
N TYR G 222 -33.17 -18.48 3.43
CA TYR G 222 -33.91 -17.61 2.52
C TYR G 222 -33.26 -17.56 1.14
N PHE G 223 -31.95 -17.80 1.08
CA PHE G 223 -31.25 -17.86 -0.20
C PHE G 223 -31.61 -19.12 -0.98
N ASP G 224 -31.64 -20.28 -0.30
CA ASP G 224 -31.83 -21.59 -0.92
C ASP G 224 -32.95 -21.62 -1.94
N SER G 225 -33.95 -20.77 -1.72
CA SER G 225 -35.08 -20.54 -2.61
C SER G 225 -34.74 -19.59 -3.76
N SER G 226 -34.41 -18.33 -3.46
CA SER G 226 -34.21 -17.32 -4.52
C SER G 226 -32.88 -17.48 -5.26
N GLY G 227 -31.79 -17.69 -4.55
CA GLY G 227 -30.51 -17.80 -5.22
C GLY G 227 -29.92 -16.55 -5.87
N SER G 228 -28.62 -16.60 -6.18
CA SER G 228 -27.87 -15.43 -6.65
C SER G 228 -28.51 -14.79 -7.88
N LEU G 229 -28.90 -15.61 -8.86
CA LEU G 229 -29.61 -15.07 -10.01
C LEU G 229 -30.73 -14.14 -9.56
N ARG G 230 -31.72 -14.71 -8.87
CA ARG G 230 -32.91 -13.92 -8.50
C ARG G 230 -32.61 -12.90 -7.41
N ASP G 231 -31.57 -13.12 -6.60
CA ASP G 231 -31.27 -12.16 -5.54
C ASP G 231 -30.61 -10.91 -6.09
N MET G 232 -29.54 -11.07 -6.87
CA MET G 232 -28.83 -9.90 -7.36
C MET G 232 -29.01 -9.64 -8.85
N VAL G 233 -28.99 -10.66 -9.70
CA VAL G 233 -28.99 -10.37 -11.12
C VAL G 233 -30.38 -9.99 -11.59
N GLN G 234 -31.43 -10.49 -10.91
CA GLN G 234 -32.78 -10.28 -11.41
C GLN G 234 -33.08 -8.80 -11.64
N SER G 235 -32.84 -7.98 -10.63
CA SER G 235 -33.10 -6.55 -10.78
C SER G 235 -31.84 -5.72 -10.59
N HIS G 236 -31.15 -5.85 -9.46
CA HIS G 236 -30.01 -5.00 -9.13
C HIS G 236 -29.07 -4.89 -10.32
N ILE G 237 -28.44 -6.00 -10.67
CA ILE G 237 -27.53 -6.00 -11.81
C ILE G 237 -28.30 -5.77 -13.11
N LEU G 238 -29.55 -6.22 -13.19
CA LEU G 238 -30.30 -5.99 -14.43
C LEU G 238 -30.68 -4.52 -14.61
N GLN G 239 -30.89 -3.78 -13.51
CA GLN G 239 -31.15 -2.34 -13.65
C GLN G 239 -29.93 -1.59 -14.16
N LEU G 240 -28.76 -1.89 -13.62
CA LEU G 240 -27.52 -1.27 -14.08
C LEU G 240 -27.38 -1.45 -15.59
N VAL G 241 -27.71 -2.65 -16.07
CA VAL G 241 -27.71 -2.94 -17.50
C VAL G 241 -28.54 -1.92 -18.26
N ALA G 242 -29.74 -1.61 -17.79
CA ALA G 242 -30.57 -0.62 -18.45
C ALA G 242 -29.88 0.73 -18.52
N LEU G 243 -29.40 1.22 -17.38
CA LEU G 243 -28.75 2.53 -17.32
C LEU G 243 -27.52 2.59 -18.22
N VAL G 244 -26.86 1.44 -18.42
CA VAL G 244 -25.66 1.40 -19.23
C VAL G 244 -26.01 1.23 -20.71
N ALA G 245 -27.23 0.78 -21.04
CA ALA G 245 -27.60 0.48 -22.42
C ALA G 245 -28.80 1.25 -22.98
N MET G 246 -29.65 1.85 -22.14
CA MET G 246 -30.89 2.47 -22.60
C MET G 246 -30.65 3.61 -23.57
N GLU G 247 -31.54 3.73 -24.56
CA GLU G 247 -31.58 4.94 -25.35
C GLU G 247 -32.08 6.07 -24.46
N PRO G 248 -31.65 7.30 -24.75
CA PRO G 248 -31.99 8.40 -23.88
C PRO G 248 -33.49 8.61 -23.90
N PRO G 249 -34.09 9.04 -22.80
CA PRO G 249 -35.46 9.55 -22.90
C PRO G 249 -35.37 10.92 -23.52
N ALA G 250 -36.45 11.35 -24.18
CA ALA G 250 -36.47 12.70 -24.73
C ALA G 250 -36.20 13.70 -23.62
N HIS G 251 -36.71 13.39 -22.43
CA HIS G 251 -36.43 14.15 -21.24
C HIS G 251 -36.41 13.23 -20.02
N MET G 252 -35.80 13.73 -18.94
CA MET G 252 -35.73 12.95 -17.70
C MET G 252 -37.05 13.00 -16.97
N GLU G 253 -38.05 12.36 -17.54
CA GLU G 253 -39.32 12.13 -16.87
C GLU G 253 -39.27 10.73 -16.28
N ALA G 254 -39.81 10.59 -15.06
CA ALA G 254 -39.82 9.31 -14.37
C ALA G 254 -40.27 8.17 -15.28
N ASN G 255 -41.49 8.27 -15.81
CA ASN G 255 -42.04 7.19 -16.63
C ASN G 255 -41.37 7.12 -17.99
N ALA G 256 -40.98 8.28 -18.54
CA ALA G 256 -40.28 8.32 -19.83
C ALA G 256 -38.96 7.57 -19.77
N VAL G 257 -38.31 7.58 -18.60
CA VAL G 257 -37.10 6.79 -18.33
C VAL G 257 -37.35 5.29 -18.40
N ARG G 258 -38.19 4.79 -17.50
CA ARG G 258 -38.53 3.36 -17.43
C ARG G 258 -39.01 2.84 -18.78
N ASP G 259 -39.83 3.64 -19.47
CA ASP G 259 -40.35 3.20 -20.75
C ASP G 259 -39.20 2.91 -21.71
N GLU G 260 -38.05 3.50 -21.42
CA GLU G 260 -36.83 3.23 -22.23
C GLU G 260 -36.04 2.10 -21.57
N LYS G 261 -36.02 2.04 -20.24
CA LYS G 261 -35.36 0.92 -19.53
C LYS G 261 -36.06 -0.39 -19.84
N VAL G 262 -37.39 -0.37 -19.92
CA VAL G 262 -38.19 -1.61 -20.19
C VAL G 262 -37.79 -2.12 -21.56
N LYS G 263 -37.58 -1.22 -22.51
CA LYS G 263 -37.24 -1.62 -23.90
C LYS G 263 -35.94 -2.41 -23.86
N VAL G 264 -34.99 -1.98 -23.02
CA VAL G 264 -33.70 -2.71 -22.91
C VAL G 264 -34.00 -4.12 -22.43
N PHE G 265 -34.93 -4.25 -21.48
CA PHE G 265 -35.32 -5.58 -20.97
C PHE G 265 -36.03 -6.34 -22.08
N ARG G 266 -36.73 -5.64 -22.97
CA ARG G 266 -37.49 -6.29 -24.03
C ARG G 266 -36.65 -6.58 -25.27
N ALA G 267 -35.43 -6.03 -25.34
CA ALA G 267 -34.49 -6.29 -26.42
C ALA G 267 -33.34 -7.16 -25.95
N LEU G 268 -33.45 -7.64 -24.70
CA LEU G 268 -32.39 -8.51 -24.16
C LEU G 268 -32.53 -9.85 -24.88
N ARG G 269 -31.42 -10.37 -25.42
CA ARG G 269 -31.51 -11.62 -26.22
C ARG G 269 -31.99 -12.71 -25.29
N PRO G 270 -32.92 -13.57 -25.74
CA PRO G 270 -33.47 -14.61 -24.89
C PRO G 270 -32.43 -15.65 -24.50
N ILE G 271 -32.55 -16.19 -23.29
CA ILE G 271 -31.64 -17.30 -22.88
C ILE G 271 -32.49 -18.56 -23.01
N ASN G 272 -32.05 -19.52 -23.80
CA ASN G 272 -32.91 -20.71 -24.04
C ASN G 272 -32.23 -21.94 -23.49
N ASN G 273 -32.92 -23.08 -23.52
CA ASN G 273 -32.31 -24.34 -23.05
C ASN G 273 -31.12 -24.64 -23.95
N ASP G 274 -31.26 -24.39 -25.25
CA ASP G 274 -30.14 -24.59 -26.20
C ASP G 274 -28.98 -23.66 -25.87
N THR G 275 -29.26 -22.39 -25.57
CA THR G 275 -28.18 -21.39 -25.35
C THR G 275 -27.71 -21.32 -23.89
N VAL G 276 -28.43 -21.94 -22.96
CA VAL G 276 -28.06 -21.72 -21.53
C VAL G 276 -26.65 -22.25 -21.26
N ILE G 277 -26.31 -23.41 -21.79
CA ILE G 277 -24.99 -24.00 -21.44
C ILE G 277 -23.87 -23.07 -21.94
N THR G 278 -24.00 -22.56 -23.16
CA THR G 278 -22.96 -21.70 -23.75
C THR G 278 -22.80 -20.36 -23.02
N HIS G 279 -23.90 -19.72 -22.64
CA HIS G 279 -23.82 -18.35 -22.07
C HIS G 279 -23.92 -18.28 -20.54
N THR G 280 -24.00 -19.41 -19.84
CA THR G 280 -24.22 -19.29 -18.37
C THR G 280 -23.18 -20.03 -17.53
N VAL G 281 -22.79 -19.44 -16.40
CA VAL G 281 -21.88 -20.08 -15.48
C VAL G 281 -22.46 -19.95 -14.07
N THR G 282 -22.51 -21.06 -13.34
CA THR G 282 -22.95 -21.09 -11.97
C THR G 282 -21.79 -21.54 -11.09
N GLY G 283 -21.88 -21.20 -9.81
CA GLY G 283 -20.84 -21.52 -8.87
C GLY G 283 -21.48 -21.77 -7.51
N GLN G 284 -20.74 -22.43 -6.63
CA GLN G 284 -21.19 -22.55 -5.25
C GLN G 284 -19.97 -22.54 -4.32
N TYR G 285 -20.02 -21.74 -3.24
CA TYR G 285 -18.78 -21.57 -2.47
C TYR G 285 -18.53 -22.78 -1.57
N GLY G 286 -17.40 -23.43 -1.80
CA GLY G 286 -16.96 -24.51 -0.94
C GLY G 286 -16.26 -23.89 0.26
N ALA G 287 -15.43 -24.70 0.91
CA ALA G 287 -14.71 -24.22 2.08
C ALA G 287 -13.38 -23.65 1.65
N GLY G 288 -13.00 -22.53 2.25
CA GLY G 288 -11.76 -21.91 1.86
C GLY G 288 -11.25 -20.89 2.85
N VAL G 289 -10.56 -19.88 2.31
CA VAL G 289 -9.87 -18.92 3.22
C VAL G 289 -10.39 -17.49 3.01
N SER G 290 -11.15 -17.00 3.98
CA SER G 290 -11.55 -15.57 3.91
C SER G 290 -10.93 -14.92 5.15
N GLY G 291 -10.22 -13.82 4.97
CA GLY G 291 -9.51 -13.23 6.12
C GLY G 291 -8.53 -14.21 6.74
N GLY G 292 -7.85 -15.01 5.92
CA GLY G 292 -6.83 -15.95 6.44
C GLY G 292 -7.45 -17.13 7.15
N LYS G 293 -8.28 -16.88 8.17
CA LYS G 293 -8.94 -17.98 8.92
C LYS G 293 -9.88 -18.74 7.99
N GLU G 294 -9.97 -20.05 8.16
CA GLU G 294 -10.78 -20.88 7.24
C GLU G 294 -12.27 -20.59 7.41
N VAL G 295 -13.03 -20.81 6.35
CA VAL G 295 -14.48 -20.64 6.34
C VAL G 295 -15.10 -21.88 5.71
N ALA G 296 -16.39 -22.10 5.98
CA ALA G 296 -16.97 -23.35 5.52
C ALA G 296 -17.62 -23.17 4.15
N GLY G 297 -17.89 -24.30 3.52
CA GLY G 297 -18.63 -24.27 2.28
C GLY G 297 -20.09 -24.02 2.53
N TYR G 298 -20.80 -23.69 1.46
CA TYR G 298 -22.23 -23.42 1.56
C TYR G 298 -22.93 -24.64 2.15
N ILE G 299 -22.69 -25.80 1.55
CA ILE G 299 -23.28 -27.06 1.96
C ILE G 299 -22.89 -27.45 3.39
N ASP G 300 -21.67 -27.15 3.82
CA ASP G 300 -21.40 -27.48 5.25
C ASP G 300 -22.35 -26.62 6.09
N GLU G 301 -22.38 -25.31 5.81
CA GLU G 301 -23.23 -24.38 6.59
C GLU G 301 -24.72 -24.69 6.44
N LEU G 302 -25.20 -25.01 5.25
CA LEU G 302 -26.67 -25.17 5.05
C LEU G 302 -27.21 -26.33 5.89
N GLY G 303 -26.48 -27.44 5.96
CA GLY G 303 -26.94 -28.61 6.71
C GLY G 303 -27.90 -29.43 5.88
N GLN G 304 -28.13 -29.03 4.63
CA GLN G 304 -29.01 -29.79 3.73
C GLN G 304 -28.36 -29.80 2.34
N PRO G 305 -28.62 -30.81 1.47
CA PRO G 305 -28.10 -30.76 0.11
C PRO G 305 -28.78 -29.56 -0.57
N SER G 306 -28.05 -28.81 -1.39
CA SER G 306 -28.63 -27.59 -2.01
C SER G 306 -28.04 -27.32 -3.39
N ASP G 307 -28.90 -27.13 -4.38
CA ASP G 307 -28.45 -26.78 -5.73
C ASP G 307 -28.63 -25.30 -6.00
N THR G 308 -28.56 -24.48 -4.94
CA THR G 308 -28.65 -23.00 -5.08
C THR G 308 -27.23 -22.49 -5.26
N GLU G 309 -26.94 -21.80 -6.36
CA GLU G 309 -25.51 -21.48 -6.66
C GLU G 309 -24.74 -20.58 -5.68
N THR G 310 -25.29 -19.46 -5.24
CA THR G 310 -24.48 -18.51 -4.41
C THR G 310 -23.45 -17.84 -5.33
N PHE G 311 -23.55 -18.03 -6.65
CA PHE G 311 -22.68 -17.33 -7.63
C PHE G 311 -23.38 -17.33 -8.99
N VAL G 312 -23.01 -16.43 -9.89
CA VAL G 312 -23.59 -16.44 -11.26
C VAL G 312 -22.63 -15.80 -12.26
N ALA G 313 -22.80 -16.09 -13.54
CA ALA G 313 -22.00 -15.43 -14.60
C ALA G 313 -22.80 -15.53 -15.90
N ILE G 314 -22.95 -14.43 -16.62
CA ILE G 314 -23.82 -14.42 -17.80
C ILE G 314 -23.14 -13.65 -18.91
N LYS G 315 -23.49 -14.01 -20.16
CA LYS G 315 -23.14 -13.25 -21.35
C LYS G 315 -24.43 -12.81 -22.04
N ALA G 316 -24.98 -11.67 -21.61
CA ALA G 316 -26.26 -11.24 -22.13
C ALA G 316 -26.09 -10.46 -23.43
N HIS G 317 -27.16 -10.36 -24.22
CA HIS G 317 -27.02 -9.70 -25.51
C HIS G 317 -28.19 -8.72 -25.61
N VAL G 318 -27.89 -7.45 -25.81
CA VAL G 318 -28.93 -6.47 -26.07
C VAL G 318 -29.06 -6.39 -27.58
N ASP G 319 -30.23 -6.77 -28.09
CA ASP G 319 -30.40 -6.98 -29.52
C ASP G 319 -31.27 -5.88 -30.09
N ASN G 320 -30.70 -4.67 -30.18
CA ASN G 320 -31.29 -3.55 -30.90
C ASN G 320 -30.21 -2.92 -31.76
N TRP G 321 -30.59 -1.87 -32.51
CA TRP G 321 -29.63 -1.14 -33.34
C TRP G 321 -28.37 -0.75 -32.57
N ARG G 322 -28.54 -0.12 -31.42
CA ARG G 322 -27.38 0.36 -30.70
C ARG G 322 -26.49 -0.77 -30.20
N TRP G 323 -27.09 -1.83 -29.68
CA TRP G 323 -26.32 -2.79 -28.91
C TRP G 323 -26.24 -4.18 -29.49
N HIS G 324 -26.96 -4.48 -30.58
CA HIS G 324 -26.97 -5.86 -31.08
C HIS G 324 -25.57 -6.38 -31.32
N GLY G 325 -25.21 -7.40 -30.57
CA GLY G 325 -23.92 -8.03 -30.71
C GLY G 325 -22.87 -7.56 -29.73
N VAL G 326 -23.25 -6.79 -28.71
CA VAL G 326 -22.32 -6.35 -27.67
C VAL G 326 -22.51 -7.28 -26.48
N PRO G 327 -21.57 -8.17 -26.20
CA PRO G 327 -21.74 -9.08 -25.05
C PRO G 327 -21.63 -8.31 -23.75
N PHE G 328 -22.50 -8.64 -22.82
CA PHE G 328 -22.50 -8.03 -21.49
C PHE G 328 -22.11 -9.10 -20.49
N TYR G 329 -20.94 -8.96 -19.90
CA TYR G 329 -20.42 -10.05 -19.08
C TYR G 329 -20.73 -9.69 -17.63
N ILE G 330 -21.77 -10.31 -17.12
CA ILE G 330 -22.33 -10.08 -15.81
C ILE G 330 -21.79 -11.12 -14.83
N ARG G 331 -21.70 -10.73 -13.57
CA ARG G 331 -21.09 -11.56 -12.55
C ARG G 331 -21.55 -11.07 -11.20
N THR G 332 -21.69 -12.02 -10.28
CA THR G 332 -21.97 -11.75 -8.88
C THR G 332 -21.80 -13.08 -8.17
N GLY G 333 -21.60 -13.04 -6.87
CA GLY G 333 -21.40 -14.25 -6.10
C GLY G 333 -20.86 -13.90 -4.73
N LYS G 334 -20.91 -14.86 -3.83
CA LYS G 334 -20.44 -14.61 -2.48
C LYS G 334 -19.10 -15.26 -2.25
N ARG G 335 -18.42 -14.83 -1.20
CA ARG G 335 -17.06 -15.29 -0.87
C ARG G 335 -16.13 -15.20 -2.07
N LEU G 336 -16.06 -14.03 -2.63
CA LEU G 336 -15.18 -13.71 -3.73
C LEU G 336 -14.00 -12.93 -3.16
N PRO G 337 -12.93 -12.70 -3.93
CA PRO G 337 -11.76 -11.99 -3.37
C PRO G 337 -12.05 -10.56 -2.90
N ALA G 338 -13.16 -9.94 -3.32
CA ALA G 338 -13.42 -8.53 -3.04
C ALA G 338 -14.92 -8.30 -2.97
N ARG G 339 -15.31 -7.16 -2.39
CA ARG G 339 -16.69 -6.69 -2.43
C ARG G 339 -16.93 -5.67 -3.55
N ARG G 340 -15.97 -5.50 -4.43
CA ARG G 340 -15.95 -4.49 -5.48
C ARG G 340 -17.09 -4.64 -6.50
N SER G 341 -18.14 -3.81 -6.43
CA SER G 341 -19.14 -3.74 -7.50
C SER G 341 -18.71 -2.68 -8.50
N GLU G 342 -18.75 -3.02 -9.78
CA GLU G 342 -18.06 -2.23 -10.80
C GLU G 342 -18.67 -2.45 -12.17
N ILE G 343 -18.41 -1.50 -13.05
CA ILE G 343 -18.77 -1.64 -14.45
C ILE G 343 -17.56 -1.32 -15.35
N VAL G 344 -17.15 -2.26 -16.22
CA VAL G 344 -16.02 -2.01 -17.13
C VAL G 344 -16.52 -2.07 -18.57
N VAL G 345 -16.61 -0.90 -19.19
CA VAL G 345 -16.89 -0.74 -20.61
C VAL G 345 -15.56 -0.73 -21.36
N GLN G 346 -15.33 -1.73 -22.22
CA GLN G 346 -14.17 -1.72 -23.12
C GLN G 346 -14.59 -1.32 -24.53
N PHE G 347 -13.89 -0.38 -25.11
CA PHE G 347 -14.23 0.13 -26.42
C PHE G 347 -13.41 -0.61 -27.49
N LYS G 348 -13.95 -0.67 -28.72
CA LYS G 348 -13.23 -1.31 -29.79
C LYS G 348 -11.87 -0.66 -29.98
N PRO G 349 -10.82 -1.46 -30.16
CA PRO G 349 -9.47 -0.90 -30.25
C PRO G 349 -9.34 -0.05 -31.50
N VAL G 350 -8.24 0.70 -31.55
CA VAL G 350 -7.94 1.63 -32.64
C VAL G 350 -7.96 0.94 -34.00
N PRO G 351 -8.60 1.54 -35.00
CA PRO G 351 -8.75 0.82 -36.28
C PRO G 351 -7.42 0.45 -36.90
N HIS G 352 -6.34 1.11 -36.54
CA HIS G 352 -5.05 0.87 -37.18
C HIS G 352 -4.03 1.31 -36.16
N SER G 353 -2.82 0.72 -36.19
CA SER G 353 -1.74 1.19 -35.29
C SER G 353 -0.55 1.73 -36.10
N ILE G 354 -0.15 2.98 -35.86
CA ILE G 354 1.02 3.58 -36.57
C ILE G 354 2.30 3.27 -35.80
N PHE G 355 2.19 2.64 -34.63
CA PHE G 355 3.36 2.34 -33.77
C PHE G 355 3.67 0.85 -33.78
N SER G 356 3.19 0.09 -34.77
CA SER G 356 3.25 -1.39 -34.69
C SER G 356 4.65 -2.00 -34.57
N SER G 357 5.65 -1.53 -35.31
CA SER G 357 6.95 -2.25 -35.21
C SER G 357 7.55 -2.10 -33.81
N SER G 358 8.04 -3.19 -33.20
CA SER G 358 8.75 -3.07 -31.90
C SER G 358 7.87 -2.32 -30.91
N GLY G 359 6.57 -2.60 -30.86
CA GLY G 359 5.70 -1.74 -30.04
C GLY G 359 4.23 -1.99 -30.32
N GLY G 360 3.39 -0.98 -30.12
CA GLY G 360 1.94 -1.14 -30.29
C GLY G 360 1.31 -2.16 -29.36
N ILE G 361 1.73 -2.20 -28.10
CA ILE G 361 1.01 -3.09 -27.14
C ILE G 361 -0.40 -2.52 -27.12
N LEU G 362 -0.52 -1.20 -27.12
CA LEU G 362 -1.85 -0.55 -27.27
C LEU G 362 -2.98 -1.35 -26.62
N GLN G 363 -2.97 -1.51 -25.30
CA GLN G 363 -4.12 -2.15 -24.62
C GLN G 363 -5.31 -1.22 -24.80
N PRO G 364 -6.54 -1.74 -25.03
CA PRO G 364 -7.71 -0.91 -25.33
C PRO G 364 -8.28 0.01 -24.26
N ASN G 365 -8.85 1.15 -24.66
CA ASN G 365 -9.50 2.10 -23.72
C ASN G 365 -10.56 1.37 -22.90
N LYS G 366 -10.77 1.80 -21.64
CA LYS G 366 -11.76 1.16 -20.75
C LYS G 366 -12.26 2.16 -19.70
N LEU G 367 -13.57 2.30 -19.55
CA LEU G 367 -14.20 3.17 -18.58
C LEU G 367 -14.72 2.28 -17.44
N ARG G 368 -14.16 2.45 -16.25
CA ARG G 368 -14.51 1.65 -15.08
C ARG G 368 -15.27 2.53 -14.09
N ILE G 369 -16.49 2.12 -13.77
CA ILE G 369 -17.35 2.83 -12.84
C ILE G 369 -17.55 2.06 -11.53
N VAL G 370 -16.60 2.18 -10.60
CA VAL G 370 -16.69 1.51 -9.31
C VAL G 370 -17.83 2.11 -8.51
N LEU G 371 -18.68 1.23 -7.98
CA LEU G 371 -19.87 1.73 -7.25
C LEU G 371 -19.79 1.45 -5.74
N GLN G 372 -20.21 0.26 -5.29
CA GLN G 372 -20.30 0.00 -3.82
C GLN G 372 -18.98 0.04 -3.04
N PRO G 373 -17.85 -0.53 -3.48
CA PRO G 373 -16.63 -0.47 -2.65
C PRO G 373 -16.17 0.98 -2.46
N ASP G 374 -16.22 1.77 -3.53
CA ASP G 374 -15.79 3.19 -3.50
C ASP G 374 -16.48 3.84 -4.70
N GLU G 375 -16.60 5.16 -4.72
CA GLU G 375 -17.20 5.83 -5.90
C GLU G 375 -16.04 6.31 -6.78
N THR G 376 -16.02 5.95 -8.05
CA THR G 376 -14.87 6.31 -8.87
C THR G 376 -15.25 6.21 -10.34
N ILE G 377 -14.47 6.89 -11.18
CA ILE G 377 -14.56 6.78 -12.62
C ILE G 377 -13.15 6.96 -13.18
N GLN G 378 -12.82 6.20 -14.20
CA GLN G 378 -11.51 6.34 -14.82
C GLN G 378 -11.54 5.75 -16.22
N ILE G 379 -10.50 6.06 -16.99
CA ILE G 379 -10.45 5.69 -18.40
C ILE G 379 -9.02 5.32 -18.76
N SER G 380 -8.86 4.17 -19.42
CA SER G 380 -7.55 3.74 -19.87
C SER G 380 -7.21 4.48 -21.15
N ILE G 381 -6.05 5.10 -21.17
CA ILE G 381 -5.55 5.74 -22.38
C ILE G 381 -4.10 5.31 -22.55
N MET G 382 -3.66 5.23 -23.80
CA MET G 382 -2.28 4.89 -24.08
C MET G 382 -1.52 6.18 -24.24
N VAL G 383 -0.35 6.24 -23.60
CA VAL G 383 0.50 7.46 -23.65
C VAL G 383 1.95 7.01 -23.83
N LYS G 384 2.76 7.77 -24.58
CA LYS G 384 4.14 7.32 -24.87
C LYS G 384 4.94 7.20 -23.58
N GLU G 385 5.74 6.15 -23.46
CA GLU G 385 6.61 5.99 -22.27
C GLU G 385 7.70 7.06 -22.31
N PRO G 386 8.21 7.52 -21.17
CA PRO G 386 9.27 8.49 -21.13
C PRO G 386 10.60 7.86 -21.59
N GLY G 387 11.51 8.67 -22.13
CA GLY G 387 12.83 8.17 -22.56
C GLY G 387 12.94 7.96 -24.05
N LEU G 388 14.17 7.91 -24.56
CA LEU G 388 14.41 7.78 -26.02
C LEU G 388 13.83 6.45 -26.50
N ASP G 389 12.92 6.50 -27.47
CA ASP G 389 12.38 5.23 -27.99
C ASP G 389 13.46 4.69 -28.92
N ARG G 390 14.58 4.27 -28.32
CA ARG G 390 15.71 3.77 -29.13
C ARG G 390 15.40 2.29 -29.40
N ASN G 391 15.15 1.94 -30.66
CA ASN G 391 14.78 0.55 -30.93
C ASN G 391 13.49 0.19 -30.21
N GLY G 392 12.36 0.64 -30.73
CA GLY G 392 11.07 0.36 -30.12
C GLY G 392 10.08 1.45 -30.46
N ALA G 393 8.90 1.33 -29.86
CA ALA G 393 7.82 2.33 -29.99
C ALA G 393 6.99 2.10 -28.73
N HIS G 394 7.66 2.04 -27.57
CA HIS G 394 7.00 1.68 -26.30
C HIS G 394 5.94 2.70 -25.86
N MET G 395 4.81 2.21 -25.34
CA MET G 395 3.72 3.08 -24.83
C MET G 395 3.21 2.45 -23.54
N ARG G 396 2.66 3.24 -22.62
CA ARG G 396 2.07 2.64 -21.39
C ARG G 396 0.59 3.02 -21.26
N GLU G 397 -0.28 2.04 -21.04
CA GLU G 397 -1.71 2.34 -20.78
C GLU G 397 -1.79 3.01 -19.40
N VAL G 398 -2.69 3.97 -19.25
CA VAL G 398 -2.77 4.71 -17.96
C VAL G 398 -4.19 5.25 -17.79
N TRP G 399 -4.62 5.50 -16.57
CA TRP G 399 -6.01 5.89 -16.34
C TRP G 399 -6.07 7.34 -15.90
N LEU G 400 -7.08 8.03 -16.39
CA LEU G 400 -7.38 9.37 -15.94
C LEU G 400 -8.31 9.15 -14.76
N ASP G 401 -7.83 9.45 -13.57
CA ASP G 401 -8.50 9.02 -12.35
C ASP G 401 -9.38 10.12 -11.80
N LEU G 402 -10.47 9.69 -11.18
CA LEU G 402 -11.33 10.59 -10.44
C LEU G 402 -12.10 9.86 -9.32
N SER G 403 -12.03 10.35 -8.09
CA SER G 403 -12.65 9.68 -6.94
C SER G 403 -13.84 10.52 -6.48
N LEU G 404 -15.04 10.10 -6.88
CA LEU G 404 -16.26 10.81 -6.54
C LEU G 404 -16.41 10.99 -5.04
N THR G 405 -15.81 10.14 -4.22
CA THR G 405 -15.96 10.35 -2.78
C THR G 405 -15.08 11.52 -2.32
N ASP G 406 -13.96 11.75 -3.01
CA ASP G 406 -13.05 12.82 -2.61
C ASP G 406 -13.56 14.20 -3.03
N VAL G 407 -14.25 14.29 -4.17
CA VAL G 407 -14.68 15.58 -4.72
C VAL G 407 -15.87 16.12 -3.95
N PHE G 408 -16.85 15.27 -3.74
CA PHE G 408 -18.05 15.59 -2.97
C PHE G 408 -17.75 15.18 -1.56
N LYS G 409 -16.62 15.67 -1.05
CA LYS G 409 -16.25 15.35 0.33
C LYS G 409 -17.17 16.00 1.33
N ASP G 410 -17.37 17.31 1.17
CA ASP G 410 -18.19 18.08 2.14
C ASP G 410 -19.63 17.61 2.07
N ARG G 411 -20.09 17.23 0.88
CA ARG G 411 -21.52 16.87 0.79
C ARG G 411 -21.72 15.67 1.70
N LYS G 412 -22.76 15.70 2.53
CA LYS G 412 -22.98 14.59 3.49
C LYS G 412 -23.10 13.29 2.71
N ARG G 413 -22.63 12.19 3.29
CA ARG G 413 -22.81 10.88 2.63
C ARG G 413 -23.88 10.14 3.42
N ARG G 414 -24.91 9.65 2.75
CA ARG G 414 -26.05 9.04 3.48
C ARG G 414 -26.39 7.69 2.83
N ILE G 415 -27.00 6.78 3.60
CA ILE G 415 -27.27 5.43 3.05
C ILE G 415 -28.21 5.63 1.85
N ALA G 416 -27.96 4.90 0.78
CA ALA G 416 -28.78 5.07 -0.43
C ALA G 416 -30.23 4.80 -0.05
N HIS G 417 -30.41 4.13 1.09
CA HIS G 417 -31.77 3.80 1.49
C HIS G 417 -32.56 5.06 1.88
N GLU G 418 -31.90 5.99 2.56
CA GLU G 418 -32.48 7.30 2.89
C GLU G 418 -33.11 7.96 1.68
N ARG G 419 -32.40 7.95 0.55
CA ARG G 419 -32.95 8.62 -0.62
C ARG G 419 -34.34 8.11 -0.92
N LEU G 420 -34.56 6.82 -0.72
CA LEU G 420 -35.78 6.19 -1.19
C LEU G 420 -36.91 6.47 -0.20
N LEU G 421 -36.59 6.25 1.08
CA LEU G 421 -37.52 6.26 2.20
C LEU G 421 -38.29 7.56 2.23
N LEU G 422 -37.53 8.66 2.25
CA LEU G 422 -38.16 9.96 2.33
C LEU G 422 -39.04 10.20 1.12
N ASP G 423 -38.66 9.67 -0.05
CA ASP G 423 -39.41 9.86 -1.29
C ASP G 423 -40.77 9.20 -1.21
N LEU G 424 -40.85 8.05 -0.56
CA LEU G 424 -42.15 7.40 -0.39
C LEU G 424 -43.11 8.33 0.34
N ILE G 425 -42.61 9.00 1.37
CA ILE G 425 -43.47 9.82 2.23
C ILE G 425 -43.92 11.08 1.47
N GLU G 426 -42.98 11.69 0.76
CA GLU G 426 -43.24 12.93 0.02
C GLU G 426 -44.01 12.61 -1.25
N GLY G 427 -43.96 11.35 -1.69
CA GLY G 427 -44.72 10.91 -2.83
C GLY G 427 -43.97 10.85 -4.15
N ASP G 428 -42.64 10.71 -4.11
CA ASP G 428 -41.86 10.61 -5.34
C ASP G 428 -41.57 9.15 -5.65
N ALA G 429 -42.50 8.51 -6.37
CA ALA G 429 -42.28 7.13 -6.84
C ALA G 429 -41.63 7.13 -8.23
N THR G 430 -40.47 7.79 -8.31
CA THR G 430 -39.69 7.87 -9.54
C THR G 430 -38.52 6.90 -9.59
N LEU G 431 -37.81 6.71 -8.47
CA LEU G 431 -36.69 5.80 -8.35
C LEU G 431 -37.15 4.43 -7.94
N PHE G 432 -38.36 4.10 -8.37
CA PHE G 432 -39.10 2.94 -7.95
C PHE G 432 -39.55 2.17 -9.18
N VAL G 433 -39.68 0.87 -9.04
CA VAL G 433 -39.80 -0.03 -10.17
C VAL G 433 -41.24 -0.04 -10.68
N ARG G 434 -41.42 -0.32 -11.96
CA ARG G 434 -42.76 -0.35 -12.53
C ARG G 434 -43.16 -1.80 -12.78
N ARG G 435 -44.43 -2.03 -13.13
CA ARG G 435 -44.87 -3.39 -13.44
C ARG G 435 -44.17 -3.94 -14.69
N ASP G 436 -44.29 -3.22 -15.81
CA ASP G 436 -43.68 -3.62 -17.09
C ASP G 436 -42.15 -3.74 -17.02
N GLU G 437 -41.47 -2.97 -16.15
CA GLU G 437 -40.10 -3.34 -15.83
C GLU G 437 -40.04 -4.73 -15.20
N VAL G 438 -40.83 -4.93 -14.13
CA VAL G 438 -40.76 -6.15 -13.32
C VAL G 438 -41.06 -7.38 -14.18
N GLU G 439 -42.18 -7.35 -14.91
CA GLU G 439 -42.58 -8.56 -15.62
C GLU G 439 -41.59 -8.93 -16.71
N ALA G 440 -41.04 -7.94 -17.42
CA ALA G 440 -40.02 -8.27 -18.42
C ALA G 440 -38.73 -8.75 -17.78
N GLN G 441 -38.46 -8.30 -16.55
CA GLN G 441 -37.31 -8.76 -15.81
C GLN G 441 -37.39 -10.27 -15.54
N TRP G 442 -38.54 -10.74 -15.07
CA TRP G 442 -38.72 -12.17 -14.78
C TRP G 442 -38.61 -12.99 -16.06
N ILE G 443 -39.31 -12.58 -17.12
CA ILE G 443 -39.38 -13.34 -18.37
C ILE G 443 -37.99 -13.72 -18.83
N TRP G 444 -37.06 -12.79 -18.72
CA TRP G 444 -35.69 -13.07 -19.07
C TRP G 444 -35.07 -13.98 -18.02
N ILE G 445 -35.29 -13.67 -16.73
CA ILE G 445 -34.73 -14.50 -15.65
C ILE G 445 -35.13 -15.96 -15.75
N ASP G 446 -36.43 -16.21 -16.00
CA ASP G 446 -36.96 -17.60 -15.95
C ASP G 446 -36.32 -18.49 -17.02
N GLY G 447 -35.97 -17.94 -18.18
CA GLY G 447 -35.44 -18.82 -19.24
C GLY G 447 -34.14 -19.47 -18.78
N ILE G 448 -33.29 -18.70 -18.11
CA ILE G 448 -32.02 -19.25 -17.56
C ILE G 448 -32.36 -20.30 -16.52
N ARG G 449 -33.35 -20.02 -15.68
CA ARG G 449 -33.70 -20.98 -14.60
C ARG G 449 -34.17 -22.28 -15.23
N GLU G 450 -34.97 -22.18 -16.30
CA GLU G 450 -35.51 -23.39 -16.95
C GLU G 450 -34.37 -24.12 -17.66
N GLY G 451 -33.74 -23.47 -18.64
CA GLY G 451 -32.64 -24.09 -19.34
C GLY G 451 -31.71 -24.87 -18.42
N TRP G 452 -31.44 -24.33 -17.23
CA TRP G 452 -30.52 -25.01 -16.34
C TRP G 452 -31.18 -26.24 -15.71
N LYS G 453 -32.50 -26.22 -15.61
CA LYS G 453 -33.21 -27.42 -15.12
C LYS G 453 -33.31 -28.40 -16.30
N ALA G 454 -33.65 -27.90 -17.48
CA ALA G 454 -33.82 -28.77 -18.66
C ALA G 454 -32.49 -29.46 -19.02
N ASN G 455 -31.38 -28.74 -18.96
CA ASN G 455 -30.04 -29.31 -19.27
C ASN G 455 -29.44 -29.90 -17.99
N SER G 456 -30.14 -29.77 -16.87
CA SER G 456 -29.68 -30.33 -15.57
C SER G 456 -28.34 -29.73 -15.16
N MET G 457 -28.10 -28.47 -15.50
CA MET G 457 -26.85 -27.81 -15.01
C MET G 457 -26.98 -27.69 -13.50
N LYS G 458 -25.88 -27.93 -12.77
CA LYS G 458 -25.89 -27.77 -11.30
C LYS G 458 -24.71 -26.88 -10.93
N PRO G 459 -24.77 -26.08 -9.85
CA PRO G 459 -23.67 -25.14 -9.54
C PRO G 459 -22.35 -25.89 -9.38
N LYS G 460 -21.30 -25.31 -10.00
CA LYS G 460 -19.94 -25.81 -9.83
C LYS G 460 -19.31 -25.17 -8.61
N THR G 461 -18.68 -25.99 -7.77
CA THR G 461 -18.19 -25.46 -6.51
C THR G 461 -16.84 -24.79 -6.70
N TYR G 462 -16.57 -23.83 -5.83
CA TYR G 462 -15.30 -23.13 -5.83
C TYR G 462 -14.87 -22.91 -4.40
N VAL G 463 -13.57 -22.70 -4.23
CA VAL G 463 -13.02 -22.40 -2.92
C VAL G 463 -13.48 -21.02 -2.48
N SER G 464 -13.77 -20.90 -1.19
CA SER G 464 -14.21 -19.59 -0.66
C SER G 464 -13.07 -18.59 -0.87
N GLY G 465 -13.39 -17.41 -1.40
CA GLY G 465 -12.37 -16.40 -1.71
C GLY G 465 -11.78 -16.60 -3.08
N THR G 466 -12.20 -17.64 -3.80
CA THR G 466 -11.76 -17.79 -5.21
C THR G 466 -12.63 -16.87 -6.05
N TRP G 467 -12.10 -16.25 -7.09
CA TRP G 467 -12.90 -15.27 -7.84
C TRP G 467 -14.14 -15.96 -8.40
N GLY G 468 -13.96 -17.11 -9.02
CA GLY G 468 -15.11 -17.77 -9.66
C GLY G 468 -14.92 -19.26 -9.81
N PRO G 469 -15.99 -20.02 -10.11
CA PRO G 469 -15.85 -21.42 -10.41
C PRO G 469 -15.06 -21.35 -11.71
N ILE G 470 -14.30 -22.39 -12.05
CA ILE G 470 -13.35 -22.33 -13.20
C ILE G 470 -14.12 -22.02 -14.48
N THR G 471 -15.39 -22.42 -14.55
CA THR G 471 -16.18 -22.23 -15.79
C THR G 471 -16.26 -20.74 -16.12
N ALA G 472 -16.41 -19.88 -15.11
CA ALA G 472 -16.54 -18.42 -15.33
C ALA G 472 -15.28 -17.87 -15.98
N ILE G 473 -14.12 -18.36 -15.57
CA ILE G 473 -12.83 -17.87 -16.11
C ILE G 473 -12.85 -18.17 -17.61
N ALA G 474 -13.41 -19.31 -17.97
CA ALA G 474 -13.39 -19.72 -19.40
C ALA G 474 -14.37 -18.91 -20.26
N LEU G 475 -15.54 -18.54 -19.73
CA LEU G 475 -16.50 -17.90 -20.67
C LEU G 475 -15.82 -16.66 -21.25
N VAL G 476 -15.16 -15.87 -20.42
CA VAL G 476 -14.35 -14.74 -20.96
C VAL G 476 -13.17 -15.26 -21.78
N GLU G 477 -12.50 -16.31 -21.32
CA GLU G 477 -11.23 -16.77 -21.97
C GLU G 477 -11.47 -17.19 -23.42
N ARG G 478 -12.58 -17.89 -23.69
CA ARG G 478 -12.78 -18.37 -25.08
C ARG G 478 -12.90 -17.15 -25.98
N ASP G 479 -13.58 -16.10 -25.51
CA ASP G 479 -13.81 -14.91 -26.36
C ASP G 479 -12.58 -14.01 -26.41
N GLY G 480 -11.47 -14.41 -25.78
CA GLY G 480 -10.31 -13.53 -25.75
C GLY G 480 -10.30 -12.69 -24.49
N VAL G 481 -11.45 -12.09 -24.13
CA VAL G 481 -11.62 -11.20 -22.99
C VAL G 481 -11.18 -11.82 -21.68
N THR G 482 -10.75 -10.99 -20.75
CA THR G 482 -10.45 -11.40 -19.39
C THR G 482 -11.40 -10.69 -18.47
N TRP G 483 -11.66 -11.29 -17.31
CA TRP G 483 -12.50 -10.60 -16.29
C TRP G 483 -11.63 -9.53 -15.67
N TYR G 484 -12.12 -8.29 -15.59
CA TYR G 484 -11.25 -7.20 -15.09
C TYR G 484 -10.87 -7.42 -13.63
N ASP G 485 -9.59 -7.30 -13.33
CA ASP G 485 -9.13 -7.34 -11.90
C ASP G 485 -8.18 -6.16 -11.74
N LEU G 486 -8.11 -5.57 -10.55
CA LEU G 486 -7.12 -4.49 -10.36
C LEU G 486 -5.75 -5.13 -10.55
N GLU G 487 -4.85 -4.44 -11.23
CA GLU G 487 -3.53 -5.04 -11.55
C GLU G 487 -2.74 -5.20 -10.25
N ASN H 3 24.04 5.00 -42.28
CA ASN H 3 22.75 5.17 -41.60
C ASN H 3 22.87 5.93 -40.30
N THR H 4 23.94 5.67 -39.55
CA THR H 4 24.28 6.45 -38.38
C THR H 4 25.72 6.92 -38.52
N VAL H 5 26.16 7.79 -37.59
CA VAL H 5 27.46 8.51 -37.79
C VAL H 5 28.49 8.32 -36.67
N SER H 6 29.71 7.90 -37.04
CA SER H 6 30.84 7.74 -36.07
C SER H 6 31.32 9.04 -35.42
N THR H 7 31.40 10.14 -36.19
CA THR H 7 32.04 11.37 -35.65
C THR H 7 31.07 12.55 -35.55
N MET H 8 31.08 13.25 -34.42
CA MET H 8 30.19 14.42 -34.22
C MET H 8 31.05 15.68 -34.17
N ILE H 9 30.70 16.69 -34.95
CA ILE H 9 31.48 17.97 -34.99
C ILE H 9 30.58 19.07 -34.42
N LEU H 10 31.11 19.85 -33.48
CA LEU H 10 30.32 20.90 -32.80
C LEU H 10 30.93 22.26 -33.10
N PHE H 11 30.08 23.23 -33.45
CA PHE H 11 30.55 24.61 -33.71
C PHE H 11 29.92 25.48 -32.62
N GLY H 12 30.56 26.56 -32.21
CA GLY H 12 30.04 27.31 -31.06
C GLY H 12 30.00 26.46 -29.81
N SER H 13 31.01 25.61 -29.63
CA SER H 13 31.13 24.77 -28.41
C SER H 13 31.28 25.69 -27.20
N THR H 14 32.02 26.77 -27.35
CA THR H 14 32.28 27.74 -26.25
C THR H 14 30.95 28.33 -25.78
N GLY H 15 30.00 28.55 -26.69
CA GLY H 15 28.76 29.27 -26.33
C GLY H 15 27.93 28.60 -25.26
N ASP H 16 27.23 29.38 -24.44
CA ASP H 16 26.51 28.86 -23.25
C ASP H 16 25.43 27.85 -23.62
N LEU H 17 24.71 28.04 -24.72
CA LEU H 17 23.61 27.09 -24.98
C LEU H 17 24.23 25.70 -25.10
N SER H 18 25.38 25.61 -25.76
CA SER H 18 26.04 24.29 -25.86
C SER H 18 26.41 23.79 -24.46
N GLN H 19 26.96 24.67 -23.62
CA GLN H 19 27.26 24.27 -22.22
C GLN H 19 25.98 23.95 -21.45
N ARG H 20 24.95 24.78 -21.61
CA ARG H 20 23.73 24.59 -20.79
C ARG H 20 23.03 23.26 -21.12
N MET H 21 22.93 22.93 -22.42
CA MET H 21 22.15 21.70 -22.75
C MET H 21 22.98 20.66 -23.51
N LEU H 22 23.57 21.04 -24.64
CA LEU H 22 24.27 20.06 -25.52
C LEU H 22 25.27 19.21 -24.74
N LEU H 23 26.30 19.81 -24.16
CA LEU H 23 27.35 18.97 -23.54
C LEU H 23 26.76 18.15 -22.39
N PRO H 24 25.87 18.69 -21.53
CA PRO H 24 25.26 17.86 -20.49
C PRO H 24 24.40 16.75 -21.11
N ALA H 25 23.65 17.07 -22.16
CA ALA H 25 22.76 16.07 -22.79
C ALA H 25 23.58 14.92 -23.35
N LEU H 26 24.70 15.23 -24.01
CA LEU H 26 25.54 14.18 -24.61
C LEU H 26 26.07 13.30 -23.49
N TYR H 27 26.48 13.91 -22.38
CA TYR H 27 27.01 13.13 -21.23
C TYR H 27 25.93 12.17 -20.76
N GLY H 28 24.67 12.62 -20.80
CA GLY H 28 23.57 11.75 -20.33
C GLY H 28 23.40 10.57 -21.26
N LEU H 29 23.44 10.80 -22.57
CA LEU H 29 23.37 9.67 -23.53
C LEU H 29 24.61 8.78 -23.32
N ASP H 30 25.77 9.40 -23.09
CA ASP H 30 27.03 8.64 -22.89
C ASP H 30 26.93 7.78 -21.63
N ALA H 31 26.34 8.32 -20.57
CA ALA H 31 26.24 7.55 -19.31
C ALA H 31 25.39 6.35 -19.66
N ASP H 32 24.35 6.59 -20.45
CA ASP H 32 23.51 5.47 -20.96
C ASP H 32 24.42 4.61 -21.84
N GLY H 33 25.33 5.24 -22.58
CA GLY H 33 26.17 4.48 -23.53
C GLY H 33 25.50 4.35 -24.87
N LEU H 34 24.38 5.07 -25.05
CA LEU H 34 23.64 4.97 -26.33
C LEU H 34 24.56 5.44 -27.44
N LEU H 35 25.35 6.48 -27.20
CA LEU H 35 26.34 6.88 -28.23
C LEU H 35 27.37 5.76 -28.38
N ALA H 36 27.83 5.51 -29.62
CA ALA H 36 28.79 4.40 -29.88
C ALA H 36 30.12 4.66 -29.19
N ASP H 37 30.73 3.61 -28.66
CA ASP H 37 32.07 3.75 -28.00
C ASP H 37 32.99 4.56 -28.91
N ASP H 38 33.14 4.13 -30.17
CA ASP H 38 34.07 4.84 -31.09
C ASP H 38 33.33 6.05 -31.64
N LEU H 39 33.08 7.04 -30.80
CA LEU H 39 32.44 8.30 -31.26
C LEU H 39 33.44 9.40 -30.96
N ARG H 40 33.72 10.25 -31.95
CA ARG H 40 34.62 11.38 -31.65
C ARG H 40 33.79 12.66 -31.74
N ILE H 41 33.85 13.49 -30.70
CA ILE H 41 33.14 14.79 -30.78
C ILE H 41 34.21 15.86 -30.94
N VAL H 42 34.12 16.65 -32.01
CA VAL H 42 35.15 17.70 -32.27
C VAL H 42 34.44 19.05 -32.19
N CYS H 43 34.94 19.97 -31.36
CA CYS H 43 34.21 21.24 -31.15
C CYS H 43 35.11 22.44 -31.44
N THR H 44 34.68 23.35 -32.31
CA THR H 44 35.52 24.55 -32.53
C THR H 44 34.94 25.72 -31.76
N SER H 45 35.62 26.14 -30.69
CA SER H 45 35.20 27.33 -29.90
C SER H 45 35.30 28.63 -30.69
N ARG H 46 36.36 28.80 -31.49
CA ARG H 46 36.67 30.10 -32.14
C ARG H 46 37.48 30.85 -31.06
N SER H 47 37.71 30.19 -29.92
CA SER H 47 38.52 30.74 -28.82
C SER H 47 39.60 29.70 -28.51
N GLU H 48 40.84 30.11 -28.29
CA GLU H 48 41.94 29.11 -28.16
C GLU H 48 41.75 28.24 -26.92
N TYR H 49 41.97 26.93 -27.08
CA TYR H 49 41.85 25.97 -25.95
C TYR H 49 42.72 24.75 -26.25
N ASP H 50 43.11 24.00 -25.22
CA ASP H 50 43.85 22.74 -25.47
C ASP H 50 42.89 21.60 -25.12
N THR H 51 42.86 20.57 -25.95
CA THR H 51 41.92 19.43 -25.70
C THR H 51 41.77 19.19 -24.19
N ASP H 52 42.85 18.90 -23.47
CA ASP H 52 42.65 18.56 -22.04
C ASP H 52 41.91 19.72 -21.37
N GLY H 53 42.31 20.95 -21.69
CA GLY H 53 41.67 22.14 -21.09
C GLY H 53 40.21 22.26 -21.49
N PHE H 54 39.90 21.99 -22.75
CA PHE H 54 38.50 22.10 -23.23
C PHE H 54 37.68 21.07 -22.45
N ARG H 55 38.27 19.89 -22.27
CA ARG H 55 37.58 18.83 -21.49
C ARG H 55 37.41 19.35 -20.07
N ASP H 56 38.46 19.96 -19.51
CA ASP H 56 38.38 20.51 -18.14
C ASP H 56 37.27 21.56 -18.12
N PHE H 57 37.18 22.37 -19.18
CA PHE H 57 36.14 23.41 -19.27
C PHE H 57 34.79 22.72 -19.27
N ALA H 58 34.68 21.61 -19.99
CA ALA H 58 33.41 20.87 -20.08
C ALA H 58 32.99 20.33 -18.71
N GLU H 59 33.93 19.81 -17.93
CA GLU H 59 33.58 19.17 -16.62
C GLU H 59 32.80 20.12 -15.74
N LYS H 60 33.38 21.27 -15.38
CA LYS H 60 32.71 22.18 -14.41
C LYS H 60 31.40 22.65 -15.01
N ALA H 61 31.40 22.95 -16.31
CA ALA H 61 30.16 23.40 -16.96
C ALA H 61 29.15 22.27 -16.87
N LEU H 62 29.62 21.03 -17.07
CA LEU H 62 28.69 19.89 -16.92
C LEU H 62 28.22 19.84 -15.46
N ASP H 63 29.13 20.06 -14.51
CA ASP H 63 28.67 19.86 -13.12
C ASP H 63 27.57 20.85 -12.73
N ARG H 64 27.72 22.15 -13.05
CA ARG H 64 26.57 23.04 -12.70
C ARG H 64 25.34 22.72 -13.53
N PHE H 65 25.54 22.52 -14.84
CA PHE H 65 24.39 22.27 -15.76
C PHE H 65 23.71 20.92 -15.46
N VAL H 66 24.49 19.87 -15.19
CA VAL H 66 23.91 18.51 -15.00
C VAL H 66 23.12 18.47 -13.69
N ALA H 67 22.06 17.65 -13.64
CA ALA H 67 21.27 17.51 -12.40
C ALA H 67 22.19 16.93 -11.33
N SER H 68 22.02 17.35 -10.08
CA SER H 68 23.00 16.91 -9.05
C SER H 68 22.97 15.38 -8.96
N ASP H 69 21.78 14.79 -8.98
CA ASP H 69 21.71 13.31 -8.99
C ASP H 69 22.36 12.79 -10.26
N ARG H 70 22.12 13.45 -11.40
CA ARG H 70 22.63 12.95 -12.71
C ARG H 70 24.16 12.92 -12.76
N LEU H 71 24.83 13.95 -12.24
CA LEU H 71 26.30 14.03 -12.41
C LEU H 71 27.03 12.90 -11.68
N ASN H 72 28.09 12.36 -12.29
CA ASN H 72 28.95 11.34 -11.65
C ASN H 72 30.33 11.54 -12.28
N ASP H 73 31.41 11.51 -11.49
CA ASP H 73 32.73 11.89 -12.06
C ASP H 73 33.22 10.87 -13.10
N ASP H 74 33.09 9.58 -12.80
CA ASP H 74 33.59 8.51 -13.70
C ASP H 74 33.07 8.73 -15.13
N ALA H 75 31.76 8.81 -15.28
CA ALA H 75 31.17 8.95 -16.62
C ALA H 75 31.66 10.26 -17.22
N LYS H 76 31.75 11.30 -16.38
CA LYS H 76 32.14 12.64 -16.90
C LYS H 76 33.54 12.56 -17.50
N ALA H 77 34.44 11.85 -16.83
CA ALA H 77 35.79 11.69 -17.40
C ALA H 77 35.69 10.95 -18.73
N LYS H 78 34.84 9.93 -18.79
CA LYS H 78 34.74 9.11 -20.02
C LYS H 78 34.26 9.98 -21.19
N PHE H 79 33.29 10.85 -20.95
CA PHE H 79 32.75 11.66 -22.07
C PHE H 79 33.88 12.53 -22.60
N LEU H 80 34.68 13.08 -21.69
CA LEU H 80 35.77 13.99 -22.09
C LEU H 80 36.68 13.26 -23.09
N ASN H 81 36.90 11.97 -22.88
CA ASN H 81 37.77 11.17 -23.78
C ASN H 81 37.17 11.15 -25.18
N LYS H 82 35.84 11.02 -25.27
CA LYS H 82 35.16 11.05 -26.59
C LYS H 82 35.13 12.47 -27.14
N LEU H 83 35.76 13.41 -26.44
CA LEU H 83 35.71 14.81 -26.84
C LEU H 83 37.06 15.32 -27.35
N PHE H 84 37.07 15.90 -28.56
CA PHE H 84 38.32 16.40 -29.13
C PHE H 84 38.14 17.86 -29.49
N TYR H 85 39.14 18.67 -29.14
CA TYR H 85 39.02 20.12 -29.09
C TYR H 85 39.91 20.84 -30.08
N ALA H 86 39.44 22.01 -30.51
CA ALA H 86 40.23 22.90 -31.34
C ALA H 86 39.65 24.32 -31.28
N THR H 87 40.18 25.19 -32.16
CA THR H 87 39.77 26.57 -32.33
C THR H 87 39.74 26.90 -33.81
N VAL H 88 38.73 27.67 -34.23
CA VAL H 88 38.60 28.05 -35.63
C VAL H 88 37.73 29.30 -35.74
N ASP H 89 38.29 30.46 -36.06
CA ASP H 89 37.41 31.49 -36.59
C ASP H 89 36.85 31.02 -37.94
N ILE H 90 35.53 30.92 -38.06
CA ILE H 90 34.95 30.43 -39.31
C ILE H 90 34.95 31.48 -40.40
N THR H 91 35.17 32.76 -40.07
CA THR H 91 35.45 33.76 -41.08
C THR H 91 36.49 33.27 -42.06
N ASP H 92 37.43 32.46 -41.60
CA ASP H 92 38.51 31.93 -42.40
C ASP H 92 38.05 30.73 -43.22
N PRO H 93 37.95 30.87 -44.55
CA PRO H 93 37.63 29.71 -45.39
C PRO H 93 38.77 28.72 -45.51
N THR H 94 39.97 29.07 -45.04
CA THR H 94 41.14 28.19 -45.07
C THR H 94 41.71 28.02 -43.66
N GLN H 95 40.85 27.63 -42.70
CA GLN H 95 41.36 27.28 -41.38
C GLN H 95 40.51 26.20 -40.73
N PHE H 96 39.70 25.50 -41.50
CA PHE H 96 38.87 24.46 -40.92
C PHE H 96 39.66 23.15 -40.85
N GLY H 97 40.88 23.27 -40.32
CA GLY H 97 41.73 22.08 -40.14
C GLY H 97 41.17 21.19 -39.04
N LYS H 98 39.89 21.33 -38.72
CA LYS H 98 39.25 20.40 -37.76
C LYS H 98 39.34 19.03 -38.43
N ILE H 99 39.10 19.00 -39.74
CA ILE H 99 39.29 17.75 -40.50
C ILE H 99 40.76 17.42 -40.39
N ALA H 100 41.09 16.14 -40.23
CA ALA H 100 42.49 15.68 -40.10
C ALA H 100 42.89 15.88 -38.64
N ASP H 101 41.96 16.38 -37.83
CA ASP H 101 42.27 16.43 -36.39
C ASP H 101 41.15 15.71 -35.66
N LEU H 102 41.46 14.63 -34.95
CA LEU H 102 40.42 14.01 -34.10
C LEU H 102 39.20 13.75 -34.99
N CYS H 103 39.42 13.32 -36.23
CA CYS H 103 38.25 13.20 -37.13
C CYS H 103 38.03 11.73 -37.44
N GLY H 104 36.81 11.26 -37.24
CA GLY H 104 36.48 9.85 -37.50
C GLY H 104 36.43 9.62 -38.99
N PRO H 105 36.54 8.38 -39.48
CA PRO H 105 36.64 8.19 -40.91
C PRO H 105 35.38 8.82 -41.47
N VAL H 106 35.55 9.59 -42.55
CA VAL H 106 34.39 10.30 -43.15
C VAL H 106 33.32 9.27 -43.47
N GLU H 107 33.71 8.21 -44.16
CA GLU H 107 32.70 7.25 -44.59
C GLU H 107 31.96 6.60 -43.43
N LYS H 108 32.53 6.68 -42.21
CA LYS H 108 31.87 6.17 -41.02
C LYS H 108 30.92 7.17 -40.37
N GLY H 109 30.95 8.43 -40.79
CA GLY H 109 29.92 9.37 -40.33
C GLY H 109 30.46 10.60 -39.63
N ILE H 110 29.96 11.76 -40.06
CA ILE H 110 30.31 13.03 -39.43
C ILE H 110 29.01 13.81 -39.24
N ALA H 111 28.79 14.27 -38.01
CA ALA H 111 27.59 15.02 -37.69
C ALA H 111 28.02 16.41 -37.21
N ILE H 112 27.50 17.44 -37.86
CA ILE H 112 28.00 18.80 -37.71
C ILE H 112 26.87 19.56 -37.03
N TYR H 113 27.17 20.25 -35.94
CA TYR H 113 26.21 21.10 -35.27
C TYR H 113 26.62 22.54 -35.46
N LEU H 114 25.65 23.39 -35.79
CA LEU H 114 25.92 24.82 -35.94
C LEU H 114 24.87 25.60 -35.15
N ALA H 115 25.21 25.88 -33.89
CA ALA H 115 24.40 26.70 -32.98
C ALA H 115 24.88 28.15 -33.00
N THR H 116 24.91 28.73 -34.21
CA THR H 116 25.30 30.12 -34.38
C THR H 116 24.15 30.97 -34.89
N SER H 117 24.49 32.03 -35.60
CA SER H 117 23.61 32.93 -36.30
C SER H 117 23.70 32.63 -37.79
N SER H 118 22.59 32.88 -38.50
CA SER H 118 22.58 32.67 -39.96
C SER H 118 23.72 33.40 -40.67
N SER H 119 24.07 34.60 -40.21
CA SER H 119 25.23 35.31 -40.76
C SER H 119 26.51 34.53 -40.54
N LEU H 120 26.63 33.86 -39.40
CA LEU H 120 27.82 33.07 -39.12
C LEU H 120 27.73 31.69 -39.73
N PHE H 121 26.55 31.23 -40.13
CA PHE H 121 26.47 29.92 -40.77
C PHE H 121 27.35 29.81 -42.00
N GLU H 122 27.23 30.83 -42.85
CA GLU H 122 27.86 30.84 -44.16
C GLU H 122 29.35 30.57 -44.08
N GLY H 123 30.05 31.17 -43.12
CA GLY H 123 31.49 31.01 -43.06
C GLY H 123 31.96 29.61 -42.76
N ALA H 124 31.35 28.95 -41.76
CA ALA H 124 31.76 27.60 -41.42
C ALA H 124 31.58 26.69 -42.62
N ILE H 125 30.47 26.89 -43.35
CA ILE H 125 30.13 26.05 -44.48
C ILE H 125 31.10 26.32 -45.63
N ALA H 126 31.37 27.60 -45.89
CA ALA H 126 32.32 27.94 -46.92
C ALA H 126 33.62 27.22 -46.65
N GLY H 127 34.00 27.11 -45.38
CA GLY H 127 35.16 26.31 -45.09
C GLY H 127 34.86 24.82 -45.10
N LEU H 128 33.73 24.43 -44.50
CA LEU H 128 33.52 23.01 -44.25
C LEU H 128 33.54 22.20 -45.53
N LYS H 129 32.75 22.59 -46.53
CA LYS H 129 32.84 21.90 -47.84
C LYS H 129 34.31 21.86 -48.27
N GLN H 130 35.00 22.99 -48.19
CA GLN H 130 36.44 23.07 -48.59
C GLN H 130 37.24 22.15 -47.67
N ALA H 131 36.87 22.09 -46.40
CA ALA H 131 37.61 21.29 -45.40
C ALA H 131 37.54 19.82 -45.81
N GLY H 132 36.44 19.42 -46.46
CA GLY H 132 36.26 18.01 -46.82
C GLY H 132 35.08 17.39 -46.09
N LEU H 133 34.80 17.85 -44.87
CA LEU H 133 33.69 17.26 -44.07
C LEU H 133 32.39 17.94 -44.49
N ALA H 134 31.83 17.52 -45.62
CA ALA H 134 30.61 18.20 -46.14
C ALA H 134 29.82 17.25 -47.05
N GLY H 135 28.58 17.60 -47.34
CA GLY H 135 27.77 16.80 -48.28
C GLY H 135 27.58 15.36 -47.81
N PRO H 136 27.87 14.35 -48.64
CA PRO H 136 27.53 12.96 -48.29
C PRO H 136 28.23 12.49 -47.03
N THR H 137 27.55 11.65 -46.23
CA THR H 137 28.08 11.17 -44.92
C THR H 137 28.34 12.38 -44.02
N SER H 138 27.47 13.40 -44.10
CA SER H 138 27.62 14.58 -43.20
C SER H 138 26.27 15.14 -42.76
N ARG H 139 26.06 15.29 -41.45
CA ARG H 139 24.85 15.89 -40.87
C ARG H 139 25.04 17.29 -40.26
N LEU H 140 24.03 18.14 -40.48
CA LEU H 140 23.98 19.52 -39.98
C LEU H 140 22.79 19.76 -39.05
N ALA H 141 23.06 20.35 -37.88
CA ALA H 141 21.99 20.82 -37.02
C ALA H 141 21.96 22.35 -37.10
N LEU H 142 20.76 22.88 -36.87
CA LEU H 142 20.36 24.24 -37.20
C LEU H 142 19.55 24.71 -36.00
N GLU H 143 19.86 25.88 -35.43
CA GLU H 143 19.20 26.30 -34.18
C GLU H 143 18.20 27.42 -34.46
N LYS H 144 18.05 28.44 -33.59
CA LYS H 144 16.89 29.36 -33.59
C LYS H 144 16.99 30.56 -34.53
N PRO H 145 18.11 31.25 -34.63
CA PRO H 145 18.24 32.33 -35.62
C PRO H 145 18.27 31.83 -37.05
N LEU H 146 17.10 31.44 -37.57
CA LEU H 146 16.94 30.97 -38.95
C LEU H 146 16.24 32.01 -39.83
N GLY H 147 16.34 33.28 -39.49
CA GLY H 147 15.75 34.33 -40.30
C GLY H 147 14.62 35.07 -39.58
N GLN H 148 14.11 36.05 -40.30
CA GLN H 148 13.03 36.92 -39.85
C GLN H 148 11.77 36.89 -40.72
N ASP H 149 11.87 36.73 -42.04
CA ASP H 149 10.68 36.54 -42.86
C ASP H 149 10.98 35.31 -43.71
N LEU H 150 10.09 34.97 -44.65
CA LEU H 150 10.37 33.89 -45.59
C LEU H 150 11.68 34.13 -46.37
N ALA H 151 11.82 35.32 -46.96
CA ALA H 151 13.00 35.63 -47.76
C ALA H 151 14.28 35.42 -46.93
N SER H 152 14.22 35.76 -45.66
CA SER H 152 15.40 35.50 -44.79
C SER H 152 15.70 34.00 -44.81
N SER H 153 14.75 33.19 -44.36
CA SER H 153 14.98 31.72 -44.27
C SER H 153 15.22 31.19 -45.67
N ASP H 154 14.45 31.70 -46.64
CA ASP H 154 14.59 31.13 -47.99
C ASP H 154 16.02 31.36 -48.47
N HIS H 155 16.56 32.56 -48.25
CA HIS H 155 17.93 32.75 -48.78
C HIS H 155 18.88 31.78 -48.09
N ILE H 156 18.77 31.65 -46.76
CA ILE H 156 19.76 30.76 -46.07
C ILE H 156 19.56 29.33 -46.55
N ASN H 157 18.30 28.88 -46.63
CA ASN H 157 18.07 27.45 -46.97
C ASN H 157 18.58 27.16 -48.37
N ASP H 158 18.30 28.06 -49.31
CA ASP H 158 18.75 27.87 -50.70
C ASP H 158 20.28 27.88 -50.71
N ALA H 159 20.85 28.80 -49.93
CA ALA H 159 22.33 28.92 -49.87
C ALA H 159 22.88 27.69 -49.17
N VAL H 160 22.03 26.70 -48.89
CA VAL H 160 22.49 25.48 -48.27
C VAL H 160 22.46 24.31 -49.25
N LEU H 161 21.31 24.13 -49.91
CA LEU H 161 21.02 22.95 -50.70
C LEU H 161 22.03 22.73 -51.82
N LYS H 162 22.81 23.77 -52.15
CA LYS H 162 23.93 23.63 -53.05
C LYS H 162 25.07 22.79 -52.44
N VAL H 163 25.05 22.58 -51.13
CA VAL H 163 26.15 21.82 -50.47
C VAL H 163 25.55 20.71 -49.60
N PHE H 164 24.28 20.85 -49.21
CA PHE H 164 23.68 19.87 -48.27
C PHE H 164 22.28 19.48 -48.75
N SER H 165 21.75 18.36 -48.23
CA SER H 165 20.45 17.84 -48.70
C SER H 165 19.46 17.83 -47.54
N GLU H 166 18.16 17.78 -47.83
CA GLU H 166 17.14 17.91 -46.76
C GLU H 166 17.34 16.77 -45.77
N LYS H 167 17.72 15.60 -46.26
CA LYS H 167 17.94 14.44 -45.37
C LYS H 167 19.06 14.82 -44.40
N GLN H 168 20.09 15.52 -44.88
CA GLN H 168 21.16 16.05 -43.98
C GLN H 168 20.58 17.06 -42.98
N VAL H 169 19.64 17.92 -43.40
CA VAL H 169 19.09 19.01 -42.52
C VAL H 169 18.31 18.50 -41.31
N TYR H 170 18.58 19.02 -40.10
CA TYR H 170 17.95 18.65 -38.85
C TYR H 170 17.65 19.98 -38.17
N ARG H 171 16.60 20.66 -38.61
CA ARG H 171 16.33 21.99 -38.06
C ARG H 171 15.77 21.89 -36.65
N ILE H 172 16.63 21.94 -35.64
CA ILE H 172 16.16 21.70 -34.28
C ILE H 172 15.06 22.67 -33.94
N ASP H 173 13.96 22.11 -33.45
CA ASP H 173 12.91 22.85 -32.77
C ASP H 173 12.91 22.28 -31.37
N HIS H 174 13.43 23.05 -30.39
CA HIS H 174 13.68 22.49 -29.06
C HIS H 174 12.42 21.87 -28.46
N TYR H 175 11.24 22.36 -28.86
CA TYR H 175 9.99 21.82 -28.37
C TYR H 175 9.76 20.37 -28.82
N LEU H 176 10.14 20.05 -30.07
CA LEU H 176 9.82 18.75 -30.66
C LEU H 176 10.45 17.56 -29.94
N GLY H 177 11.18 17.78 -28.85
CA GLY H 177 11.88 16.71 -28.15
C GLY H 177 11.29 16.50 -26.76
N LYS H 178 10.55 17.52 -26.33
CA LYS H 178 9.86 17.49 -25.05
C LYS H 178 8.92 16.29 -25.01
N GLU H 179 9.02 15.50 -23.95
CA GLU H 179 8.25 14.27 -23.84
C GLU H 179 6.75 14.52 -23.94
N THR H 180 6.24 15.46 -23.17
CA THR H 180 4.82 15.80 -23.21
C THR H 180 4.41 16.31 -24.57
N VAL H 181 5.34 16.89 -25.34
CA VAL H 181 5.04 17.34 -26.69
C VAL H 181 4.85 16.14 -27.62
N GLN H 182 5.67 15.11 -27.45
CA GLN H 182 5.61 13.93 -28.30
C GLN H 182 4.42 13.03 -27.96
N ASN H 183 4.03 12.89 -26.69
CA ASN H 183 2.98 11.87 -26.45
C ASN H 183 1.53 12.29 -26.93
N LEU H 184 1.49 13.40 -27.69
CA LEU H 184 0.18 13.87 -28.20
C LEU H 184 -0.22 12.94 -29.32
N LEU H 185 0.68 12.73 -30.28
CA LEU H 185 0.34 11.86 -31.44
C LEU H 185 0.08 10.45 -30.90
N THR H 186 0.88 10.02 -29.93
CA THR H 186 0.63 8.68 -29.33
C THR H 186 -0.74 8.68 -28.63
N LEU H 187 -1.09 9.73 -27.88
CA LEU H 187 -2.44 9.80 -27.25
C LEU H 187 -3.56 9.89 -28.29
N ARG H 188 -3.39 10.71 -29.32
CA ARG H 188 -4.44 10.92 -30.34
C ARG H 188 -4.73 9.65 -31.13
N PHE H 189 -3.69 8.91 -31.51
CA PHE H 189 -3.88 7.74 -32.40
C PHE H 189 -3.65 6.44 -31.62
N GLY H 190 -3.07 6.57 -30.43
CA GLY H 190 -2.91 5.42 -29.58
C GLY H 190 -4.12 5.18 -28.73
N ASN H 191 -5.19 5.94 -28.97
CA ASN H 191 -6.46 5.78 -28.29
C ASN H 191 -7.60 5.88 -29.29
N ALA H 192 -8.77 5.42 -28.85
CA ALA H 192 -9.96 5.28 -29.68
C ALA H 192 -10.97 6.42 -29.53
N LEU H 193 -11.04 7.07 -28.35
CA LEU H 193 -12.07 8.08 -28.07
C LEU H 193 -11.90 9.42 -28.76
N PHE H 194 -10.67 9.89 -29.01
CA PHE H 194 -10.52 11.29 -29.38
C PHE H 194 -10.94 11.52 -30.83
N GLU H 195 -10.29 10.79 -31.72
CA GLU H 195 -10.49 11.00 -33.16
C GLU H 195 -11.96 10.96 -33.57
N PRO H 196 -12.84 10.15 -32.94
CA PRO H 196 -14.27 10.26 -33.26
C PRO H 196 -14.84 11.66 -33.24
N LEU H 197 -14.36 12.47 -32.31
CA LEU H 197 -14.91 13.79 -32.06
C LEU H 197 -14.01 14.89 -32.56
N TRP H 198 -12.76 14.55 -32.87
CA TRP H 198 -11.73 15.49 -33.25
C TRP H 198 -12.05 16.08 -34.60
N ASN H 199 -13.21 16.72 -34.72
CA ASN H 199 -13.69 17.23 -36.00
C ASN H 199 -14.60 18.42 -35.77
N SER H 200 -15.00 19.04 -36.87
CA SER H 200 -16.20 19.87 -36.80
C SER H 200 -17.39 18.95 -36.57
N LYS H 201 -18.33 19.43 -35.76
CA LYS H 201 -19.58 18.76 -35.39
C LYS H 201 -19.33 17.88 -34.16
N GLY H 202 -18.18 18.06 -33.54
CA GLY H 202 -17.76 17.27 -32.41
C GLY H 202 -16.85 18.07 -31.49
N ILE H 203 -16.47 19.27 -31.92
CA ILE H 203 -15.48 20.05 -31.17
C ILE H 203 -15.87 21.53 -31.33
N ASP H 204 -15.80 22.28 -30.23
CA ASP H 204 -16.17 23.69 -30.27
C ASP H 204 -15.00 24.63 -30.55
N HIS H 205 -13.87 24.43 -29.85
CA HIS H 205 -12.66 25.23 -30.03
C HIS H 205 -11.47 24.54 -29.37
N VAL H 206 -10.28 24.81 -29.90
CA VAL H 206 -9.02 24.35 -29.33
C VAL H 206 -8.22 25.58 -28.90
N GLN H 207 -7.30 25.40 -27.96
CA GLN H 207 -6.55 26.50 -27.35
C GLN H 207 -5.13 26.08 -27.01
N ILE H 208 -4.15 26.78 -27.55
CA ILE H 208 -2.75 26.54 -27.23
C ILE H 208 -2.21 27.79 -26.52
N SER H 209 -1.55 27.60 -25.38
CA SER H 209 -1.09 28.73 -24.58
C SER H 209 0.28 28.47 -23.98
N VAL H 210 1.31 29.17 -24.47
CA VAL H 210 2.60 29.18 -23.78
C VAL H 210 2.68 30.50 -23.01
N ALA H 211 2.47 30.43 -21.71
CA ALA H 211 2.48 31.58 -20.83
C ALA H 211 3.74 31.50 -19.97
N GLU H 212 4.33 32.65 -19.67
CA GLU H 212 5.56 32.74 -18.88
C GLU H 212 5.46 33.96 -17.97
N THR H 213 5.90 33.81 -16.71
CA THR H 213 5.91 34.92 -15.77
C THR H 213 7.09 35.85 -15.98
N VAL H 214 8.13 35.40 -16.62
CA VAL H 214 9.36 36.17 -16.75
C VAL H 214 9.25 37.08 -17.97
N GLY H 215 10.12 38.07 -18.02
CA GLY H 215 10.37 38.81 -19.24
C GLY H 215 11.81 38.53 -19.69
N LEU H 216 12.20 39.20 -20.78
CA LEU H 216 13.54 38.99 -21.31
C LEU H 216 14.67 39.43 -20.40
N GLU H 217 15.44 38.48 -19.88
CA GLU H 217 16.62 38.78 -19.09
C GLU H 217 17.87 38.40 -19.91
N GLY H 218 18.49 39.41 -20.54
CA GLY H 218 19.71 39.26 -21.32
C GLY H 218 19.56 39.28 -22.83
N ARG H 219 18.44 38.75 -23.32
CA ARG H 219 18.22 38.68 -24.79
C ARG H 219 17.17 39.71 -25.21
N ILE H 220 16.97 40.76 -24.43
CA ILE H 220 15.87 41.73 -24.76
C ILE H 220 16.15 42.39 -26.10
N GLY H 221 17.39 42.77 -26.37
CA GLY H 221 17.70 43.35 -27.70
C GLY H 221 17.49 42.36 -28.82
N TYR H 222 17.92 41.11 -28.60
CA TYR H 222 17.76 40.07 -29.65
C TYR H 222 16.27 39.85 -29.88
N PHE H 223 15.50 39.85 -28.79
CA PHE H 223 14.04 39.62 -28.89
C PHE H 223 13.36 40.71 -29.68
N ASP H 224 13.80 41.95 -29.53
CA ASP H 224 13.05 43.07 -30.13
C ASP H 224 12.97 42.87 -31.64
N SER H 225 14.05 42.45 -32.27
CA SER H 225 13.88 42.19 -33.72
C SER H 225 12.87 41.06 -33.93
N SER H 226 12.98 40.00 -33.14
CA SER H 226 12.12 38.80 -33.32
C SER H 226 10.63 39.01 -33.04
N GLY H 227 10.28 39.73 -31.97
CA GLY H 227 8.86 39.79 -31.60
C GLY H 227 8.52 38.47 -30.90
N SER H 228 7.24 38.16 -30.66
CA SER H 228 6.86 36.83 -30.11
C SER H 228 6.41 35.95 -31.27
N LEU H 229 5.47 36.44 -32.07
CA LEU H 229 5.06 35.76 -33.30
C LEU H 229 6.21 34.98 -33.92
N ARG H 230 7.25 35.69 -34.38
CA ARG H 230 8.41 35.05 -34.98
C ARG H 230 9.33 34.39 -33.95
N ASP H 231 8.91 34.35 -32.68
CA ASP H 231 9.70 33.74 -31.61
C ASP H 231 9.09 32.44 -31.12
N MET H 232 7.82 32.45 -30.72
CA MET H 232 7.14 31.28 -30.16
C MET H 232 6.10 30.70 -31.10
N VAL H 233 5.33 31.54 -31.78
CA VAL H 233 4.26 31.02 -32.62
C VAL H 233 4.81 30.46 -33.92
N GLN H 234 5.79 31.12 -34.54
CA GLN H 234 6.28 30.68 -35.84
C GLN H 234 6.77 29.25 -35.83
N SER H 235 7.46 28.86 -34.76
CA SER H 235 8.03 27.52 -34.67
C SER H 235 7.19 26.62 -33.78
N HIS H 236 7.32 26.82 -32.48
CA HIS H 236 6.76 25.96 -31.44
C HIS H 236 5.25 25.82 -31.48
N ILE H 237 4.54 26.85 -31.04
CA ILE H 237 3.08 26.80 -30.95
C ILE H 237 2.49 26.57 -32.34
N LEU H 238 3.25 26.85 -33.41
CA LEU H 238 2.73 26.45 -34.71
C LEU H 238 2.86 24.94 -34.90
N GLN H 239 3.89 24.31 -34.32
CA GLN H 239 3.93 22.84 -34.27
C GLN H 239 2.86 22.27 -33.35
N LEU H 240 2.69 22.84 -32.15
CA LEU H 240 1.63 22.38 -31.25
C LEU H 240 0.31 22.33 -32.01
N VAL H 241 0.08 23.32 -32.89
CA VAL H 241 -1.09 23.31 -33.75
C VAL H 241 -1.08 22.09 -34.66
N ALA H 242 0.06 21.81 -35.31
CA ALA H 242 0.16 20.72 -36.27
C ALA H 242 -0.20 19.38 -35.64
N LEU H 243 0.40 19.07 -34.48
CA LEU H 243 0.14 17.81 -33.80
C LEU H 243 -1.34 17.63 -33.47
N VAL H 244 -2.07 18.73 -33.29
CA VAL H 244 -3.50 18.68 -32.96
C VAL H 244 -4.37 18.63 -34.21
N ALA H 245 -3.81 18.96 -35.39
CA ALA H 245 -4.59 18.99 -36.61
C ALA H 245 -4.12 17.97 -37.64
N MET H 246 -2.92 17.42 -37.52
CA MET H 246 -2.44 16.49 -38.54
C MET H 246 -3.36 15.27 -38.58
N GLU H 247 -3.89 14.96 -39.75
CA GLU H 247 -4.68 13.75 -39.96
C GLU H 247 -3.64 12.66 -39.82
N PRO H 248 -4.01 11.48 -39.30
CA PRO H 248 -3.00 10.52 -38.87
C PRO H 248 -2.14 10.05 -40.03
N PRO H 249 -0.88 9.73 -39.76
CA PRO H 249 -0.07 9.01 -40.74
C PRO H 249 -0.48 7.54 -40.78
N ALA H 250 -0.12 6.89 -41.87
CA ALA H 250 -0.29 5.44 -41.97
C ALA H 250 0.54 4.68 -40.95
N HIS H 251 1.79 5.10 -40.75
CA HIS H 251 2.71 4.51 -39.78
C HIS H 251 3.66 5.61 -39.31
N MET H 252 4.25 5.42 -38.13
CA MET H 252 5.11 6.49 -37.56
C MET H 252 6.41 6.59 -38.35
N GLU H 253 6.38 7.29 -39.49
CA GLU H 253 7.62 7.48 -40.29
C GLU H 253 7.91 8.97 -40.51
N ALA H 254 9.16 9.39 -40.30
CA ALA H 254 9.56 10.78 -40.59
C ALA H 254 9.46 11.00 -42.10
N ASN H 255 9.11 12.21 -42.54
CA ASN H 255 8.91 12.50 -43.99
C ASN H 255 7.49 12.04 -44.31
N ALA H 256 6.76 11.60 -43.30
CA ALA H 256 5.34 11.25 -43.47
C ALA H 256 4.64 11.93 -42.31
N VAL H 257 5.11 11.66 -41.09
CA VAL H 257 4.58 12.38 -39.94
C VAL H 257 4.59 13.84 -40.32
N ARG H 258 5.76 14.32 -40.69
CA ARG H 258 5.93 15.67 -41.19
C ARG H 258 4.98 15.98 -42.34
N ASP H 259 4.79 15.01 -43.26
CA ASP H 259 3.93 15.24 -44.43
C ASP H 259 2.51 15.58 -44.01
N GLU H 260 2.03 15.01 -42.92
CA GLU H 260 0.67 15.29 -42.45
C GLU H 260 0.59 16.58 -41.66
N LYS H 261 1.71 17.01 -41.07
CA LYS H 261 1.77 18.33 -40.46
C LYS H 261 1.65 19.41 -41.52
N VAL H 262 2.45 19.30 -42.58
CA VAL H 262 2.44 20.14 -43.77
C VAL H 262 1.01 20.48 -44.16
N LYS H 263 0.15 19.46 -44.17
CA LYS H 263 -1.24 19.70 -44.55
C LYS H 263 -1.87 20.77 -43.68
N VAL H 264 -1.57 20.74 -42.38
CA VAL H 264 -2.09 21.74 -41.45
C VAL H 264 -1.60 23.14 -41.81
N PHE H 265 -0.28 23.32 -41.88
CA PHE H 265 0.27 24.63 -42.21
C PHE H 265 -0.30 25.16 -43.51
N ARG H 266 -0.44 24.28 -44.50
CA ARG H 266 -0.95 24.68 -45.80
C ARG H 266 -2.47 24.84 -45.80
N ALA H 267 -3.13 24.40 -44.73
CA ALA H 267 -4.56 24.57 -44.59
C ALA H 267 -4.89 25.64 -43.56
N LEU H 268 -3.88 26.37 -43.08
CA LEU H 268 -4.13 27.47 -42.17
C LEU H 268 -4.71 28.63 -42.95
N ARG H 269 -5.73 29.23 -42.38
CA ARG H 269 -6.39 30.34 -43.04
C ARG H 269 -5.47 31.54 -43.02
N PRO H 270 -5.15 32.14 -44.18
CA PRO H 270 -4.20 33.25 -44.21
C PRO H 270 -4.74 34.40 -43.37
N ILE H 271 -3.87 35.20 -42.77
CA ILE H 271 -4.43 36.37 -42.03
C ILE H 271 -4.25 37.59 -42.92
N ASN H 272 -5.36 38.17 -43.37
CA ASN H 272 -5.33 39.36 -44.25
C ASN H 272 -5.09 40.60 -43.40
N ASN H 273 -4.73 41.71 -44.05
CA ASN H 273 -4.55 42.96 -43.29
C ASN H 273 -5.91 43.28 -42.66
N ASP H 274 -7.01 43.08 -43.38
CA ASP H 274 -8.35 43.28 -42.79
C ASP H 274 -8.59 42.31 -41.64
N THR H 275 -8.20 41.05 -41.81
CA THR H 275 -8.42 39.99 -40.79
C THR H 275 -7.65 40.28 -39.49
N VAL H 276 -6.43 40.81 -39.60
CA VAL H 276 -5.56 40.94 -38.40
C VAL H 276 -6.21 41.85 -37.35
N ILE H 277 -6.87 42.94 -37.75
CA ILE H 277 -7.43 43.92 -36.77
C ILE H 277 -8.32 43.22 -35.74
N THR H 278 -9.15 42.27 -36.14
CA THR H 278 -10.10 41.66 -35.21
C THR H 278 -9.61 40.33 -34.66
N HIS H 279 -8.61 39.70 -35.31
CA HIS H 279 -8.21 38.34 -35.00
C HIS H 279 -6.90 38.25 -34.22
N THR H 280 -5.97 39.19 -34.41
CA THR H 280 -4.77 39.23 -33.59
C THR H 280 -4.92 40.30 -32.54
N VAL H 281 -4.09 40.18 -31.50
CA VAL H 281 -4.00 41.10 -30.38
C VAL H 281 -2.51 41.18 -30.09
N THR H 282 -1.94 42.37 -30.21
CA THR H 282 -0.52 42.55 -29.98
C THR H 282 -0.39 43.21 -28.62
N GLY H 283 0.65 42.84 -27.90
CA GLY H 283 0.79 43.31 -26.54
C GLY H 283 2.22 43.46 -26.06
N GLN H 284 2.54 44.59 -25.49
CA GLN H 284 3.86 44.82 -24.93
C GLN H 284 3.75 44.71 -23.41
N TYR H 285 4.65 43.95 -22.80
CA TYR H 285 4.50 43.71 -21.36
C TYR H 285 4.89 44.99 -20.63
N GLY H 286 3.95 45.60 -19.95
CA GLY H 286 4.27 46.79 -19.21
C GLY H 286 4.97 46.44 -17.93
N ALA H 287 4.96 47.39 -17.02
CA ALA H 287 5.67 47.25 -15.76
C ALA H 287 4.73 46.69 -14.70
N GLY H 288 5.25 45.79 -13.91
CA GLY H 288 4.49 45.18 -12.85
C GLY H 288 5.34 44.38 -11.91
N VAL H 289 4.82 43.21 -11.52
CA VAL H 289 5.55 42.33 -10.57
C VAL H 289 5.51 40.93 -11.14
N SER H 290 6.68 40.33 -11.37
CA SER H 290 6.72 38.93 -11.84
C SER H 290 7.31 38.08 -10.71
N GLY H 291 6.63 37.01 -10.34
CA GLY H 291 7.11 36.18 -9.22
C GLY H 291 7.23 36.95 -7.92
N GLY H 292 6.32 37.88 -7.66
CA GLY H 292 6.32 38.56 -6.35
C GLY H 292 7.37 39.64 -6.26
N LYS H 293 8.03 39.95 -7.37
CA LYS H 293 9.04 41.05 -7.39
C LYS H 293 8.61 42.13 -8.38
N GLU H 294 8.63 43.39 -7.96
CA GLU H 294 8.25 44.51 -8.86
C GLU H 294 9.18 44.52 -10.06
N VAL H 295 8.64 44.65 -11.28
CA VAL H 295 9.42 44.59 -12.51
C VAL H 295 9.01 45.71 -13.46
N ALA H 296 9.81 45.89 -14.51
CA ALA H 296 9.71 46.98 -15.47
C ALA H 296 8.93 46.63 -16.73
N GLY H 297 8.61 47.68 -17.50
CA GLY H 297 8.04 47.52 -18.82
C GLY H 297 9.11 47.19 -19.85
N TYR H 298 8.66 46.80 -21.03
CA TYR H 298 9.57 46.47 -22.13
C TYR H 298 10.40 47.70 -22.49
N ILE H 299 9.72 48.78 -22.80
CA ILE H 299 10.25 50.12 -23.08
C ILE H 299 11.21 50.61 -22.00
N ASP H 300 10.95 50.21 -20.76
CA ASP H 300 11.91 50.45 -19.69
C ASP H 300 13.10 49.48 -19.69
N GLU H 301 12.95 48.25 -20.19
CA GLU H 301 14.09 47.32 -20.19
C GLU H 301 14.92 47.47 -21.44
N LEU H 302 14.25 47.62 -22.60
CA LEU H 302 15.00 48.04 -23.78
C LEU H 302 15.01 49.56 -23.75
N GLY H 303 16.17 50.16 -23.99
CA GLY H 303 16.25 51.62 -23.90
C GLY H 303 15.23 52.32 -24.80
N GLN H 304 15.46 52.13 -26.08
CA GLN H 304 14.79 52.65 -27.26
C GLN H 304 13.27 52.47 -27.19
N PRO H 305 12.48 53.20 -27.99
CA PRO H 305 11.10 52.76 -28.23
C PRO H 305 11.06 51.60 -29.23
N SER H 306 10.08 50.72 -29.03
CA SER H 306 9.90 49.57 -29.92
C SER H 306 8.41 49.29 -30.15
N ASP H 307 8.11 48.69 -31.30
CA ASP H 307 6.75 48.27 -31.65
C ASP H 307 6.54 46.76 -31.61
N THR H 308 7.37 46.02 -30.89
CA THR H 308 7.17 44.58 -30.84
C THR H 308 6.48 44.15 -29.56
N GLU H 309 5.87 42.98 -29.66
CA GLU H 309 5.00 42.45 -28.65
C GLU H 309 5.82 41.67 -27.66
N THR H 310 5.17 41.32 -26.58
CA THR H 310 5.72 40.35 -25.65
C THR H 310 4.58 39.42 -25.27
N PHE H 311 3.47 39.53 -25.98
CA PHE H 311 2.23 38.80 -25.85
C PHE H 311 1.60 38.78 -27.24
N VAL H 312 1.02 37.66 -27.62
CA VAL H 312 0.22 37.62 -28.84
C VAL H 312 -0.86 36.58 -28.64
N ALA H 313 -1.95 36.74 -29.39
CA ALA H 313 -3.09 35.85 -29.29
C ALA H 313 -3.86 35.89 -30.60
N ILE H 314 -4.15 34.72 -31.16
CA ILE H 314 -4.70 34.63 -32.51
C ILE H 314 -5.90 33.70 -32.49
N LYS H 315 -6.82 33.94 -33.43
CA LYS H 315 -7.91 33.01 -33.71
C LYS H 315 -7.72 32.50 -35.13
N ALA H 316 -6.88 31.48 -35.25
CA ALA H 316 -6.50 30.89 -36.53
C ALA H 316 -7.52 29.84 -36.93
N HIS H 317 -7.51 29.51 -38.22
CA HIS H 317 -8.45 28.54 -38.76
C HIS H 317 -7.70 27.50 -39.58
N VAL H 318 -7.98 26.24 -39.33
CA VAL H 318 -7.53 25.15 -40.18
C VAL H 318 -8.69 24.86 -41.12
N ASP H 319 -8.49 25.08 -42.41
CA ASP H 319 -9.54 24.98 -43.41
C ASP H 319 -9.33 23.71 -44.20
N ASN H 320 -9.64 22.58 -43.56
CA ASN H 320 -9.68 21.28 -44.17
C ASN H 320 -11.02 20.63 -43.85
N TRP H 321 -11.22 19.40 -44.32
CA TRP H 321 -12.45 18.69 -44.01
C TRP H 321 -12.71 18.60 -42.52
N ARG H 322 -11.73 18.10 -41.78
CA ARG H 322 -11.94 17.78 -40.38
C ARG H 322 -12.23 19.02 -39.55
N TRP H 323 -11.57 20.13 -39.87
CA TRP H 323 -11.56 21.30 -39.02
C TRP H 323 -12.22 22.52 -39.61
N HIS H 324 -12.69 22.47 -40.86
CA HIS H 324 -13.12 23.70 -41.49
C HIS H 324 -14.13 24.38 -40.58
N GLY H 325 -13.72 25.52 -40.02
CA GLY H 325 -14.57 26.30 -39.15
C GLY H 325 -14.39 26.09 -37.66
N VAL H 326 -13.33 25.42 -37.22
CA VAL H 326 -13.07 25.28 -35.80
C VAL H 326 -11.93 26.24 -35.44
N PRO H 327 -12.20 27.31 -34.69
CA PRO H 327 -11.17 28.29 -34.36
C PRO H 327 -10.16 27.81 -33.33
N PHE H 328 -8.92 28.25 -33.53
CA PHE H 328 -7.78 27.94 -32.66
C PHE H 328 -7.27 29.22 -32.01
N TYR H 329 -7.31 29.27 -30.68
CA TYR H 329 -6.94 30.44 -29.91
C TYR H 329 -5.52 30.28 -29.39
N ILE H 330 -4.60 30.95 -30.01
CA ILE H 330 -3.21 30.84 -29.62
C ILE H 330 -2.97 31.96 -28.64
N ARG H 331 -2.01 31.77 -27.73
CA ARG H 331 -1.70 32.80 -26.69
C ARG H 331 -0.31 32.54 -26.10
N THR H 332 0.73 33.24 -26.59
CA THR H 332 2.09 33.11 -25.99
C THR H 332 2.51 34.48 -25.48
N GLY H 333 3.06 34.55 -24.26
CA GLY H 333 3.39 35.85 -23.68
C GLY H 333 4.57 35.82 -22.74
N LYS H 334 5.21 36.97 -22.51
CA LYS H 334 6.31 37.08 -21.53
C LYS H 334 5.82 38.02 -20.45
N ARG H 335 5.97 37.65 -19.18
CA ARG H 335 5.44 38.45 -18.03
C ARG H 335 3.96 38.13 -17.87
N LEU H 336 3.51 37.00 -18.42
CA LEU H 336 2.11 36.53 -18.20
C LEU H 336 2.05 36.04 -16.76
N PRO H 337 0.87 35.90 -16.13
CA PRO H 337 0.79 35.55 -14.71
C PRO H 337 1.40 34.17 -14.39
N ALA H 338 1.21 33.17 -15.25
CA ALA H 338 1.69 31.82 -14.92
C ALA H 338 2.56 31.21 -16.03
N ARG H 339 3.60 30.45 -15.68
CA ARG H 339 4.39 29.72 -16.71
C ARG H 339 3.66 28.40 -16.95
N ARG H 340 2.62 28.42 -17.77
CA ARG H 340 1.78 27.21 -17.97
C ARG H 340 1.56 26.94 -19.45
N SER H 341 2.54 26.38 -20.17
CA SER H 341 2.26 25.97 -21.57
C SER H 341 1.21 24.85 -21.51
N GLU H 342 0.22 24.84 -22.42
CA GLU H 342 -0.88 23.84 -22.31
C GLU H 342 -1.80 23.84 -23.53
N ILE H 343 -2.59 22.77 -23.71
CA ILE H 343 -3.52 22.66 -24.82
C ILE H 343 -4.91 22.37 -24.26
N VAL H 344 -5.95 23.01 -24.81
CA VAL H 344 -7.34 22.79 -24.41
C VAL H 344 -8.22 22.53 -25.65
N VAL H 345 -8.66 21.29 -25.82
CA VAL H 345 -9.72 20.90 -26.74
C VAL H 345 -11.09 21.01 -26.05
N GLN H 346 -11.97 21.89 -26.56
CA GLN H 346 -13.37 21.93 -26.13
C GLN H 346 -14.25 21.25 -27.16
N PHE H 347 -15.10 20.34 -26.70
CA PHE H 347 -15.99 19.65 -27.61
C PHE H 347 -17.35 20.34 -27.65
N LYS H 348 -18.02 20.20 -28.79
CA LYS H 348 -19.34 20.81 -28.98
C LYS H 348 -20.32 20.23 -27.96
N PRO H 349 -21.21 21.05 -27.38
CA PRO H 349 -22.09 20.59 -26.30
C PRO H 349 -23.11 19.55 -26.75
N VAL H 350 -23.78 18.96 -25.76
CA VAL H 350 -24.77 17.90 -25.95
C VAL H 350 -25.81 18.34 -26.98
N PRO H 351 -26.23 17.49 -27.91
CA PRO H 351 -27.29 17.92 -28.81
C PRO H 351 -28.61 18.18 -28.09
N HIS H 352 -28.81 17.65 -26.89
CA HIS H 352 -30.06 17.85 -26.16
C HIS H 352 -29.83 17.55 -24.68
N SER H 353 -30.39 18.38 -23.80
CA SER H 353 -30.25 18.15 -22.34
C SER H 353 -31.51 17.48 -21.79
N ILE H 354 -31.44 16.17 -21.56
CA ILE H 354 -32.58 15.43 -20.98
C ILE H 354 -32.85 16.03 -19.60
N PHE H 355 -31.78 16.36 -18.87
CA PHE H 355 -31.92 16.93 -17.52
C PHE H 355 -32.56 18.32 -17.61
N SER H 356 -33.43 18.65 -16.65
CA SER H 356 -34.12 19.96 -16.65
C SER H 356 -33.07 21.06 -16.48
N SER H 357 -33.18 22.08 -17.31
CA SER H 357 -32.16 23.17 -17.31
C SER H 357 -32.01 23.69 -15.88
N SER H 358 -33.08 23.58 -15.09
CA SER H 358 -33.03 24.15 -13.73
C SER H 358 -31.94 23.43 -12.94
N GLY H 359 -31.84 22.11 -13.12
CA GLY H 359 -30.86 21.35 -12.30
C GLY H 359 -29.42 21.75 -12.53
N GLY H 360 -29.00 21.96 -13.78
CA GLY H 360 -27.60 22.43 -13.89
C GLY H 360 -27.26 23.10 -15.20
N ILE H 361 -26.22 23.93 -15.18
CA ILE H 361 -25.70 24.43 -16.48
C ILE H 361 -24.98 23.21 -17.05
N LEU H 362 -24.95 23.02 -18.37
CA LEU H 362 -24.20 21.85 -18.87
C LEU H 362 -22.90 22.40 -19.46
N GLN H 363 -21.77 21.88 -19.02
CA GLN H 363 -20.49 22.48 -19.46
C GLN H 363 -19.86 21.55 -20.49
N PRO H 364 -19.47 22.08 -21.67
CA PRO H 364 -18.96 21.22 -22.72
C PRO H 364 -17.71 20.52 -22.22
N ASN H 365 -17.56 19.24 -22.55
CA ASN H 365 -16.40 18.46 -22.08
C ASN H 365 -15.15 19.09 -22.67
N LYS H 366 -14.08 19.17 -21.89
CA LYS H 366 -12.80 19.69 -22.44
C LYS H 366 -11.66 18.76 -22.05
N LEU H 367 -10.63 18.67 -22.90
CA LEU H 367 -9.43 17.84 -22.59
C LEU H 367 -8.25 18.78 -22.42
N ARG H 368 -7.60 18.74 -21.26
CA ARG H 368 -6.50 19.65 -20.98
C ARG H 368 -5.18 18.88 -20.85
N ILE H 369 -4.25 19.18 -21.74
CA ILE H 369 -2.90 18.63 -21.72
C ILE H 369 -1.90 19.74 -21.39
N VAL H 370 -1.21 19.57 -20.26
CA VAL H 370 -0.18 20.50 -19.78
C VAL H 370 1.16 19.97 -20.23
N LEU H 371 1.74 20.65 -21.23
CA LEU H 371 3.07 20.23 -21.73
C LEU H 371 4.07 20.67 -20.66
N GLN H 372 4.16 21.99 -20.40
CA GLN H 372 5.03 22.50 -19.31
C GLN H 372 4.22 23.54 -18.54
N PRO H 373 4.42 23.75 -17.23
CA PRO H 373 5.37 23.00 -16.47
C PRO H 373 4.56 21.80 -15.98
N ASP H 374 5.17 20.91 -15.22
CA ASP H 374 4.37 19.80 -14.67
C ASP H 374 4.05 18.89 -15.86
N GLU H 375 3.09 17.99 -15.71
CA GLU H 375 2.74 17.04 -16.80
C GLU H 375 1.39 16.46 -16.40
N THR H 376 0.37 16.71 -17.20
CA THR H 376 -0.94 16.27 -16.74
C THR H 376 -1.89 16.23 -17.94
N ILE H 377 -2.78 15.24 -17.90
CA ILE H 377 -3.90 15.13 -18.82
C ILE H 377 -5.15 15.00 -17.96
N GLN H 378 -6.24 15.64 -18.40
CA GLN H 378 -7.50 15.57 -17.69
C GLN H 378 -8.66 15.95 -18.60
N ILE H 379 -9.86 15.61 -18.11
CA ILE H 379 -11.10 15.73 -18.88
C ILE H 379 -12.23 16.13 -17.94
N SER H 380 -13.03 17.11 -18.37
CA SER H 380 -14.23 17.55 -17.67
C SER H 380 -15.43 16.72 -18.08
N ILE H 381 -16.18 16.22 -17.11
CA ILE H 381 -17.44 15.52 -17.32
C ILE H 381 -18.43 16.03 -16.30
N MET H 382 -19.72 15.95 -16.62
CA MET H 382 -20.73 16.33 -15.65
C MET H 382 -21.32 15.08 -15.01
N VAL H 383 -21.53 15.17 -13.68
CA VAL H 383 -22.02 14.07 -12.86
C VAL H 383 -23.02 14.63 -11.85
N LYS H 384 -24.03 13.82 -11.52
CA LYS H 384 -25.12 14.16 -10.61
C LYS H 384 -24.56 14.49 -9.23
N GLU H 385 -25.31 15.25 -8.43
CA GLU H 385 -24.76 15.71 -7.14
C GLU H 385 -25.44 14.95 -6.00
N PRO H 386 -24.73 14.65 -4.90
CA PRO H 386 -25.29 13.84 -3.84
C PRO H 386 -26.50 14.55 -3.23
N GLY H 387 -27.55 13.80 -2.88
CA GLY H 387 -28.78 14.40 -2.34
C GLY H 387 -29.67 14.86 -3.49
N LEU H 388 -30.85 15.42 -3.18
CA LEU H 388 -31.79 15.90 -4.23
C LEU H 388 -33.10 16.30 -3.58
N ALA H 393 -32.01 17.53 -8.84
CA ALA H 393 -31.65 17.47 -10.24
C ALA H 393 -30.34 18.19 -10.50
N HIS H 394 -29.43 18.23 -9.53
CA HIS H 394 -28.26 19.06 -9.73
C HIS H 394 -27.06 18.21 -10.11
N MET H 395 -26.23 18.80 -10.95
CA MET H 395 -25.11 18.11 -11.56
C MET H 395 -23.92 19.05 -11.48
N ARG H 396 -22.85 18.61 -10.87
CA ARG H 396 -21.65 19.43 -10.81
C ARG H 396 -20.59 18.87 -11.74
N GLU H 397 -19.93 19.76 -12.47
CA GLU H 397 -18.82 19.39 -13.33
C GLU H 397 -17.65 18.91 -12.50
N VAL H 398 -16.88 18.01 -13.10
CA VAL H 398 -15.68 17.53 -12.41
C VAL H 398 -14.62 17.13 -13.43
N TRP H 399 -13.38 16.91 -12.98
CA TRP H 399 -12.24 16.67 -13.87
C TRP H 399 -11.57 15.33 -13.53
N LEU H 400 -11.15 14.61 -14.58
CA LEU H 400 -10.43 13.36 -14.43
C LEU H 400 -8.94 13.59 -14.59
N ASP H 401 -8.19 13.53 -13.49
CA ASP H 401 -6.76 13.87 -13.56
C ASP H 401 -5.90 12.63 -13.70
N LEU H 402 -4.90 12.75 -14.57
CA LEU H 402 -3.87 11.69 -14.67
C LEU H 402 -2.56 12.47 -14.63
N SER H 403 -1.71 12.24 -13.63
CA SER H 403 -0.49 13.07 -13.57
C SER H 403 0.63 12.27 -14.20
N LEU H 404 1.14 12.76 -15.33
CA LEU H 404 2.20 12.03 -16.04
C LEU H 404 3.43 11.99 -15.14
N THR H 405 3.72 13.09 -14.46
CA THR H 405 4.97 13.15 -13.65
C THR H 405 4.95 12.12 -12.53
N ASP H 406 3.82 11.95 -11.83
CA ASP H 406 3.75 10.89 -10.79
C ASP H 406 3.88 9.51 -11.45
N VAL H 407 3.22 9.31 -12.58
CA VAL H 407 3.24 7.99 -13.28
C VAL H 407 4.64 7.63 -13.74
N PHE H 408 5.38 8.59 -14.29
CA PHE H 408 6.70 8.27 -14.89
C PHE H 408 7.83 8.80 -14.02
N LYS H 409 7.53 9.07 -12.76
CA LYS H 409 8.57 9.55 -11.82
C LYS H 409 9.74 8.57 -11.81
N ASP H 410 9.47 7.27 -11.86
CA ASP H 410 10.57 6.29 -11.78
C ASP H 410 11.51 6.50 -12.98
N ARG H 411 10.95 6.73 -14.17
CA ARG H 411 11.84 7.02 -15.33
C ARG H 411 12.56 8.34 -15.04
N LYS H 412 13.87 8.41 -15.32
CA LYS H 412 14.63 9.63 -14.98
C LYS H 412 14.18 10.78 -15.87
N ARG H 413 14.01 11.98 -15.29
CA ARG H 413 13.70 13.15 -16.14
C ARG H 413 14.95 13.44 -16.97
N ARG H 414 14.79 13.82 -18.23
CA ARG H 414 15.98 14.03 -19.09
C ARG H 414 15.91 15.44 -19.68
N ILE H 415 16.70 15.69 -20.73
CA ILE H 415 16.69 17.00 -21.35
C ILE H 415 16.05 16.87 -22.74
N ALA H 416 15.41 17.94 -23.19
CA ALA H 416 14.77 17.93 -24.49
C ALA H 416 15.78 17.83 -25.61
N HIS H 417 17.05 18.04 -25.31
CA HIS H 417 18.10 17.94 -26.31
C HIS H 417 18.74 16.57 -26.36
N GLU H 418 18.86 15.89 -25.20
CA GLU H 418 19.32 14.51 -25.14
C GLU H 418 18.67 13.69 -26.23
N ARG H 419 17.34 13.80 -26.35
CA ARG H 419 16.61 13.10 -27.38
C ARG H 419 17.06 13.62 -28.74
N LEU H 420 16.69 14.87 -29.10
CA LEU H 420 16.97 15.49 -30.40
C LEU H 420 18.38 15.14 -30.85
N LEU H 421 19.29 15.18 -29.89
CA LEU H 421 20.69 14.84 -30.13
C LEU H 421 20.84 13.39 -30.58
N LEU H 422 20.19 12.45 -29.90
CA LEU H 422 20.46 11.02 -30.26
C LEU H 422 19.84 10.71 -31.62
N ASP H 423 18.65 11.25 -31.88
CA ASP H 423 17.94 10.97 -33.16
C ASP H 423 18.82 11.41 -34.33
N LEU H 424 19.62 12.46 -34.14
CA LEU H 424 20.43 12.97 -35.26
C LEU H 424 21.42 11.90 -35.72
N ILE H 425 22.06 11.20 -34.78
CA ILE H 425 22.99 10.10 -35.15
C ILE H 425 22.20 8.97 -35.84
N GLU H 426 21.03 8.64 -35.33
CA GLU H 426 20.17 7.59 -35.95
C GLU H 426 19.77 8.05 -37.35
N GLY H 427 19.48 9.34 -37.50
CA GLY H 427 18.99 9.85 -38.80
C GLY H 427 17.48 9.71 -38.94
N ASP H 428 16.80 9.26 -37.88
CA ASP H 428 15.32 9.22 -37.96
C ASP H 428 14.88 10.61 -38.43
N ALA H 429 15.42 11.67 -37.83
CA ALA H 429 15.13 13.04 -38.31
C ALA H 429 13.63 13.30 -38.42
N THR H 430 12.82 12.83 -37.47
CA THR H 430 11.39 13.19 -37.47
C THR H 430 11.29 14.37 -36.51
N LEU H 431 11.98 14.26 -35.38
CA LEU H 431 12.06 15.36 -34.39
C LEU H 431 12.47 16.66 -35.07
N PHE H 432 13.37 16.60 -36.05
CA PHE H 432 13.78 17.81 -36.80
C PHE H 432 12.67 18.30 -37.74
N VAL H 433 12.60 19.62 -37.98
CA VAL H 433 11.57 20.23 -38.88
C VAL H 433 12.03 20.08 -40.33
N ARG H 434 11.20 20.48 -41.30
CA ARG H 434 11.59 20.25 -42.68
C ARG H 434 11.31 21.52 -43.45
N ARG H 435 12.04 21.69 -44.55
CA ARG H 435 11.96 22.93 -45.29
C ARG H 435 10.51 23.29 -45.61
N ASP H 436 9.73 22.33 -46.11
CA ASP H 436 8.34 22.62 -46.47
C ASP H 436 7.45 22.99 -45.27
N GLU H 437 7.69 22.46 -44.06
CA GLU H 437 7.00 23.03 -42.92
C GLU H 437 7.35 24.50 -42.74
N VAL H 438 8.65 24.81 -42.76
CA VAL H 438 9.11 26.18 -42.50
C VAL H 438 8.50 27.15 -43.49
N GLU H 439 8.53 26.82 -44.79
CA GLU H 439 8.07 27.80 -45.77
C GLU H 439 6.60 28.12 -45.54
N ALA H 440 5.78 27.10 -45.31
CA ALA H 440 4.38 27.35 -44.98
C ALA H 440 4.20 28.02 -43.62
N GLN H 441 5.09 27.73 -42.66
CA GLN H 441 5.02 28.42 -41.36
C GLN H 441 5.18 29.92 -41.55
N TRP H 442 6.23 30.32 -42.28
CA TRP H 442 6.47 31.73 -42.53
C TRP H 442 5.34 32.34 -43.35
N ILE H 443 4.90 31.65 -44.41
CA ILE H 443 3.87 32.19 -45.32
C ILE H 443 2.69 32.70 -44.53
N TRP H 444 2.29 31.97 -43.49
CA TRP H 444 1.20 32.42 -42.65
C TRP H 444 1.68 33.56 -41.77
N ILE H 445 2.85 33.37 -41.14
CA ILE H 445 3.43 34.38 -40.26
C ILE H 445 3.69 35.69 -41.00
N ASP H 446 4.34 35.57 -42.15
CA ASP H 446 4.80 36.72 -42.92
C ASP H 446 3.63 37.51 -43.44
N GLY H 447 2.41 37.06 -43.14
CA GLY H 447 1.20 37.75 -43.55
C GLY H 447 0.49 38.34 -42.36
N ILE H 448 0.68 37.72 -41.19
CA ILE H 448 0.17 38.32 -39.96
C ILE H 448 0.89 39.62 -39.69
N ARG H 449 2.21 39.59 -39.75
CA ARG H 449 3.06 40.73 -39.52
C ARG H 449 3.10 41.73 -40.69
N GLU H 450 2.51 41.43 -41.85
CA GLU H 450 2.23 42.47 -42.84
C GLU H 450 0.95 43.22 -42.52
N GLY H 451 -0.12 42.47 -42.23
CA GLY H 451 -1.35 43.09 -41.81
C GLY H 451 -1.09 44.03 -40.67
N TRP H 452 -0.12 43.68 -39.81
CA TRP H 452 0.32 44.42 -38.65
C TRP H 452 1.11 45.67 -39.01
N LYS H 453 1.55 45.81 -40.27
CA LYS H 453 2.27 46.99 -40.71
C LYS H 453 1.42 47.92 -41.56
N ALA H 454 0.72 47.40 -42.57
CA ALA H 454 -0.17 48.23 -43.37
C ALA H 454 -1.33 48.81 -42.57
N ASN H 455 -1.65 48.23 -41.41
CA ASN H 455 -2.67 48.78 -40.52
C ASN H 455 -2.05 49.39 -39.27
N SER H 456 -0.72 49.47 -39.20
CA SER H 456 -0.06 50.09 -38.06
C SER H 456 -0.59 49.52 -36.77
N MET H 457 -0.53 48.19 -36.64
CA MET H 457 -0.92 47.59 -35.38
C MET H 457 0.26 47.62 -34.45
N LYS H 458 0.03 48.23 -33.29
CA LYS H 458 1.00 48.48 -32.26
C LYS H 458 0.57 47.81 -30.97
N PRO H 459 1.51 47.25 -30.21
CA PRO H 459 1.15 46.49 -29.01
C PRO H 459 0.32 47.33 -28.05
N LYS H 460 -0.72 46.70 -27.51
CA LYS H 460 -1.43 47.31 -26.41
C LYS H 460 -0.68 46.89 -25.16
N THR H 461 -0.35 47.84 -24.30
CA THR H 461 0.50 47.48 -23.19
C THR H 461 -0.37 46.91 -22.08
N TYR H 462 0.24 46.05 -21.29
CA TYR H 462 -0.44 45.40 -20.18
C TYR H 462 0.47 45.37 -18.97
N VAL H 463 -0.13 45.38 -17.79
CA VAL H 463 0.68 45.29 -16.54
C VAL H 463 1.31 43.90 -16.52
N SER H 464 2.54 43.76 -16.02
CA SER H 464 3.08 42.39 -15.91
C SER H 464 2.21 41.62 -14.92
N GLY H 465 1.90 40.36 -15.22
CA GLY H 465 0.99 39.57 -14.36
C GLY H 465 -0.48 39.84 -14.65
N THR H 466 -0.79 40.60 -15.69
CA THR H 466 -2.21 40.97 -15.96
C THR H 466 -2.91 39.93 -16.85
N TRP H 467 -2.20 38.92 -17.36
CA TRP H 467 -2.80 37.93 -18.30
C TRP H 467 -2.93 38.54 -19.70
N GLY H 468 -2.26 39.66 -19.95
CA GLY H 468 -2.24 40.22 -21.31
C GLY H 468 -3.28 41.28 -21.60
N PRO H 469 -3.10 42.06 -22.68
CA PRO H 469 -4.01 43.16 -23.02
C PRO H 469 -5.49 42.87 -22.82
N ILE H 470 -6.21 43.77 -22.15
CA ILE H 470 -7.64 43.58 -22.00
C ILE H 470 -8.34 43.49 -23.36
N THR H 471 -7.62 43.81 -24.45
CA THR H 471 -8.16 43.56 -25.79
C THR H 471 -8.29 42.07 -26.07
N ALA H 472 -7.45 41.24 -25.45
CA ALA H 472 -7.45 39.79 -25.78
C ALA H 472 -8.71 39.10 -25.27
N ILE H 473 -9.25 39.56 -24.13
CA ILE H 473 -10.44 38.91 -23.53
C ILE H 473 -11.60 39.01 -24.52
N ALA H 474 -11.72 40.15 -25.19
CA ALA H 474 -12.85 40.36 -26.12
C ALA H 474 -12.80 39.37 -27.28
N LEU H 475 -11.62 39.09 -27.82
CA LEU H 475 -11.60 38.22 -29.02
C LEU H 475 -12.17 36.86 -28.64
N VAL H 476 -11.74 36.34 -27.50
CA VAL H 476 -12.36 35.08 -27.00
C VAL H 476 -13.82 35.34 -26.64
N GLU H 477 -14.12 36.44 -25.96
CA GLU H 477 -15.51 36.73 -25.47
C GLU H 477 -16.50 36.94 -26.61
N ARG H 478 -16.11 37.65 -27.66
CA ARG H 478 -17.08 37.98 -28.75
C ARG H 478 -17.53 36.64 -29.35
N ASP H 479 -16.59 35.72 -29.51
CA ASP H 479 -16.90 34.35 -30.01
C ASP H 479 -17.77 33.68 -28.95
N GLY H 480 -17.70 34.15 -27.71
CA GLY H 480 -18.41 33.47 -26.61
C GLY H 480 -17.51 32.46 -25.93
N VAL H 481 -16.24 32.42 -26.32
CA VAL H 481 -15.28 31.52 -25.62
C VAL H 481 -14.58 32.31 -24.50
N THR H 482 -14.06 31.63 -23.48
CA THR H 482 -13.30 32.22 -22.40
C THR H 482 -11.97 31.47 -22.27
N TRP H 483 -10.87 32.21 -22.12
CA TRP H 483 -9.56 31.56 -22.00
C TRP H 483 -9.48 30.75 -20.74
N TYR H 484 -8.98 29.52 -20.88
CA TYR H 484 -8.86 28.63 -19.69
C TYR H 484 -7.79 29.18 -18.77
N ASP H 485 -8.20 29.66 -17.61
CA ASP H 485 -7.21 30.08 -16.58
C ASP H 485 -7.54 29.18 -15.40
N LEU H 486 -6.53 28.58 -14.77
CA LEU H 486 -6.89 27.61 -13.71
C LEU H 486 -7.65 28.38 -12.64
N GLU H 487 -8.72 27.80 -12.14
CA GLU H 487 -9.58 28.53 -11.16
C GLU H 487 -8.98 28.38 -9.76
#